data_2XCR
#
_entry.id   2XCR
#
_cell.length_a   113.260
_cell.length_b   165.381
_cell.length_c   308.431
_cell.angle_alpha   90.00
_cell.angle_beta   90.00
_cell.angle_gamma   90.00
#
_symmetry.space_group_name_H-M   'P 21 21 21'
#
loop_
_entity.id
_entity.type
_entity.pdbx_description
1 polymer 'DNA GYRASE SUBUNIT B, DNA GYRASE SUBUNIT A'
2 polymer "5'-D(*5UA*GP*CP*CP*GP*TP*AP*GP*GP*GP*CP*CP*CP*TP*AP*CP*GP *GP*CP*TP)-3'"
3 polymer "5'-D(*AP*GP*CP*CP*GP*TP*AP*GP*GP*GP*CP*CP*CP*TP*AP*CP*GP *GP*CP*TP)-3'"
4 non-polymer 6-METHOXY-4-(2-{4-[([1,3]OXATHIOLO[5,4-C]PYRIDIN-6-YLMETHYL)AMINO]PIPERIDIN-1-YL}ETHYL)QUINOLINE-3-CARBONITRILE
#
loop_
_entity_poly.entity_id
_entity_poly.type
_entity_poly.pdbx_seq_one_letter_code
_entity_poly.pdbx_strand_id
1 'polypeptide(L)'
;MDVASLPGKLADCSSKSPEECEIFLVEGDSAGGSTKSGRDSRTQAILPLRGKILNVEKARLDRILNNNEIRQMITAFGTG
IGGDFDLAKARYHKIVIMTDADVDGAHIRTLLLTFFYRFMRPLIEAGYVYIAQPPLYKLTQGKQKYYVYNDRELDKLKSE
LNPTPKWSIARYKGLGEMNADQLWETTMNPEHRALLQVKLEDAIEADQTFEMLMGDVVENRRQFIEDNAVYANLDFAELP
QSRINERNITSEMRESFLDYAMSVIVARALPDVRDGLKPVHRRILYGLNEQGMTPDKSYKKSARIVGDVMGKYHPHGDSS
IYEAMVRMAQDFSYRYPLVDGQGNFGSMDGDGAAAMRFTEARMTKITLELLRDINKDTIDFIDNYDGNEREPSVLPARFP
NLLANGASGIAVGMATNIPPHNLTELINGVLSLSKNPDISIAELMEDIEGPDFPTAGLILGKSGIRRAYETGRGSIQMRS
RAVIEERGGGRQRIVVTEIPFQVNKARMIEKIAELVRDKKIDGITDLRDETSLRTGVRVVIDVRKDANASVILNNLYKQT
PLQTSFGVNMIALVNGRPKLINLKEALVHYLEHQKTVVRRRTQYNLRKAKDRAHILEGLRIALDHIDEIISTIRESDTDK
VAMESLQQRFKLSEKQAQAILDMRLRRLTGLERDKIEAEYNELLNYISELETILADEEVLLQLVRDELTEIRDRFGDDRR
TEIQLG
;
B,D,S,U
2 'polydeoxyribonucleotide'
;(5UA)(DG)(DC)(DC)(DG)(DT)(DA)(DG)(DG)(DG)(DC)(DC)(DC)(DT)(DA)(DC)(DG)(DG)(DC)
(DT)
;
E,F
3 'polydeoxyribonucleotide' (DA)(DG)(DC)(DC)(DG)(DT)(DA)(DG)(DG)(DG)(DC)(DC)(DC)(DT)(DA)(DC)(DG)(DG)(DC)(DT) V,W
#
# COMPACT_ATOMS: atom_id res chain seq x y z
N LYS A 9 23.06 28.21 -5.64
CA LYS A 9 22.76 26.98 -6.37
C LYS A 9 21.25 26.70 -6.34
N LEU A 10 20.54 27.36 -5.43
CA LEU A 10 19.09 27.16 -5.26
C LEU A 10 18.29 27.61 -6.49
N ALA A 11 17.22 26.87 -6.80
CA ALA A 11 16.32 27.25 -7.87
C ALA A 11 14.94 27.47 -7.28
N ASP A 12 14.37 28.66 -7.47
CA ASP A 12 13.10 28.96 -6.81
C ASP A 12 11.95 29.11 -7.80
N CYS A 13 10.75 29.16 -7.26
CA CYS A 13 9.53 29.37 -8.04
C CYS A 13 9.19 30.85 -8.11
N SER A 14 8.10 31.17 -8.82
CA SER A 14 7.68 32.55 -9.02
C SER A 14 6.95 33.09 -7.80
N SER A 15 6.19 32.22 -7.15
CA SER A 15 5.33 32.63 -6.04
C SER A 15 6.13 33.11 -4.83
N LYS A 16 5.46 33.89 -3.98
CA LYS A 16 6.04 34.33 -2.71
C LYS A 16 4.99 34.20 -1.61
N SER A 17 4.17 33.15 -1.74
CA SER A 17 3.16 32.79 -0.73
C SER A 17 3.52 31.46 -0.05
N PRO A 18 4.12 31.53 1.16
CA PRO A 18 4.45 30.38 2.01
C PRO A 18 3.39 29.25 2.08
N GLU A 19 2.09 29.57 2.08
CA GLU A 19 1.05 28.54 2.15
C GLU A 19 1.15 27.44 1.08
N GLU A 20 1.11 27.84 -0.19
CA GLU A 20 1.11 26.90 -1.29
C GLU A 20 2.52 26.51 -1.74
N CYS A 21 3.53 27.29 -1.33
CA CYS A 21 4.91 27.09 -1.77
C CYS A 21 5.65 25.94 -1.08
N GLU A 22 6.57 25.31 -1.80
CA GLU A 22 7.22 24.08 -1.35
C GLU A 22 8.61 23.85 -1.97
N ILE A 23 9.31 22.78 -1.56
CA ILE A 23 10.68 22.55 -2.05
C ILE A 23 11.14 21.09 -1.97
N PHE A 24 11.68 20.58 -3.07
CA PHE A 24 12.18 19.21 -3.11
C PHE A 24 13.70 19.16 -3.00
N LEU A 25 14.19 18.70 -1.85
CA LEU A 25 15.61 18.51 -1.65
C LEU A 25 16.02 17.25 -2.42
N VAL A 26 16.88 17.42 -3.43
CA VAL A 26 17.35 16.31 -4.26
C VAL A 26 18.85 16.01 -4.12
N GLU A 27 19.23 14.78 -4.45
CA GLU A 27 20.62 14.35 -4.38
C GLU A 27 21.63 15.32 -5.03
N GLY A 28 21.49 15.54 -6.33
CA GLY A 28 22.41 16.41 -7.05
C GLY A 28 21.84 17.37 -8.08
N ASP A 29 22.72 17.90 -8.92
CA ASP A 29 22.32 18.76 -10.02
C ASP A 29 21.90 17.89 -11.20
N SER A 30 22.36 16.64 -11.17
CA SER A 30 22.10 15.62 -12.20
C SER A 30 20.70 15.08 -12.05
N ALA A 31 20.38 14.71 -10.82
CA ALA A 31 19.04 14.28 -10.50
C ALA A 31 18.11 15.49 -10.44
N GLY A 32 18.62 16.63 -9.96
CA GLY A 32 17.86 17.86 -9.89
C GLY A 32 17.64 18.49 -11.26
N GLY A 33 17.97 17.71 -12.29
CA GLY A 33 17.74 18.10 -13.66
C GLY A 33 16.33 17.77 -14.03
N SER A 34 16.02 16.47 -14.11
CA SER A 34 14.66 16.02 -14.36
C SER A 34 13.67 16.75 -13.44
N THR A 35 14.16 17.18 -12.29
CA THR A 35 13.34 17.86 -11.28
C THR A 35 12.89 19.24 -11.73
N LYS A 36 13.82 20.01 -12.32
CA LYS A 36 13.55 21.40 -12.70
C LYS A 36 12.69 21.43 -13.96
N SER A 37 12.57 20.28 -14.61
CA SER A 37 11.93 20.16 -15.92
C SER A 37 10.45 19.74 -15.81
N GLY A 38 10.18 18.83 -14.89
CA GLY A 38 8.82 18.35 -14.66
C GLY A 38 8.06 19.09 -13.57
N ARG A 39 8.69 20.10 -12.98
CA ARG A 39 8.06 20.86 -11.91
C ARG A 39 7.09 21.94 -12.43
N ASP A 40 6.33 22.54 -11.52
CA ASP A 40 5.48 23.66 -11.85
C ASP A 40 6.23 24.92 -11.46
N SER A 41 6.68 25.69 -12.45
CA SER A 41 7.49 26.88 -12.19
C SER A 41 6.94 27.83 -11.13
N ARG A 42 5.61 27.98 -11.07
CA ARG A 42 4.96 28.95 -10.18
C ARG A 42 5.09 28.67 -8.68
N THR A 43 5.15 27.39 -8.29
CA THR A 43 4.94 27.03 -6.89
C THR A 43 5.90 25.99 -6.28
N GLN A 44 6.65 25.27 -7.11
CA GLN A 44 7.62 24.29 -6.61
C GLN A 44 9.04 24.77 -6.79
N ALA A 45 9.86 24.64 -5.76
CA ALA A 45 11.26 25.04 -5.85
C ALA A 45 12.16 23.84 -5.65
N ILE A 46 13.36 23.93 -6.18
CA ILE A 46 14.30 22.81 -6.05
C ILE A 46 15.60 23.26 -5.38
N LEU A 47 16.19 22.34 -4.61
CA LEU A 47 17.48 22.58 -3.98
C LEU A 47 18.42 21.40 -4.18
N PRO A 48 19.38 21.56 -5.10
CA PRO A 48 20.47 20.63 -5.36
C PRO A 48 21.44 20.52 -4.18
N LEU A 49 21.55 19.32 -3.61
CA LEU A 49 22.51 19.04 -2.54
C LEU A 49 23.76 18.40 -3.14
N ARG A 50 24.66 17.87 -2.33
CA ARG A 50 25.72 17.05 -2.89
C ARG A 50 25.89 15.75 -2.11
N GLY A 51 25.49 14.63 -2.73
CA GLY A 51 25.69 13.30 -2.15
C GLY A 51 25.31 13.15 -0.68
N LYS A 52 25.98 12.25 0.03
CA LYS A 52 25.75 12.06 1.47
C LYS A 52 26.08 13.33 2.23
N ILE A 53 25.20 13.76 3.14
CA ILE A 53 25.47 14.98 3.92
C ILE A 53 25.84 14.77 5.39
N LEU A 54 26.59 15.73 5.93
CA LEU A 54 27.24 15.58 7.21
C LEU A 54 26.31 15.12 8.33
N ASN A 55 26.52 13.89 8.79
CA ASN A 55 25.73 13.26 9.85
C ASN A 55 25.85 14.04 11.16
N VAL A 56 25.03 15.08 11.32
CA VAL A 56 25.19 16.09 12.37
C VAL A 56 25.28 15.57 13.82
N GLU A 57 24.90 14.31 14.02
CA GLU A 57 25.00 13.67 15.32
C GLU A 57 26.43 13.50 15.83
N LYS A 58 27.32 13.08 14.93
CA LYS A 58 28.73 12.76 15.24
C LYS A 58 29.70 13.94 15.21
N ALA A 59 29.45 14.92 14.36
CA ALA A 59 30.40 16.02 14.16
C ALA A 59 30.08 17.22 15.03
N ARG A 60 31.08 18.10 15.19
CA ARG A 60 31.01 19.15 16.17
C ARG A 60 30.31 20.46 15.78
N LEU A 61 30.07 21.28 16.79
CA LEU A 61 29.32 22.53 16.68
C LEU A 61 29.87 23.48 15.62
N ASP A 62 31.19 23.70 15.64
CA ASP A 62 31.81 24.64 14.71
C ASP A 62 31.84 24.11 13.27
N ARG A 63 31.93 22.79 13.12
CA ARG A 63 32.10 22.17 11.80
C ARG A 63 30.76 21.86 11.13
N ILE A 64 29.70 21.79 11.94
CA ILE A 64 28.35 21.57 11.43
C ILE A 64 27.80 22.82 10.73
N LEU A 65 28.28 23.99 11.14
CA LEU A 65 27.83 25.25 10.55
C LEU A 65 28.66 25.63 9.33
N ASN A 66 29.93 25.22 9.31
CA ASN A 66 30.79 25.46 8.17
C ASN A 66 30.46 24.60 6.97
N ASN A 67 29.60 23.61 7.15
CA ASN A 67 29.12 22.80 6.04
C ASN A 67 28.34 23.66 5.06
N ASN A 68 28.75 23.65 3.80
CA ASN A 68 28.13 24.49 2.78
C ASN A 68 26.66 24.14 2.50
N GLU A 69 26.33 22.85 2.41
CA GLU A 69 24.94 22.46 2.16
C GLU A 69 24.03 22.70 3.37
N ILE A 70 24.55 22.49 4.57
CA ILE A 70 23.72 22.74 5.75
C ILE A 70 23.35 24.24 5.81
N ARG A 71 24.22 25.11 5.28
CA ARG A 71 23.95 26.55 5.27
C ARG A 71 22.97 26.95 4.17
N GLN A 72 23.00 26.24 3.05
CA GLN A 72 22.07 26.49 1.95
C GLN A 72 20.63 26.07 2.31
N MET A 73 20.49 25.16 3.26
CA MET A 73 19.16 24.76 3.73
C MET A 73 18.66 25.78 4.75
N ILE A 74 19.53 26.13 5.70
CA ILE A 74 19.29 27.22 6.65
C ILE A 74 18.80 28.52 5.98
N THR A 75 19.55 28.99 5.02
CA THR A 75 19.17 30.18 4.24
C THR A 75 17.83 30.00 3.54
N ALA A 76 17.63 28.84 2.92
CA ALA A 76 16.46 28.56 2.08
C ALA A 76 15.14 28.54 2.86
N PHE A 77 15.17 27.93 4.04
CA PHE A 77 14.00 27.88 4.92
C PHE A 77 13.84 29.21 5.66
N GLY A 78 14.95 29.92 5.83
CA GLY A 78 14.94 31.26 6.39
C GLY A 78 14.38 31.33 7.80
N THR A 79 14.89 30.49 8.69
CA THR A 79 14.39 30.42 10.06
C THR A 79 15.47 30.62 11.13
N GLY A 80 16.72 30.35 10.77
CA GLY A 80 17.77 30.27 11.77
C GLY A 80 17.65 28.89 12.38
N ILE A 81 18.28 28.66 13.53
CA ILE A 81 18.24 27.33 14.15
C ILE A 81 18.46 27.34 15.66
N GLY A 82 18.18 26.19 16.28
CA GLY A 82 18.31 26.05 17.72
C GLY A 82 17.26 26.88 18.40
N GLY A 83 17.67 27.97 19.03
CA GLY A 83 16.78 28.84 19.78
C GLY A 83 16.44 30.15 19.08
N ASP A 84 17.16 30.47 18.01
CA ASP A 84 16.87 31.63 17.17
C ASP A 84 16.02 31.25 15.97
N PHE A 85 15.43 30.05 16.07
CA PHE A 85 14.47 29.54 15.10
C PHE A 85 13.28 30.49 15.08
N ASP A 86 12.52 30.47 14.00
CA ASP A 86 11.24 31.19 13.94
C ASP A 86 10.39 30.66 12.80
N LEU A 87 9.44 29.78 13.13
CA LEU A 87 8.61 29.09 12.14
C LEU A 87 7.65 30.07 11.46
N ALA A 88 7.59 31.29 11.99
CA ALA A 88 6.81 32.36 11.40
C ALA A 88 7.38 32.76 10.04
N LYS A 89 8.69 32.96 9.98
CA LYS A 89 9.36 33.50 8.79
C LYS A 89 9.85 32.40 7.85
N ALA A 90 9.10 31.31 7.73
CA ALA A 90 9.46 30.21 6.85
C ALA A 90 9.00 30.40 5.40
N ARG A 91 9.91 30.20 4.46
CA ARG A 91 9.66 30.40 3.03
C ARG A 91 8.67 29.39 2.43
N TYR A 92 8.81 28.12 2.79
CA TYR A 92 7.92 27.08 2.29
C TYR A 92 7.20 26.39 3.43
N HIS A 93 5.97 25.94 3.18
CA HIS A 93 5.22 25.20 4.18
C HIS A 93 5.25 23.69 3.85
N LYS A 94 6.20 23.32 3.00
CA LYS A 94 6.40 21.92 2.63
C LYS A 94 7.85 21.67 2.24
N ILE A 95 8.62 21.00 3.10
CA ILE A 95 9.97 20.61 2.77
C ILE A 95 9.98 19.13 2.35
N VAL A 96 9.99 18.85 1.05
CA VAL A 96 10.01 17.46 0.60
C VAL A 96 11.42 16.87 0.56
N ILE A 97 11.53 15.58 0.92
CA ILE A 97 12.83 14.92 0.84
C ILE A 97 12.82 13.87 -0.27
N MET A 98 13.26 14.30 -1.43
CA MET A 98 13.26 13.44 -2.58
C MET A 98 14.66 12.93 -2.86
N THR A 99 14.94 11.71 -2.42
CA THR A 99 16.21 11.08 -2.69
C THR A 99 15.96 9.91 -3.61
N ASP A 100 16.94 9.62 -4.45
CA ASP A 100 16.88 8.48 -5.36
C ASP A 100 16.32 7.30 -4.58
N ALA A 101 15.69 6.37 -5.27
CA ALA A 101 14.98 5.32 -4.55
C ALA A 101 15.85 4.15 -4.14
N ASP A 102 17.09 4.08 -4.61
CA ASP A 102 17.90 2.95 -4.19
C ASP A 102 18.38 3.12 -2.75
N VAL A 103 19.05 2.10 -2.24
CA VAL A 103 19.39 2.00 -0.82
C VAL A 103 20.11 3.24 -0.26
N ASP A 104 21.09 3.73 -1.01
CA ASP A 104 21.88 4.87 -0.57
C ASP A 104 21.00 6.12 -0.45
N GLY A 105 19.87 6.10 -1.12
CA GLY A 105 18.92 7.19 -1.06
C GLY A 105 18.34 7.26 0.33
N ALA A 106 18.17 6.10 0.93
CA ALA A 106 17.55 6.01 2.24
C ALA A 106 18.49 6.47 3.34
N HIS A 107 19.79 6.22 3.14
CA HIS A 107 20.78 6.61 4.13
C HIS A 107 20.94 8.12 4.10
N ILE A 108 20.66 8.71 2.94
CA ILE A 108 20.56 10.15 2.88
C ILE A 108 19.39 10.62 3.73
N ARG A 109 18.19 10.23 3.32
CA ARG A 109 16.98 10.56 4.07
C ARG A 109 17.32 10.68 5.53
N THR A 110 17.85 9.60 6.09
CA THR A 110 18.09 9.48 7.53
C THR A 110 18.98 10.60 8.07
N LEU A 111 19.98 11.00 7.30
CA LEU A 111 20.83 12.11 7.68
C LEU A 111 20.05 13.43 7.69
N LEU A 112 19.32 13.68 6.60
CA LEU A 112 18.53 14.90 6.48
C LEU A 112 17.61 14.98 7.68
N LEU A 113 16.85 13.91 7.90
CA LEU A 113 15.95 13.79 9.03
C LEU A 113 16.65 14.01 10.35
N THR A 114 17.80 13.35 10.53
CA THR A 114 18.65 13.54 11.69
C THR A 114 18.86 15.03 11.92
N PHE A 115 19.46 15.69 10.93
CA PHE A 115 19.68 17.13 10.95
C PHE A 115 18.40 17.92 11.27
N PHE A 116 17.34 17.65 10.53
CA PHE A 116 16.09 18.36 10.75
C PHE A 116 15.73 18.32 12.21
N TYR A 117 15.86 17.16 12.83
CA TYR A 117 15.47 17.02 14.21
C TYR A 117 16.31 17.87 15.17
N ARG A 118 17.63 17.70 15.16
CA ARG A 118 18.48 18.33 16.18
C ARG A 118 18.58 19.85 16.12
N PHE A 119 18.13 20.45 15.02
CA PHE A 119 18.26 21.90 14.84
C PHE A 119 16.98 22.59 14.50
N MET A 120 16.28 22.04 13.51
CA MET A 120 14.96 22.51 13.14
C MET A 120 13.89 21.59 13.71
N ARG A 121 13.88 21.45 15.02
CA ARG A 121 12.98 20.50 15.67
C ARG A 121 11.50 20.85 15.52
N PRO A 122 11.11 22.10 15.85
CA PRO A 122 9.71 22.54 15.86
C PRO A 122 9.06 22.52 14.48
N LEU A 123 9.87 22.31 13.46
CA LEU A 123 9.40 22.25 12.08
C LEU A 123 8.80 20.89 11.74
N ILE A 124 9.43 19.83 12.22
CA ILE A 124 8.93 18.47 12.00
C ILE A 124 7.58 18.31 12.68
N GLU A 125 7.47 18.90 13.86
CA GLU A 125 6.27 18.85 14.69
C GLU A 125 5.09 19.53 14.03
N ALA A 126 5.30 20.76 13.56
CA ALA A 126 4.25 21.50 12.85
C ALA A 126 3.89 20.85 11.50
N GLY A 127 4.54 19.73 11.17
CA GLY A 127 4.20 18.93 10.00
C GLY A 127 4.62 19.48 8.65
N TYR A 128 5.57 20.40 8.65
CA TYR A 128 6.04 21.04 7.42
C TYR A 128 6.98 20.13 6.63
N VAL A 129 7.71 19.28 7.35
CA VAL A 129 8.64 18.35 6.71
C VAL A 129 7.88 17.20 6.06
N TYR A 130 8.41 16.67 4.96
CA TYR A 130 7.74 15.64 4.18
C TYR A 130 8.71 14.62 3.63
N ILE A 131 8.19 13.54 3.06
CA ILE A 131 9.02 12.54 2.37
C ILE A 131 8.44 12.19 1.01
N ALA A 132 9.24 12.26 -0.03
CA ALA A 132 8.74 11.89 -1.36
C ALA A 132 9.00 10.42 -1.63
N GLN A 133 8.30 9.84 -2.61
CA GLN A 133 8.47 8.44 -2.93
C GLN A 133 8.56 8.19 -4.44
N PRO A 134 9.78 8.23 -4.99
CA PRO A 134 9.93 8.00 -6.42
C PRO A 134 10.28 6.54 -6.63
N PRO A 135 9.80 5.90 -7.71
CA PRO A 135 9.95 4.46 -7.92
C PRO A 135 11.36 4.06 -8.24
N LEU A 136 11.61 2.76 -8.20
CA LEU A 136 12.95 2.26 -8.42
C LEU A 136 12.92 1.19 -9.48
N TYR A 137 11.75 0.93 -10.04
CA TYR A 137 11.61 -0.04 -11.12
C TYR A 137 10.31 0.23 -11.84
N LYS A 138 10.16 -0.36 -13.03
CA LYS A 138 8.89 -0.31 -13.75
C LYS A 138 8.69 -1.58 -14.61
N LEU A 139 8.16 -2.64 -14.00
CA LEU A 139 7.90 -3.89 -14.73
C LEU A 139 6.80 -3.66 -15.75
N THR A 140 6.96 -4.21 -16.95
CA THR A 140 5.92 -4.08 -17.97
C THR A 140 5.53 -5.45 -18.57
N GLN A 141 4.24 -5.61 -18.84
CA GLN A 141 3.64 -6.87 -19.29
C GLN A 141 2.46 -6.61 -20.24
N GLY A 142 2.67 -5.80 -21.27
CA GLY A 142 1.62 -5.43 -22.21
C GLY A 142 1.14 -4.01 -22.05
N LYS A 143 -0.04 -3.84 -21.47
CA LYS A 143 -0.55 -2.52 -21.13
C LYS A 143 -0.33 -2.33 -19.63
N GLN A 144 -0.03 -3.45 -18.96
CA GLN A 144 0.22 -3.49 -17.52
C GLN A 144 1.55 -2.82 -17.18
N LYS A 145 1.53 -1.83 -16.31
CA LYS A 145 2.75 -1.26 -15.77
C LYS A 145 2.74 -1.32 -14.23
N TYR A 146 3.81 -1.82 -13.61
CA TYR A 146 3.85 -1.87 -12.14
C TYR A 146 5.02 -1.06 -11.58
N TYR A 147 4.83 -0.51 -10.39
CA TYR A 147 5.87 0.29 -9.74
C TYR A 147 6.29 -0.23 -8.36
N VAL A 148 7.42 -0.91 -8.33
CA VAL A 148 8.01 -1.49 -7.14
C VAL A 148 9.16 -0.62 -6.59
N TYR A 149 9.16 -0.37 -5.27
CA TYR A 149 10.06 0.64 -4.68
C TYR A 149 11.34 0.14 -3.98
N ASN A 150 11.66 -1.15 -4.13
CA ASN A 150 12.91 -1.72 -3.61
C ASN A 150 13.07 -3.19 -4.02
N ASP A 151 14.31 -3.67 -3.96
CA ASP A 151 14.65 -4.99 -4.51
C ASP A 151 13.72 -6.08 -3.96
N ARG A 152 13.32 -5.93 -2.69
CA ARG A 152 12.54 -6.94 -1.97
C ARG A 152 11.17 -7.15 -2.60
N GLU A 153 10.51 -6.05 -2.95
CA GLU A 153 9.19 -6.10 -3.54
C GLU A 153 9.25 -6.71 -4.94
N LEU A 154 10.36 -6.49 -5.64
CA LEU A 154 10.52 -7.04 -6.98
C LEU A 154 10.68 -8.56 -6.95
N ASP A 155 11.35 -9.09 -5.94
CA ASP A 155 11.39 -10.53 -5.75
C ASP A 155 9.95 -11.07 -5.79
N LYS A 156 9.13 -10.63 -4.84
CA LYS A 156 7.72 -11.05 -4.72
C LYS A 156 6.99 -11.14 -6.07
N LEU A 157 6.80 -9.97 -6.68
CA LEU A 157 6.08 -9.82 -7.94
C LEU A 157 6.69 -10.59 -9.10
N LYS A 158 8.01 -10.60 -9.20
CA LYS A 158 8.65 -11.26 -10.33
C LYS A 158 8.33 -12.75 -10.30
N SER A 159 7.57 -13.18 -9.30
CA SER A 159 7.23 -14.59 -9.14
C SER A 159 5.73 -14.80 -8.94
N GLU A 160 4.98 -13.71 -8.89
CA GLU A 160 3.53 -13.80 -8.75
C GLU A 160 2.84 -13.84 -10.11
N LEU A 161 3.51 -13.34 -11.16
CA LEU A 161 2.91 -13.20 -12.51
C LEU A 161 3.04 -14.42 -13.41
N ASN A 162 2.44 -15.52 -12.97
CA ASN A 162 2.40 -16.77 -13.71
C ASN A 162 2.36 -16.59 -15.24
N PRO A 163 1.40 -15.78 -15.73
CA PRO A 163 1.17 -15.57 -17.17
C PRO A 163 2.45 -15.55 -17.98
N THR A 164 3.36 -14.66 -17.62
CA THR A 164 4.62 -14.53 -18.34
C THR A 164 4.41 -14.35 -19.85
N PRO A 165 3.99 -13.14 -20.25
CA PRO A 165 4.07 -12.68 -21.63
C PRO A 165 5.33 -11.83 -21.83
N LYS A 166 6.42 -12.15 -21.12
CA LYS A 166 7.68 -11.41 -21.21
C LYS A 166 7.61 -10.03 -20.54
N TRP A 167 8.64 -9.67 -19.79
CA TRP A 167 8.67 -8.36 -19.13
C TRP A 167 9.77 -7.48 -19.68
N SER A 168 9.56 -6.18 -19.54
CA SER A 168 10.61 -5.23 -19.81
C SER A 168 10.68 -4.40 -18.53
N ILE A 169 11.56 -4.81 -17.62
CA ILE A 169 11.72 -4.08 -16.35
C ILE A 169 12.81 -3.02 -16.47
N ALA A 170 12.47 -1.79 -16.04
CA ALA A 170 13.38 -0.64 -16.18
C ALA A 170 14.39 -0.59 -15.05
N ARG A 171 14.27 0.42 -14.19
CA ARG A 171 15.13 0.65 -13.01
C ARG A 171 15.85 2.00 -13.07
N TYR A 172 15.86 2.69 -11.94
CA TYR A 172 16.08 4.13 -11.93
C TYR A 172 17.17 4.59 -10.94
N LYS A 173 18.42 4.19 -11.17
CA LYS A 173 19.54 4.46 -10.25
C LYS A 173 19.59 5.88 -9.70
N GLY A 174 18.93 6.81 -10.41
CA GLY A 174 18.99 8.22 -10.07
C GLY A 174 17.67 8.89 -10.33
N LEU A 175 17.66 10.21 -10.42
CA LEU A 175 16.47 10.95 -10.81
C LEU A 175 16.77 11.44 -12.18
N GLY A 176 18.07 11.63 -12.43
CA GLY A 176 18.54 12.01 -13.74
C GLY A 176 18.17 10.94 -14.73
N GLU A 177 17.87 9.72 -14.28
CA GLU A 177 17.60 8.64 -15.22
C GLU A 177 16.14 8.47 -15.58
N MET A 178 15.29 9.37 -15.10
CA MET A 178 13.87 9.32 -15.45
C MET A 178 13.56 10.42 -16.47
N ASN A 179 12.74 10.14 -17.48
CA ASN A 179 12.16 11.20 -18.30
C ASN A 179 11.51 12.23 -17.38
N ALA A 180 11.70 13.52 -17.63
CA ALA A 180 11.13 14.54 -16.74
C ALA A 180 9.58 14.61 -16.66
N ASP A 181 8.89 13.62 -17.22
CA ASP A 181 7.44 13.54 -17.04
C ASP A 181 7.02 12.30 -16.22
N GLN A 182 7.88 11.27 -16.22
CA GLN A 182 7.69 10.13 -15.34
C GLN A 182 7.82 10.62 -13.92
N LEU A 183 8.59 11.68 -13.76
CA LEU A 183 8.93 12.23 -12.46
C LEU A 183 8.02 13.39 -12.07
N TRP A 184 6.95 13.57 -12.83
CA TRP A 184 5.92 14.49 -12.45
C TRP A 184 4.70 13.61 -12.23
N GLU A 185 4.54 12.64 -13.12
CA GLU A 185 3.37 11.78 -13.11
C GLU A 185 3.50 10.56 -12.20
N THR A 186 4.47 10.58 -11.27
CA THR A 186 4.57 9.53 -10.24
C THR A 186 5.02 10.10 -8.90
N THR A 187 5.52 11.33 -8.91
CA THR A 187 6.21 11.85 -7.74
C THR A 187 5.87 13.31 -7.44
N MET A 188 5.50 14.08 -8.45
CA MET A 188 5.38 15.51 -8.22
C MET A 188 3.99 16.11 -8.42
N ASN A 189 3.15 15.45 -9.20
CA ASN A 189 1.78 15.91 -9.51
C ASN A 189 0.82 15.87 -8.31
N PRO A 190 0.52 17.04 -7.71
CA PRO A 190 -0.25 17.04 -6.46
C PRO A 190 -1.60 16.31 -6.51
N GLU A 191 -1.96 15.71 -7.64
CA GLU A 191 -3.19 14.91 -7.76
C GLU A 191 -2.94 13.39 -7.85
N HIS A 192 -1.69 12.95 -7.72
CA HIS A 192 -1.37 11.51 -7.72
C HIS A 192 -0.40 11.14 -6.60
N ARG A 193 0.26 12.15 -6.03
CA ARG A 193 1.44 11.88 -5.21
C ARG A 193 1.17 11.27 -3.84
N ALA A 194 1.91 10.22 -3.57
CA ALA A 194 1.92 9.58 -2.28
C ALA A 194 2.94 10.26 -1.37
N LEU A 195 2.85 11.57 -1.19
CA LEU A 195 3.76 12.27 -0.28
C LEU A 195 3.46 11.93 1.16
N LEU A 196 4.49 11.49 1.89
CA LEU A 196 4.34 11.06 3.29
C LEU A 196 4.68 12.17 4.29
N GLN A 197 3.75 12.49 5.19
CA GLN A 197 4.00 13.51 6.20
C GLN A 197 4.78 13.01 7.41
N VAL A 198 5.78 13.80 7.81
CA VAL A 198 6.67 13.44 8.87
C VAL A 198 6.07 13.95 10.16
N LYS A 199 5.53 13.03 10.97
CA LYS A 199 4.94 13.35 12.27
C LYS A 199 5.80 12.83 13.39
N LEU A 200 5.71 13.49 14.53
CA LEU A 200 6.51 13.15 15.70
C LEU A 200 5.68 12.54 16.83
N GLU A 201 5.85 11.25 17.05
CA GLU A 201 5.20 10.53 18.16
C GLU A 201 6.22 10.13 19.20
N ASP A 202 6.03 10.58 20.44
CA ASP A 202 6.88 10.19 21.57
C ASP A 202 8.30 10.76 21.42
N ALA A 203 8.50 12.01 21.84
CA ALA A 203 9.80 12.68 21.71
C ALA A 203 10.94 12.01 22.52
N ILE A 204 10.59 11.30 23.58
CA ILE A 204 11.60 10.60 24.39
C ILE A 204 12.14 9.39 23.64
N GLU A 205 11.30 8.76 22.82
CA GLU A 205 11.68 7.57 22.05
C GLU A 205 12.47 7.91 20.79
N ALA A 206 12.25 9.10 20.23
CA ALA A 206 13.10 9.58 19.14
C ALA A 206 14.55 9.66 19.63
N ASP A 207 14.76 10.35 20.75
CA ASP A 207 16.12 10.59 21.27
C ASP A 207 16.93 9.33 21.55
N GLN A 208 16.28 8.19 21.73
CA GLN A 208 16.99 6.91 21.89
C GLN A 208 17.35 6.37 20.52
N THR A 209 16.39 6.45 19.61
CA THR A 209 16.57 5.98 18.24
C THR A 209 17.70 6.73 17.48
N PHE A 210 17.68 8.06 17.54
CA PHE A 210 18.78 8.86 17.01
C PHE A 210 20.12 8.44 17.59
N GLU A 211 20.18 8.31 18.91
CA GLU A 211 21.41 7.95 19.56
C GLU A 211 21.90 6.57 19.12
N MET A 212 20.96 5.72 18.73
CA MET A 212 21.25 4.32 18.43
C MET A 212 21.94 4.17 17.08
N LEU A 213 21.47 4.95 16.11
CA LEU A 213 21.84 4.78 14.70
C LEU A 213 22.69 5.92 14.15
N MET A 214 22.61 7.10 14.76
CA MET A 214 23.42 8.26 14.34
C MET A 214 24.47 8.58 15.40
N GLY A 215 24.32 7.96 16.56
CA GLY A 215 25.23 8.15 17.66
C GLY A 215 26.53 7.39 17.47
N ASP A 216 27.57 7.87 18.13
CA ASP A 216 28.92 7.32 18.03
C ASP A 216 29.01 5.83 18.40
N VAL A 217 28.27 5.42 19.42
CA VAL A 217 28.33 4.06 19.95
C VAL A 217 28.06 3.00 18.91
N VAL A 218 29.12 2.33 18.48
CA VAL A 218 29.02 1.40 17.37
C VAL A 218 28.28 0.13 17.78
N GLU A 219 28.46 -0.27 19.03
CA GLU A 219 27.93 -1.54 19.49
C GLU A 219 26.41 -1.60 19.39
N ASN A 220 25.72 -0.67 20.04
CA ASN A 220 24.26 -0.67 20.08
C ASN A 220 23.67 -0.75 18.68
N ARG A 221 24.36 -0.13 17.74
CA ARG A 221 24.02 -0.20 16.34
C ARG A 221 24.08 -1.64 15.80
N ARG A 222 25.16 -2.34 16.09
CA ARG A 222 25.31 -3.73 15.67
C ARG A 222 24.26 -4.62 16.31
N GLN A 223 24.11 -4.50 17.63
CA GLN A 223 23.08 -5.23 18.34
C GLN A 223 21.80 -5.14 17.55
N PHE A 224 21.38 -3.88 17.37
CA PHE A 224 20.20 -3.49 16.60
C PHE A 224 20.06 -4.15 15.23
N ILE A 225 21.18 -4.56 14.65
CA ILE A 225 21.13 -5.31 13.40
C ILE A 225 20.71 -6.77 13.62
N GLU A 226 21.43 -7.50 14.47
CA GLU A 226 21.12 -8.91 14.65
C GLU A 226 19.71 -9.03 15.21
N ASP A 227 19.23 -7.96 15.83
CA ASP A 227 17.88 -7.89 16.42
C ASP A 227 16.74 -7.82 15.39
N ASN A 228 16.98 -7.07 14.30
CA ASN A 228 15.92 -6.75 13.33
C ASN A 228 16.11 -7.33 11.90
N ALA A 229 17.20 -8.06 11.66
CA ALA A 229 17.54 -8.52 10.32
C ALA A 229 16.58 -9.56 9.70
N VAL A 230 16.78 -9.83 8.42
CA VAL A 230 15.92 -10.73 7.64
C VAL A 230 16.66 -11.10 6.37
N TYR A 231 17.17 -12.32 6.30
CA TYR A 231 18.21 -12.63 5.32
C TYR A 231 17.78 -13.21 3.95
N ALA A 232 17.14 -14.37 3.95
CA ALA A 232 16.77 -15.03 2.69
C ALA A 232 15.25 -15.00 2.42
N ASN A 233 14.50 -14.45 3.37
CA ASN A 233 13.03 -14.52 3.40
C ASN A 233 12.26 -13.65 2.40
N LEU A 234 11.40 -14.31 1.61
CA LEU A 234 10.39 -13.66 0.78
C LEU A 234 9.08 -13.55 1.56
N ASP A 235 8.99 -14.26 2.68
CA ASP A 235 7.76 -14.31 3.47
C ASP A 235 7.52 -13.02 4.26
N PHE A 236 8.46 -12.08 4.10
CA PHE A 236 8.38 -10.78 4.75
C PHE A 236 7.21 -9.96 4.18
N ALA A 237 7.42 -8.66 3.98
CA ALA A 237 6.38 -7.80 3.42
C ALA A 237 4.99 -8.14 3.98
N GLU A 238 4.72 -7.72 5.21
CA GLU A 238 3.42 -7.97 5.82
C GLU A 238 3.13 -7.11 7.05
N LEU A 239 2.07 -6.32 6.99
CA LEU A 239 1.32 -6.11 5.76
C LEU A 239 0.65 -4.74 5.81
N PRO A 240 -0.67 -4.67 5.94
CA PRO A 240 -1.45 -3.43 5.80
C PRO A 240 -0.74 -2.10 5.43
N GLN A 241 0.21 -1.63 6.25
CA GLN A 241 0.81 -0.29 6.08
C GLN A 241 -0.27 0.78 5.91
N SER A 242 -1.20 0.83 6.86
CA SER A 242 -2.35 1.76 6.87
C SER A 242 -2.46 2.72 5.66
N ARG A 243 -3.60 2.69 4.97
CA ARG A 243 -3.79 3.47 3.73
C ARG A 243 -3.90 4.99 3.95
N ILE A 244 -3.05 5.51 4.82
CA ILE A 244 -2.93 6.94 5.10
C ILE A 244 -1.50 7.33 4.82
N ASN A 245 -1.29 8.57 4.36
CA ASN A 245 0.04 8.99 3.94
C ASN A 245 0.75 9.91 4.92
N GLU A 246 0.85 9.44 6.16
CA GLU A 246 1.74 10.00 7.16
C GLU A 246 2.66 8.88 7.61
N ARG A 247 3.79 9.24 8.21
CA ARG A 247 4.70 8.25 8.75
C ARG A 247 5.37 8.77 10.03
N ASN A 248 5.51 7.87 11.01
CA ASN A 248 6.18 8.19 12.27
C ASN A 248 7.68 8.33 12.02
N ILE A 249 8.31 9.34 12.61
CA ILE A 249 9.73 9.61 12.39
C ILE A 249 10.62 8.43 12.80
N THR A 250 10.27 7.79 13.90
CA THR A 250 11.00 6.65 14.43
C THR A 250 10.74 5.41 13.59
N SER A 251 9.46 5.13 13.40
CA SER A 251 8.99 4.04 12.54
C SER A 251 9.72 3.98 11.20
N GLU A 252 10.21 5.12 10.72
CA GLU A 252 10.91 5.22 9.42
C GLU A 252 12.44 5.23 9.51
N MET A 253 12.99 6.07 10.38
CA MET A 253 14.45 6.09 10.61
C MET A 253 14.87 4.66 10.82
N ARG A 254 14.18 4.00 11.76
CA ARG A 254 14.48 2.63 12.16
C ARG A 254 14.55 1.73 10.93
N GLU A 255 13.50 1.78 10.11
CA GLU A 255 13.44 0.98 8.89
C GLU A 255 14.55 1.33 7.92
N SER A 256 14.44 2.50 7.29
CA SER A 256 15.34 2.94 6.22
C SER A 256 16.86 2.83 6.52
N PHE A 257 17.27 3.06 7.76
CA PHE A 257 18.66 2.82 8.14
C PHE A 257 19.02 1.33 8.03
N LEU A 258 18.12 0.45 8.42
CA LEU A 258 18.39 -0.99 8.34
C LEU A 258 18.35 -1.54 6.91
N ASP A 259 17.42 -1.05 6.08
CA ASP A 259 17.27 -1.47 4.69
C ASP A 259 18.59 -1.18 4.01
N TYR A 260 19.28 -0.21 4.59
CA TYR A 260 20.57 0.28 4.13
C TYR A 260 21.68 -0.62 4.65
N ALA A 261 21.78 -0.71 5.98
CA ALA A 261 22.83 -1.47 6.65
C ALA A 261 22.87 -2.93 6.23
N MET A 262 21.71 -3.47 5.89
CA MET A 262 21.61 -4.87 5.47
C MET A 262 22.25 -5.00 4.10
N SER A 263 21.94 -4.04 3.24
CA SER A 263 22.43 -4.06 1.88
C SER A 263 23.96 -3.92 1.84
N VAL A 264 24.48 -2.95 2.57
CA VAL A 264 25.93 -2.73 2.78
C VAL A 264 26.67 -3.95 3.35
N ILE A 265 25.91 -4.91 3.86
CA ILE A 265 26.51 -6.06 4.53
C ILE A 265 26.45 -7.33 3.66
N VAL A 266 25.26 -7.64 3.16
CA VAL A 266 25.09 -8.84 2.33
C VAL A 266 25.73 -8.69 0.95
N ALA A 267 25.77 -7.47 0.43
CA ALA A 267 26.33 -7.21 -0.90
C ALA A 267 27.01 -5.84 -1.06
N ARG A 268 28.10 -5.63 -0.33
CA ARG A 268 28.89 -4.40 -0.48
C ARG A 268 30.27 -4.52 0.14
N ALA A 269 30.34 -4.50 1.47
CA ALA A 269 31.65 -4.39 2.12
C ALA A 269 32.30 -5.71 2.44
N LEU A 270 31.51 -6.77 2.61
CA LEU A 270 32.04 -8.06 3.04
C LEU A 270 32.00 -9.16 1.97
N PRO A 271 32.93 -10.12 2.05
CA PRO A 271 33.20 -11.17 1.07
C PRO A 271 32.44 -12.47 1.36
N ASP A 272 32.13 -13.26 0.34
CA ASP A 272 31.62 -14.62 0.60
C ASP A 272 32.81 -15.46 1.05
N VAL A 273 32.56 -16.52 1.80
CA VAL A 273 33.64 -17.32 2.35
C VAL A 273 34.27 -18.26 1.31
N ARG A 274 33.59 -18.49 0.20
CA ARG A 274 34.07 -19.41 -0.82
C ARG A 274 35.05 -18.74 -1.77
N ASP A 275 34.52 -17.90 -2.65
CA ASP A 275 35.34 -17.13 -3.58
C ASP A 275 36.16 -16.06 -2.87
N GLY A 276 35.58 -15.40 -1.87
CA GLY A 276 36.27 -14.38 -1.11
C GLY A 276 36.21 -12.98 -1.71
N LEU A 277 35.19 -12.73 -2.52
CA LEU A 277 35.09 -11.46 -3.25
C LEU A 277 33.86 -10.67 -2.84
N LYS A 278 34.06 -9.37 -2.61
CA LYS A 278 32.94 -8.44 -2.45
C LYS A 278 32.25 -8.38 -3.81
N PRO A 279 31.04 -7.80 -3.87
CA PRO A 279 30.30 -8.08 -5.10
C PRO A 279 30.95 -7.39 -6.29
N VAL A 280 31.34 -6.13 -6.09
CA VAL A 280 31.99 -5.39 -7.17
C VAL A 280 33.10 -6.22 -7.83
N HIS A 281 33.97 -6.84 -7.04
CA HIS A 281 35.06 -7.67 -7.57
C HIS A 281 34.55 -8.87 -8.38
N ARG A 282 33.71 -9.69 -7.76
CA ARG A 282 33.17 -10.88 -8.43
C ARG A 282 32.51 -10.51 -9.76
N ARG A 283 31.95 -9.31 -9.85
CA ARG A 283 31.25 -8.95 -11.06
C ARG A 283 32.29 -8.66 -12.15
N ILE A 284 33.26 -7.81 -11.83
CA ILE A 284 34.36 -7.48 -12.74
C ILE A 284 34.98 -8.74 -13.33
N LEU A 285 35.54 -9.59 -12.49
CA LEU A 285 36.12 -10.87 -12.94
C LEU A 285 35.21 -11.71 -13.85
N TYR A 286 33.90 -11.68 -13.60
CA TYR A 286 32.98 -12.38 -14.47
C TYR A 286 32.84 -11.63 -15.78
N GLY A 287 32.52 -10.33 -15.68
CA GLY A 287 32.42 -9.45 -16.83
C GLY A 287 33.63 -9.46 -17.73
N LEU A 288 34.80 -9.75 -17.17
CA LEU A 288 35.96 -10.04 -17.97
C LEU A 288 35.74 -11.36 -18.67
N ASN A 289 35.63 -12.46 -17.92
CA ASN A 289 35.43 -13.76 -18.57
C ASN A 289 34.37 -13.75 -19.67
N GLU A 290 33.29 -13.01 -19.46
CA GLU A 290 32.22 -12.98 -20.45
C GLU A 290 32.70 -12.41 -21.76
N GLN A 291 33.06 -11.11 -21.74
CA GLN A 291 33.57 -10.38 -22.91
C GLN A 291 34.88 -10.97 -23.48
N GLY A 292 35.34 -12.09 -22.93
CA GLY A 292 36.43 -12.86 -23.49
C GLY A 292 37.83 -12.40 -23.17
N MET A 293 37.95 -11.28 -22.44
CA MET A 293 39.24 -10.67 -22.19
C MET A 293 40.16 -11.52 -21.35
N THR A 294 40.65 -12.62 -21.92
CA THR A 294 41.53 -13.55 -21.22
C THR A 294 43.02 -13.26 -21.45
N PRO A 295 43.89 -13.93 -20.67
CA PRO A 295 45.34 -13.69 -20.61
C PRO A 295 46.11 -13.86 -21.92
N ASP A 296 45.56 -14.62 -22.86
CA ASP A 296 46.25 -14.87 -24.11
C ASP A 296 45.98 -13.76 -25.12
N LYS A 297 44.83 -13.11 -24.99
CA LYS A 297 44.46 -12.06 -25.93
C LYS A 297 44.81 -10.67 -25.42
N SER A 298 45.03 -9.76 -26.36
CA SER A 298 45.43 -8.39 -26.07
C SER A 298 44.74 -7.72 -24.87
N TYR A 299 45.42 -6.73 -24.29
CA TYR A 299 44.82 -5.87 -23.28
C TYR A 299 43.66 -5.15 -23.91
N LYS A 300 42.56 -4.99 -23.19
CA LYS A 300 41.44 -4.22 -23.70
C LYS A 300 41.30 -2.97 -22.86
N LYS A 301 40.91 -1.84 -23.45
CA LYS A 301 40.94 -0.58 -22.71
C LYS A 301 40.08 -0.61 -21.44
N SER A 302 40.39 0.26 -20.49
CA SER A 302 39.79 0.18 -19.16
C SER A 302 38.41 0.82 -19.04
N ALA A 303 38.12 1.80 -19.87
CA ALA A 303 36.78 2.36 -19.84
C ALA A 303 35.83 1.48 -20.65
N ARG A 304 36.39 0.49 -21.34
CA ARG A 304 35.54 -0.45 -22.05
C ARG A 304 35.06 -1.54 -21.09
N ILE A 305 35.88 -1.94 -20.12
CA ILE A 305 35.45 -2.91 -19.10
C ILE A 305 34.66 -2.27 -17.98
N VAL A 306 34.97 -1.01 -17.66
CA VAL A 306 34.28 -0.34 -16.56
C VAL A 306 32.94 0.19 -17.02
N GLY A 307 32.83 0.53 -18.29
CA GLY A 307 31.55 0.94 -18.85
C GLY A 307 30.67 -0.25 -19.19
N ASP A 308 31.29 -1.41 -19.30
CA ASP A 308 30.60 -2.62 -19.69
C ASP A 308 30.17 -3.42 -18.48
N VAL A 309 30.90 -3.28 -17.37
CA VAL A 309 30.51 -3.93 -16.13
C VAL A 309 29.44 -3.14 -15.40
N MET A 310 29.36 -1.86 -15.72
CA MET A 310 28.37 -1.00 -15.12
C MET A 310 27.03 -1.24 -15.76
N GLY A 311 27.02 -1.29 -17.08
CA GLY A 311 25.77 -1.37 -17.80
C GLY A 311 25.21 -2.76 -17.91
N LYS A 312 25.92 -3.74 -17.35
CA LYS A 312 25.56 -5.13 -17.54
C LYS A 312 25.40 -5.84 -16.23
N TYR A 313 26.20 -5.47 -15.23
CA TYR A 313 26.15 -6.19 -13.98
C TYR A 313 25.94 -5.33 -12.72
N HIS A 314 26.47 -4.11 -12.68
CA HIS A 314 26.69 -3.48 -11.40
C HIS A 314 26.41 -1.96 -11.33
N PRO A 315 25.21 -1.59 -10.90
CA PRO A 315 24.66 -0.22 -10.96
C PRO A 315 25.21 0.83 -10.00
N HIS A 316 26.49 1.18 -10.11
CA HIS A 316 27.07 2.21 -9.27
C HIS A 316 28.18 2.99 -9.98
N GLY A 317 28.29 4.29 -9.69
CA GLY A 317 29.25 5.17 -10.36
C GLY A 317 30.69 4.68 -10.46
N ASP A 318 31.35 5.05 -11.55
CA ASP A 318 32.65 4.53 -11.95
C ASP A 318 33.80 4.59 -10.92
N SER A 319 33.85 5.68 -10.14
CA SER A 319 34.99 5.92 -9.26
C SER A 319 35.02 4.90 -8.15
N SER A 320 34.18 3.88 -8.31
CA SER A 320 34.06 2.80 -7.37
C SER A 320 34.44 1.53 -8.09
N ILE A 321 33.95 1.40 -9.32
CA ILE A 321 34.23 0.19 -10.09
C ILE A 321 35.70 0.17 -10.46
N TYR A 322 36.20 1.31 -10.92
CA TYR A 322 37.56 1.39 -11.45
C TYR A 322 38.64 1.30 -10.37
N GLU A 323 38.49 2.12 -9.34
CA GLU A 323 39.45 2.19 -8.25
C GLU A 323 39.49 0.90 -7.49
N ALA A 324 38.60 -0.02 -7.86
CA ALA A 324 38.54 -1.34 -7.28
C ALA A 324 39.18 -2.38 -8.20
N MET A 325 38.86 -2.28 -9.48
CA MET A 325 39.50 -3.11 -10.48
C MET A 325 41.01 -2.90 -10.42
N VAL A 326 41.40 -1.72 -9.96
CA VAL A 326 42.79 -1.31 -9.92
C VAL A 326 43.56 -2.14 -8.91
N ARG A 327 43.18 -2.07 -7.64
CA ARG A 327 43.85 -2.84 -6.62
C ARG A 327 44.06 -4.29 -7.04
N MET A 328 43.03 -4.92 -7.59
CA MET A 328 43.10 -6.33 -7.94
C MET A 328 44.25 -6.64 -8.87
N ALA A 329 44.78 -5.60 -9.47
CA ALA A 329 45.81 -5.71 -10.48
C ALA A 329 47.20 -5.33 -9.98
N GLN A 330 47.26 -4.62 -8.86
CA GLN A 330 48.51 -4.21 -8.23
C GLN A 330 49.23 -5.36 -7.53
N ASP A 331 50.56 -5.36 -7.61
CA ASP A 331 51.33 -6.44 -7.02
C ASP A 331 51.69 -6.13 -5.58
N PHE A 332 51.48 -4.89 -5.17
CA PHE A 332 51.73 -4.54 -3.77
C PHE A 332 50.51 -4.63 -2.88
N SER A 333 49.35 -4.90 -3.50
CA SER A 333 48.10 -5.02 -2.76
C SER A 333 47.54 -6.43 -2.83
N TYR A 334 47.46 -6.98 -4.02
CA TYR A 334 46.99 -8.35 -4.11
C TYR A 334 48.18 -9.30 -4.04
N ARG A 335 48.18 -10.20 -3.05
CA ARG A 335 49.27 -11.16 -2.89
C ARG A 335 49.39 -11.96 -4.16
N TYR A 336 48.23 -12.36 -4.69
CA TYR A 336 48.15 -12.95 -6.03
C TYR A 336 47.21 -12.10 -6.89
N PRO A 337 47.77 -11.34 -7.85
CA PRO A 337 46.91 -10.44 -8.60
C PRO A 337 45.85 -11.24 -9.36
N LEU A 338 44.69 -10.66 -9.59
CA LEU A 338 43.69 -11.31 -10.42
C LEU A 338 43.49 -10.54 -11.74
N VAL A 339 44.22 -9.44 -11.89
CA VAL A 339 44.10 -8.61 -13.08
C VAL A 339 45.48 -8.19 -13.58
N ASP A 340 45.80 -8.57 -14.80
CA ASP A 340 47.07 -8.23 -15.44
C ASP A 340 46.93 -6.82 -16.03
N GLY A 341 47.92 -5.96 -15.84
CA GLY A 341 47.75 -4.57 -16.27
C GLY A 341 48.77 -3.94 -17.19
N GLN A 342 48.27 -3.13 -18.13
CA GLN A 342 49.12 -2.26 -18.94
C GLN A 342 48.83 -0.84 -18.52
N GLY A 343 49.82 -0.15 -17.99
CA GLY A 343 49.64 1.23 -17.64
C GLY A 343 50.08 1.64 -16.26
N ASN A 344 49.83 2.92 -15.95
CA ASN A 344 50.09 3.50 -14.66
C ASN A 344 49.02 3.03 -13.73
N PHE A 345 49.29 1.99 -12.94
CA PHE A 345 48.32 1.59 -11.95
C PHE A 345 48.69 2.07 -10.57
N GLY A 346 49.47 3.14 -10.48
CA GLY A 346 49.74 3.80 -9.22
C GLY A 346 50.83 3.15 -8.38
N SER A 347 51.22 3.83 -7.31
CA SER A 347 52.34 3.39 -6.48
C SER A 347 52.02 3.25 -4.99
N MET A 348 53.03 2.82 -4.25
CA MET A 348 52.97 2.76 -2.79
C MET A 348 53.30 4.14 -2.24
N ASP A 349 53.13 5.18 -3.05
CA ASP A 349 53.33 6.54 -2.56
C ASP A 349 52.01 7.28 -2.46
N GLY A 350 50.91 6.51 -2.58
CA GLY A 350 49.60 7.07 -2.38
C GLY A 350 49.00 7.70 -3.61
N ASP A 351 49.83 7.92 -4.61
CA ASP A 351 49.34 8.37 -5.90
C ASP A 351 48.58 7.22 -6.52
N GLY A 352 47.55 7.55 -7.30
CA GLY A 352 46.64 6.57 -7.85
C GLY A 352 46.81 6.42 -9.34
N ALA A 353 46.42 5.25 -9.85
CA ALA A 353 46.54 4.93 -11.26
C ALA A 353 46.04 6.06 -12.17
N ALA A 354 46.48 6.06 -13.43
CA ALA A 354 46.04 7.06 -14.38
C ALA A 354 44.60 6.76 -14.71
N ALA A 355 43.88 7.74 -15.27
CA ALA A 355 42.45 7.59 -15.45
C ALA A 355 42.06 6.38 -16.32
N MET A 356 40.77 6.03 -16.23
CA MET A 356 40.17 4.93 -16.97
C MET A 356 40.58 5.00 -18.42
N ARG A 357 40.54 6.22 -18.92
CA ARG A 357 40.79 6.59 -20.30
C ARG A 357 42.10 6.06 -20.92
N PHE A 358 43.17 5.99 -20.10
CA PHE A 358 44.52 5.58 -20.55
C PHE A 358 44.87 4.09 -20.52
N THR A 359 44.62 3.45 -19.38
CA THR A 359 45.16 2.14 -19.08
C THR A 359 44.37 0.99 -19.69
N GLU A 360 45.03 -0.13 -19.95
CA GLU A 360 44.37 -1.31 -20.50
C GLU A 360 44.49 -2.43 -19.45
N ALA A 361 43.81 -3.57 -19.62
CA ALA A 361 43.82 -4.59 -18.58
C ALA A 361 43.13 -5.90 -18.98
N ARG A 362 43.66 -7.04 -18.55
CA ARG A 362 42.96 -8.30 -18.81
C ARG A 362 42.97 -9.24 -17.58
N MET A 363 42.79 -10.53 -17.80
CA MET A 363 42.78 -11.52 -16.73
C MET A 363 44.24 -11.85 -16.41
N THR A 364 44.51 -12.36 -15.21
CA THR A 364 45.78 -13.10 -15.01
C THR A 364 45.45 -14.58 -15.15
N LYS A 365 46.48 -15.40 -15.33
CA LYS A 365 46.24 -16.83 -15.55
C LYS A 365 45.56 -17.43 -14.34
N ILE A 366 45.82 -16.86 -13.18
CA ILE A 366 45.35 -17.37 -11.89
C ILE A 366 43.86 -17.08 -11.66
N THR A 367 43.32 -16.10 -12.38
CA THR A 367 41.91 -15.73 -12.31
C THR A 367 41.05 -16.61 -13.20
N LEU A 368 41.70 -17.42 -14.03
CA LEU A 368 40.99 -18.39 -14.86
C LEU A 368 40.58 -19.56 -14.00
N GLU A 369 41.31 -19.74 -12.91
CA GLU A 369 41.10 -20.88 -12.03
C GLU A 369 39.91 -20.65 -11.15
N LEU A 370 39.61 -19.37 -10.87
CA LEU A 370 38.37 -19.00 -10.17
C LEU A 370 37.18 -19.32 -11.04
N LEU A 371 37.35 -19.11 -12.33
CA LEU A 371 36.26 -19.25 -13.27
C LEU A 371 36.29 -20.61 -13.92
N ARG A 372 37.24 -21.46 -13.54
CA ARG A 372 37.28 -22.77 -14.18
C ARG A 372 35.96 -23.46 -13.84
N ASP A 373 35.29 -23.98 -14.87
CA ASP A 373 34.11 -24.82 -14.66
C ASP A 373 32.83 -24.03 -14.38
N ILE A 374 32.84 -22.72 -14.61
CA ILE A 374 31.69 -21.89 -14.23
C ILE A 374 30.49 -21.99 -15.17
N ASN A 375 30.72 -22.29 -16.44
CA ASN A 375 29.61 -22.42 -17.39
C ASN A 375 29.05 -23.86 -17.39
N LYS A 376 29.66 -24.71 -16.56
CA LYS A 376 29.38 -26.15 -16.55
C LYS A 376 28.43 -26.58 -15.41
N ASP A 377 27.39 -25.79 -15.17
CA ASP A 377 26.36 -26.06 -14.14
C ASP A 377 26.93 -26.39 -12.77
N THR A 378 27.80 -25.55 -12.25
CA THR A 378 28.32 -25.76 -10.93
C THR A 378 27.71 -24.78 -9.97
N ILE A 379 27.95 -23.49 -10.20
CA ILE A 379 27.41 -22.49 -9.29
C ILE A 379 26.07 -21.93 -9.82
N ASP A 380 25.36 -21.19 -8.96
CA ASP A 380 24.01 -20.69 -9.27
C ASP A 380 24.03 -19.26 -9.82
N PHE A 381 23.13 -18.98 -10.76
CA PHE A 381 23.02 -17.64 -11.36
C PHE A 381 21.74 -16.91 -10.90
N ILE A 382 21.88 -15.64 -10.50
CA ILE A 382 20.71 -14.77 -10.30
C ILE A 382 20.64 -13.64 -11.32
N ASP A 383 19.45 -13.38 -11.84
CA ASP A 383 19.27 -12.28 -12.77
C ASP A 383 19.93 -11.00 -12.26
N ASN A 384 20.55 -10.27 -13.17
CA ASN A 384 21.19 -9.01 -12.87
C ASN A 384 20.19 -7.95 -12.39
N TYR A 385 20.61 -6.69 -12.42
CA TYR A 385 19.80 -5.62 -11.83
C TYR A 385 18.57 -5.25 -12.62
N ASP A 386 18.45 -5.76 -13.85
CA ASP A 386 17.32 -5.40 -14.73
C ASP A 386 16.69 -6.53 -15.59
N GLY A 387 16.98 -7.79 -15.23
CA GLY A 387 16.26 -8.92 -15.78
C GLY A 387 16.57 -9.22 -17.24
N ASN A 388 17.58 -8.52 -17.76
CA ASN A 388 18.07 -8.69 -19.14
C ASN A 388 19.20 -9.71 -19.22
N GLU A 389 20.07 -9.71 -18.22
CA GLU A 389 21.26 -10.55 -18.20
C GLU A 389 21.35 -11.57 -17.04
N ARG A 390 22.23 -12.55 -17.21
CA ARG A 390 22.35 -13.67 -16.31
C ARG A 390 23.74 -13.60 -15.64
N GLU A 391 23.79 -13.46 -14.31
CA GLU A 391 25.07 -13.30 -13.58
C GLU A 391 25.29 -14.33 -12.46
N PRO A 392 26.47 -14.30 -11.79
CA PRO A 392 26.78 -15.35 -10.81
C PRO A 392 26.71 -14.86 -9.35
N SER A 393 26.09 -15.68 -8.49
CA SER A 393 25.98 -15.37 -7.08
C SER A 393 27.29 -15.70 -6.38
N VAL A 394 28.13 -16.48 -7.05
CA VAL A 394 29.45 -16.81 -6.52
C VAL A 394 30.20 -17.69 -7.51
N LEU A 395 31.52 -17.63 -7.45
CA LEU A 395 32.37 -18.29 -8.45
C LEU A 395 32.97 -19.60 -7.89
N PRO A 396 33.26 -20.58 -8.78
CA PRO A 396 33.78 -21.92 -8.46
C PRO A 396 35.13 -21.95 -7.75
N ALA A 397 35.68 -20.77 -7.45
CA ALA A 397 36.99 -20.58 -6.79
C ALA A 397 37.77 -21.84 -6.41
N ARG A 398 38.59 -22.35 -7.33
CA ARG A 398 39.38 -23.55 -7.04
C ARG A 398 40.62 -23.21 -6.23
N PHE A 399 40.59 -22.07 -5.55
CA PHE A 399 41.57 -21.74 -4.49
C PHE A 399 40.95 -20.74 -3.50
N PRO A 400 41.40 -20.74 -2.24
CA PRO A 400 40.65 -20.03 -1.20
C PRO A 400 40.94 -18.55 -1.27
N ASN A 401 40.51 -17.90 -2.34
CA ASN A 401 40.81 -16.49 -2.57
C ASN A 401 40.58 -15.63 -1.34
N LEU A 402 39.67 -16.10 -0.47
CA LEU A 402 39.36 -15.37 0.76
C LEU A 402 40.61 -15.22 1.59
N LEU A 403 41.22 -16.35 1.92
CA LEU A 403 42.47 -16.31 2.63
C LEU A 403 43.60 -15.93 1.69
N ALA A 404 43.72 -16.69 0.61
CA ALA A 404 44.83 -16.53 -0.34
C ALA A 404 45.19 -15.06 -0.55
N ASN A 405 44.17 -14.22 -0.69
CA ASN A 405 44.39 -12.79 -0.91
C ASN A 405 43.91 -11.92 0.24
N GLY A 406 42.77 -12.28 0.83
CA GLY A 406 42.25 -11.58 1.99
C GLY A 406 41.79 -10.16 1.68
N ALA A 407 40.59 -9.83 2.12
CA ALA A 407 40.04 -8.51 1.85
C ALA A 407 39.81 -7.75 3.16
N SER A 408 39.41 -6.48 3.04
CA SER A 408 39.19 -5.64 4.20
C SER A 408 38.46 -4.36 3.83
N GLY A 409 37.28 -4.15 4.41
CA GLY A 409 36.47 -2.98 4.14
C GLY A 409 35.49 -2.67 5.25
N ILE A 410 35.09 -1.40 5.34
CA ILE A 410 34.20 -0.92 6.40
C ILE A 410 32.71 -1.04 6.05
N ALA A 411 31.92 -1.58 6.97
CA ALA A 411 30.47 -1.72 6.78
C ALA A 411 29.70 -0.80 7.73
N VAL A 412 28.73 -1.36 8.43
CA VAL A 412 27.96 -0.63 9.45
C VAL A 412 27.82 -1.44 10.75
N GLY A 413 28.34 -0.92 11.84
CA GLY A 413 28.31 -1.64 13.11
C GLY A 413 29.31 -2.79 13.18
N MET A 414 30.08 -2.94 12.11
CA MET A 414 31.07 -4.00 12.03
C MET A 414 31.96 -3.68 10.85
N ALA A 415 33.22 -4.13 10.91
CA ALA A 415 34.14 -3.99 9.80
C ALA A 415 34.87 -5.31 9.63
N THR A 416 35.69 -5.44 8.60
CA THR A 416 36.45 -6.67 8.44
C THR A 416 37.90 -6.39 8.11
N ASN A 417 38.75 -7.39 8.34
CA ASN A 417 40.16 -7.32 7.95
C ASN A 417 40.75 -8.71 8.00
N ILE A 418 41.18 -9.22 6.85
CA ILE A 418 41.81 -10.55 6.77
C ILE A 418 43.10 -10.47 5.96
N PRO A 419 44.23 -10.87 6.57
CA PRO A 419 45.51 -10.87 5.87
C PRO A 419 45.58 -11.95 4.81
N PRO A 420 46.43 -11.74 3.81
CA PRO A 420 46.66 -12.64 2.67
C PRO A 420 47.52 -13.79 3.14
N HIS A 421 47.39 -14.98 2.57
CA HIS A 421 48.24 -16.12 2.99
C HIS A 421 48.98 -16.78 1.85
N ASN A 422 50.08 -17.46 2.17
CA ASN A 422 50.77 -18.20 1.12
C ASN A 422 49.95 -19.38 0.68
N LEU A 423 49.91 -19.60 -0.64
CA LEU A 423 49.01 -20.59 -1.22
C LEU A 423 49.44 -22.05 -1.03
N THR A 424 50.72 -22.34 -1.20
CA THR A 424 51.21 -23.71 -0.97
C THR A 424 50.87 -24.05 0.46
N GLU A 425 50.90 -23.04 1.32
CA GLU A 425 50.54 -23.20 2.70
C GLU A 425 49.04 -23.47 2.82
N LEU A 426 48.23 -22.57 2.29
CA LEU A 426 46.77 -22.74 2.30
C LEU A 426 46.31 -24.08 1.74
N ILE A 427 47.00 -24.57 0.71
CA ILE A 427 46.63 -25.84 0.08
C ILE A 427 47.15 -27.07 0.83
N ASN A 428 48.41 -27.05 1.23
CA ASN A 428 48.91 -28.11 2.09
C ASN A 428 48.00 -28.17 3.30
N GLY A 429 47.49 -27.01 3.70
CA GLY A 429 46.65 -26.88 4.87
C GLY A 429 45.27 -27.46 4.70
N VAL A 430 44.65 -27.22 3.55
CA VAL A 430 43.31 -27.75 3.29
C VAL A 430 43.36 -29.27 3.01
N LEU A 431 44.37 -29.70 2.27
CA LEU A 431 44.54 -31.13 1.98
C LEU A 431 44.56 -31.94 3.27
N SER A 432 45.16 -31.37 4.32
CA SER A 432 45.25 -32.02 5.62
C SER A 432 43.89 -32.06 6.33
N LEU A 433 43.05 -31.06 6.08
CA LEU A 433 41.72 -31.03 6.69
C LEU A 433 40.77 -32.01 6.01
N SER A 434 41.00 -32.31 4.74
CA SER A 434 40.14 -33.25 4.03
C SER A 434 40.53 -34.66 4.42
N LYS A 435 41.79 -34.83 4.79
CA LYS A 435 42.26 -36.11 5.30
C LYS A 435 41.72 -36.30 6.72
N ASN A 436 41.90 -35.27 7.56
CA ASN A 436 41.40 -35.31 8.95
C ASN A 436 40.37 -34.21 9.26
N PRO A 437 39.11 -34.59 9.48
CA PRO A 437 38.03 -33.62 9.76
C PRO A 437 38.12 -33.02 11.16
N ASP A 438 38.65 -33.81 12.11
CA ASP A 438 38.64 -33.45 13.52
C ASP A 438 39.80 -32.51 13.86
N ILE A 439 40.52 -32.08 12.83
CA ILE A 439 41.80 -31.38 12.98
C ILE A 439 41.85 -30.25 14.02
N SER A 440 43.00 -30.10 14.67
CA SER A 440 43.19 -29.07 15.68
C SER A 440 43.84 -27.82 15.10
N ILE A 441 43.52 -26.68 15.70
CA ILE A 441 43.99 -25.38 15.23
C ILE A 441 45.51 -25.37 15.11
N ALA A 442 46.16 -25.90 16.15
CA ALA A 442 47.62 -25.83 16.28
C ALA A 442 48.31 -26.68 15.25
N GLU A 443 47.71 -27.83 14.94
CA GLU A 443 48.30 -28.76 13.97
C GLU A 443 48.34 -28.18 12.56
N LEU A 444 47.31 -27.42 12.20
CA LEU A 444 47.24 -26.81 10.89
C LEU A 444 48.37 -25.79 10.72
N MET A 445 48.84 -25.26 11.84
CA MET A 445 49.86 -24.23 11.80
C MET A 445 51.27 -24.79 11.55
N GLU A 446 51.35 -26.08 11.22
CA GLU A 446 52.61 -26.69 10.79
C GLU A 446 52.82 -26.45 9.31
N ASP A 447 51.71 -26.48 8.58
CA ASP A 447 51.70 -26.23 7.13
C ASP A 447 51.51 -24.74 6.87
N ILE A 448 50.53 -24.16 7.56
CA ILE A 448 50.17 -22.76 7.40
C ILE A 448 50.78 -21.87 8.50
N GLU A 449 52.01 -21.43 8.30
CA GLU A 449 52.73 -20.70 9.32
C GLU A 449 52.15 -19.32 9.63
N GLY A 450 51.34 -18.80 8.72
CA GLY A 450 50.67 -17.55 9.00
C GLY A 450 50.62 -16.58 7.85
N PRO A 451 50.35 -15.31 8.18
CA PRO A 451 50.23 -14.31 7.14
C PRO A 451 51.45 -14.34 6.26
N ASP A 452 51.24 -14.45 4.94
CA ASP A 452 52.24 -14.07 3.95
C ASP A 452 51.70 -12.85 3.16
N PHE A 453 52.51 -11.81 3.09
CA PHE A 453 52.11 -10.53 2.50
C PHE A 453 52.68 -10.39 1.09
N PRO A 454 52.23 -9.37 0.35
CA PRO A 454 52.86 -9.05 -0.94
C PRO A 454 54.14 -8.28 -0.68
N THR A 455 53.99 -7.29 0.18
CA THR A 455 55.01 -6.31 0.52
C THR A 455 56.29 -6.89 1.13
N ALA A 456 56.25 -8.17 1.49
CA ALA A 456 57.34 -8.88 2.20
C ALA A 456 57.43 -8.51 3.68
N GLY A 457 58.59 -8.02 4.11
CA GLY A 457 58.76 -7.57 5.48
C GLY A 457 58.76 -8.66 6.56
N LEU A 458 58.64 -8.26 7.82
CA LEU A 458 58.74 -9.17 8.96
C LEU A 458 57.53 -9.11 9.90
N ILE A 459 57.28 -10.21 10.58
CA ILE A 459 56.30 -10.24 11.66
C ILE A 459 56.96 -10.67 12.95
N LEU A 460 56.64 -9.99 14.03
CA LEU A 460 57.25 -10.25 15.33
C LEU A 460 56.40 -11.15 16.25
N GLY A 461 56.43 -12.46 16.01
CA GLY A 461 55.87 -13.45 16.93
C GLY A 461 54.54 -14.12 16.63
N LYS A 462 54.39 -15.38 17.03
CA LYS A 462 53.12 -16.10 16.89
C LYS A 462 52.15 -15.81 18.05
N SER A 463 52.57 -14.94 18.97
CA SER A 463 51.74 -14.59 20.11
C SER A 463 50.48 -13.84 19.66
N GLY A 464 50.60 -13.09 18.57
CA GLY A 464 49.49 -12.32 18.02
C GLY A 464 48.88 -12.96 16.80
N ILE A 465 49.59 -13.92 16.21
CA ILE A 465 49.09 -14.69 15.07
C ILE A 465 48.28 -15.88 15.56
N ARG A 466 48.77 -16.53 16.61
CA ARG A 466 48.08 -17.64 17.21
C ARG A 466 46.73 -17.14 17.71
N ARG A 467 46.74 -16.01 18.40
CA ARG A 467 45.52 -15.41 18.92
C ARG A 467 44.47 -15.24 17.83
N ALA A 468 44.90 -14.75 16.68
CA ALA A 468 43.99 -14.47 15.58
C ALA A 468 43.37 -15.76 15.05
N TYR A 469 44.24 -16.69 14.65
CA TYR A 469 43.79 -17.95 14.07
C TYR A 469 42.84 -18.72 14.98
N GLU A 470 43.14 -18.73 16.26
CA GLU A 470 42.26 -19.40 17.19
C GLU A 470 40.88 -18.70 17.23
N THR A 471 40.84 -17.46 17.72
CA THR A 471 39.59 -16.69 17.75
C THR A 471 39.22 -16.23 16.35
N GLY A 472 39.78 -15.09 15.98
CA GLY A 472 39.47 -14.39 14.77
C GLY A 472 39.84 -12.95 15.02
N ARG A 473 40.30 -12.70 16.24
CA ARG A 473 40.74 -11.37 16.63
C ARG A 473 42.16 -11.47 17.16
N GLY A 474 43.02 -10.55 16.74
CA GLY A 474 44.38 -10.53 17.25
C GLY A 474 45.23 -9.44 16.62
N SER A 475 46.05 -8.79 17.43
CA SER A 475 46.94 -7.76 16.91
C SER A 475 48.24 -8.38 16.42
N ILE A 476 48.55 -8.16 15.14
CA ILE A 476 49.79 -8.62 14.54
C ILE A 476 50.74 -7.47 14.34
N GLN A 477 51.93 -7.57 14.92
CA GLN A 477 52.93 -6.52 14.74
C GLN A 477 53.73 -6.67 13.44
N MET A 478 53.99 -5.54 12.78
CA MET A 478 54.68 -5.53 11.50
C MET A 478 55.91 -4.64 11.53
N ARG A 479 57.08 -5.23 11.26
CA ARG A 479 58.30 -4.43 11.16
C ARG A 479 58.89 -4.58 9.77
N SER A 480 59.38 -3.46 9.25
CA SER A 480 60.02 -3.38 7.95
C SER A 480 61.39 -4.07 7.97
N ARG A 481 61.90 -4.46 6.81
CA ARG A 481 63.26 -5.00 6.77
C ARG A 481 64.25 -3.84 6.65
N ALA A 482 65.27 -3.84 7.51
CA ALA A 482 66.20 -2.72 7.56
C ALA A 482 67.66 -3.09 7.90
N VAL A 483 68.57 -2.75 6.99
CA VAL A 483 69.98 -3.00 7.21
C VAL A 483 70.67 -1.73 7.71
N ILE A 484 71.57 -1.91 8.68
CA ILE A 484 72.46 -0.86 9.15
C ILE A 484 73.78 -0.99 8.40
N GLU A 485 73.92 -0.31 7.28
CA GLU A 485 75.14 -0.40 6.48
C GLU A 485 76.04 0.80 6.71
N GLU A 486 77.33 0.64 6.42
CA GLU A 486 78.33 1.69 6.59
C GLU A 486 78.83 2.15 5.21
N ARG A 487 79.42 3.34 5.15
CA ARG A 487 79.95 3.83 3.87
C ARG A 487 81.34 4.46 4.01
N GLY A 488 82.14 3.91 4.92
CA GLY A 488 83.54 4.31 5.07
C GLY A 488 83.75 5.71 5.59
N GLY A 489 84.96 5.98 6.08
CA GLY A 489 85.35 7.30 6.51
C GLY A 489 84.72 7.80 7.81
N GLY A 490 84.07 6.90 8.55
CA GLY A 490 83.61 7.23 9.89
C GLY A 490 82.12 7.18 10.17
N ARG A 491 81.29 7.22 9.13
CA ARG A 491 79.83 7.30 9.33
C ARG A 491 79.01 6.07 8.92
N GLN A 492 77.83 5.95 9.55
CA GLN A 492 76.87 4.90 9.23
C GLN A 492 75.60 5.50 8.56
N ARG A 493 74.80 4.64 7.93
CA ARG A 493 73.50 5.03 7.37
C ARG A 493 72.51 3.86 7.37
N ILE A 494 71.22 4.14 7.38
CA ILE A 494 70.19 3.09 7.38
C ILE A 494 69.61 2.81 6.00
N VAL A 495 69.14 1.59 5.79
CA VAL A 495 68.58 1.20 4.50
C VAL A 495 67.37 0.32 4.69
N VAL A 496 66.20 0.82 4.34
CA VAL A 496 64.98 0.02 4.42
C VAL A 496 64.65 -0.45 3.01
N THR A 497 64.42 -1.74 2.86
CA THR A 497 64.27 -2.34 1.54
C THR A 497 63.01 -3.18 1.39
N GLU A 498 62.27 -3.30 2.50
CA GLU A 498 60.94 -3.92 2.52
C GLU A 498 60.09 -3.19 3.55
N ILE A 499 58.79 -3.05 3.30
CA ILE A 499 57.95 -2.36 4.29
C ILE A 499 56.62 -3.05 4.70
N PRO A 500 55.92 -2.51 5.71
CA PRO A 500 54.71 -3.16 6.18
C PRO A 500 53.60 -3.06 5.16
N PHE A 501 52.84 -4.13 4.97
CA PHE A 501 51.60 -4.11 4.21
C PHE A 501 50.81 -2.83 4.47
N GLN A 502 50.27 -2.22 3.41
CA GLN A 502 49.38 -1.05 3.55
C GLN A 502 50.02 0.23 4.11
N VAL A 503 51.29 0.47 3.83
CA VAL A 503 51.93 1.67 4.37
C VAL A 503 52.37 2.64 3.27
N ASN A 504 51.91 3.88 3.36
CA ASN A 504 52.30 4.92 2.41
C ASN A 504 53.76 5.31 2.62
N LYS A 505 54.63 4.80 1.77
CA LYS A 505 56.04 5.14 1.81
C LYS A 505 56.22 6.66 1.98
N ALA A 506 55.69 7.45 1.05
CA ALA A 506 55.96 8.90 1.04
C ALA A 506 55.31 9.69 2.18
N ARG A 507 54.27 9.11 2.79
CA ARG A 507 53.57 9.71 3.93
C ARG A 507 54.36 9.45 5.22
N MET A 508 55.03 8.32 5.24
CA MET A 508 55.88 7.89 6.36
C MET A 508 57.12 8.76 6.43
N ILE A 509 57.85 8.82 5.32
CA ILE A 509 59.03 9.66 5.22
C ILE A 509 58.75 11.07 5.71
N GLU A 510 57.54 11.57 5.47
CA GLU A 510 57.20 12.89 5.93
C GLU A 510 57.10 12.93 7.46
N LYS A 511 56.48 11.90 8.03
CA LYS A 511 56.29 11.85 9.48
C LYS A 511 57.62 11.56 10.18
N ILE A 512 58.63 11.20 9.40
CA ILE A 512 59.99 11.04 9.89
C ILE A 512 60.72 12.36 9.83
N ALA A 513 60.68 13.01 8.68
CA ALA A 513 61.28 14.31 8.53
C ALA A 513 60.62 15.27 9.50
N GLU A 514 59.35 15.06 9.78
CA GLU A 514 58.61 15.92 10.71
C GLU A 514 59.26 15.93 12.08
N LEU A 515 59.55 14.75 12.59
CA LEU A 515 60.11 14.63 13.92
C LEU A 515 61.55 15.13 14.00
N VAL A 516 62.14 15.48 12.86
CA VAL A 516 63.53 15.96 12.84
C VAL A 516 63.59 17.48 12.86
N ARG A 517 62.74 18.12 12.07
CA ARG A 517 62.61 19.57 12.10
C ARG A 517 62.25 20.00 13.52
N ASP A 518 61.41 19.19 14.16
CA ASP A 518 60.88 19.44 15.51
C ASP A 518 61.75 18.87 16.64
N LYS A 519 62.96 18.44 16.28
CA LYS A 519 63.95 17.92 17.24
C LYS A 519 63.45 16.81 18.20
N LYS A 520 62.34 16.16 17.84
CA LYS A 520 61.80 15.05 18.62
C LYS A 520 62.60 13.75 18.50
N ILE A 521 63.68 13.78 17.72
CA ILE A 521 64.58 12.63 17.54
C ILE A 521 65.92 13.14 17.02
N ASP A 522 67.02 12.52 17.45
CA ASP A 522 68.34 13.05 17.16
C ASP A 522 69.27 12.10 16.40
N GLY A 523 70.27 12.68 15.73
CA GLY A 523 71.29 11.89 15.05
C GLY A 523 71.05 11.61 13.58
N ILE A 524 70.23 12.44 12.92
CA ILE A 524 69.90 12.27 11.50
C ILE A 524 70.37 13.49 10.70
N THR A 525 71.27 13.26 9.72
CA THR A 525 71.78 14.34 8.87
C THR A 525 70.89 14.65 7.65
N ASP A 526 70.33 13.60 7.04
CA ASP A 526 69.54 13.77 5.82
C ASP A 526 68.58 12.61 5.64
N LEU A 527 67.50 12.88 4.93
CA LEU A 527 66.53 11.85 4.62
C LEU A 527 66.40 11.71 3.11
N ARG A 528 66.25 10.48 2.63
CA ARG A 528 66.25 10.31 1.19
C ARG A 528 65.50 9.08 0.73
N ASP A 529 64.78 9.22 -0.38
CA ASP A 529 64.21 8.06 -1.06
C ASP A 529 64.97 7.72 -2.35
N GLU A 530 65.55 6.53 -2.39
CA GLU A 530 66.31 6.10 -3.54
C GLU A 530 65.62 4.95 -4.27
N THR A 531 64.31 4.80 -4.02
CA THR A 531 63.53 3.74 -4.69
C THR A 531 63.44 4.05 -6.17
N SER A 532 63.40 3.00 -6.98
CA SER A 532 63.45 3.10 -8.43
C SER A 532 63.31 1.70 -9.02
N LEU A 533 62.94 1.61 -10.29
CA LEU A 533 62.52 0.34 -10.86
C LEU A 533 63.57 -0.79 -10.80
N ARG A 534 64.84 -0.42 -10.80
CA ARG A 534 65.91 -1.40 -10.92
C ARG A 534 66.58 -1.75 -9.58
N THR A 535 66.34 -0.91 -8.56
CA THR A 535 66.86 -1.14 -7.21
C THR A 535 65.72 -1.41 -6.24
N GLY A 536 64.60 -1.90 -6.75
CA GLY A 536 63.42 -2.14 -5.93
C GLY A 536 63.12 -1.06 -4.89
N VAL A 537 62.66 -1.48 -3.71
CA VAL A 537 62.41 -0.55 -2.61
C VAL A 537 63.70 -0.26 -1.85
N ARG A 538 64.00 1.02 -1.67
CA ARG A 538 65.22 1.46 -1.01
C ARG A 538 65.07 2.87 -0.44
N VAL A 539 64.93 2.96 0.88
CA VAL A 539 64.96 4.22 1.62
C VAL A 539 66.19 4.37 2.49
N VAL A 540 66.88 5.50 2.35
CA VAL A 540 68.14 5.71 3.05
C VAL A 540 68.06 6.82 4.09
N ILE A 541 68.47 6.50 5.32
CA ILE A 541 68.57 7.49 6.38
C ILE A 541 70.04 7.76 6.68
N ASP A 542 70.49 8.97 6.37
CA ASP A 542 71.84 9.35 6.75
C ASP A 542 71.88 9.68 8.23
N VAL A 543 72.85 9.10 8.94
CA VAL A 543 72.96 9.26 10.39
C VAL A 543 74.26 9.94 10.81
N ARG A 544 74.17 10.73 11.89
CA ARG A 544 75.28 11.54 12.38
C ARG A 544 76.51 10.71 12.74
N LYS A 545 77.60 11.41 13.05
CA LYS A 545 78.89 10.79 13.35
C LYS A 545 78.86 9.88 14.57
N ASP A 546 78.75 8.58 14.30
CA ASP A 546 78.94 7.55 15.32
C ASP A 546 77.77 7.34 16.28
N ALA A 547 77.14 8.43 16.75
CA ALA A 547 76.02 8.32 17.70
C ALA A 547 75.13 7.15 17.31
N ASN A 548 75.05 6.15 18.19
CA ASN A 548 74.61 4.80 17.77
C ASN A 548 73.25 4.74 17.08
N ALA A 549 73.28 4.29 15.83
CA ALA A 549 72.11 4.21 14.99
C ALA A 549 71.09 3.24 15.58
N SER A 550 71.57 2.14 16.15
CA SER A 550 70.69 1.11 16.66
C SER A 550 69.60 1.67 17.58
N VAL A 551 69.88 2.80 18.24
CA VAL A 551 68.92 3.41 19.16
C VAL A 551 67.91 4.33 18.47
N ILE A 552 68.35 5.01 17.41
CA ILE A 552 67.45 5.84 16.60
C ILE A 552 66.52 4.91 15.85
N LEU A 553 67.11 3.87 15.26
CA LEU A 553 66.37 2.84 14.57
C LEU A 553 65.27 2.22 15.45
N ASN A 554 65.65 1.78 16.65
CA ASN A 554 64.70 1.23 17.63
C ASN A 554 63.80 2.32 18.19
N ASN A 555 64.12 3.57 17.85
CA ASN A 555 63.25 4.70 18.14
C ASN A 555 62.30 4.96 16.99
N LEU A 556 62.74 4.63 15.78
CA LEU A 556 61.92 4.82 14.60
C LEU A 556 60.80 3.79 14.51
N TYR A 557 60.99 2.62 15.08
CA TYR A 557 59.92 1.63 15.11
C TYR A 557 58.81 2.12 16.04
N LYS A 558 59.22 2.83 17.09
CA LYS A 558 58.31 3.34 18.10
C LYS A 558 57.48 4.54 17.61
N GLN A 559 58.13 5.68 17.40
CA GLN A 559 57.43 6.92 17.06
C GLN A 559 56.66 6.87 15.72
N THR A 560 57.29 6.40 14.65
CA THR A 560 56.64 6.36 13.33
C THR A 560 56.05 4.99 12.93
N PRO A 561 55.67 4.85 11.64
CA PRO A 561 54.98 3.64 11.17
C PRO A 561 55.90 2.64 10.49
N LEU A 562 57.20 2.73 10.77
CA LEU A 562 58.14 1.75 10.26
C LEU A 562 57.77 0.43 10.93
N GLN A 563 56.93 0.55 11.96
CA GLN A 563 56.34 -0.58 12.67
C GLN A 563 54.89 -0.25 13.05
N THR A 564 53.94 -1.04 12.54
CA THR A 564 52.48 -0.86 12.80
C THR A 564 51.72 -2.20 12.97
N SER A 565 50.44 -2.14 13.32
CA SER A 565 49.70 -3.37 13.63
C SER A 565 48.50 -3.69 12.75
N PHE A 566 48.53 -4.87 12.13
CA PHE A 566 47.36 -5.36 11.43
C PHE A 566 46.33 -5.77 12.47
N GLY A 567 45.29 -4.96 12.64
CA GLY A 567 44.21 -5.33 13.55
C GLY A 567 43.26 -6.30 12.87
N VAL A 568 43.47 -7.60 13.08
CA VAL A 568 42.67 -8.63 12.42
C VAL A 568 41.23 -8.69 12.97
N ASN A 569 40.30 -9.12 12.13
CA ASN A 569 38.89 -9.11 12.45
C ASN A 569 38.14 -9.90 11.40
N MET A 570 38.31 -11.22 11.43
CA MET A 570 37.87 -12.10 10.35
C MET A 570 36.37 -12.33 10.23
N ILE A 571 35.66 -11.37 9.63
CA ILE A 571 34.21 -11.43 9.51
C ILE A 571 33.74 -11.61 8.08
N ALA A 572 33.52 -12.84 7.62
CA ALA A 572 33.04 -13.06 6.25
C ALA A 572 31.53 -13.26 6.13
N LEU A 573 31.08 -13.70 4.96
CA LEU A 573 29.69 -14.09 4.77
C LEU A 573 29.58 -15.60 4.67
N VAL A 574 28.87 -16.19 5.62
CA VAL A 574 28.55 -17.60 5.56
C VAL A 574 27.04 -17.74 5.33
N ASN A 575 26.65 -18.45 4.27
CA ASN A 575 25.25 -18.65 3.91
C ASN A 575 24.37 -17.41 4.04
N GLY A 576 24.85 -16.29 3.49
CA GLY A 576 24.10 -15.05 3.45
C GLY A 576 24.21 -14.17 4.69
N ARG A 577 24.97 -14.66 5.68
CA ARG A 577 25.01 -14.02 6.98
C ARG A 577 26.42 -13.63 7.41
N PRO A 578 26.57 -12.45 8.05
CA PRO A 578 27.83 -11.94 8.60
C PRO A 578 28.27 -12.66 9.88
N LYS A 579 29.03 -13.74 9.71
CA LYS A 579 29.52 -14.55 10.82
C LYS A 579 31.03 -14.35 11.01
N LEU A 580 31.46 -14.02 12.24
CA LEU A 580 32.89 -13.91 12.56
C LEU A 580 33.48 -15.30 12.80
N ILE A 581 34.48 -15.67 12.01
CA ILE A 581 35.01 -17.04 12.03
C ILE A 581 36.53 -17.17 12.23
N ASN A 582 37.02 -18.40 12.32
CA ASN A 582 38.43 -18.64 12.59
C ASN A 582 39.16 -19.28 11.41
N LEU A 583 40.38 -19.75 11.64
CA LEU A 583 41.12 -20.39 10.58
C LEU A 583 40.41 -21.65 10.11
N LYS A 584 40.00 -22.51 11.03
CA LYS A 584 39.36 -23.76 10.63
C LYS A 584 38.04 -23.62 9.85
N GLU A 585 37.07 -22.89 10.38
CA GLU A 585 35.76 -22.79 9.70
C GLU A 585 35.87 -22.19 8.32
N ALA A 586 36.96 -21.46 8.09
CA ALA A 586 37.24 -20.86 6.79
C ALA A 586 37.54 -21.94 5.76
N LEU A 587 38.27 -22.96 6.20
CA LEU A 587 38.64 -24.06 5.32
C LEU A 587 37.50 -25.07 5.20
N VAL A 588 36.74 -25.27 6.27
CA VAL A 588 35.67 -26.23 6.21
C VAL A 588 34.59 -25.77 5.24
N HIS A 589 34.32 -24.46 5.23
CA HIS A 589 33.36 -23.87 4.31
C HIS A 589 33.85 -23.82 2.87
N TYR A 590 35.14 -23.48 2.71
CA TYR A 590 35.73 -23.34 1.40
C TYR A 590 35.94 -24.69 0.77
N LEU A 591 36.17 -25.70 1.58
CA LEU A 591 36.31 -27.05 1.06
C LEU A 591 34.94 -27.63 0.73
N GLU A 592 33.93 -27.27 1.52
CA GLU A 592 32.56 -27.70 1.24
C GLU A 592 32.17 -27.21 -0.12
N HIS A 593 32.65 -26.02 -0.46
CA HIS A 593 32.46 -25.48 -1.78
C HIS A 593 33.04 -26.42 -2.84
N GLN A 594 34.36 -26.57 -2.84
CA GLN A 594 35.05 -27.46 -3.76
C GLN A 594 34.37 -28.83 -3.86
N LYS A 595 33.96 -29.38 -2.72
CA LYS A 595 33.24 -30.65 -2.69
C LYS A 595 31.93 -30.58 -3.49
N THR A 596 31.22 -29.46 -3.36
CA THR A 596 29.94 -29.26 -4.04
C THR A 596 30.14 -28.92 -5.51
N VAL A 597 31.10 -28.03 -5.80
CA VAL A 597 31.48 -27.70 -7.17
C VAL A 597 31.80 -28.96 -7.95
N VAL A 598 32.92 -29.59 -7.61
CA VAL A 598 33.34 -30.82 -8.25
C VAL A 598 32.24 -31.88 -8.32
N ARG A 599 31.28 -31.81 -7.42
CA ARG A 599 30.16 -32.75 -7.45
C ARG A 599 29.20 -32.48 -8.61
N ARG A 600 28.72 -31.26 -8.70
CA ARG A 600 27.80 -30.90 -9.77
C ARG A 600 28.48 -30.88 -11.14
N ARG A 601 29.80 -30.70 -11.15
CA ARG A 601 30.60 -30.70 -12.39
C ARG A 601 30.78 -32.14 -12.88
N THR A 602 30.12 -33.05 -12.19
CA THR A 602 30.12 -34.44 -12.59
C THR A 602 28.71 -34.84 -12.97
N GLN A 603 27.72 -34.37 -12.19
CA GLN A 603 26.32 -34.57 -12.56
C GLN A 603 26.07 -33.95 -13.92
N TYR A 604 26.84 -32.90 -14.23
CA TYR A 604 26.79 -32.28 -15.54
C TYR A 604 27.54 -33.08 -16.62
N ASN A 605 28.83 -33.34 -16.41
CA ASN A 605 29.57 -34.19 -17.36
C ASN A 605 28.84 -35.52 -17.57
N LEU A 606 27.92 -35.85 -16.66
CA LEU A 606 27.18 -37.10 -16.72
C LEU A 606 25.95 -37.08 -17.64
N ARG A 607 25.05 -36.12 -17.43
CA ARG A 607 23.80 -36.05 -18.20
C ARG A 607 24.07 -35.78 -19.68
N LYS A 608 25.29 -35.36 -20.01
CA LYS A 608 25.69 -35.06 -21.38
C LYS A 608 26.29 -36.29 -22.08
N ALA A 609 27.15 -37.02 -21.39
CA ALA A 609 27.63 -38.29 -21.91
C ALA A 609 26.45 -39.26 -22.09
N LYS A 610 25.35 -38.98 -21.39
CA LYS A 610 24.16 -39.82 -21.43
C LYS A 610 23.30 -39.58 -22.67
N ASP A 611 23.07 -38.32 -23.01
CA ASP A 611 22.26 -37.97 -24.16
C ASP A 611 23.04 -38.07 -25.46
N ARG A 612 24.35 -37.93 -25.36
CA ARG A 612 25.23 -38.12 -26.51
C ARG A 612 25.24 -39.57 -26.96
N ALA A 613 25.22 -40.48 -25.99
CA ALA A 613 25.15 -41.90 -26.28
C ALA A 613 23.73 -42.28 -26.64
N HIS A 614 22.79 -41.48 -26.17
CA HIS A 614 21.39 -41.58 -26.57
C HIS A 614 21.31 -41.21 -28.04
N ILE A 615 22.19 -40.31 -28.47
CA ILE A 615 22.29 -39.88 -29.87
C ILE A 615 22.94 -40.96 -30.72
N LEU A 616 24.16 -41.31 -30.35
CA LEU A 616 24.97 -42.29 -31.07
C LEU A 616 24.26 -43.62 -31.35
N GLU A 617 23.40 -44.03 -30.42
CA GLU A 617 22.72 -45.32 -30.55
C GLU A 617 21.77 -45.34 -31.76
N GLY A 618 21.20 -44.17 -32.07
CA GLY A 618 20.38 -44.03 -33.26
C GLY A 618 21.24 -43.89 -34.50
N LEU A 619 22.46 -43.39 -34.32
CA LEU A 619 23.41 -43.21 -35.41
C LEU A 619 23.92 -44.53 -35.97
N ARG A 620 24.19 -45.48 -35.07
CA ARG A 620 24.70 -46.78 -35.47
C ARG A 620 23.64 -47.62 -36.22
N ILE A 621 22.36 -47.37 -35.94
CA ILE A 621 21.27 -48.09 -36.59
C ILE A 621 21.01 -47.60 -38.03
N ALA A 622 21.06 -46.28 -38.22
CA ALA A 622 20.83 -45.67 -39.52
C ALA A 622 21.90 -46.05 -40.52
N LEU A 623 23.03 -46.54 -40.00
CA LEU A 623 24.18 -46.94 -40.82
C LEU A 623 24.03 -48.30 -41.49
N ASP A 624 23.54 -49.28 -40.72
CA ASP A 624 23.51 -50.68 -41.15
C ASP A 624 22.14 -51.11 -41.69
N HIS A 625 21.16 -50.22 -41.55
CA HIS A 625 19.89 -50.34 -42.24
C HIS A 625 19.73 -49.14 -43.18
N ILE A 626 20.82 -48.80 -43.87
CA ILE A 626 20.97 -47.54 -44.61
C ILE A 626 19.96 -47.26 -45.73
N ASP A 627 19.90 -48.14 -46.72
CA ASP A 627 19.03 -47.95 -47.89
C ASP A 627 17.56 -48.09 -47.53
N GLU A 628 17.30 -48.72 -46.39
CA GLU A 628 15.97 -48.78 -45.82
C GLU A 628 15.57 -47.38 -45.33
N ILE A 629 16.52 -46.69 -44.69
CA ILE A 629 16.27 -45.33 -44.18
C ILE A 629 16.03 -44.35 -45.31
N ILE A 630 16.88 -44.40 -46.33
CA ILE A 630 16.82 -43.45 -47.42
C ILE A 630 15.44 -43.43 -48.08
N SER A 631 15.00 -44.59 -48.55
CA SER A 631 13.70 -44.66 -49.22
C SER A 631 12.53 -44.47 -48.24
N THR A 632 12.86 -44.44 -46.94
CA THR A 632 11.87 -44.10 -45.91
C THR A 632 11.68 -42.58 -45.84
N ILE A 633 12.78 -41.84 -45.99
CA ILE A 633 12.73 -40.39 -45.97
C ILE A 633 12.19 -39.81 -47.27
N ARG A 634 12.74 -40.27 -48.39
CA ARG A 634 12.33 -39.79 -49.72
C ARG A 634 10.84 -39.92 -49.97
N GLU A 635 10.24 -41.01 -49.51
CA GLU A 635 8.81 -41.23 -49.71
C GLU A 635 8.01 -40.20 -48.94
N SER A 636 8.54 -39.79 -47.79
CA SER A 636 7.91 -38.79 -46.94
C SER A 636 7.90 -37.43 -47.62
N ASP A 637 7.01 -36.55 -47.17
CA ASP A 637 6.90 -35.21 -47.74
C ASP A 637 7.42 -34.14 -46.79
N THR A 638 6.63 -33.81 -45.77
CA THR A 638 6.97 -32.74 -44.85
C THR A 638 7.98 -33.17 -43.77
N ASP A 639 8.36 -32.25 -42.91
CA ASP A 639 9.28 -32.55 -41.82
C ASP A 639 8.51 -33.01 -40.58
N LYS A 640 7.23 -32.62 -40.51
CA LYS A 640 6.33 -33.04 -39.44
C LYS A 640 6.00 -34.53 -39.56
N VAL A 641 6.12 -35.07 -40.78
CA VAL A 641 5.70 -36.43 -41.09
C VAL A 641 6.90 -37.34 -41.41
N ALA A 642 8.07 -36.73 -41.51
CA ALA A 642 9.29 -37.50 -41.67
C ALA A 642 9.82 -38.00 -40.32
N MET A 643 9.32 -37.39 -39.23
CA MET A 643 9.65 -37.82 -37.87
C MET A 643 8.87 -39.11 -37.58
N GLU A 644 7.63 -39.13 -38.01
CA GLU A 644 6.72 -40.24 -37.81
C GLU A 644 7.23 -41.55 -38.44
N SER A 645 7.73 -41.46 -39.68
CA SER A 645 8.12 -42.65 -40.45
C SER A 645 9.25 -43.49 -39.82
N LEU A 646 10.04 -42.87 -38.95
CA LEU A 646 11.20 -43.53 -38.35
C LEU A 646 10.98 -43.87 -36.86
N GLN A 647 10.04 -43.16 -36.24
CA GLN A 647 9.62 -43.41 -34.85
C GLN A 647 8.72 -44.65 -34.75
N GLN A 648 7.97 -44.93 -35.82
CA GLN A 648 7.08 -46.08 -35.88
C GLN A 648 7.79 -47.33 -36.42
N ARG A 649 8.33 -47.22 -37.63
CA ARG A 649 8.83 -48.39 -38.35
C ARG A 649 10.30 -48.73 -38.07
N PHE A 650 10.92 -48.03 -37.12
CA PHE A 650 12.29 -48.38 -36.73
C PHE A 650 12.56 -48.30 -35.22
N LYS A 651 11.56 -47.87 -34.45
CA LYS A 651 11.64 -47.86 -32.98
C LYS A 651 12.75 -46.94 -32.42
N LEU A 652 12.67 -45.67 -32.81
CA LEU A 652 13.63 -44.62 -32.42
C LEU A 652 12.88 -43.43 -31.83
N SER A 653 13.45 -42.80 -30.80
CA SER A 653 12.82 -41.63 -30.18
C SER A 653 12.97 -40.37 -31.03
N GLU A 654 12.51 -39.24 -30.49
CA GLU A 654 12.48 -37.98 -31.23
C GLU A 654 13.85 -37.30 -31.35
N LYS A 655 14.61 -37.25 -30.26
CA LYS A 655 15.95 -36.68 -30.30
C LYS A 655 16.93 -37.61 -31.04
N GLN A 656 16.41 -38.70 -31.58
CA GLN A 656 17.22 -39.68 -32.33
C GLN A 656 16.79 -39.70 -33.79
N ALA A 657 15.66 -39.08 -34.11
CA ALA A 657 15.21 -38.98 -35.49
C ALA A 657 15.69 -37.66 -36.09
N GLN A 658 15.55 -36.59 -35.31
CA GLN A 658 16.02 -35.27 -35.72
C GLN A 658 17.53 -35.25 -35.95
N ALA A 659 18.30 -35.85 -35.05
CA ALA A 659 19.75 -35.86 -35.18
C ALA A 659 20.23 -36.86 -36.24
N ILE A 660 19.28 -37.53 -36.88
CA ILE A 660 19.59 -38.41 -38.02
C ILE A 660 19.36 -37.67 -39.33
N LEU A 661 18.24 -36.94 -39.41
CA LEU A 661 17.92 -36.10 -40.56
C LEU A 661 18.80 -34.86 -40.63
N ASP A 662 19.33 -34.44 -39.48
CA ASP A 662 20.17 -33.25 -39.41
C ASP A 662 21.62 -33.57 -39.75
N MET A 663 21.94 -34.86 -39.79
CA MET A 663 23.29 -35.30 -40.09
C MET A 663 23.62 -35.05 -41.55
N ARG A 664 24.87 -34.73 -41.83
CA ARG A 664 25.32 -34.41 -43.20
C ARG A 664 25.72 -35.66 -44.00
N LEU A 665 26.31 -35.44 -45.17
CA LEU A 665 26.66 -36.56 -46.05
C LEU A 665 28.06 -37.12 -45.81
N ARG A 666 28.99 -36.25 -45.43
CA ARG A 666 30.40 -36.64 -45.24
C ARG A 666 30.57 -37.66 -44.13
N ARG A 667 29.51 -37.83 -43.33
CA ARG A 667 29.48 -38.81 -42.25
C ARG A 667 29.26 -40.21 -42.84
N LEU A 668 28.70 -40.25 -44.05
CA LEU A 668 28.39 -41.52 -44.72
C LEU A 668 29.62 -42.24 -45.28
N THR A 669 30.81 -41.68 -45.02
CA THR A 669 32.05 -42.34 -45.41
C THR A 669 32.21 -43.67 -44.66
N GLY A 670 33.05 -44.55 -45.21
CA GLY A 670 33.26 -45.87 -44.63
C GLY A 670 34.20 -45.82 -43.44
N LEU A 671 34.83 -44.67 -43.23
CA LEU A 671 35.77 -44.50 -42.12
C LEU A 671 35.15 -44.01 -40.81
N GLU A 672 34.03 -43.30 -40.89
CA GLU A 672 33.39 -42.74 -39.70
C GLU A 672 32.49 -43.75 -38.98
N ARG A 673 32.09 -44.80 -39.70
CA ARG A 673 31.33 -45.91 -39.10
C ARG A 673 32.15 -46.63 -38.02
N ASP A 674 33.45 -46.72 -38.27
CA ASP A 674 34.38 -47.42 -37.38
C ASP A 674 35.12 -46.44 -36.48
N LYS A 675 34.77 -45.16 -36.63
CA LYS A 675 35.28 -44.12 -35.75
C LYS A 675 34.24 -43.80 -34.69
N ILE A 676 33.00 -44.20 -34.95
CA ILE A 676 31.91 -44.02 -34.00
C ILE A 676 31.92 -45.09 -32.90
N GLU A 677 32.05 -46.34 -33.29
CA GLU A 677 32.13 -47.42 -32.31
C GLU A 677 33.33 -47.23 -31.40
N ALA A 678 34.33 -46.47 -31.84
CA ALA A 678 35.51 -46.23 -31.01
C ALA A 678 35.40 -44.94 -30.18
N GLU A 679 34.45 -44.07 -30.54
CA GLU A 679 34.16 -42.88 -29.74
C GLU A 679 33.03 -43.20 -28.76
N TYR A 680 32.22 -44.19 -29.12
CA TYR A 680 31.14 -44.71 -28.30
C TYR A 680 31.71 -45.53 -27.14
N ASN A 681 32.74 -46.32 -27.43
CA ASN A 681 33.44 -47.14 -26.44
C ASN A 681 34.47 -46.34 -25.62
N GLU A 682 34.58 -45.05 -25.92
CA GLU A 682 35.37 -44.13 -25.11
C GLU A 682 34.40 -43.49 -24.11
N LEU A 683 33.10 -43.61 -24.42
CA LEU A 683 32.04 -43.11 -23.55
C LEU A 683 31.63 -44.09 -22.46
N LEU A 684 31.42 -45.35 -22.82
CA LEU A 684 31.03 -46.37 -21.84
C LEU A 684 32.08 -46.52 -20.75
N ASN A 685 33.31 -46.14 -21.06
CA ASN A 685 34.37 -46.06 -20.07
C ASN A 685 34.25 -44.79 -19.26
N TYR A 686 33.95 -43.70 -19.95
CA TYR A 686 33.83 -42.39 -19.33
C TYR A 686 32.60 -42.26 -18.41
N ILE A 687 31.53 -42.99 -18.73
CA ILE A 687 30.36 -43.00 -17.86
C ILE A 687 30.63 -43.90 -16.66
N SER A 688 31.47 -44.92 -16.86
CA SER A 688 31.81 -45.84 -15.78
C SER A 688 32.67 -45.12 -14.73
N GLU A 689 33.32 -44.04 -15.16
CA GLU A 689 34.13 -43.22 -14.27
C GLU A 689 33.32 -42.09 -13.64
N LEU A 690 32.00 -42.16 -13.76
CA LEU A 690 31.11 -41.12 -13.20
C LEU A 690 30.15 -41.69 -12.17
N GLU A 691 29.47 -42.76 -12.56
CA GLU A 691 28.48 -43.40 -11.72
C GLU A 691 29.13 -44.00 -10.50
N THR A 692 30.41 -44.34 -10.64
CA THR A 692 31.19 -44.81 -9.50
C THR A 692 32.04 -43.66 -8.99
N ILE A 693 31.49 -42.45 -9.08
CA ILE A 693 32.03 -41.28 -8.38
C ILE A 693 30.86 -40.59 -7.67
N LEU A 694 29.64 -40.95 -8.05
CA LEU A 694 28.46 -40.45 -7.35
C LEU A 694 28.08 -41.40 -6.23
N ALA A 695 28.16 -42.71 -6.49
CA ALA A 695 27.85 -43.73 -5.48
C ALA A 695 29.02 -43.91 -4.52
N ASP A 696 30.13 -43.25 -4.83
CA ASP A 696 31.31 -43.27 -3.98
C ASP A 696 31.73 -41.86 -3.53
N GLU A 697 31.26 -41.47 -2.35
CA GLU A 697 31.60 -40.20 -1.71
C GLU A 697 33.11 -39.95 -1.67
N GLU A 698 33.90 -41.01 -1.82
CA GLU A 698 35.33 -40.96 -1.53
C GLU A 698 36.21 -40.80 -2.76
N VAL A 699 35.84 -41.44 -3.87
CA VAL A 699 36.60 -41.29 -5.10
C VAL A 699 36.51 -39.86 -5.60
N LEU A 700 35.43 -39.16 -5.26
CA LEU A 700 35.26 -37.77 -5.67
C LEU A 700 36.00 -36.79 -4.78
N LEU A 701 35.95 -36.97 -3.47
CA LEU A 701 36.74 -36.12 -2.59
C LEU A 701 38.22 -36.40 -2.84
N GLN A 702 38.50 -37.60 -3.35
CA GLN A 702 39.85 -37.95 -3.78
C GLN A 702 40.26 -37.07 -4.95
N LEU A 703 39.39 -37.01 -5.94
CA LEU A 703 39.59 -36.19 -7.14
C LEU A 703 39.80 -34.72 -6.82
N VAL A 704 39.05 -34.19 -5.85
CA VAL A 704 39.24 -32.81 -5.41
C VAL A 704 40.68 -32.64 -4.92
N ARG A 705 41.16 -33.58 -4.11
CA ARG A 705 42.54 -33.58 -3.66
C ARG A 705 43.51 -33.49 -4.84
N ASP A 706 43.20 -34.20 -5.92
CA ASP A 706 44.09 -34.31 -7.08
C ASP A 706 44.22 -33.00 -7.83
N GLU A 707 43.09 -32.32 -8.03
CA GLU A 707 43.04 -31.02 -8.70
C GLU A 707 43.74 -29.90 -7.90
N LEU A 708 43.63 -29.93 -6.57
CA LEU A 708 44.21 -28.89 -5.73
C LEU A 708 45.73 -29.03 -5.54
N THR A 709 46.26 -30.24 -5.74
CA THR A 709 47.70 -30.43 -5.74
C THR A 709 48.23 -29.85 -7.03
N GLU A 710 47.44 -30.00 -8.09
CA GLU A 710 47.78 -29.40 -9.38
C GLU A 710 47.83 -27.87 -9.23
N ILE A 711 46.82 -27.30 -8.57
CA ILE A 711 46.71 -25.85 -8.43
C ILE A 711 47.86 -25.26 -7.62
N ARG A 712 48.42 -26.08 -6.72
CA ARG A 712 49.50 -25.66 -5.83
C ARG A 712 50.89 -25.71 -6.50
N ASP A 713 51.13 -26.72 -7.34
CA ASP A 713 52.42 -26.85 -7.98
C ASP A 713 52.60 -25.89 -9.15
N ARG A 714 51.48 -25.51 -9.77
CA ARG A 714 51.47 -24.68 -10.97
C ARG A 714 51.57 -23.21 -10.59
N PHE A 715 50.92 -22.84 -9.50
CA PHE A 715 50.88 -21.46 -9.02
C PHE A 715 51.63 -21.23 -7.71
N GLY A 716 51.59 -22.21 -6.80
CA GLY A 716 52.18 -22.08 -5.49
C GLY A 716 53.62 -21.59 -5.44
N ASP A 717 53.84 -20.51 -4.70
CA ASP A 717 55.14 -19.83 -4.67
C ASP A 717 55.77 -19.74 -3.29
N ASP A 718 56.94 -19.08 -3.23
CA ASP A 718 57.76 -19.03 -2.01
C ASP A 718 57.25 -18.01 -1.01
N ARG A 719 57.66 -18.16 0.25
CA ARG A 719 57.25 -17.23 1.30
C ARG A 719 57.93 -15.86 1.09
N ARG A 720 57.27 -14.80 1.52
CA ARG A 720 57.84 -13.45 1.39
C ARG A 720 58.10 -12.84 2.75
N THR A 721 57.11 -12.94 3.62
CA THR A 721 57.25 -12.40 4.96
C THR A 721 57.92 -13.42 5.85
N GLU A 722 59.03 -13.04 6.45
CA GLU A 722 59.76 -13.90 7.38
C GLU A 722 59.26 -13.64 8.80
N ILE A 723 58.85 -14.72 9.47
CA ILE A 723 58.38 -14.62 10.85
C ILE A 723 59.53 -14.76 11.85
N GLN A 724 59.77 -13.70 12.61
CA GLN A 724 60.86 -13.68 13.58
C GLN A 724 60.35 -14.14 14.93
N LEU A 725 60.83 -15.31 15.33
CA LEU A 725 60.30 -16.05 16.47
C LEU A 725 60.85 -15.58 17.82
N GLY A 726 60.08 -14.76 18.53
CA GLY A 726 60.47 -14.31 19.86
C GLY A 726 60.82 -12.85 19.93
N GLY B 8 55.76 23.90 -5.74
CA GLY B 8 54.68 22.98 -5.40
C GLY B 8 54.28 22.15 -6.60
N LYS B 9 53.39 21.17 -6.39
CA LYS B 9 52.92 20.22 -7.42
C LYS B 9 54.04 19.59 -8.28
N LEU B 10 55.26 19.60 -7.72
CA LEU B 10 56.50 19.33 -8.43
C LEU B 10 57.36 18.30 -7.68
N ALA B 11 57.60 17.14 -8.28
CA ALA B 11 58.33 16.06 -7.61
C ALA B 11 59.82 16.12 -7.91
N ASP B 12 60.55 16.84 -7.06
CA ASP B 12 61.96 17.11 -7.34
C ASP B 12 62.83 15.89 -7.12
N CYS B 13 64.12 16.07 -7.40
CA CYS B 13 65.09 14.99 -7.36
C CYS B 13 66.04 15.17 -6.19
N SER B 14 66.91 14.18 -5.98
CA SER B 14 67.87 14.21 -4.87
C SER B 14 68.87 15.37 -5.00
N SER B 15 69.75 15.27 -5.98
CA SER B 15 70.90 16.18 -6.10
C SER B 15 70.51 17.62 -6.39
N LYS B 16 71.11 18.55 -5.66
CA LYS B 16 70.85 19.97 -5.87
C LYS B 16 72.06 20.67 -6.49
N SER B 17 72.48 20.11 -7.62
CA SER B 17 73.59 20.63 -8.39
C SER B 17 73.16 20.73 -9.86
N PRO B 18 72.67 21.91 -10.25
CA PRO B 18 72.08 22.23 -11.56
C PRO B 18 72.63 21.43 -12.75
N GLU B 19 73.94 21.56 -13.03
CA GLU B 19 74.53 21.07 -14.27
C GLU B 19 74.51 19.56 -14.47
N GLU B 20 73.87 18.85 -13.55
CA GLU B 20 73.69 17.41 -13.70
C GLU B 20 72.22 16.99 -13.62
N CYS B 21 71.34 17.94 -13.23
CA CYS B 21 69.91 17.67 -12.95
C CYS B 21 68.88 18.18 -13.97
N GLU B 22 68.01 17.28 -14.42
CA GLU B 22 67.04 17.55 -15.49
C GLU B 22 65.57 17.46 -15.04
N ILE B 23 64.74 18.39 -15.50
CA ILE B 23 63.32 18.36 -15.17
C ILE B 23 62.46 18.15 -16.41
N PHE B 24 61.59 17.14 -16.38
CA PHE B 24 60.64 16.92 -17.45
C PHE B 24 59.38 17.73 -17.22
N LEU B 25 58.68 18.04 -18.30
CA LEU B 25 57.38 18.65 -18.16
C LEU B 25 56.40 17.77 -18.88
N VAL B 26 55.63 16.98 -18.12
CA VAL B 26 54.60 16.12 -18.71
C VAL B 26 53.23 16.82 -18.70
N GLU B 27 52.30 16.32 -19.52
CA GLU B 27 50.98 16.96 -19.70
C GLU B 27 50.09 17.09 -18.44
N GLY B 28 49.86 15.96 -17.75
CA GLY B 28 49.06 15.93 -16.54
C GLY B 28 49.56 14.88 -15.57
N ASP B 29 49.06 14.92 -14.33
CA ASP B 29 49.47 13.97 -13.28
C ASP B 29 49.40 12.49 -13.72
N SER B 30 48.47 12.18 -14.62
CA SER B 30 48.22 10.81 -15.04
C SER B 30 49.47 10.17 -15.64
N ALA B 31 50.08 10.86 -16.58
CA ALA B 31 51.28 10.34 -17.19
C ALA B 31 52.50 10.91 -16.48
N GLY B 32 52.27 11.76 -15.48
CA GLY B 32 53.36 12.33 -14.70
C GLY B 32 53.70 11.45 -13.51
N GLY B 33 53.20 10.22 -13.58
CA GLY B 33 53.39 9.23 -12.54
C GLY B 33 53.83 7.93 -13.18
N SER B 34 53.67 7.81 -14.49
CA SER B 34 54.31 6.74 -15.24
C SER B 34 55.78 7.12 -15.28
N THR B 35 56.01 8.39 -14.96
CA THR B 35 57.33 9.00 -14.96
C THR B 35 57.97 8.96 -13.56
N LYS B 36 57.24 9.36 -12.52
CA LYS B 36 57.79 9.22 -11.17
C LYS B 36 58.22 7.77 -10.91
N SER B 37 57.58 6.83 -11.60
CA SER B 37 57.83 5.40 -11.40
C SER B 37 58.85 4.86 -12.38
N GLY B 38 59.17 5.66 -13.38
CA GLY B 38 60.25 5.31 -14.28
C GLY B 38 61.55 5.94 -13.83
N ARG B 39 61.46 7.18 -13.36
CA ARG B 39 62.64 8.03 -13.17
C ARG B 39 63.76 7.47 -12.29
N ASP B 40 64.89 8.15 -12.38
CA ASP B 40 66.04 7.98 -11.51
C ASP B 40 65.96 9.14 -10.55
N SER B 41 65.18 8.95 -9.48
CA SER B 41 64.82 10.04 -8.56
C SER B 41 66.03 10.81 -8.06
N ARG B 42 67.21 10.20 -8.22
CA ARG B 42 68.46 10.87 -7.92
C ARG B 42 68.61 12.14 -8.76
N THR B 43 68.59 12.04 -10.09
CA THR B 43 68.83 13.22 -10.94
C THR B 43 67.65 13.77 -11.76
N GLN B 44 66.53 13.06 -11.82
CA GLN B 44 65.47 13.43 -12.75
C GLN B 44 64.20 13.98 -12.09
N ALA B 45 63.89 15.25 -12.36
CA ALA B 45 62.77 15.94 -11.72
C ALA B 45 61.56 16.09 -12.64
N ILE B 46 60.36 15.83 -12.11
CA ILE B 46 59.11 15.92 -12.88
C ILE B 46 58.21 17.08 -12.45
N LEU B 47 57.65 17.79 -13.43
CA LEU B 47 56.62 18.79 -13.16
C LEU B 47 55.42 18.58 -14.07
N PRO B 48 54.32 18.00 -13.53
CA PRO B 48 53.14 17.93 -14.38
C PRO B 48 52.53 19.31 -14.64
N LEU B 49 51.96 19.48 -15.82
CA LEU B 49 51.17 20.65 -16.08
C LEU B 49 49.73 20.25 -15.83
N ARG B 50 48.84 20.65 -16.74
CA ARG B 50 47.42 20.32 -16.63
C ARG B 50 46.71 20.56 -17.96
N GLY B 51 47.14 19.85 -18.98
CA GLY B 51 46.61 20.07 -20.32
C GLY B 51 47.07 21.41 -20.90
N LYS B 52 46.58 21.74 -22.08
CA LYS B 52 47.01 22.93 -22.80
C LYS B 52 47.22 24.13 -21.89
N ILE B 53 48.37 24.76 -22.01
CA ILE B 53 48.60 26.02 -21.32
C ILE B 53 48.51 27.13 -22.33
N LEU B 54 48.27 28.33 -21.85
CA LEU B 54 47.84 29.39 -22.73
C LEU B 54 48.90 29.88 -23.71
N ASN B 55 48.38 30.34 -24.85
CA ASN B 55 49.15 30.76 -26.00
C ASN B 55 49.62 32.18 -25.77
N VAL B 56 50.87 32.31 -25.32
CA VAL B 56 51.33 33.55 -24.71
C VAL B 56 51.55 34.71 -25.67
N GLU B 57 51.25 34.49 -26.95
CA GLU B 57 51.29 35.57 -27.93
C GLU B 57 49.90 36.21 -27.99
N LYS B 58 48.87 35.38 -28.10
CA LYS B 58 47.46 35.83 -28.10
C LYS B 58 47.03 36.37 -26.73
N ALA B 59 47.98 36.67 -25.86
CA ALA B 59 47.67 37.00 -24.47
C ALA B 59 48.16 38.39 -24.09
N ARG B 60 47.37 39.06 -23.26
CA ARG B 60 47.79 40.34 -22.69
C ARG B 60 48.73 40.06 -21.53
N LEU B 61 49.82 40.81 -21.45
CA LEU B 61 50.88 40.58 -20.46
C LEU B 61 50.39 40.23 -19.05
N ASP B 62 49.49 41.05 -18.50
CA ASP B 62 49.03 40.89 -17.10
C ASP B 62 48.27 39.57 -16.81
N ARG B 63 47.93 38.84 -17.86
CA ARG B 63 47.17 37.58 -17.74
C ARG B 63 48.09 36.42 -17.41
N ILE B 64 49.17 36.29 -18.18
CA ILE B 64 50.15 35.23 -18.02
C ILE B 64 50.81 35.30 -16.64
N LEU B 65 50.90 36.51 -16.09
CA LEU B 65 51.43 36.73 -14.75
C LEU B 65 50.38 36.38 -13.70
N ASN B 66 49.34 35.68 -14.14
CA ASN B 66 48.23 35.30 -13.27
C ASN B 66 47.73 33.92 -13.63
N ASN B 67 48.35 33.31 -14.63
CA ASN B 67 48.04 31.95 -14.97
C ASN B 67 48.70 31.03 -13.96
N ASN B 68 48.07 29.89 -13.71
CA ASN B 68 48.52 29.00 -12.66
C ASN B 68 49.76 28.17 -13.03
N GLU B 69 49.76 27.52 -14.20
CA GLU B 69 50.88 26.68 -14.64
C GLU B 69 52.07 27.41 -15.22
N ILE B 70 51.99 28.73 -15.34
CA ILE B 70 53.14 29.50 -15.80
C ILE B 70 53.93 29.97 -14.59
N ARG B 71 53.22 30.51 -13.60
CA ARG B 71 53.85 30.85 -12.33
C ARG B 71 54.55 29.62 -11.76
N GLN B 72 54.11 28.43 -12.16
CA GLN B 72 54.63 27.18 -11.62
C GLN B 72 55.98 26.82 -12.26
N MET B 73 56.10 27.01 -13.57
CA MET B 73 57.35 26.73 -14.27
C MET B 73 58.44 27.75 -13.94
N ILE B 74 58.07 29.03 -13.90
CA ILE B 74 58.96 30.10 -13.43
C ILE B 74 59.64 29.80 -12.09
N THR B 75 58.91 29.18 -11.17
CA THR B 75 59.47 28.91 -9.86
C THR B 75 60.50 27.80 -9.94
N ALA B 76 60.11 26.70 -10.58
CA ALA B 76 60.97 25.52 -10.70
C ALA B 76 62.28 25.81 -11.46
N PHE B 77 62.18 26.58 -12.54
CA PHE B 77 63.38 27.09 -13.18
C PHE B 77 64.08 28.00 -12.20
N GLY B 78 63.36 29.01 -11.71
CA GLY B 78 63.87 29.90 -10.68
C GLY B 78 64.76 30.98 -11.27
N THR B 79 64.32 31.53 -12.40
CA THR B 79 65.16 32.42 -13.20
C THR B 79 64.62 33.83 -13.37
N GLY B 80 63.32 34.02 -13.14
CA GLY B 80 62.67 35.29 -13.46
C GLY B 80 62.24 35.30 -14.91
N ILE B 81 61.85 36.47 -15.43
CA ILE B 81 61.44 36.55 -16.83
C ILE B 81 61.72 37.91 -17.49
N GLY B 82 61.99 37.88 -18.81
CA GLY B 82 62.20 39.09 -19.57
C GLY B 82 63.33 39.95 -19.03
N GLY B 83 63.00 41.15 -18.56
CA GLY B 83 63.99 42.12 -18.13
C GLY B 83 64.79 41.78 -16.87
N ASP B 84 64.24 40.91 -16.03
CA ASP B 84 64.93 40.47 -14.81
C ASP B 84 65.32 38.98 -14.84
N PHE B 85 65.38 38.40 -16.03
CA PHE B 85 65.81 37.03 -16.26
C PHE B 85 67.29 36.84 -15.93
N ASP B 86 67.60 36.07 -14.90
CA ASP B 86 68.99 35.76 -14.56
C ASP B 86 69.29 34.28 -14.78
N LEU B 87 70.35 33.99 -15.54
CA LEU B 87 70.61 32.63 -16.00
C LEU B 87 71.47 31.77 -15.08
N ALA B 88 72.23 32.41 -14.19
CA ALA B 88 73.07 31.65 -13.28
C ALA B 88 72.21 30.94 -12.22
N LYS B 89 71.04 31.50 -11.96
CA LYS B 89 70.19 31.08 -10.84
C LYS B 89 69.38 29.81 -11.13
N ALA B 90 69.57 29.22 -12.32
CA ALA B 90 68.81 28.04 -12.76
C ALA B 90 69.15 26.77 -11.99
N ARG B 91 68.14 25.94 -11.78
CA ARG B 91 68.26 24.79 -10.89
C ARG B 91 68.27 23.46 -11.64
N TYR B 92 68.00 23.54 -12.94
CA TYR B 92 68.17 22.42 -13.85
C TYR B 92 68.95 22.98 -15.03
N HIS B 93 69.78 22.14 -15.66
CA HIS B 93 70.54 22.51 -16.87
C HIS B 93 70.00 21.76 -18.09
N LYS B 94 68.94 20.98 -17.87
CA LYS B 94 68.18 20.35 -18.94
C LYS B 94 66.67 20.43 -18.65
N ILE B 95 65.96 21.35 -19.31
CA ILE B 95 64.51 21.38 -19.21
C ILE B 95 63.92 20.59 -20.37
N VAL B 96 63.55 19.35 -20.13
CA VAL B 96 63.03 18.49 -21.17
C VAL B 96 61.53 18.67 -21.36
N ILE B 97 61.13 19.01 -22.57
CA ILE B 97 59.71 18.98 -22.89
C ILE B 97 59.36 17.53 -23.21
N MET B 98 58.43 16.99 -22.45
CA MET B 98 58.09 15.60 -22.60
C MET B 98 56.58 15.49 -22.58
N THR B 99 55.94 15.70 -23.72
CA THR B 99 54.48 15.61 -23.76
C THR B 99 54.04 14.40 -24.58
N ASP B 100 52.85 13.90 -24.26
CA ASP B 100 52.34 12.66 -24.81
C ASP B 100 52.60 12.59 -26.31
N ALA B 101 52.61 11.38 -26.88
CA ALA B 101 53.03 11.19 -28.26
C ALA B 101 52.06 11.73 -29.33
N ASP B 102 50.78 11.84 -28.99
CA ASP B 102 49.76 12.17 -29.98
C ASP B 102 49.85 13.58 -30.54
N VAL B 103 48.78 14.00 -31.22
CA VAL B 103 48.83 15.22 -32.02
C VAL B 103 48.51 16.46 -31.19
N ASP B 104 48.02 16.25 -29.97
CA ASP B 104 47.67 17.38 -29.11
C ASP B 104 48.87 17.64 -28.21
N GLY B 105 49.71 16.63 -28.08
CA GLY B 105 50.99 16.78 -27.42
C GLY B 105 51.86 17.51 -28.40
N ALA B 106 51.45 17.46 -29.66
CA ALA B 106 52.10 18.28 -30.65
C ALA B 106 51.75 19.71 -30.35
N HIS B 107 50.46 20.00 -30.27
CA HIS B 107 50.00 21.37 -30.11
C HIS B 107 50.58 21.90 -28.83
N ILE B 108 50.41 21.15 -27.76
CA ILE B 108 50.97 21.51 -26.48
C ILE B 108 52.42 21.91 -26.64
N ARG B 109 53.17 21.16 -27.43
CA ARG B 109 54.59 21.43 -27.61
C ARG B 109 54.83 22.83 -28.16
N THR B 110 54.01 23.25 -29.12
CA THR B 110 54.23 24.57 -29.71
C THR B 110 53.94 25.70 -28.70
N LEU B 111 52.96 25.50 -27.83
CA LEU B 111 52.61 26.52 -26.85
C LEU B 111 53.70 26.65 -25.76
N LEU B 112 54.44 25.56 -25.56
CA LEU B 112 55.52 25.54 -24.59
C LEU B 112 56.72 26.26 -25.14
N LEU B 113 57.13 25.89 -26.35
CA LEU B 113 58.26 26.55 -27.00
C LEU B 113 57.96 28.04 -27.16
N THR B 114 56.70 28.38 -27.48
CA THR B 114 56.30 29.77 -27.71
C THR B 114 56.42 30.61 -26.45
N PHE B 115 56.08 30.01 -25.32
CA PHE B 115 56.32 30.67 -24.07
C PHE B 115 57.83 30.77 -23.86
N PHE B 116 58.53 29.65 -24.03
CA PHE B 116 59.96 29.62 -23.78
C PHE B 116 60.60 30.73 -24.59
N TYR B 117 60.31 30.77 -25.88
CA TYR B 117 60.90 31.77 -26.77
C TYR B 117 60.55 33.23 -26.41
N ARG B 118 59.35 33.48 -25.90
CA ARG B 118 58.95 34.85 -25.60
C ARG B 118 59.66 35.51 -24.40
N PHE B 119 59.60 34.87 -23.24
CA PHE B 119 60.13 35.48 -22.02
C PHE B 119 61.39 34.77 -21.56
N MET B 120 61.49 33.50 -21.97
CA MET B 120 62.59 32.63 -21.60
C MET B 120 63.71 32.58 -22.64
N ARG B 121 63.74 33.51 -23.60
CA ARG B 121 64.69 33.38 -24.70
C ARG B 121 66.09 32.92 -24.29
N PRO B 122 66.71 33.63 -23.33
CA PRO B 122 68.05 33.26 -22.88
C PRO B 122 68.20 31.77 -22.60
N LEU B 123 67.18 31.15 -22.01
CA LEU B 123 67.21 29.72 -21.65
C LEU B 123 67.40 28.77 -22.84
N ILE B 124 66.68 29.00 -23.93
CA ILE B 124 66.82 28.18 -25.12
C ILE B 124 68.23 28.30 -25.65
N GLU B 125 68.71 29.55 -25.61
CA GLU B 125 69.88 30.02 -26.37
C GLU B 125 71.20 29.43 -25.90
N ALA B 126 71.22 28.83 -24.73
CA ALA B 126 72.42 28.18 -24.23
C ALA B 126 72.31 26.64 -24.21
N GLY B 127 71.38 26.10 -24.98
CA GLY B 127 71.22 24.66 -25.10
C GLY B 127 70.66 24.01 -23.84
N TYR B 128 69.62 24.62 -23.30
CA TYR B 128 69.04 24.10 -22.09
C TYR B 128 67.80 23.31 -22.46
N VAL B 129 66.96 23.89 -23.30
CA VAL B 129 65.67 23.30 -23.63
C VAL B 129 65.83 22.08 -24.54
N TYR B 130 65.33 20.93 -24.10
CA TYR B 130 65.37 19.70 -24.91
C TYR B 130 63.96 19.24 -25.19
N ILE B 131 63.86 18.14 -25.93
CA ILE B 131 62.57 17.63 -26.40
C ILE B 131 62.58 16.11 -26.52
N ALA B 132 62.01 15.41 -25.54
CA ALA B 132 62.06 13.96 -25.56
C ALA B 132 61.11 13.37 -26.60
N GLN B 133 61.35 12.12 -27.01
CA GLN B 133 60.58 11.49 -28.09
C GLN B 133 59.93 10.17 -27.69
N PRO B 134 58.75 10.23 -27.04
CA PRO B 134 58.03 9.04 -26.59
C PRO B 134 57.27 8.46 -27.77
N PRO B 135 57.29 7.14 -27.91
CA PRO B 135 56.66 6.40 -29.01
C PRO B 135 55.15 6.58 -29.00
N LEU B 136 54.51 6.48 -30.16
CA LEU B 136 53.05 6.54 -30.22
C LEU B 136 52.56 5.21 -30.74
N TYR B 137 53.45 4.24 -30.86
CA TYR B 137 53.03 2.92 -31.31
C TYR B 137 54.05 1.85 -30.97
N LYS B 138 53.73 0.59 -31.28
CA LYS B 138 54.67 -0.50 -31.05
C LYS B 138 54.23 -1.79 -31.69
N LEU B 139 54.34 -1.83 -33.01
CA LEU B 139 54.11 -3.03 -33.83
C LEU B 139 55.11 -4.13 -33.53
N THR B 140 54.71 -5.38 -33.75
CA THR B 140 55.52 -6.52 -33.32
C THR B 140 55.33 -7.76 -34.21
N GLN B 141 56.36 -8.15 -34.94
CA GLN B 141 56.27 -9.31 -35.85
C GLN B 141 57.07 -10.50 -35.34
N GLY B 142 56.65 -11.05 -34.21
CA GLY B 142 57.35 -12.17 -33.62
C GLY B 142 58.48 -11.71 -32.72
N LYS B 143 59.67 -11.50 -33.30
CA LYS B 143 60.80 -11.00 -32.54
C LYS B 143 60.85 -9.48 -32.60
N GLN B 144 60.90 -8.96 -33.81
CA GLN B 144 61.07 -7.53 -34.07
C GLN B 144 60.08 -6.62 -33.33
N LYS B 145 60.59 -5.74 -32.47
CA LYS B 145 59.76 -4.73 -31.82
C LYS B 145 60.04 -3.34 -32.42
N TYR B 146 59.25 -2.89 -33.41
CA TYR B 146 59.48 -1.57 -34.00
C TYR B 146 58.64 -0.50 -33.32
N TYR B 147 59.18 0.70 -33.16
CA TYR B 147 58.42 1.85 -32.69
C TYR B 147 58.18 2.87 -33.82
N VAL B 148 57.31 3.85 -33.59
CA VAL B 148 56.84 4.73 -34.66
C VAL B 148 56.09 5.90 -34.03
N TYR B 149 56.20 7.09 -34.61
CA TYR B 149 55.80 8.30 -33.89
C TYR B 149 54.70 9.19 -34.51
N ASN B 150 54.00 8.66 -35.52
CA ASN B 150 52.80 9.30 -36.07
C ASN B 150 52.08 8.35 -37.05
N ASP B 151 50.91 8.74 -37.51
CA ASP B 151 50.10 7.78 -38.25
C ASP B 151 50.70 7.50 -39.62
N ARG B 152 51.36 8.51 -40.17
CA ARG B 152 52.01 8.41 -41.47
C ARG B 152 53.08 7.33 -41.47
N GLU B 153 54.00 7.45 -40.52
CA GLU B 153 55.12 6.54 -40.37
C GLU B 153 54.65 5.10 -40.21
N LEU B 154 53.42 4.94 -39.72
CA LEU B 154 52.85 3.62 -39.52
C LEU B 154 52.33 2.98 -40.82
N ASP B 155 51.73 3.78 -41.71
CA ASP B 155 51.23 3.31 -43.00
C ASP B 155 52.37 2.82 -43.87
N LYS B 156 53.48 3.56 -43.85
CA LYS B 156 54.70 3.18 -44.56
C LYS B 156 55.12 1.78 -44.14
N LEU B 157 55.27 1.59 -42.83
CA LEU B 157 55.66 0.32 -42.25
C LEU B 157 54.65 -0.84 -42.42
N LYS B 158 53.36 -0.54 -42.53
CA LYS B 158 52.37 -1.60 -42.75
C LYS B 158 52.29 -2.05 -44.23
N SER B 159 53.03 -1.35 -45.09
CA SER B 159 53.20 -1.79 -46.48
C SER B 159 54.67 -2.14 -46.79
N GLU B 160 55.49 -2.23 -45.75
CA GLU B 160 56.91 -2.56 -45.93
C GLU B 160 57.26 -3.84 -45.21
N LEU B 161 56.25 -4.61 -44.88
CA LEU B 161 56.48 -5.87 -44.23
C LEU B 161 55.74 -6.99 -44.91
N ASN B 162 56.45 -8.09 -45.12
CA ASN B 162 55.88 -9.34 -45.57
C ASN B 162 54.98 -9.87 -44.45
N PRO B 163 53.66 -9.61 -44.52
CA PRO B 163 52.77 -9.91 -43.39
C PRO B 163 52.44 -11.40 -43.30
N THR B 164 53.46 -12.20 -43.04
CA THR B 164 53.29 -13.61 -42.71
C THR B 164 53.67 -13.86 -41.23
N PRO B 165 54.02 -12.79 -40.50
CA PRO B 165 53.97 -12.89 -39.04
C PRO B 165 52.59 -12.49 -38.47
N LYS B 166 51.92 -11.51 -39.08
CA LYS B 166 50.68 -10.94 -38.55
C LYS B 166 51.00 -10.03 -37.37
N TRP B 167 50.58 -8.78 -37.47
CA TRP B 167 51.02 -7.75 -36.54
C TRP B 167 50.47 -7.88 -35.15
N SER B 168 51.09 -7.17 -34.21
CA SER B 168 50.58 -7.05 -32.86
C SER B 168 50.70 -5.59 -32.48
N ILE B 169 50.02 -4.74 -33.22
CA ILE B 169 50.13 -3.30 -33.04
C ILE B 169 49.50 -2.83 -31.71
N ALA B 170 50.16 -1.88 -31.02
CA ALA B 170 49.68 -1.33 -29.75
C ALA B 170 49.78 0.18 -29.79
N ARG B 171 48.75 0.92 -29.40
CA ARG B 171 48.84 2.39 -29.44
C ARG B 171 49.19 2.95 -28.08
N TYR B 172 49.33 4.27 -27.93
CA TYR B 172 49.76 4.84 -26.65
C TYR B 172 49.23 6.25 -26.34
N LYS B 173 47.91 6.36 -26.30
CA LYS B 173 47.16 7.61 -26.10
C LYS B 173 47.86 8.71 -25.26
N GLY B 174 48.64 8.27 -24.27
CA GLY B 174 49.34 9.16 -23.38
C GLY B 174 50.50 8.35 -22.85
N LEU B 175 51.00 8.72 -21.67
CA LEU B 175 52.13 8.01 -21.07
C LEU B 175 51.61 7.09 -20.00
N GLY B 176 50.37 7.35 -19.60
CA GLY B 176 49.65 6.44 -18.72
C GLY B 176 49.50 5.06 -19.34
N GLU B 177 49.39 4.99 -20.67
CA GLU B 177 49.18 3.70 -21.30
C GLU B 177 50.47 2.89 -21.30
N MET B 178 51.55 3.50 -20.80
CA MET B 178 52.85 2.85 -20.82
C MET B 178 53.35 2.35 -19.45
N ASN B 179 53.73 1.07 -19.39
CA ASN B 179 54.41 0.56 -18.21
C ASN B 179 55.69 1.37 -18.00
N ALA B 180 55.94 1.82 -16.77
CA ALA B 180 57.12 2.65 -16.46
C ALA B 180 58.48 2.16 -17.00
N ASP B 181 58.67 0.86 -17.13
CA ASP B 181 59.93 0.36 -17.67
C ASP B 181 60.05 0.65 -19.16
N GLN B 182 59.10 0.20 -19.95
CA GLN B 182 59.15 0.44 -21.39
C GLN B 182 59.01 1.93 -21.73
N LEU B 183 59.02 2.79 -20.70
CA LEU B 183 59.05 4.24 -20.92
C LEU B 183 60.34 4.87 -20.44
N TRP B 184 60.88 4.38 -19.32
CA TRP B 184 62.23 4.74 -18.91
C TRP B 184 63.20 4.39 -20.04
N GLU B 185 63.00 3.21 -20.64
CA GLU B 185 63.80 2.73 -21.77
C GLU B 185 63.68 3.66 -22.96
N THR B 186 62.66 3.43 -23.77
CA THR B 186 62.41 4.22 -24.96
C THR B 186 62.62 5.76 -24.85
N THR B 187 62.39 6.35 -23.69
CA THR B 187 62.34 7.80 -23.67
C THR B 187 63.16 8.58 -22.65
N MET B 188 63.63 7.94 -21.56
CA MET B 188 64.29 8.67 -20.45
C MET B 188 65.67 8.17 -19.98
N ASN B 189 66.25 7.17 -20.65
CA ASN B 189 67.54 6.60 -20.25
C ASN B 189 68.74 7.29 -20.89
N PRO B 190 69.59 7.95 -20.10
CA PRO B 190 70.80 8.62 -20.61
C PRO B 190 71.69 7.75 -21.51
N GLU B 191 71.61 6.43 -21.35
CA GLU B 191 72.28 5.45 -22.20
C GLU B 191 71.67 5.36 -23.60
N HIS B 192 70.37 5.06 -23.68
CA HIS B 192 69.64 4.82 -24.92
C HIS B 192 68.95 6.03 -25.49
N ARG B 193 68.43 6.89 -24.60
CA ARG B 193 67.48 7.92 -25.01
C ARG B 193 68.00 8.83 -26.09
N ALA B 194 67.08 9.41 -26.83
CA ALA B 194 67.46 10.26 -27.92
C ALA B 194 66.81 11.62 -27.78
N LEU B 195 67.25 12.40 -26.80
CA LEU B 195 66.75 13.76 -26.63
C LEU B 195 67.25 14.69 -27.71
N LEU B 196 66.42 15.66 -28.09
CA LEU B 196 66.79 16.62 -29.11
C LEU B 196 67.03 17.99 -28.47
N GLN B 197 68.17 18.61 -28.78
CA GLN B 197 68.53 19.90 -28.19
C GLN B 197 67.99 21.02 -29.05
N VAL B 198 67.43 22.05 -28.41
CA VAL B 198 66.71 23.09 -29.13
C VAL B 198 67.61 24.28 -29.46
N LYS B 199 67.92 24.41 -30.76
CA LYS B 199 68.82 25.45 -31.27
C LYS B 199 68.04 26.51 -32.03
N LEU B 200 68.66 27.67 -32.14
CA LEU B 200 68.02 28.84 -32.69
C LEU B 200 68.89 29.43 -33.80
N GLU B 201 68.31 29.64 -34.99
CA GLU B 201 69.07 30.10 -36.15
C GLU B 201 68.90 31.60 -36.43
N ASP B 202 68.15 31.89 -37.48
CA ASP B 202 67.79 33.25 -37.84
C ASP B 202 66.72 33.69 -36.85
N ALA B 203 67.07 34.65 -35.99
CA ALA B 203 66.14 35.18 -34.99
C ALA B 203 64.91 35.82 -35.62
N ILE B 204 65.08 36.45 -36.79
CA ILE B 204 63.95 37.10 -37.47
C ILE B 204 63.06 36.11 -38.19
N GLU B 205 63.62 34.92 -38.48
CA GLU B 205 62.84 33.85 -39.11
C GLU B 205 62.12 33.04 -38.04
N ALA B 206 62.60 33.12 -36.80
CA ALA B 206 61.84 32.59 -35.68
C ALA B 206 60.68 33.55 -35.41
N ASP B 207 61.01 34.79 -35.07
CA ASP B 207 59.99 35.82 -34.82
C ASP B 207 58.92 35.90 -35.92
N GLN B 208 59.25 35.38 -37.10
CA GLN B 208 58.31 35.39 -38.22
C GLN B 208 57.33 34.23 -38.16
N THR B 209 57.76 33.11 -37.58
CA THR B 209 56.90 31.93 -37.42
C THR B 209 56.04 32.00 -36.16
N PHE B 210 56.47 32.77 -35.16
CA PHE B 210 55.72 32.91 -33.92
C PHE B 210 54.52 33.85 -34.04
N GLU B 211 54.69 34.99 -34.68
CA GLU B 211 53.59 35.92 -34.92
C GLU B 211 52.70 35.39 -36.05
N MET B 212 53.15 34.32 -36.72
CA MET B 212 52.38 33.72 -37.82
C MET B 212 51.58 32.52 -37.37
N LEU B 213 52.25 31.61 -36.69
CA LEU B 213 51.58 30.42 -36.20
C LEU B 213 50.77 30.72 -34.93
N MET B 214 51.44 31.23 -33.90
CA MET B 214 50.80 31.47 -32.61
C MET B 214 50.36 32.90 -32.44
N GLY B 215 49.93 33.50 -33.55
CA GLY B 215 49.48 34.88 -33.53
C GLY B 215 47.98 34.94 -33.54
N ASP B 216 47.45 36.06 -34.00
CA ASP B 216 46.00 36.29 -34.06
C ASP B 216 45.51 36.64 -35.49
N VAL B 217 46.40 36.47 -36.46
CA VAL B 217 46.07 36.71 -37.85
C VAL B 217 45.51 35.45 -38.46
N VAL B 218 44.20 35.23 -38.34
CA VAL B 218 43.60 34.04 -38.89
C VAL B 218 43.94 33.73 -40.37
N GLU B 219 43.83 34.73 -41.24
CA GLU B 219 44.18 34.53 -42.64
C GLU B 219 45.60 34.00 -42.79
N ASN B 220 46.58 34.76 -42.31
CA ASN B 220 48.00 34.36 -42.37
C ASN B 220 48.29 32.89 -42.06
N ARG B 221 47.56 32.37 -41.09
CA ARG B 221 47.76 31.01 -40.62
C ARG B 221 47.05 29.99 -41.50
N ARG B 222 45.91 30.35 -42.08
CA ARG B 222 45.26 29.44 -43.02
C ARG B 222 46.08 29.31 -44.27
N GLN B 223 46.49 30.46 -44.81
CA GLN B 223 47.33 30.48 -46.01
C GLN B 223 48.40 29.45 -45.78
N PHE B 224 49.21 29.68 -44.75
CA PHE B 224 50.21 28.72 -44.30
C PHE B 224 49.79 27.26 -44.54
N ILE B 225 48.67 26.84 -43.97
CA ILE B 225 48.13 25.48 -44.15
C ILE B 225 47.96 25.07 -45.62
N GLU B 226 47.36 25.97 -46.41
CA GLU B 226 46.99 25.69 -47.80
C GLU B 226 48.24 25.42 -48.62
N ASP B 227 49.32 26.09 -48.23
CA ASP B 227 50.62 25.99 -48.90
C ASP B 227 51.33 24.66 -48.66
N ASN B 228 51.68 24.35 -47.40
CA ASN B 228 52.35 23.09 -47.05
C ASN B 228 51.39 21.91 -46.83
N ALA B 229 50.23 21.99 -47.47
CA ALA B 229 49.14 21.01 -47.37
C ALA B 229 49.53 19.56 -47.11
N VAL B 230 49.67 18.79 -48.19
CA VAL B 230 49.83 17.32 -48.14
C VAL B 230 48.57 16.63 -47.61
N TYR B 231 47.93 15.84 -48.46
CA TYR B 231 46.72 15.11 -48.08
C TYR B 231 46.76 13.64 -48.50
N ALA B 232 47.46 13.36 -49.60
CA ALA B 232 47.50 12.01 -50.18
C ALA B 232 47.77 10.88 -49.17
N ASN B 233 48.98 10.75 -48.62
CA ASN B 233 50.11 11.63 -48.92
C ASN B 233 51.15 10.89 -49.74
N LEU B 234 50.68 9.93 -50.54
CA LEU B 234 51.55 9.01 -51.27
C LEU B 234 52.67 8.51 -50.36
N ASP B 235 53.91 8.59 -50.83
CA ASP B 235 55.06 8.25 -50.00
C ASP B 235 56.02 9.42 -49.96
N PHE B 236 55.61 10.50 -49.30
CA PHE B 236 56.41 11.72 -49.35
C PHE B 236 57.70 11.69 -48.53
N ALA B 237 58.63 12.58 -48.93
CA ALA B 237 60.06 12.59 -48.58
C ALA B 237 60.58 11.92 -47.30
N GLU B 238 61.86 11.55 -47.37
CA GLU B 238 62.62 11.03 -46.24
C GLU B 238 64.07 11.49 -46.32
N LEU B 239 64.90 10.98 -45.42
CA LEU B 239 66.31 11.34 -45.35
C LEU B 239 66.61 12.83 -45.13
N PRO B 240 67.76 13.11 -44.50
CA PRO B 240 68.58 12.06 -43.89
C PRO B 240 68.43 12.12 -42.38
N GLN B 241 67.56 13.02 -41.92
CA GLN B 241 67.50 13.45 -40.52
C GLN B 241 68.88 13.44 -39.82
N SER B 242 69.82 14.22 -40.35
CA SER B 242 71.19 14.35 -39.81
C SER B 242 71.39 13.61 -38.50
N ARG B 243 72.15 12.51 -38.57
CA ARG B 243 72.33 11.59 -37.43
C ARG B 243 72.78 12.23 -36.13
N ILE B 244 72.67 13.54 -35.97
CA ILE B 244 72.92 14.19 -34.68
C ILE B 244 71.58 14.46 -33.95
N ASN B 245 71.63 14.68 -32.64
CA ASN B 245 70.41 14.86 -31.86
C ASN B 245 70.15 16.35 -31.58
N GLU B 246 70.23 17.17 -32.62
CA GLU B 246 69.89 18.58 -32.51
C GLU B 246 68.54 18.79 -33.22
N ARG B 247 68.08 20.03 -33.29
CA ARG B 247 66.78 20.33 -33.86
C ARG B 247 66.47 21.82 -33.89
N ASN B 248 66.30 22.36 -35.09
CA ASN B 248 65.94 23.76 -35.27
C ASN B 248 64.55 24.08 -34.71
N ILE B 249 64.49 25.02 -33.77
CA ILE B 249 63.22 25.48 -33.21
C ILE B 249 62.30 25.91 -34.34
N THR B 250 62.79 26.78 -35.22
CA THR B 250 61.93 27.34 -36.28
C THR B 250 61.36 26.26 -37.17
N SER B 251 61.85 25.03 -37.01
CA SER B 251 61.31 23.91 -37.77
C SER B 251 60.32 23.15 -36.93
N GLU B 252 60.56 23.03 -35.63
CA GLU B 252 59.61 22.35 -34.72
C GLU B 252 58.21 23.01 -34.70
N MET B 253 58.18 24.33 -34.72
CA MET B 253 56.92 25.04 -34.83
C MET B 253 56.18 24.60 -36.09
N ARG B 254 56.88 24.61 -37.21
CA ARG B 254 56.25 24.38 -38.51
C ARG B 254 55.62 23.00 -38.71
N GLU B 255 56.32 21.94 -38.33
CA GLU B 255 55.79 20.58 -38.56
C GLU B 255 54.80 20.18 -37.50
N SER B 256 55.09 20.60 -36.27
CA SER B 256 54.25 20.25 -35.15
C SER B 256 52.89 20.92 -35.27
N PHE B 257 52.89 22.24 -35.33
CA PHE B 257 51.66 22.98 -35.56
C PHE B 257 50.89 22.50 -36.79
N LEU B 258 51.57 22.42 -37.93
CA LEU B 258 50.89 21.97 -39.14
C LEU B 258 50.39 20.54 -39.01
N ASP B 259 51.23 19.64 -38.55
CA ASP B 259 50.87 18.23 -38.42
C ASP B 259 49.69 18.02 -37.46
N TYR B 260 49.31 19.09 -36.77
CA TYR B 260 48.20 19.07 -35.82
C TYR B 260 46.93 19.67 -36.43
N ALA B 261 47.02 20.93 -36.86
CA ALA B 261 45.95 21.60 -37.61
C ALA B 261 45.44 20.72 -38.74
N MET B 262 46.31 19.83 -39.21
CA MET B 262 45.97 18.82 -40.21
C MET B 262 45.01 17.80 -39.66
N SER B 263 45.29 17.29 -38.46
CA SER B 263 44.43 16.30 -37.87
C SER B 263 43.13 16.93 -37.38
N VAL B 264 43.21 18.16 -36.88
CA VAL B 264 42.00 18.89 -36.46
C VAL B 264 41.04 19.08 -37.64
N ILE B 265 41.60 19.47 -38.77
CA ILE B 265 40.82 19.80 -39.94
C ILE B 265 40.19 18.57 -40.59
N VAL B 266 40.99 17.59 -40.99
CA VAL B 266 40.44 16.46 -41.72
C VAL B 266 39.81 15.34 -40.88
N ALA B 267 40.00 15.36 -39.57
CA ALA B 267 39.43 14.28 -38.73
C ALA B 267 39.11 14.69 -37.30
N ARG B 268 38.38 15.79 -37.15
CA ARG B 268 37.90 16.19 -35.85
C ARG B 268 36.79 17.23 -35.97
N ALA B 269 37.14 18.46 -36.37
CA ALA B 269 36.18 19.55 -36.26
C ALA B 269 35.47 19.93 -37.55
N LEU B 270 35.65 19.13 -38.61
CA LEU B 270 34.91 19.38 -39.86
C LEU B 270 34.23 18.13 -40.44
N PRO B 271 32.98 18.31 -40.85
CA PRO B 271 32.03 17.30 -41.36
C PRO B 271 32.33 16.81 -42.76
N ASP B 272 32.37 15.50 -42.99
CA ASP B 272 32.43 15.02 -44.37
C ASP B 272 31.18 15.51 -45.09
N VAL B 273 31.18 15.48 -46.42
CA VAL B 273 30.05 16.04 -47.18
C VAL B 273 29.01 14.99 -47.57
N ARG B 274 29.45 13.75 -47.79
CA ARG B 274 28.58 12.66 -48.21
C ARG B 274 27.64 12.15 -47.10
N ASP B 275 27.99 12.39 -45.84
CA ASP B 275 27.12 11.97 -44.76
C ASP B 275 26.98 13.02 -43.65
N GLY B 276 27.68 14.14 -43.79
CA GLY B 276 27.49 15.28 -42.90
C GLY B 276 27.89 15.08 -41.44
N LEU B 277 28.94 14.29 -41.24
CA LEU B 277 29.32 13.84 -39.92
C LEU B 277 30.80 14.06 -39.63
N LYS B 278 31.09 14.62 -38.46
CA LYS B 278 32.47 14.65 -37.94
C LYS B 278 32.91 13.22 -37.64
N PRO B 279 34.17 13.03 -37.27
CA PRO B 279 34.45 11.61 -37.09
C PRO B 279 33.84 11.15 -35.78
N VAL B 280 33.86 11.97 -34.74
CA VAL B 280 33.27 11.55 -33.47
C VAL B 280 31.88 10.92 -33.67
N HIS B 281 30.95 11.68 -34.26
CA HIS B 281 29.59 11.22 -34.48
C HIS B 281 29.55 9.91 -35.21
N ARG B 282 30.08 9.87 -36.42
CA ARG B 282 30.12 8.64 -37.18
C ARG B 282 30.52 7.47 -36.29
N ARG B 283 31.41 7.75 -35.34
CA ARG B 283 31.95 6.69 -34.52
C ARG B 283 30.93 6.18 -33.50
N ILE B 284 30.26 7.09 -32.79
CA ILE B 284 29.19 6.75 -31.87
C ILE B 284 28.12 5.94 -32.59
N LEU B 285 27.56 6.48 -33.67
CA LEU B 285 26.47 5.82 -34.38
C LEU B 285 26.89 4.49 -34.96
N TYR B 286 28.12 4.38 -35.42
CA TYR B 286 28.54 3.07 -35.91
C TYR B 286 28.46 2.10 -34.75
N GLY B 287 29.09 2.47 -33.63
CA GLY B 287 29.15 1.65 -32.44
C GLY B 287 27.79 1.31 -31.86
N LEU B 288 26.81 2.17 -32.08
CA LEU B 288 25.45 1.88 -31.66
C LEU B 288 24.93 0.78 -32.56
N ASN B 289 25.38 0.79 -33.80
CA ASN B 289 24.95 -0.21 -34.78
C ASN B 289 25.63 -1.53 -34.54
N GLU B 290 26.79 -1.49 -33.90
CA GLU B 290 27.56 -2.71 -33.74
C GLU B 290 27.00 -3.57 -32.63
N GLN B 291 26.28 -2.94 -31.71
CA GLN B 291 25.78 -3.63 -30.53
C GLN B 291 24.30 -3.96 -30.63
N GLY B 292 23.73 -3.83 -31.83
CA GLY B 292 22.32 -4.08 -32.03
C GLY B 292 21.46 -3.18 -31.16
N MET B 293 21.95 -1.95 -30.96
CA MET B 293 21.26 -0.97 -30.14
C MET B 293 20.19 -0.19 -30.94
N THR B 294 19.57 -0.88 -31.91
CA THR B 294 18.53 -0.32 -32.77
C THR B 294 17.32 0.20 -31.98
N PRO B 295 16.28 0.73 -32.66
CA PRO B 295 15.17 1.38 -31.95
C PRO B 295 14.16 0.40 -31.35
N ASP B 296 14.28 -0.89 -31.65
CA ASP B 296 13.40 -1.92 -31.11
C ASP B 296 13.86 -2.53 -29.78
N LYS B 297 15.16 -2.77 -29.61
CA LYS B 297 15.66 -3.24 -28.32
C LYS B 297 15.81 -2.08 -27.33
N SER B 298 15.97 -2.41 -26.05
CA SER B 298 15.87 -1.42 -24.99
C SER B 298 16.98 -0.38 -25.00
N TYR B 299 16.81 0.65 -24.16
CA TYR B 299 17.85 1.64 -23.92
C TYR B 299 19.01 1.02 -23.12
N LYS B 300 20.24 1.40 -23.42
CA LYS B 300 21.43 0.86 -22.75
C LYS B 300 22.18 1.97 -22.03
N LYS B 301 22.74 1.69 -20.86
CA LYS B 301 23.35 2.76 -20.06
C LYS B 301 24.42 3.48 -20.89
N SER B 302 24.50 4.79 -20.72
CA SER B 302 25.47 5.62 -21.44
C SER B 302 26.91 5.16 -21.28
N ALA B 303 27.36 4.94 -20.06
CA ALA B 303 28.68 4.40 -19.86
C ALA B 303 28.91 3.18 -20.77
N ARG B 304 27.91 2.32 -20.95
CA ARG B 304 28.12 1.10 -21.73
C ARG B 304 28.53 1.35 -23.20
N ILE B 305 27.79 2.24 -23.87
CA ILE B 305 28.14 2.69 -25.22
C ILE B 305 29.44 3.51 -25.25
N VAL B 306 29.48 4.62 -24.51
CA VAL B 306 30.62 5.53 -24.53
C VAL B 306 31.92 4.83 -24.18
N GLY B 307 31.82 3.85 -23.28
CA GLY B 307 32.98 3.06 -22.91
C GLY B 307 33.29 2.11 -24.05
N ASP B 308 32.28 1.81 -24.85
CA ASP B 308 32.50 0.90 -25.96
C ASP B 308 33.09 1.62 -27.17
N VAL B 309 32.47 2.74 -27.54
CA VAL B 309 32.97 3.58 -28.63
C VAL B 309 34.42 4.01 -28.42
N MET B 310 34.85 4.16 -27.16
CA MET B 310 36.16 4.73 -26.87
C MET B 310 37.30 3.74 -26.92
N GLY B 311 37.01 2.49 -26.64
CA GLY B 311 38.05 1.50 -26.65
C GLY B 311 38.18 0.86 -28.00
N LYS B 312 37.28 1.23 -28.91
CA LYS B 312 37.24 0.59 -30.21
C LYS B 312 37.46 1.58 -31.35
N TYR B 313 37.00 2.81 -31.21
CA TYR B 313 36.98 3.72 -32.36
C TYR B 313 37.59 5.09 -32.10
N HIS B 314 37.18 5.73 -31.01
CA HIS B 314 37.60 7.09 -30.76
C HIS B 314 38.52 7.09 -29.53
N PRO B 315 39.84 7.17 -29.74
CA PRO B 315 40.74 7.34 -28.61
C PRO B 315 40.87 8.79 -28.15
N HIS B 316 39.88 9.29 -27.41
CA HIS B 316 40.03 10.55 -26.70
C HIS B 316 39.03 10.55 -25.56
N GLY B 317 39.11 11.56 -24.70
CA GLY B 317 38.23 11.67 -23.55
C GLY B 317 36.75 11.31 -23.71
N ASP B 318 36.18 10.76 -22.64
CA ASP B 318 34.75 10.52 -22.54
C ASP B 318 33.98 11.83 -22.63
N SER B 319 34.44 12.83 -21.89
CA SER B 319 33.76 14.10 -21.76
C SER B 319 33.28 14.69 -23.09
N SER B 320 34.04 14.46 -24.15
CA SER B 320 33.63 14.98 -25.45
C SER B 320 32.89 13.94 -26.29
N ILE B 321 33.05 12.66 -25.96
CA ILE B 321 32.30 11.61 -26.66
C ILE B 321 30.88 11.68 -26.19
N TYR B 322 30.73 11.73 -24.87
CA TYR B 322 29.41 11.89 -24.27
C TYR B 322 28.73 13.17 -24.78
N GLU B 323 29.26 14.35 -24.45
CA GLU B 323 28.59 15.61 -24.79
C GLU B 323 28.17 15.72 -26.24
N ALA B 324 28.87 15.03 -27.13
CA ALA B 324 28.50 14.98 -28.53
C ALA B 324 27.35 13.99 -28.74
N MET B 325 27.44 12.83 -28.09
CA MET B 325 26.34 11.87 -28.07
C MET B 325 25.05 12.48 -27.52
N VAL B 326 25.18 13.53 -26.72
CA VAL B 326 24.02 14.21 -26.13
C VAL B 326 23.42 15.21 -27.12
N ARG B 327 24.28 16.03 -27.74
CA ARG B 327 23.79 17.00 -28.73
C ARG B 327 22.94 16.27 -29.77
N MET B 328 23.36 15.06 -30.13
CA MET B 328 22.71 14.26 -31.19
C MET B 328 21.32 13.76 -30.81
N ALA B 329 21.01 13.78 -29.52
CA ALA B 329 19.80 13.18 -29.05
C ALA B 329 18.76 14.21 -28.61
N GLN B 330 19.18 15.46 -28.45
CA GLN B 330 18.28 16.50 -27.95
C GLN B 330 17.59 17.33 -29.02
N ASP B 331 16.27 17.41 -28.89
CA ASP B 331 15.38 17.87 -29.95
C ASP B 331 15.50 19.35 -30.29
N PHE B 332 16.15 20.13 -29.42
CA PHE B 332 16.36 21.56 -29.71
C PHE B 332 17.73 21.95 -30.35
N SER B 333 18.46 20.95 -30.83
CA SER B 333 19.69 21.20 -31.58
C SER B 333 19.66 20.42 -32.89
N TYR B 334 19.53 19.10 -32.79
CA TYR B 334 19.40 18.28 -33.98
C TYR B 334 17.98 18.34 -34.50
N ARG B 335 17.82 18.97 -35.66
CA ARG B 335 16.52 19.11 -36.31
C ARG B 335 15.87 17.76 -36.49
N TYR B 336 16.68 16.78 -36.91
CA TYR B 336 16.27 15.39 -36.87
C TYR B 336 17.19 14.63 -35.94
N PRO B 337 16.72 14.35 -34.72
CA PRO B 337 17.59 13.72 -33.75
C PRO B 337 17.96 12.34 -34.27
N LEU B 338 19.20 11.93 -34.03
CA LEU B 338 19.70 10.67 -34.52
C LEU B 338 19.86 9.64 -33.38
N VAL B 339 19.70 10.12 -32.14
CA VAL B 339 19.78 9.30 -30.93
C VAL B 339 18.46 9.34 -30.13
N ASP B 340 18.28 8.42 -29.19
CA ASP B 340 17.04 8.33 -28.40
C ASP B 340 17.30 8.60 -26.92
N GLY B 341 16.64 9.63 -26.38
CA GLY B 341 16.85 10.02 -25.00
C GLY B 341 15.96 9.43 -23.90
N GLN B 342 16.61 8.72 -22.97
CA GLN B 342 15.94 8.26 -21.76
C GLN B 342 16.66 8.81 -20.57
N GLY B 343 16.36 10.04 -20.20
CA GLY B 343 16.94 10.59 -19.01
C GLY B 343 16.95 12.09 -19.08
N ASN B 344 17.58 12.71 -18.10
CA ASN B 344 17.82 14.15 -18.13
C ASN B 344 18.92 14.39 -19.14
N PHE B 345 18.53 14.70 -20.38
CA PHE B 345 19.45 15.03 -21.45
C PHE B 345 19.43 16.52 -21.70
N GLY B 346 19.42 17.34 -20.66
CA GLY B 346 19.56 18.77 -20.85
C GLY B 346 18.39 19.63 -21.30
N SER B 347 18.60 20.95 -21.19
CA SER B 347 17.57 21.96 -21.37
C SER B 347 18.11 23.15 -22.15
N MET B 348 17.20 24.01 -22.63
CA MET B 348 17.59 25.23 -23.33
C MET B 348 18.37 26.16 -22.41
N ASP B 349 18.25 25.96 -21.10
CA ASP B 349 18.82 26.90 -20.14
C ASP B 349 20.31 26.75 -19.95
N GLY B 350 20.93 25.80 -20.66
CA GLY B 350 22.37 25.63 -20.62
C GLY B 350 22.83 24.63 -19.57
N ASP B 351 21.92 23.75 -19.20
CA ASP B 351 22.20 22.75 -18.17
C ASP B 351 22.38 21.39 -18.82
N GLY B 352 23.60 20.86 -18.73
CA GLY B 352 23.91 19.61 -19.38
C GLY B 352 23.19 18.43 -18.77
N ALA B 353 23.55 17.25 -19.26
CA ALA B 353 22.91 16.02 -18.84
C ALA B 353 23.53 15.47 -17.56
N ALA B 354 23.20 14.22 -17.25
CA ALA B 354 23.68 13.59 -16.05
C ALA B 354 24.77 12.61 -16.43
N ALA B 355 25.84 12.56 -15.65
CA ALA B 355 26.98 11.69 -15.96
C ALA B 355 26.55 10.34 -16.55
N MET B 356 27.43 9.77 -17.37
CA MET B 356 27.16 8.55 -18.14
C MET B 356 26.37 7.50 -17.40
N ARG B 357 26.53 7.43 -16.08
CA ARG B 357 25.98 6.28 -15.34
C ARG B 357 24.44 6.29 -15.17
N PHE B 358 23.88 7.50 -15.30
CA PHE B 358 22.45 7.75 -15.18
C PHE B 358 21.66 7.42 -16.44
N THR B 359 22.00 8.11 -17.53
CA THR B 359 21.20 8.11 -18.75
C THR B 359 21.43 6.87 -19.65
N GLU B 360 20.41 6.46 -20.38
CA GLU B 360 20.49 5.34 -21.31
C GLU B 360 20.20 5.87 -22.72
N ALA B 361 20.33 5.04 -23.75
CA ALA B 361 20.08 5.51 -25.11
C ALA B 361 20.06 4.42 -26.19
N ARG B 362 19.60 4.81 -27.37
CA ARG B 362 19.63 3.97 -28.56
C ARG B 362 19.53 4.81 -29.84
N MET B 363 19.33 4.15 -30.98
CA MET B 363 19.16 4.87 -32.26
C MET B 363 17.73 5.37 -32.47
N THR B 364 17.57 6.55 -33.06
CA THR B 364 16.25 6.93 -33.63
C THR B 364 15.99 6.06 -34.85
N LYS B 365 14.76 6.04 -35.34
CA LYS B 365 14.51 5.20 -36.51
C LYS B 365 15.27 5.77 -37.70
N ILE B 366 15.40 7.10 -37.70
CA ILE B 366 15.96 7.86 -38.83
C ILE B 366 17.48 7.59 -39.01
N THR B 367 18.12 7.20 -37.93
CA THR B 367 19.53 6.81 -37.92
C THR B 367 19.78 5.51 -38.67
N LEU B 368 18.73 4.73 -38.90
CA LEU B 368 18.92 3.44 -39.54
C LEU B 368 19.13 3.67 -40.99
N GLU B 369 18.62 4.80 -41.46
CA GLU B 369 18.76 5.17 -42.85
C GLU B 369 20.20 5.52 -43.12
N LEU B 370 20.84 6.21 -42.18
CA LEU B 370 22.26 6.46 -42.32
C LEU B 370 22.97 5.13 -42.48
N LEU B 371 22.69 4.21 -41.58
CA LEU B 371 23.48 2.99 -41.50
C LEU B 371 22.86 1.86 -42.31
N ARG B 372 22.02 2.24 -43.25
CA ARG B 372 21.37 1.28 -44.14
C ARG B 372 22.38 0.75 -45.16
N ASP B 373 22.39 -0.56 -45.36
CA ASP B 373 23.21 -1.14 -46.45
C ASP B 373 24.73 -1.09 -46.19
N ILE B 374 25.11 -0.65 -45.01
CA ILE B 374 26.51 -0.51 -44.62
C ILE B 374 27.23 -1.87 -44.60
N ASN B 375 26.50 -2.94 -44.92
CA ASN B 375 27.01 -4.31 -44.79
C ASN B 375 27.08 -5.08 -46.10
N LYS B 376 26.38 -4.56 -47.12
CA LYS B 376 26.41 -5.14 -48.46
C LYS B 376 27.48 -4.47 -49.30
N ASP B 377 28.63 -4.20 -48.68
CA ASP B 377 29.79 -3.62 -49.37
C ASP B 377 29.42 -2.36 -50.16
N THR B 378 29.25 -1.24 -49.50
CA THR B 378 28.88 -0.05 -50.23
C THR B 378 29.74 1.14 -49.89
N ILE B 379 30.20 1.20 -48.66
CA ILE B 379 31.17 2.21 -48.30
C ILE B 379 32.44 1.47 -47.91
N ASP B 380 33.49 2.23 -47.64
CA ASP B 380 34.84 1.69 -47.55
C ASP B 380 35.32 1.51 -46.10
N PHE B 381 35.87 0.34 -45.81
CA PHE B 381 36.23 0.03 -44.44
C PHE B 381 37.73 0.14 -44.11
N ILE B 382 38.07 1.11 -43.26
CA ILE B 382 39.44 1.35 -42.84
C ILE B 382 39.78 0.55 -41.57
N ASP B 383 41.04 0.61 -41.11
CA ASP B 383 41.35 0.09 -39.78
C ASP B 383 41.09 1.20 -38.79
N ASN B 384 40.98 0.84 -37.51
CA ASN B 384 40.86 1.83 -36.46
C ASN B 384 42.22 2.27 -35.93
N TYR B 385 42.22 2.93 -34.78
CA TYR B 385 43.43 3.53 -34.22
C TYR B 385 44.46 2.55 -33.65
N ASP B 386 44.14 1.26 -33.64
CA ASP B 386 45.05 0.26 -33.08
C ASP B 386 45.08 -1.03 -33.93
N GLY B 387 44.47 -0.94 -35.12
CA GLY B 387 44.50 -2.03 -36.08
C GLY B 387 44.08 -3.40 -35.58
N ASN B 388 43.07 -3.43 -34.71
CA ASN B 388 42.53 -4.66 -34.16
C ASN B 388 41.20 -4.97 -34.81
N GLU B 389 40.59 -3.92 -35.36
CA GLU B 389 39.22 -3.98 -35.91
C GLU B 389 38.98 -3.02 -37.09
N ARG B 390 37.83 -3.22 -37.76
CA ARG B 390 37.40 -2.38 -38.88
C ARG B 390 36.39 -1.31 -38.46
N GLU B 391 36.55 -0.09 -38.98
CA GLU B 391 35.53 0.96 -38.86
C GLU B 391 35.22 1.56 -40.23
N PRO B 392 34.13 2.33 -40.34
CA PRO B 392 33.76 2.82 -41.68
C PRO B 392 34.25 4.26 -41.90
N SER B 393 34.73 4.51 -43.12
CA SER B 393 35.27 5.80 -43.49
C SER B 393 34.17 6.85 -43.61
N VAL B 394 33.00 6.39 -44.05
CA VAL B 394 31.77 7.19 -44.18
C VAL B 394 30.52 6.34 -44.36
N LEU B 395 29.37 6.83 -43.90
CA LEU B 395 28.14 6.06 -43.90
C LEU B 395 27.36 6.14 -45.20
N PRO B 396 26.62 5.06 -45.55
CA PRO B 396 25.73 5.00 -46.72
C PRO B 396 24.70 6.11 -46.75
N ALA B 397 24.77 7.03 -45.79
CA ALA B 397 23.86 8.19 -45.63
C ALA B 397 22.68 8.36 -46.61
N ARG B 398 21.59 7.62 -46.40
CA ARG B 398 20.45 7.63 -47.33
C ARG B 398 19.58 8.88 -47.27
N PHE B 399 20.01 9.87 -46.50
CA PHE B 399 19.37 11.19 -46.52
C PHE B 399 20.42 12.31 -46.30
N PRO B 400 20.17 13.50 -46.86
CA PRO B 400 21.20 14.56 -47.02
C PRO B 400 21.66 15.12 -45.70
N ASN B 401 22.22 14.27 -44.84
CA ASN B 401 22.35 14.65 -43.46
C ASN B 401 23.05 15.97 -43.25
N LEU B 402 24.04 16.25 -44.07
CA LEU B 402 24.86 17.43 -43.85
C LEU B 402 23.92 18.63 -43.74
N LEU B 403 23.06 18.78 -44.74
CA LEU B 403 22.14 19.90 -44.77
C LEU B 403 20.94 19.68 -43.84
N ALA B 404 20.48 18.43 -43.75
CA ALA B 404 19.39 18.10 -42.87
C ALA B 404 19.69 18.69 -41.48
N ASN B 405 20.76 18.19 -40.85
CA ASN B 405 21.12 18.58 -39.48
C ASN B 405 22.19 19.67 -39.37
N GLY B 406 23.12 19.64 -40.31
CA GLY B 406 24.14 20.67 -40.38
C GLY B 406 25.37 20.28 -39.62
N ALA B 407 26.02 21.30 -39.07
CA ALA B 407 27.20 21.12 -38.24
C ALA B 407 27.62 22.52 -37.84
N SER B 408 28.47 22.63 -36.84
CA SER B 408 28.86 23.94 -36.31
C SER B 408 30.14 23.86 -35.46
N GLY B 409 31.23 23.43 -36.08
CA GLY B 409 32.48 23.20 -35.37
C GLY B 409 33.66 24.09 -35.75
N ILE B 410 34.64 24.20 -34.85
CA ILE B 410 35.80 25.09 -35.05
C ILE B 410 37.11 24.32 -35.27
N ALA B 411 37.65 24.42 -36.48
CA ALA B 411 38.93 23.81 -36.82
C ALA B 411 40.06 24.75 -36.45
N VAL B 412 41.18 24.63 -37.15
CA VAL B 412 42.31 25.57 -37.01
C VAL B 412 42.59 26.25 -38.33
N GLY B 413 42.62 27.59 -38.31
CA GLY B 413 42.83 28.37 -39.52
C GLY B 413 41.52 28.71 -40.22
N MET B 414 40.53 27.83 -40.09
CA MET B 414 39.21 28.05 -40.66
C MET B 414 38.10 27.72 -39.65
N ALA B 415 36.85 27.83 -40.09
CA ALA B 415 35.69 27.45 -39.29
C ALA B 415 34.44 27.24 -40.14
N THR B 416 33.62 26.29 -39.76
CA THR B 416 32.42 25.97 -40.51
C THR B 416 31.16 26.47 -39.78
N ASN B 417 30.07 26.67 -40.54
CA ASN B 417 28.75 26.83 -39.94
C ASN B 417 27.60 26.62 -40.93
N ILE B 418 26.89 25.51 -40.79
CA ILE B 418 25.78 25.16 -41.66
C ILE B 418 24.51 24.91 -40.86
N PRO B 419 23.42 25.59 -41.23
CA PRO B 419 22.13 25.51 -40.55
C PRO B 419 21.33 24.32 -41.03
N PRO B 420 20.40 23.83 -40.18
CA PRO B 420 19.59 22.64 -40.49
C PRO B 420 18.55 22.99 -41.53
N HIS B 421 18.11 22.03 -42.32
CA HIS B 421 17.08 22.28 -43.31
C HIS B 421 15.95 21.29 -43.18
N ASN B 422 14.76 21.69 -43.65
CA ASN B 422 13.67 20.76 -43.72
C ASN B 422 13.99 19.68 -44.73
N LEU B 423 13.57 18.45 -44.44
CA LEU B 423 13.99 17.27 -45.18
C LEU B 423 13.16 16.97 -46.44
N THR B 424 11.85 17.24 -46.39
CA THR B 424 11.03 17.05 -47.58
C THR B 424 11.45 18.07 -48.61
N GLU B 425 11.93 19.22 -48.14
CA GLU B 425 12.47 20.23 -49.04
C GLU B 425 13.76 19.72 -49.69
N LEU B 426 14.69 19.23 -48.86
CA LEU B 426 15.97 18.76 -49.37
C LEU B 426 15.84 17.64 -50.41
N ILE B 427 15.00 16.65 -50.17
CA ILE B 427 14.88 15.55 -51.14
C ILE B 427 14.19 16.00 -52.43
N ASN B 428 13.19 16.87 -52.30
CA ASN B 428 12.57 17.46 -53.50
C ASN B 428 13.61 18.24 -54.30
N GLY B 429 14.53 18.89 -53.59
CA GLY B 429 15.59 19.65 -54.20
C GLY B 429 16.61 18.72 -54.83
N VAL B 430 16.83 17.57 -54.21
CA VAL B 430 17.77 16.59 -54.75
C VAL B 430 17.17 15.87 -55.94
N LEU B 431 15.88 15.53 -55.84
CA LEU B 431 15.19 14.93 -56.97
C LEU B 431 15.21 15.83 -58.20
N SER B 432 15.04 17.14 -58.00
CA SER B 432 15.10 18.12 -59.10
C SER B 432 16.44 18.09 -59.80
N LEU B 433 17.50 17.90 -59.01
CA LEU B 433 18.84 17.87 -59.55
C LEU B 433 19.04 16.62 -60.39
N SER B 434 18.50 15.49 -59.95
CA SER B 434 18.73 14.22 -60.66
C SER B 434 18.10 14.25 -62.06
N LYS B 435 17.07 15.06 -62.22
CA LYS B 435 16.40 15.17 -63.51
C LYS B 435 17.10 16.15 -64.47
N ASN B 436 17.96 17.00 -63.93
CA ASN B 436 18.59 18.03 -64.74
C ASN B 436 19.88 18.51 -64.10
N PRO B 437 21.01 17.96 -64.56
CA PRO B 437 22.33 18.20 -63.97
C PRO B 437 22.66 19.69 -63.88
N ASP B 438 22.00 20.49 -64.72
CA ASP B 438 22.37 21.90 -64.90
C ASP B 438 21.46 22.87 -64.15
N ILE B 439 20.52 22.33 -63.38
CA ILE B 439 19.57 23.14 -62.66
C ILE B 439 20.30 24.20 -61.85
N SER B 440 19.71 25.38 -61.74
CA SER B 440 20.43 26.52 -61.19
C SER B 440 20.09 26.74 -59.74
N ILE B 441 20.82 27.66 -59.11
CA ILE B 441 20.56 28.01 -57.74
C ILE B 441 19.11 28.47 -57.53
N ALA B 442 18.71 29.51 -58.27
CA ALA B 442 17.37 30.04 -58.11
C ALA B 442 16.32 28.93 -58.20
N GLU B 443 16.53 27.98 -59.11
CA GLU B 443 15.54 26.94 -59.36
C GLU B 443 15.44 25.95 -58.20
N LEU B 444 16.53 25.79 -57.47
CA LEU B 444 16.53 24.91 -56.32
C LEU B 444 15.87 25.62 -55.13
N MET B 445 16.03 26.94 -55.05
CA MET B 445 15.44 27.69 -53.95
C MET B 445 13.90 27.77 -54.00
N GLU B 446 13.28 27.06 -54.94
CA GLU B 446 11.81 26.96 -55.01
C GLU B 446 11.28 25.76 -54.24
N ASP B 447 12.21 24.85 -53.91
CA ASP B 447 11.95 23.69 -53.04
C ASP B 447 12.52 23.96 -51.66
N ILE B 448 13.80 24.35 -51.64
CA ILE B 448 14.55 24.69 -50.45
C ILE B 448 14.34 26.15 -50.09
N GLU B 449 13.22 26.49 -49.46
CA GLU B 449 12.92 27.88 -49.15
C GLU B 449 14.02 28.55 -48.33
N GLY B 450 14.61 27.79 -47.41
CA GLY B 450 15.66 28.30 -46.54
C GLY B 450 15.92 27.36 -45.37
N PRO B 451 16.59 27.88 -44.33
CA PRO B 451 16.92 27.04 -43.18
C PRO B 451 15.66 26.68 -42.40
N ASP B 452 15.58 25.44 -41.94
CA ASP B 452 14.48 24.99 -41.08
C ASP B 452 15.01 24.58 -39.70
N PHE B 453 14.68 25.35 -38.68
CA PHE B 453 15.23 25.09 -37.35
C PHE B 453 14.35 24.19 -36.48
N PRO B 454 14.93 23.66 -35.40
CA PRO B 454 14.17 22.96 -34.36
C PRO B 454 13.43 23.90 -33.40
N THR B 455 13.95 25.12 -33.21
CA THR B 455 13.27 26.12 -32.38
C THR B 455 12.19 26.89 -33.16
N ALA B 456 12.01 26.55 -34.44
CA ALA B 456 11.12 27.25 -35.38
C ALA B 456 11.45 28.75 -35.50
N GLY B 457 10.46 29.60 -35.23
CA GLY B 457 10.70 31.03 -35.24
C GLY B 457 10.68 31.62 -36.63
N LEU B 458 11.16 32.84 -36.75
CA LEU B 458 11.03 33.59 -37.99
C LEU B 458 12.39 33.94 -38.57
N ILE B 459 12.42 34.33 -39.85
CA ILE B 459 13.59 34.97 -40.48
C ILE B 459 13.18 36.19 -41.33
N LEU B 460 14.08 37.16 -41.46
CA LEU B 460 13.77 38.40 -42.20
C LEU B 460 14.38 38.45 -43.61
N GLY B 461 13.55 38.17 -44.62
CA GLY B 461 13.98 38.27 -46.00
C GLY B 461 14.66 37.03 -46.54
N LYS B 462 15.19 37.13 -47.75
CA LYS B 462 15.94 36.03 -48.34
C LYS B 462 17.24 36.57 -48.93
N SER B 463 17.44 37.87 -48.80
CA SER B 463 18.64 38.52 -49.34
C SER B 463 19.90 38.07 -48.60
N GLY B 464 19.69 37.49 -47.43
CA GLY B 464 20.77 36.92 -46.66
C GLY B 464 20.83 35.42 -46.87
N ILE B 465 19.66 34.80 -46.90
CA ILE B 465 19.54 33.39 -47.26
C ILE B 465 20.24 33.15 -48.59
N ARG B 466 20.01 34.09 -49.52
CA ARG B 466 20.38 33.96 -50.92
C ARG B 466 21.89 34.07 -51.17
N ARG B 467 22.57 34.95 -50.44
CA ARG B 467 24.03 35.02 -50.55
C ARG B 467 24.63 33.72 -50.03
N ALA B 468 24.05 33.23 -48.94
CA ALA B 468 24.47 31.99 -48.30
C ALA B 468 24.52 30.84 -49.29
N TYR B 469 23.42 30.62 -49.97
CA TYR B 469 23.27 29.50 -50.88
C TYR B 469 24.07 29.55 -52.18
N GLU B 470 24.28 30.75 -52.72
CA GLU B 470 25.00 30.89 -54.00
C GLU B 470 26.53 30.93 -53.88
N THR B 471 27.06 31.34 -52.73
CA THR B 471 28.49 31.29 -52.53
C THR B 471 28.88 30.27 -51.47
N GLY B 472 28.36 30.46 -50.25
CA GLY B 472 28.68 29.65 -49.10
C GLY B 472 28.79 30.53 -47.87
N ARG B 473 28.71 31.84 -48.11
CA ARG B 473 28.79 32.86 -47.07
C ARG B 473 27.50 33.69 -47.10
N GLY B 474 27.17 34.34 -45.98
CA GLY B 474 25.99 35.19 -45.94
C GLY B 474 25.46 35.33 -44.54
N SER B 475 24.71 36.41 -44.28
CA SER B 475 24.18 36.65 -42.93
C SER B 475 22.65 36.71 -42.87
N ILE B 476 22.08 35.83 -42.04
CA ILE B 476 20.64 35.74 -41.77
C ILE B 476 20.28 36.38 -40.44
N GLN B 477 19.11 37.00 -40.36
CA GLN B 477 18.63 37.54 -39.09
C GLN B 477 17.53 36.66 -38.53
N MET B 478 17.55 36.41 -37.21
CA MET B 478 16.59 35.51 -36.56
C MET B 478 15.69 36.22 -35.55
N ARG B 479 14.38 36.02 -35.72
CA ARG B 479 13.38 36.70 -34.88
C ARG B 479 12.67 35.75 -33.94
N SER B 480 12.78 36.01 -32.65
CA SER B 480 11.95 35.32 -31.67
C SER B 480 10.49 35.55 -32.02
N ARG B 481 9.68 34.50 -31.96
CA ARG B 481 8.26 34.67 -32.20
C ARG B 481 7.55 35.34 -31.03
N ALA B 482 7.50 36.67 -31.05
CA ALA B 482 6.77 37.41 -30.03
C ALA B 482 5.30 37.55 -30.44
N VAL B 483 4.46 37.90 -29.47
CA VAL B 483 3.05 38.27 -29.69
C VAL B 483 2.61 39.23 -28.58
N ILE B 484 1.64 40.10 -28.87
CA ILE B 484 1.23 41.14 -27.91
C ILE B 484 -0.25 41.03 -27.46
N GLU B 485 -0.50 40.96 -26.15
CA GLU B 485 -1.85 40.73 -25.62
C GLU B 485 -2.19 41.57 -24.37
N GLU B 486 -3.49 41.66 -24.04
CA GLU B 486 -3.96 42.43 -22.87
C GLU B 486 -4.34 41.53 -21.68
N ARG B 487 -4.12 42.03 -20.47
CA ARG B 487 -4.51 41.31 -19.25
C ARG B 487 -5.53 42.09 -18.42
N GLY B 488 -5.80 43.33 -18.83
CA GLY B 488 -6.80 44.16 -18.20
C GLY B 488 -6.35 44.82 -16.91
N GLY B 489 -6.80 46.05 -16.67
CA GLY B 489 -7.69 46.74 -17.60
C GLY B 489 -6.97 47.88 -18.30
N GLY B 490 -6.81 47.74 -19.62
CA GLY B 490 -6.07 48.71 -20.40
C GLY B 490 -4.62 48.26 -20.64
N ARG B 491 -3.97 47.80 -19.58
CA ARG B 491 -2.58 47.40 -19.66
C ARG B 491 -2.38 46.12 -20.48
N GLN B 492 -1.14 45.88 -20.91
CA GLN B 492 -0.82 44.73 -21.77
C GLN B 492 0.49 44.03 -21.38
N ARG B 493 0.92 43.08 -22.22
CA ARG B 493 2.10 42.28 -21.93
C ARG B 493 2.50 41.44 -23.14
N ILE B 494 3.79 41.10 -23.23
CA ILE B 494 4.37 40.36 -24.38
C ILE B 494 4.80 38.93 -24.08
N VAL B 495 4.30 38.01 -24.91
CA VAL B 495 4.49 36.58 -24.72
C VAL B 495 5.42 36.02 -25.78
N VAL B 496 6.42 35.26 -25.38
CA VAL B 496 7.38 34.72 -26.33
C VAL B 496 7.27 33.20 -26.45
N THR B 497 6.75 32.74 -27.58
CA THR B 497 6.44 31.33 -27.77
C THR B 497 7.60 30.54 -28.39
N GLU B 498 8.46 31.22 -29.16
CA GLU B 498 9.62 30.60 -29.83
C GLU B 498 10.84 31.52 -29.77
N ILE B 499 12.04 30.94 -29.62
CA ILE B 499 13.28 31.75 -29.53
C ILE B 499 14.32 31.40 -30.60
N PRO B 500 15.29 32.32 -30.81
CA PRO B 500 16.22 32.21 -31.93
C PRO B 500 17.19 31.06 -31.70
N PHE B 501 17.04 30.00 -32.47
CA PHE B 501 17.96 28.85 -32.45
C PHE B 501 19.33 29.15 -31.82
N GLN B 502 19.67 28.39 -30.77
CA GLN B 502 21.01 28.45 -30.13
C GLN B 502 21.31 29.61 -29.16
N VAL B 503 20.32 30.07 -28.41
CA VAL B 503 20.61 30.98 -27.30
C VAL B 503 20.14 30.40 -25.97
N ASN B 504 20.83 30.78 -24.90
CA ASN B 504 20.49 30.33 -23.55
C ASN B 504 19.28 31.10 -23.09
N LYS B 505 18.12 30.46 -23.11
CA LYS B 505 16.89 31.18 -22.81
C LYS B 505 16.93 31.79 -21.39
N ALA B 506 17.84 31.30 -20.55
CA ALA B 506 18.00 31.83 -19.20
C ALA B 506 18.95 33.04 -19.13
N ARG B 507 20.05 32.97 -19.88
CA ARG B 507 20.98 34.07 -19.95
C ARG B 507 20.37 35.19 -20.79
N MET B 508 19.61 34.79 -21.80
CA MET B 508 18.83 35.71 -22.60
C MET B 508 17.97 36.57 -21.68
N ILE B 509 17.16 35.94 -20.85
CA ILE B 509 16.32 36.65 -19.91
C ILE B 509 17.18 37.51 -18.98
N GLU B 510 18.21 36.90 -18.42
CA GLU B 510 19.15 37.62 -17.57
C GLU B 510 19.58 38.93 -18.22
N LYS B 511 20.07 38.86 -19.45
CA LYS B 511 20.50 40.06 -20.17
C LYS B 511 19.39 41.12 -20.11
N ILE B 512 18.21 40.74 -20.58
CA ILE B 512 17.06 41.63 -20.54
C ILE B 512 16.98 42.33 -19.19
N ALA B 513 16.95 41.53 -18.13
CA ALA B 513 16.81 42.07 -16.79
C ALA B 513 17.87 43.12 -16.49
N GLU B 514 19.08 42.88 -16.99
CA GLU B 514 20.20 43.79 -16.73
C GLU B 514 19.95 45.19 -17.24
N LEU B 515 19.44 45.31 -18.46
CA LEU B 515 19.23 46.61 -19.04
C LEU B 515 18.19 47.37 -18.24
N VAL B 516 17.43 46.65 -17.42
CA VAL B 516 16.32 47.23 -16.66
C VAL B 516 16.71 47.61 -15.23
N ARG B 517 17.61 46.83 -14.63
CA ARG B 517 18.08 47.10 -13.27
C ARG B 517 19.07 48.27 -13.25
N ASP B 518 19.66 48.56 -14.40
CA ASP B 518 20.65 49.64 -14.54
C ASP B 518 20.11 50.81 -15.37
N LYS B 519 18.82 50.76 -15.68
CA LYS B 519 18.10 51.83 -16.41
C LYS B 519 18.69 52.24 -17.77
N LYS B 520 18.84 51.26 -18.68
CA LYS B 520 19.23 51.55 -20.06
C LYS B 520 18.12 51.22 -21.08
N ILE B 521 16.93 50.92 -20.59
CA ILE B 521 15.72 50.80 -21.42
C ILE B 521 14.47 51.03 -20.56
N ASP B 522 13.53 51.82 -21.07
CA ASP B 522 12.33 52.18 -20.33
C ASP B 522 11.12 51.39 -20.83
N GLY B 523 10.12 51.27 -19.98
CA GLY B 523 8.84 50.71 -20.36
C GLY B 523 8.40 49.56 -19.48
N ILE B 524 9.37 48.80 -19.00
CA ILE B 524 9.09 47.53 -18.34
C ILE B 524 8.75 47.65 -16.84
N THR B 525 8.08 46.62 -16.31
CA THR B 525 7.69 46.60 -14.90
C THR B 525 7.90 45.24 -14.24
N ASP B 526 7.83 44.16 -15.01
CA ASP B 526 7.98 42.81 -14.45
C ASP B 526 8.45 41.81 -15.51
N LEU B 527 9.27 40.86 -15.09
CA LEU B 527 9.83 39.86 -16.01
C LEU B 527 9.74 38.46 -15.44
N ARG B 528 8.92 37.63 -16.07
CA ARG B 528 8.64 36.31 -15.51
C ARG B 528 8.91 35.17 -16.49
N ASP B 529 9.79 34.26 -16.11
CA ASP B 529 9.92 33.02 -16.86
C ASP B 529 8.83 32.01 -16.46
N GLU B 530 8.01 31.59 -17.42
CA GLU B 530 6.91 30.68 -17.10
C GLU B 530 6.83 29.43 -17.98
N THR B 531 7.96 29.07 -18.58
CA THR B 531 8.01 27.87 -19.40
C THR B 531 7.77 26.67 -18.50
N SER B 532 7.01 25.69 -18.96
CA SER B 532 6.89 24.41 -18.26
C SER B 532 6.71 23.28 -19.26
N LEU B 533 7.02 22.05 -18.82
CA LEU B 533 7.03 20.90 -19.73
C LEU B 533 5.70 20.67 -20.45
N ARG B 534 4.62 20.78 -19.70
CA ARG B 534 3.32 20.42 -20.22
C ARG B 534 2.77 21.46 -21.20
N THR B 535 3.09 22.73 -20.96
CA THR B 535 2.48 23.85 -21.68
C THR B 535 3.44 24.64 -22.60
N GLY B 536 4.31 23.92 -23.32
CA GLY B 536 5.24 24.53 -24.27
C GLY B 536 6.20 25.58 -23.74
N VAL B 537 6.90 26.26 -24.66
CA VAL B 537 7.74 27.40 -24.28
C VAL B 537 6.83 28.62 -24.02
N ARG B 538 7.28 29.51 -23.13
CA ARG B 538 6.56 30.75 -22.85
C ARG B 538 7.30 31.65 -21.82
N VAL B 539 7.68 32.84 -22.28
CA VAL B 539 8.39 33.80 -21.44
C VAL B 539 7.63 35.12 -21.45
N VAL B 540 7.50 35.76 -20.29
CA VAL B 540 6.61 36.90 -20.22
C VAL B 540 7.25 38.23 -19.84
N ILE B 541 6.76 39.29 -20.47
CA ILE B 541 7.18 40.66 -20.20
C ILE B 541 5.95 41.45 -19.85
N ASP B 542 6.00 42.20 -18.76
CA ASP B 542 4.85 43.03 -18.40
C ASP B 542 5.01 44.44 -18.91
N VAL B 543 4.02 44.90 -19.65
CA VAL B 543 4.02 46.26 -20.17
C VAL B 543 3.48 47.22 -19.12
N ARG B 544 4.13 48.38 -19.00
CA ARG B 544 3.60 49.45 -18.21
C ARG B 544 2.47 50.06 -19.04
N LYS B 545 1.27 50.12 -18.47
CA LYS B 545 0.10 50.63 -19.20
C LYS B 545 0.41 51.98 -19.83
N ASP B 546 -0.22 52.25 -20.98
CA ASP B 546 -0.05 53.53 -21.69
C ASP B 546 1.26 53.64 -22.47
N ALA B 547 2.30 52.95 -22.01
CA ALA B 547 3.54 52.91 -22.76
C ALA B 547 3.32 52.07 -24.01
N ASN B 548 4.23 52.21 -24.98
CA ASN B 548 4.06 51.54 -26.27
C ASN B 548 4.82 50.20 -26.37
N ALA B 549 4.09 49.15 -26.72
CA ALA B 549 4.62 47.78 -26.74
C ALA B 549 5.46 47.49 -27.98
N SER B 550 5.02 47.98 -29.13
CA SER B 550 5.76 47.74 -30.36
C SER B 550 7.15 48.40 -30.32
N VAL B 551 7.23 49.54 -29.64
CA VAL B 551 8.50 50.27 -29.51
C VAL B 551 9.53 49.52 -28.63
N ILE B 552 9.06 49.00 -27.50
CA ILE B 552 9.93 48.24 -26.61
C ILE B 552 10.30 46.89 -27.21
N LEU B 553 9.36 46.25 -27.89
CA LEU B 553 9.64 44.98 -28.56
C LEU B 553 10.72 45.18 -29.62
N ASN B 554 10.66 46.30 -30.33
CA ASN B 554 11.71 46.63 -31.30
C ASN B 554 13.02 46.97 -30.62
N ASN B 555 12.97 47.85 -29.62
CA ASN B 555 14.14 48.16 -28.80
C ASN B 555 14.87 46.92 -28.29
N LEU B 556 14.12 45.86 -27.93
CA LEU B 556 14.71 44.64 -27.39
C LEU B 556 15.46 43.85 -28.46
N TYR B 557 14.91 43.83 -29.67
CA TYR B 557 15.51 43.09 -30.77
C TYR B 557 16.95 43.54 -31.00
N LYS B 558 17.16 44.85 -31.00
CA LYS B 558 18.48 45.43 -31.15
C LYS B 558 19.36 45.12 -29.93
N GLN B 559 18.87 45.50 -28.75
CA GLN B 559 19.69 45.54 -27.54
C GLN B 559 19.97 44.19 -26.86
N THR B 560 19.47 43.11 -27.46
CA THR B 560 19.66 41.80 -26.88
C THR B 560 19.76 40.73 -27.96
N PRO B 561 19.79 39.46 -27.53
CA PRO B 561 19.60 38.25 -28.34
C PRO B 561 18.13 37.84 -28.53
N LEU B 562 17.23 38.82 -28.52
CA LEU B 562 15.87 38.61 -28.97
C LEU B 562 15.95 38.48 -30.49
N GLN B 563 16.72 39.39 -31.10
CA GLN B 563 17.07 39.30 -32.51
C GLN B 563 18.56 39.02 -32.65
N THR B 564 18.88 37.76 -32.93
CA THR B 564 20.24 37.27 -33.09
C THR B 564 20.43 36.73 -34.51
N SER B 565 21.67 36.64 -34.99
CA SER B 565 21.98 36.29 -36.38
C SER B 565 22.94 35.10 -36.60
N PHE B 566 22.56 34.18 -37.47
CA PHE B 566 23.35 32.99 -37.78
C PHE B 566 24.12 33.21 -39.08
N GLY B 567 25.42 33.50 -38.98
CA GLY B 567 26.23 33.72 -40.16
C GLY B 567 26.72 32.43 -40.80
N VAL B 568 26.31 32.18 -42.05
CA VAL B 568 26.64 30.91 -42.72
C VAL B 568 28.06 30.87 -43.28
N ASN B 569 28.61 29.67 -43.40
CA ASN B 569 30.01 29.50 -43.66
C ASN B 569 30.29 28.12 -44.24
N MET B 570 29.41 27.66 -45.13
CA MET B 570 29.37 26.25 -45.54
C MET B 570 30.69 25.62 -45.97
N ILE B 571 31.54 25.27 -44.99
CA ILE B 571 32.82 24.57 -45.23
C ILE B 571 32.73 23.10 -44.80
N ALA B 572 33.28 22.21 -45.63
CA ALA B 572 33.12 20.78 -45.42
C ALA B 572 34.37 20.03 -45.87
N LEU B 573 34.38 18.71 -45.75
CA LEU B 573 35.47 17.90 -46.31
C LEU B 573 35.07 17.22 -47.64
N VAL B 574 35.57 17.75 -48.75
CA VAL B 574 35.25 17.22 -50.08
C VAL B 574 36.40 16.42 -50.67
N ASN B 575 36.20 15.11 -50.85
CA ASN B 575 37.21 14.26 -51.49
C ASN B 575 38.50 14.23 -50.67
N GLY B 576 38.41 14.64 -49.40
CA GLY B 576 39.53 14.63 -48.49
C GLY B 576 39.97 15.97 -47.92
N ARG B 577 39.47 17.07 -48.51
CA ARG B 577 40.01 18.39 -48.25
C ARG B 577 38.94 19.45 -47.98
N PRO B 578 39.30 20.48 -47.18
CA PRO B 578 38.50 21.64 -46.82
C PRO B 578 38.12 22.58 -47.96
N LYS B 579 36.89 22.43 -48.44
CA LYS B 579 36.38 23.25 -49.54
C LYS B 579 35.14 24.00 -49.09
N LEU B 580 35.11 25.31 -49.34
CA LEU B 580 33.91 26.12 -49.12
C LEU B 580 32.97 25.89 -50.29
N ILE B 581 31.73 25.53 -49.99
CA ILE B 581 30.79 25.08 -51.02
C ILE B 581 29.44 25.77 -50.93
N ASN B 582 28.66 25.69 -52.02
CA ASN B 582 27.34 26.30 -52.05
C ASN B 582 26.23 25.25 -52.02
N LEU B 583 24.99 25.70 -52.12
CA LEU B 583 23.88 24.77 -52.05
C LEU B 583 23.96 23.69 -53.12
N LYS B 584 24.32 24.08 -54.35
CA LYS B 584 24.31 23.11 -55.44
C LYS B 584 25.41 22.06 -55.29
N GLU B 585 26.63 22.50 -55.02
CA GLU B 585 27.73 21.57 -54.80
C GLU B 585 27.33 20.56 -53.72
N ALA B 586 26.84 21.07 -52.58
CA ALA B 586 26.48 20.24 -51.43
C ALA B 586 25.57 19.10 -51.83
N LEU B 587 24.72 19.37 -52.82
CA LEU B 587 23.73 18.39 -53.24
C LEU B 587 24.32 17.38 -54.23
N VAL B 588 25.08 17.85 -55.20
CA VAL B 588 25.62 16.94 -56.22
C VAL B 588 26.53 15.88 -55.63
N HIS B 589 27.42 16.29 -54.73
CA HIS B 589 28.36 15.35 -54.14
C HIS B 589 27.59 14.35 -53.30
N TYR B 590 26.62 14.85 -52.56
CA TYR B 590 25.77 13.98 -51.79
C TYR B 590 25.00 13.03 -52.70
N LEU B 591 24.51 13.57 -53.81
CA LEU B 591 23.78 12.77 -54.79
C LEU B 591 24.73 11.77 -55.42
N GLU B 592 25.94 12.22 -55.68
CA GLU B 592 26.97 11.39 -56.26
C GLU B 592 27.20 10.20 -55.36
N HIS B 593 27.32 10.50 -54.07
CA HIS B 593 27.57 9.47 -53.09
C HIS B 593 26.46 8.47 -53.14
N GLN B 594 25.23 8.98 -53.12
CA GLN B 594 24.03 8.18 -53.15
C GLN B 594 23.93 7.34 -54.43
N LYS B 595 24.53 7.83 -55.51
CA LYS B 595 24.55 7.10 -56.77
C LYS B 595 25.45 5.89 -56.66
N THR B 596 26.61 6.09 -56.06
CA THR B 596 27.61 5.04 -55.96
C THR B 596 27.21 4.00 -54.91
N VAL B 597 26.72 4.48 -53.78
CA VAL B 597 26.32 3.62 -52.69
C VAL B 597 25.36 2.55 -53.21
N VAL B 598 24.41 3.00 -54.04
CA VAL B 598 23.46 2.12 -54.68
C VAL B 598 24.13 1.24 -55.72
N ARG B 599 25.01 1.84 -56.52
CA ARG B 599 25.61 1.11 -57.62
C ARG B 599 26.37 -0.09 -57.07
N ARG B 600 27.08 0.10 -55.96
CA ARG B 600 27.85 -1.02 -55.43
C ARG B 600 27.03 -1.96 -54.59
N ARG B 601 25.93 -1.47 -54.02
CA ARG B 601 25.02 -2.40 -53.38
C ARG B 601 24.57 -3.39 -54.44
N THR B 602 24.20 -2.85 -55.60
CA THR B 602 23.67 -3.68 -56.67
C THR B 602 24.69 -4.69 -57.14
N GLN B 603 25.91 -4.21 -57.29
CA GLN B 603 27.01 -5.07 -57.67
C GLN B 603 27.09 -6.25 -56.68
N TYR B 604 27.16 -5.95 -55.39
CA TYR B 604 27.25 -6.96 -54.34
C TYR B 604 26.14 -7.99 -54.45
N ASN B 605 24.88 -7.53 -54.34
CA ASN B 605 23.72 -8.41 -54.46
C ASN B 605 23.89 -9.41 -55.61
N LEU B 606 24.38 -8.90 -56.75
CA LEU B 606 24.59 -9.71 -57.97
C LEU B 606 25.65 -10.79 -57.81
N ARG B 607 26.79 -10.43 -57.20
CA ARG B 607 27.87 -11.39 -56.98
C ARG B 607 27.42 -12.51 -56.08
N LYS B 608 26.59 -12.18 -55.09
CA LYS B 608 26.12 -13.16 -54.12
C LYS B 608 24.86 -13.83 -54.66
N ALA B 609 24.25 -13.20 -55.64
CA ALA B 609 23.14 -13.83 -56.36
C ALA B 609 23.62 -14.91 -57.35
N LYS B 610 24.85 -14.76 -57.86
CA LYS B 610 25.45 -15.75 -58.74
C LYS B 610 26.13 -16.85 -57.92
N ASP B 611 26.70 -16.47 -56.78
CA ASP B 611 27.33 -17.43 -55.87
C ASP B 611 26.28 -18.37 -55.28
N ARG B 612 25.08 -17.84 -55.04
CA ARG B 612 23.97 -18.66 -54.55
C ARG B 612 23.39 -19.46 -55.69
N ALA B 613 23.59 -18.97 -56.91
CA ALA B 613 23.01 -19.61 -58.08
C ALA B 613 23.84 -20.79 -58.56
N HIS B 614 25.14 -20.72 -58.39
CA HIS B 614 25.98 -21.83 -58.79
C HIS B 614 25.86 -22.95 -57.77
N ILE B 615 25.56 -22.57 -56.53
CA ILE B 615 25.31 -23.55 -55.49
C ILE B 615 24.07 -24.37 -55.85
N LEU B 616 22.92 -23.70 -55.95
CA LEU B 616 21.64 -24.35 -56.22
C LEU B 616 21.65 -25.17 -57.51
N GLU B 617 22.63 -24.90 -58.37
CA GLU B 617 22.72 -25.55 -59.68
C GLU B 617 23.33 -26.94 -59.51
N GLY B 618 24.26 -27.05 -58.57
CA GLY B 618 24.90 -28.31 -58.25
C GLY B 618 24.05 -29.11 -57.29
N LEU B 619 23.08 -28.43 -56.69
CA LEU B 619 22.09 -29.09 -55.84
C LEU B 619 20.95 -29.60 -56.72
N ARG B 620 20.97 -29.23 -57.99
CA ARG B 620 19.97 -29.71 -58.94
C ARG B 620 20.46 -30.97 -59.65
N ILE B 621 21.76 -31.03 -59.92
CA ILE B 621 22.38 -32.27 -60.41
C ILE B 621 22.35 -33.27 -59.27
N ALA B 622 22.30 -32.76 -58.04
CA ALA B 622 22.40 -33.57 -56.84
C ALA B 622 21.12 -34.33 -56.49
N LEU B 623 19.98 -33.62 -56.46
CA LEU B 623 18.71 -34.23 -56.08
C LEU B 623 18.10 -35.12 -57.17
N ASP B 624 18.02 -34.57 -58.38
CA ASP B 624 17.53 -35.32 -59.53
C ASP B 624 18.38 -36.60 -59.70
N HIS B 625 19.70 -36.45 -59.61
CA HIS B 625 20.64 -37.58 -59.54
C HIS B 625 20.91 -37.97 -58.08
N ILE B 626 19.87 -38.21 -57.28
CA ILE B 626 20.03 -38.51 -55.84
C ILE B 626 20.63 -39.90 -55.59
N ASP B 627 20.21 -40.86 -56.41
CA ASP B 627 20.50 -42.27 -56.23
C ASP B 627 21.99 -42.60 -56.44
N GLU B 628 22.54 -42.14 -57.55
CA GLU B 628 23.93 -42.45 -57.90
C GLU B 628 24.94 -41.93 -56.89
N ILE B 629 24.52 -40.95 -56.08
CA ILE B 629 25.40 -40.34 -55.07
C ILE B 629 25.50 -41.22 -53.82
N ILE B 630 24.41 -41.92 -53.52
CA ILE B 630 24.44 -42.87 -52.43
C ILE B 630 25.51 -43.91 -52.71
N SER B 631 25.44 -44.55 -53.88
CA SER B 631 26.42 -45.56 -54.26
C SER B 631 27.84 -44.97 -54.34
N THR B 632 27.93 -43.67 -54.63
CA THR B 632 29.23 -43.00 -54.82
C THR B 632 29.90 -42.55 -53.51
N ILE B 633 29.11 -42.38 -52.46
CA ILE B 633 29.68 -41.97 -51.17
C ILE B 633 29.91 -43.20 -50.28
N ARG B 634 29.06 -44.21 -50.43
CA ARG B 634 29.20 -45.46 -49.68
C ARG B 634 30.46 -46.21 -50.08
N GLU B 635 31.14 -45.72 -51.12
CA GLU B 635 32.38 -46.30 -51.58
C GLU B 635 33.57 -45.40 -51.26
N SER B 636 33.35 -44.08 -51.28
CA SER B 636 34.36 -43.12 -50.87
C SER B 636 34.76 -43.35 -49.42
N ASP B 637 36.05 -43.43 -49.15
CA ASP B 637 36.52 -43.64 -47.77
C ASP B 637 36.87 -42.34 -47.06
N THR B 638 37.92 -41.68 -47.55
CA THR B 638 38.36 -40.43 -46.96
C THR B 638 37.51 -39.27 -47.47
N ASP B 639 37.86 -38.06 -47.03
CA ASP B 639 37.14 -36.86 -47.41
C ASP B 639 37.72 -36.23 -48.70
N LYS B 640 39.02 -36.34 -48.90
CA LYS B 640 39.66 -35.79 -50.11
C LYS B 640 39.36 -36.65 -51.33
N VAL B 641 39.01 -37.92 -51.10
CA VAL B 641 38.65 -38.84 -52.19
C VAL B 641 37.18 -38.73 -52.57
N ALA B 642 36.36 -38.20 -51.66
CA ALA B 642 34.94 -38.01 -51.93
C ALA B 642 34.67 -36.65 -52.58
N MET B 643 35.75 -35.93 -52.88
CA MET B 643 35.65 -34.65 -53.58
C MET B 643 36.10 -34.78 -55.04
N GLU B 644 37.25 -35.42 -55.23
CA GLU B 644 37.80 -35.63 -56.56
C GLU B 644 37.14 -36.82 -57.26
N SER B 645 35.93 -37.15 -56.81
CA SER B 645 35.10 -38.19 -57.44
C SER B 645 33.93 -37.56 -58.19
N LEU B 646 33.14 -36.77 -57.47
CA LEU B 646 31.96 -36.11 -58.05
C LEU B 646 32.38 -34.93 -58.93
N GLN B 647 33.67 -34.62 -58.91
CA GLN B 647 34.24 -33.65 -59.83
C GLN B 647 34.49 -34.30 -61.20
N GLN B 648 34.98 -35.54 -61.17
CA GLN B 648 35.30 -36.26 -62.40
C GLN B 648 34.11 -37.02 -63.01
N ARG B 649 32.99 -37.09 -62.28
CA ARG B 649 31.83 -37.88 -62.73
C ARG B 649 30.52 -37.09 -62.82
N PHE B 650 30.56 -35.82 -62.42
CA PHE B 650 29.36 -34.98 -62.50
C PHE B 650 29.70 -33.51 -62.71
N LYS B 651 30.87 -33.24 -63.30
CA LYS B 651 31.35 -31.90 -63.63
C LYS B 651 31.02 -30.79 -62.61
N LEU B 652 31.01 -31.15 -61.33
CA LEU B 652 30.71 -30.19 -60.27
C LEU B 652 31.97 -29.55 -59.70
N SER B 653 31.95 -28.23 -59.57
CA SER B 653 33.11 -27.46 -59.11
C SER B 653 33.56 -27.90 -57.73
N GLU B 654 34.43 -27.10 -57.11
CA GLU B 654 34.86 -27.40 -55.76
C GLU B 654 33.85 -26.90 -54.71
N LYS B 655 33.23 -25.74 -54.97
CA LYS B 655 32.19 -25.21 -54.08
C LYS B 655 30.87 -25.91 -54.33
N GLN B 656 30.88 -26.92 -55.20
CA GLN B 656 29.68 -27.71 -55.47
C GLN B 656 29.74 -29.08 -54.78
N ALA B 657 30.77 -29.86 -55.12
CA ALA B 657 31.02 -31.11 -54.40
C ALA B 657 31.18 -30.84 -52.90
N GLN B 658 31.53 -29.61 -52.57
CA GLN B 658 31.60 -29.15 -51.17
C GLN B 658 30.22 -28.95 -50.55
N ALA B 659 29.45 -27.99 -51.08
CA ALA B 659 28.10 -27.72 -50.59
C ALA B 659 27.17 -28.92 -50.78
N ILE B 660 27.75 -30.02 -51.26
CA ILE B 660 27.05 -31.29 -51.38
C ILE B 660 27.36 -32.21 -50.20
N LEU B 661 28.63 -32.29 -49.83
CA LEU B 661 29.04 -33.02 -48.64
C LEU B 661 28.60 -32.26 -47.40
N ASP B 662 28.19 -31.01 -47.57
CA ASP B 662 27.72 -30.15 -46.49
C ASP B 662 26.25 -30.40 -46.18
N MET B 663 25.58 -31.20 -47.02
CA MET B 663 24.13 -31.25 -46.99
C MET B 663 23.50 -32.21 -45.99
N ARG B 664 22.37 -31.77 -45.43
CA ARG B 664 21.60 -32.51 -44.43
C ARG B 664 20.59 -33.45 -45.13
N LEU B 665 20.32 -34.62 -44.53
CA LEU B 665 19.45 -35.59 -45.18
C LEU B 665 17.98 -35.19 -45.17
N ARG B 666 17.62 -34.22 -44.32
CA ARG B 666 16.22 -33.82 -44.15
C ARG B 666 15.64 -33.10 -45.37
N ARG B 667 16.48 -32.90 -46.38
CA ARG B 667 16.09 -32.20 -47.61
C ARG B 667 15.80 -33.20 -48.73
N LEU B 668 15.90 -34.49 -48.43
CA LEU B 668 15.51 -35.53 -49.38
C LEU B 668 14.02 -35.83 -49.28
N THR B 669 13.32 -34.96 -48.54
CA THR B 669 11.88 -35.06 -48.41
C THR B 669 11.19 -34.63 -49.72
N GLY B 670 9.88 -34.81 -49.80
CA GLY B 670 9.13 -34.59 -51.03
C GLY B 670 9.01 -33.16 -51.52
N LEU B 671 8.62 -32.25 -50.63
CA LEU B 671 8.39 -30.85 -51.00
C LEU B 671 9.67 -30.05 -51.20
N GLU B 672 10.76 -30.48 -50.56
CA GLU B 672 12.02 -29.75 -50.64
C GLU B 672 12.85 -30.10 -51.88
N ARG B 673 12.17 -30.45 -52.97
CA ARG B 673 12.76 -30.53 -54.31
C ARG B 673 12.16 -29.42 -55.18
N ASP B 674 11.14 -28.76 -54.65
CA ASP B 674 10.42 -27.69 -55.32
C ASP B 674 10.81 -26.35 -54.73
N LYS B 675 11.07 -26.32 -53.43
CA LYS B 675 11.59 -25.12 -52.79
C LYS B 675 12.78 -24.61 -53.60
N ILE B 676 13.51 -25.53 -54.23
CA ILE B 676 14.70 -25.20 -54.99
C ILE B 676 14.39 -24.51 -56.31
N GLU B 677 13.72 -25.24 -57.19
CA GLU B 677 13.40 -24.77 -58.54
C GLU B 677 12.56 -23.51 -58.51
N ALA B 678 11.57 -23.50 -57.63
CA ALA B 678 10.70 -22.35 -57.41
C ALA B 678 11.48 -21.06 -57.23
N GLU B 679 12.48 -21.09 -56.35
CA GLU B 679 13.34 -19.94 -56.07
C GLU B 679 14.62 -19.95 -56.92
N TYR B 680 14.84 -21.03 -57.68
CA TYR B 680 15.92 -21.07 -58.67
C TYR B 680 15.58 -20.12 -59.81
N ASN B 681 14.43 -20.35 -60.45
CA ASN B 681 13.89 -19.46 -61.47
C ASN B 681 13.71 -18.02 -60.97
N GLU B 682 13.12 -17.87 -59.79
CA GLU B 682 12.95 -16.55 -59.19
C GLU B 682 14.29 -15.87 -59.15
N LEU B 683 15.35 -16.66 -59.07
CA LEU B 683 16.69 -16.11 -58.98
C LEU B 683 17.28 -15.75 -60.35
N LEU B 684 17.16 -16.64 -61.33
CA LEU B 684 17.63 -16.32 -62.67
C LEU B 684 16.95 -15.05 -63.15
N ASN B 685 15.72 -14.83 -62.68
CA ASN B 685 14.97 -13.63 -63.02
C ASN B 685 15.41 -12.43 -62.16
N TYR B 686 15.80 -12.69 -60.92
CA TYR B 686 16.32 -11.65 -60.04
C TYR B 686 17.70 -11.16 -60.46
N ILE B 687 18.53 -12.06 -60.96
CA ILE B 687 19.81 -11.68 -61.52
C ILE B 687 19.53 -10.67 -62.61
N SER B 688 18.56 -11.01 -63.47
CA SER B 688 18.12 -10.12 -64.53
C SER B 688 17.92 -8.66 -64.08
N GLU B 689 17.06 -8.45 -63.08
CA GLU B 689 16.72 -7.09 -62.62
C GLU B 689 17.92 -6.20 -62.27
N LEU B 690 19.08 -6.81 -61.98
CA LEU B 690 20.28 -6.11 -61.50
C LEU B 690 21.30 -5.73 -62.59
N GLU B 691 21.52 -6.63 -63.54
CA GLU B 691 22.43 -6.36 -64.65
C GLU B 691 21.85 -5.20 -65.45
N THR B 692 20.54 -5.14 -65.46
CA THR B 692 19.81 -4.05 -66.09
C THR B 692 20.14 -2.73 -65.39
N ILE B 693 19.96 -2.69 -64.07
CA ILE B 693 20.31 -1.52 -63.25
C ILE B 693 21.76 -1.10 -63.44
N LEU B 694 22.62 -2.08 -63.70
CA LEU B 694 24.05 -1.84 -63.81
C LEU B 694 24.50 -1.40 -65.21
N ALA B 695 23.81 -1.86 -66.24
CA ALA B 695 24.15 -1.50 -67.62
C ALA B 695 23.55 -0.16 -68.08
N ASP B 696 22.38 0.20 -67.56
CA ASP B 696 21.73 1.47 -67.92
C ASP B 696 21.91 2.49 -66.80
N GLU B 697 22.61 3.58 -67.08
CA GLU B 697 22.86 4.62 -66.08
C GLU B 697 21.56 5.21 -65.53
N GLU B 698 20.56 5.35 -66.39
CA GLU B 698 19.29 5.95 -65.99
C GLU B 698 18.39 4.98 -65.21
N VAL B 699 18.36 3.72 -65.62
CA VAL B 699 17.57 2.71 -64.90
C VAL B 699 17.91 2.74 -63.41
N LEU B 700 19.22 2.80 -63.15
CA LEU B 700 19.77 2.91 -61.80
C LEU B 700 19.34 4.22 -61.16
N LEU B 701 19.80 5.32 -61.74
CA LEU B 701 19.46 6.65 -61.24
C LEU B 701 17.97 6.82 -60.92
N GLN B 702 17.10 6.16 -61.66
CA GLN B 702 15.67 6.20 -61.37
C GLN B 702 15.37 5.46 -60.06
N LEU B 703 15.95 4.28 -59.91
CA LEU B 703 15.87 3.53 -58.68
C LEU B 703 16.27 4.36 -57.44
N VAL B 704 17.34 5.15 -57.57
CA VAL B 704 17.79 6.07 -56.51
C VAL B 704 16.72 7.12 -56.18
N ARG B 705 16.12 7.69 -57.21
CA ARG B 705 14.99 8.58 -57.04
C ARG B 705 13.91 7.97 -56.13
N ASP B 706 13.41 6.79 -56.51
CA ASP B 706 12.31 6.15 -55.78
C ASP B 706 12.67 5.75 -54.36
N GLU B 707 13.98 5.65 -54.09
CA GLU B 707 14.43 5.31 -52.75
C GLU B 707 14.54 6.53 -51.84
N LEU B 708 14.89 7.68 -52.42
CA LEU B 708 14.87 8.94 -51.69
C LEU B 708 13.43 9.38 -51.46
N THR B 709 12.55 8.95 -52.36
CA THR B 709 11.12 9.24 -52.28
C THR B 709 10.49 8.42 -51.16
N GLU B 710 10.79 7.12 -51.16
CA GLU B 710 10.32 6.21 -50.14
C GLU B 710 10.57 6.84 -48.77
N ILE B 711 11.75 7.43 -48.62
CA ILE B 711 12.21 8.03 -47.38
C ILE B 711 11.60 9.39 -47.06
N ARG B 712 11.18 10.12 -48.10
CA ARG B 712 10.59 11.44 -47.88
C ARG B 712 9.18 11.30 -47.28
N ASP B 713 8.49 10.23 -47.64
CA ASP B 713 7.11 10.03 -47.19
C ASP B 713 7.07 9.51 -45.75
N ARG B 714 8.08 8.72 -45.40
CA ARG B 714 8.21 8.16 -44.08
C ARG B 714 8.64 9.26 -43.09
N PHE B 715 9.75 9.93 -43.36
CA PHE B 715 10.31 10.92 -42.44
C PHE B 715 10.02 12.36 -42.85
N GLY B 716 9.14 12.50 -43.85
CA GLY B 716 8.73 13.81 -44.30
C GLY B 716 7.82 14.47 -43.28
N ASP B 717 8.14 15.70 -42.93
CA ASP B 717 7.37 16.43 -41.94
C ASP B 717 7.39 17.95 -42.20
N ASP B 718 6.38 18.63 -41.67
CA ASP B 718 6.15 20.05 -41.93
C ASP B 718 7.35 20.93 -41.60
N ARG B 719 7.33 22.14 -42.14
CA ARG B 719 8.33 23.15 -41.80
C ARG B 719 7.98 23.69 -40.42
N ARG B 720 8.95 24.28 -39.74
CA ARG B 720 8.73 24.87 -38.44
C ARG B 720 9.03 26.34 -38.52
N THR B 721 10.21 26.67 -39.02
CA THR B 721 10.60 28.07 -39.16
C THR B 721 9.86 28.73 -40.29
N GLU B 722 9.33 29.91 -39.99
CA GLU B 722 8.57 30.68 -40.94
C GLU B 722 9.47 31.71 -41.57
N ILE B 723 9.10 32.14 -42.79
CA ILE B 723 9.92 33.07 -43.57
C ILE B 723 9.23 34.39 -43.93
N GLN B 724 9.31 35.35 -43.01
CA GLN B 724 8.79 36.70 -43.19
C GLN B 724 9.38 37.30 -44.44
N LEU B 725 8.52 37.80 -45.33
CA LEU B 725 9.00 38.38 -46.58
C LEU B 725 9.51 39.82 -46.40
N GLY B 726 10.58 40.13 -47.14
CA GLY B 726 11.24 41.43 -47.09
C GLY B 726 12.35 41.59 -48.13
N GLY E 8 -58.93 -0.27 0.89
CA GLY E 8 -57.99 0.83 1.07
C GLY E 8 -57.97 1.34 2.51
N LYS E 9 -56.96 0.90 3.27
CA LYS E 9 -56.80 1.24 4.69
C LYS E 9 -57.59 0.30 5.62
N LEU E 10 -58.89 0.60 5.78
CA LEU E 10 -59.86 -0.22 6.52
C LEU E 10 -60.36 -1.41 5.72
N ALA E 11 -60.33 -2.59 6.30
CA ALA E 11 -60.82 -3.76 5.57
C ALA E 11 -62.19 -4.11 6.07
N ASP E 12 -63.18 -3.37 5.59
CA ASP E 12 -64.59 -3.54 5.95
C ASP E 12 -65.05 -4.99 5.90
N CYS E 13 -66.11 -5.30 6.63
CA CYS E 13 -66.67 -6.66 6.72
C CYS E 13 -67.47 -7.02 5.48
N SER E 14 -67.78 -8.32 5.35
CA SER E 14 -68.51 -8.84 4.18
C SER E 14 -70.00 -8.45 4.11
N SER E 15 -70.59 -8.09 5.24
CA SER E 15 -71.97 -7.62 5.22
C SER E 15 -72.02 -6.11 5.03
N LYS E 16 -73.17 -5.62 4.60
CA LYS E 16 -73.43 -4.19 4.52
C LYS E 16 -74.85 -3.89 4.99
N SER E 17 -75.20 -4.38 6.19
CA SER E 17 -76.45 -4.02 6.87
C SER E 17 -76.12 -3.40 8.22
N PRO E 18 -76.15 -2.06 8.31
CA PRO E 18 -75.66 -1.33 9.48
C PRO E 18 -76.17 -1.88 10.83
N GLU E 19 -77.35 -2.48 10.85
CA GLU E 19 -77.96 -2.91 12.11
C GLU E 19 -77.29 -4.14 12.71
N GLU E 20 -76.29 -4.67 12.03
CA GLU E 20 -75.53 -5.81 12.57
C GLU E 20 -74.04 -5.60 12.33
N CYS E 21 -73.61 -4.34 12.33
CA CYS E 21 -72.22 -4.02 11.99
C CYS E 21 -71.45 -3.52 13.19
N GLU E 22 -70.13 -3.70 13.17
CA GLU E 22 -69.25 -3.29 14.27
C GLU E 22 -67.91 -2.80 13.69
N ILE E 23 -67.57 -1.55 13.92
CA ILE E 23 -66.29 -1.03 13.44
C ILE E 23 -65.31 -0.73 14.57
N PHE E 24 -64.13 -1.32 14.53
CA PHE E 24 -63.16 -1.14 15.61
C PHE E 24 -62.07 -0.16 15.24
N LEU E 25 -61.99 0.95 15.98
CA LEU E 25 -60.84 1.85 15.90
C LEU E 25 -59.68 1.37 16.79
N VAL E 26 -58.63 0.80 16.20
CA VAL E 26 -57.43 0.43 16.96
C VAL E 26 -56.33 1.49 16.85
N GLU E 27 -55.23 1.30 17.57
CA GLU E 27 -54.15 2.29 17.62
C GLU E 27 -53.25 2.33 16.36
N GLY E 28 -52.85 1.16 15.86
CA GLY E 28 -51.94 1.08 14.73
C GLY E 28 -52.13 -0.19 13.92
N ASP E 29 -51.28 -0.37 12.90
CA ASP E 29 -51.39 -1.49 11.95
C ASP E 29 -50.79 -2.77 12.54
N SER E 30 -49.95 -2.59 13.57
CA SER E 30 -49.35 -3.73 14.27
C SER E 30 -50.43 -4.30 15.19
N ALA E 31 -51.25 -3.40 15.74
CA ALA E 31 -52.39 -3.76 16.57
C ALA E 31 -53.55 -4.22 15.71
N GLY E 32 -53.81 -3.49 14.63
CA GLY E 32 -54.83 -3.88 13.69
C GLY E 32 -54.52 -5.22 13.04
N GLY E 33 -53.32 -5.73 13.26
CA GLY E 33 -52.95 -7.02 12.72
C GLY E 33 -53.74 -8.13 13.40
N SER E 34 -53.78 -8.10 14.72
CA SER E 34 -54.47 -9.12 15.47
C SER E 34 -55.96 -8.96 15.27
N THR E 35 -56.41 -7.71 15.38
CA THR E 35 -57.80 -7.37 15.16
C THR E 35 -58.30 -8.15 13.96
N LYS E 36 -57.52 -8.13 12.90
CA LYS E 36 -57.96 -8.65 11.61
C LYS E 36 -57.85 -10.15 11.46
N SER E 37 -57.09 -10.80 12.34
CA SER E 37 -56.89 -12.24 12.21
C SER E 37 -57.91 -13.04 12.99
N GLY E 38 -58.46 -12.46 14.04
CA GLY E 38 -59.42 -13.17 14.85
C GLY E 38 -60.85 -12.65 14.72
N ARG E 39 -61.04 -11.66 13.87
CA ARG E 39 -62.35 -11.04 13.70
C ARG E 39 -63.38 -11.98 13.05
N ASP E 40 -64.59 -11.95 13.59
CA ASP E 40 -65.77 -12.47 12.91
C ASP E 40 -65.85 -11.56 11.68
N SER E 41 -65.29 -12.04 10.56
CA SER E 41 -65.07 -11.20 9.38
C SER E 41 -66.38 -10.97 8.64
N ARG E 42 -67.33 -11.85 8.92
CA ARG E 42 -68.72 -11.67 8.53
C ARG E 42 -69.18 -10.24 8.83
N THR E 43 -68.86 -9.73 10.02
CA THR E 43 -69.49 -8.51 10.52
C THR E 43 -68.61 -7.36 11.05
N GLN E 44 -67.36 -7.63 11.42
CA GLN E 44 -66.53 -6.64 12.13
C GLN E 44 -65.49 -5.91 11.28
N ALA E 45 -65.63 -4.59 11.20
CA ALA E 45 -64.75 -3.78 10.37
C ALA E 45 -63.70 -3.11 11.22
N ILE E 46 -62.46 -3.12 10.72
CA ILE E 46 -61.29 -2.64 11.44
C ILE E 46 -60.73 -1.39 10.77
N LEU E 47 -60.31 -0.42 11.59
CA LEU E 47 -59.85 0.88 11.05
C LEU E 47 -58.63 1.54 11.74
N PRO E 48 -57.44 0.97 11.56
CA PRO E 48 -56.19 1.51 12.14
C PRO E 48 -55.97 3.03 12.01
N LEU E 49 -55.75 3.70 13.15
CA LEU E 49 -55.35 5.10 13.19
C LEU E 49 -53.84 5.26 13.33
N ARG E 50 -53.42 6.46 13.73
CA ARG E 50 -51.99 6.79 13.84
C ARG E 50 -51.65 7.38 15.19
N GLY E 51 -51.84 6.61 16.25
CA GLY E 51 -51.46 7.06 17.58
C GLY E 51 -52.20 8.31 18.01
N LYS E 52 -51.54 9.14 18.83
CA LYS E 52 -52.17 10.32 19.43
C LYS E 52 -52.84 11.24 18.42
N ILE E 53 -54.16 11.27 18.51
CA ILE E 53 -55.04 12.00 17.61
C ILE E 53 -55.09 13.49 17.97
N LEU E 54 -55.89 14.25 17.25
CA LEU E 54 -56.00 15.68 17.47
C LEU E 54 -56.85 16.01 18.70
N ASN E 55 -56.37 16.94 19.53
CA ASN E 55 -57.20 17.41 20.62
C ASN E 55 -58.14 18.48 20.10
N VAL E 56 -59.38 18.09 19.84
CA VAL E 56 -60.29 18.91 19.03
C VAL E 56 -60.90 20.15 19.71
N GLU E 57 -60.73 20.28 21.02
CA GLU E 57 -61.25 21.44 21.73
C GLU E 57 -60.31 22.63 21.57
N LYS E 58 -59.03 22.35 21.78
CA LYS E 58 -57.92 23.30 21.61
C LYS E 58 -57.68 23.70 20.16
N ALA E 59 -58.40 23.05 19.24
CA ALA E 59 -58.04 23.13 17.83
C ALA E 59 -58.81 24.17 17.02
N ARG E 60 -58.08 24.71 16.05
CA ARG E 60 -58.58 25.58 14.99
C ARG E 60 -59.29 24.67 14.01
N LEU E 61 -60.47 25.08 13.54
CA LEU E 61 -61.33 24.18 12.75
C LEU E 61 -60.73 23.65 11.44
N ASP E 62 -60.00 24.48 10.68
CA ASP E 62 -59.43 24.02 9.42
C ASP E 62 -58.42 22.89 9.61
N ARG E 63 -57.62 23.00 10.67
CA ARG E 63 -56.58 22.02 11.00
C ARG E 63 -57.24 20.68 11.30
N ILE E 64 -58.48 20.75 11.75
CA ILE E 64 -59.25 19.57 12.15
C ILE E 64 -59.80 18.82 10.94
N LEU E 65 -60.22 19.54 9.92
CA LEU E 65 -60.77 18.88 8.75
C LEU E 65 -59.62 18.39 7.87
N ASN E 66 -58.44 18.97 8.08
CA ASN E 66 -57.25 18.59 7.32
C ASN E 66 -56.53 17.32 7.81
N ASN E 67 -56.76 16.97 9.08
CA ASN E 67 -56.13 15.81 9.74
C ASN E 67 -56.58 14.47 9.14
N ASN E 68 -55.59 13.65 8.76
CA ASN E 68 -55.81 12.50 7.87
C ASN E 68 -56.58 11.31 8.42
N GLU E 69 -56.74 11.23 9.75
CA GLU E 69 -57.56 10.15 10.36
C GLU E 69 -58.97 10.66 10.63
N ILE E 70 -59.08 11.86 11.19
CA ILE E 70 -60.38 12.53 11.24
C ILE E 70 -61.08 12.24 9.92
N ARG E 71 -60.40 12.51 8.80
CA ARG E 71 -60.96 12.26 7.48
C ARG E 71 -61.26 10.78 7.26
N GLN E 72 -60.30 9.90 7.55
CA GLN E 72 -60.48 8.47 7.30
C GLN E 72 -61.69 7.91 8.03
N MET E 73 -61.95 8.40 9.23
CA MET E 73 -63.03 7.89 10.06
C MET E 73 -64.37 8.33 9.48
N ILE E 74 -64.61 9.63 9.58
CA ILE E 74 -65.72 10.26 8.89
C ILE E 74 -66.12 9.45 7.65
N THR E 75 -65.28 9.46 6.62
CA THR E 75 -65.59 8.73 5.39
C THR E 75 -66.25 7.35 5.58
N ALA E 76 -65.80 6.61 6.60
CA ALA E 76 -66.18 5.21 6.79
C ALA E 76 -67.35 5.07 7.75
N PHE E 77 -67.87 6.22 8.17
CA PHE E 77 -69.01 6.31 9.08
C PHE E 77 -70.29 6.64 8.30
N GLY E 78 -70.13 7.37 7.21
CA GLY E 78 -71.21 7.64 6.29
C GLY E 78 -71.91 8.94 6.58
N THR E 79 -71.46 9.66 7.59
CA THR E 79 -72.26 10.77 8.13
C THR E 79 -71.86 12.22 7.79
N GLY E 80 -70.61 12.59 8.03
CA GLY E 80 -70.24 14.00 7.95
C GLY E 80 -70.41 14.64 9.31
N ILE E 81 -70.05 15.90 9.48
CA ILE E 81 -69.96 16.49 10.82
C ILE E 81 -70.92 17.64 11.14
N GLY E 82 -71.04 17.92 12.44
CA GLY E 82 -71.79 19.06 12.95
C GLY E 82 -73.26 19.10 12.58
N GLY E 83 -73.62 20.09 11.77
CA GLY E 83 -75.00 20.34 11.41
C GLY E 83 -75.42 19.74 10.08
N ASP E 84 -74.48 19.09 9.42
CA ASP E 84 -74.76 18.40 8.16
C ASP E 84 -74.66 16.90 8.43
N PHE E 85 -74.74 16.56 9.72
CA PHE E 85 -74.67 15.19 10.20
C PHE E 85 -75.91 14.38 9.87
N ASP E 86 -75.71 13.29 9.13
CA ASP E 86 -76.79 12.45 8.68
C ASP E 86 -76.73 11.10 9.40
N LEU E 87 -77.58 10.92 10.40
CA LEU E 87 -77.44 9.76 11.27
C LEU E 87 -78.04 8.46 10.71
N ALA E 88 -78.88 8.60 9.68
CA ALA E 88 -79.50 7.45 9.03
C ALA E 88 -78.50 6.75 8.13
N LYS E 89 -77.66 7.56 7.50
CA LYS E 89 -76.67 7.10 6.54
C LYS E 89 -75.49 6.40 7.22
N ALA E 90 -75.61 6.13 8.53
CA ALA E 90 -74.52 5.55 9.31
C ALA E 90 -74.28 4.08 8.99
N ARG E 91 -73.03 3.75 8.66
CA ARG E 91 -72.69 2.46 8.07
C ARG E 91 -72.65 1.33 9.07
N TYR E 92 -72.22 1.64 10.30
CA TYR E 92 -72.15 0.67 11.40
C TYR E 92 -73.00 1.20 12.57
N HIS E 93 -73.56 0.29 13.37
CA HIS E 93 -74.32 0.68 14.57
C HIS E 93 -73.49 0.57 15.87
N LYS E 94 -72.25 0.08 15.71
CA LYS E 94 -71.27 -0.01 16.80
C LYS E 94 -69.87 0.54 16.40
N ILE E 95 -69.63 1.78 16.80
CA ILE E 95 -68.31 2.38 16.77
C ILE E 95 -67.60 1.98 18.07
N VAL E 96 -66.59 1.11 17.98
CA VAL E 96 -65.96 0.47 19.14
C VAL E 96 -64.53 0.94 19.41
N ILE E 97 -64.33 1.91 20.31
CA ILE E 97 -63.00 2.41 20.64
C ILE E 97 -62.10 1.41 21.37
N MET E 98 -61.51 0.49 20.63
CA MET E 98 -60.64 -0.49 21.23
C MET E 98 -59.14 -0.13 21.20
N THR E 99 -58.73 0.93 21.89
CA THR E 99 -57.30 1.28 21.94
C THR E 99 -56.49 0.26 22.77
N ASP E 100 -55.17 0.40 22.74
CA ASP E 100 -54.25 -0.37 23.59
C ASP E 100 -54.63 -0.23 25.07
N ALA E 101 -54.11 -1.11 25.92
CA ALA E 101 -54.53 -1.11 27.32
C ALA E 101 -53.68 -0.33 28.33
N ASP E 102 -52.55 0.26 27.92
CA ASP E 102 -51.72 1.07 28.84
C ASP E 102 -52.27 2.47 29.04
N VAL E 103 -51.56 3.32 29.78
CA VAL E 103 -52.08 4.66 30.09
C VAL E 103 -52.15 5.59 28.87
N ASP E 104 -51.45 5.21 27.81
CA ASP E 104 -51.52 5.94 26.56
C ASP E 104 -52.72 5.46 25.80
N GLY E 105 -53.04 4.17 25.96
CA GLY E 105 -54.24 3.62 25.36
C GLY E 105 -55.43 4.44 25.83
N ALA E 106 -55.40 4.72 27.14
CA ALA E 106 -56.38 5.55 27.81
C ALA E 106 -56.37 6.95 27.28
N HIS E 107 -55.22 7.61 27.33
CA HIS E 107 -55.17 8.98 26.84
C HIS E 107 -55.69 9.14 25.43
N ILE E 108 -55.90 8.04 24.73
CA ILE E 108 -56.40 8.11 23.35
C ILE E 108 -57.92 8.11 23.30
N ARG E 109 -58.54 7.33 24.18
CA ARG E 109 -59.99 7.33 24.33
C ARG E 109 -60.50 8.70 24.77
N THR E 110 -59.79 9.35 25.71
CA THR E 110 -60.13 10.72 26.12
C THR E 110 -60.16 11.69 24.92
N LEU E 111 -59.27 11.48 23.96
CA LEU E 111 -59.30 12.31 22.76
C LEU E 111 -60.46 11.98 21.82
N LEU E 112 -60.51 10.74 21.35
CA LEU E 112 -61.61 10.29 20.49
C LEU E 112 -62.95 10.76 21.01
N LEU E 113 -63.16 10.61 22.30
CA LEU E 113 -64.42 11.06 22.88
C LEU E 113 -64.58 12.57 22.66
N THR E 114 -63.54 13.36 22.91
CA THR E 114 -63.68 14.80 22.72
C THR E 114 -64.02 15.12 21.29
N PHE E 115 -63.74 14.17 20.41
CA PHE E 115 -64.03 14.34 18.99
C PHE E 115 -65.44 13.86 18.68
N PHE E 116 -65.80 12.70 19.19
CA PHE E 116 -67.18 12.25 19.01
C PHE E 116 -68.15 13.24 19.64
N TYR E 117 -67.87 13.64 20.88
CA TYR E 117 -68.73 14.59 21.60
C TYR E 117 -68.63 16.05 21.09
N ARG E 118 -67.87 16.28 20.02
CA ARG E 118 -67.87 17.60 19.41
C ARG E 118 -68.46 17.60 18.01
N PHE E 119 -68.07 16.62 17.20
CA PHE E 119 -68.41 16.68 15.78
C PHE E 119 -69.26 15.48 15.32
N MET E 120 -69.59 14.61 16.26
CA MET E 120 -70.57 13.55 16.01
C MET E 120 -71.42 13.33 17.27
N ARG E 121 -71.67 14.42 17.99
CA ARG E 121 -72.35 14.44 19.28
C ARG E 121 -73.60 13.56 19.41
N PRO E 122 -74.43 13.51 18.37
CA PRO E 122 -75.63 12.65 18.33
C PRO E 122 -75.37 11.18 18.07
N LEU E 123 -74.12 10.79 17.90
CA LEU E 123 -73.78 9.40 17.62
C LEU E 123 -73.68 8.65 18.94
N ILE E 124 -73.56 9.41 20.01
CA ILE E 124 -73.40 8.85 21.34
C ILE E 124 -74.76 8.67 21.96
N GLU E 125 -75.58 9.72 21.89
CA GLU E 125 -76.92 9.70 22.49
C GLU E 125 -77.77 8.65 21.81
N ALA E 126 -77.41 8.31 20.57
CA ALA E 126 -78.15 7.31 19.80
C ALA E 126 -77.68 5.91 20.17
N GLY E 127 -76.65 5.86 21.03
CA GLY E 127 -76.19 4.64 21.67
C GLY E 127 -75.14 3.84 20.93
N TYR E 128 -74.49 4.49 19.96
CA TYR E 128 -73.72 3.79 18.95
C TYR E 128 -72.28 3.53 19.34
N VAL E 129 -71.76 4.33 20.26
CA VAL E 129 -70.34 4.31 20.60
C VAL E 129 -70.03 3.38 21.77
N TYR E 130 -69.00 2.57 21.63
CA TYR E 130 -68.62 1.62 22.67
C TYR E 130 -67.16 1.79 23.06
N ILE E 131 -66.76 1.12 24.14
CA ILE E 131 -65.39 1.10 24.59
C ILE E 131 -65.04 -0.34 24.89
N ALA E 132 -64.37 -1.02 23.97
CA ALA E 132 -63.97 -2.40 24.23
C ALA E 132 -63.04 -2.36 25.39
N GLN E 133 -62.90 -3.49 26.05
CA GLN E 133 -62.01 -3.54 27.20
C GLN E 133 -60.91 -4.58 27.01
N PRO E 134 -59.76 -4.14 26.50
CA PRO E 134 -58.73 -5.12 26.20
C PRO E 134 -57.91 -5.36 27.47
N PRO E 135 -57.43 -6.59 27.70
CA PRO E 135 -56.55 -7.01 28.81
C PRO E 135 -55.15 -6.36 28.83
N LEU E 136 -54.72 -5.88 30.00
CA LEU E 136 -53.37 -5.35 30.14
C LEU E 136 -52.35 -6.38 30.59
N TYR E 137 -52.73 -7.29 31.51
CA TYR E 137 -51.84 -8.34 32.04
C TYR E 137 -52.51 -9.69 32.16
N LYS E 138 -51.82 -10.78 31.86
CA LYS E 138 -52.37 -12.11 32.18
C LYS E 138 -51.50 -12.93 33.15
N LEU E 139 -52.10 -13.28 34.30
CA LEU E 139 -51.43 -13.80 35.49
C LEU E 139 -51.72 -15.27 35.58
N THR E 140 -50.71 -16.10 35.77
CA THR E 140 -51.01 -17.52 35.85
C THR E 140 -50.50 -18.20 37.14
N GLN E 141 -51.44 -18.83 37.85
CA GLN E 141 -51.14 -19.72 38.99
C GLN E 141 -51.52 -21.16 38.67
N GLY E 142 -50.64 -21.87 37.97
CA GLY E 142 -50.91 -23.24 37.56
C GLY E 142 -52.12 -23.40 36.65
N LYS E 143 -53.29 -23.58 37.26
CA LYS E 143 -54.53 -23.81 36.52
C LYS E 143 -55.22 -22.47 36.24
N GLN E 144 -55.19 -21.59 37.24
CA GLN E 144 -55.92 -20.30 37.23
C GLN E 144 -55.34 -19.34 36.20
N LYS E 145 -56.20 -18.49 35.64
CA LYS E 145 -55.73 -17.44 34.75
C LYS E 145 -56.52 -16.16 35.01
N TYR E 146 -55.85 -15.14 35.53
CA TYR E 146 -56.49 -13.85 35.87
C TYR E 146 -56.13 -12.73 34.88
N TYR E 147 -57.08 -11.87 34.54
CA TYR E 147 -56.78 -10.75 33.66
C TYR E 147 -56.93 -9.43 34.42
N VAL E 148 -55.85 -8.65 34.54
CA VAL E 148 -55.96 -7.37 35.22
C VAL E 148 -55.92 -6.25 34.20
N TYR E 149 -56.49 -5.11 34.54
CA TYR E 149 -56.69 -4.10 33.51
C TYR E 149 -55.94 -2.82 33.77
N ASN E 150 -55.11 -2.83 34.79
CA ASN E 150 -54.11 -1.78 34.96
C ASN E 150 -53.16 -2.05 36.12
N ASP E 151 -52.38 -1.04 36.49
CA ASP E 151 -51.29 -1.23 37.44
C ASP E 151 -51.81 -1.16 38.87
N ARG E 152 -52.70 -0.21 39.11
CA ARG E 152 -53.37 -0.08 40.41
C ARG E 152 -53.93 -1.43 40.80
N GLU E 153 -54.87 -1.94 40.00
CA GLU E 153 -55.43 -3.28 40.15
C GLU E 153 -54.41 -4.41 40.18
N LEU E 154 -53.31 -4.29 39.44
CA LEU E 154 -52.37 -5.37 39.51
C LEU E 154 -51.78 -5.48 40.90
N ASP E 155 -51.38 -4.37 41.51
CA ASP E 155 -50.82 -4.45 42.87
C ASP E 155 -51.82 -5.07 43.84
N LYS E 156 -53.06 -4.62 43.76
CA LYS E 156 -54.10 -5.15 44.62
C LYS E 156 -54.08 -6.68 44.53
N LEU E 157 -53.86 -7.22 43.33
CA LEU E 157 -53.93 -8.67 43.07
C LEU E 157 -52.67 -9.45 43.49
N LYS E 158 -51.51 -8.82 43.34
CA LYS E 158 -50.24 -9.46 43.70
C LYS E 158 -50.05 -9.24 45.19
N SER E 159 -51.14 -9.41 45.92
CA SER E 159 -51.18 -9.11 47.32
C SER E 159 -52.14 -10.10 47.93
N GLU E 160 -53.40 -10.04 47.51
CA GLU E 160 -54.40 -10.98 48.00
C GLU E 160 -54.28 -12.31 47.28
N LEU E 161 -53.04 -12.77 47.14
CA LEU E 161 -52.71 -14.03 46.50
C LEU E 161 -51.55 -14.64 47.26
N ASN E 162 -51.88 -15.33 48.34
CA ASN E 162 -50.88 -16.03 49.13
C ASN E 162 -50.58 -17.46 48.63
N PRO E 163 -51.47 -18.05 47.81
CA PRO E 163 -51.27 -19.47 47.46
C PRO E 163 -49.83 -19.74 47.02
N THR E 164 -49.29 -18.77 46.31
CA THR E 164 -47.90 -18.77 45.96
C THR E 164 -47.37 -20.18 45.61
N PRO E 165 -47.82 -20.73 44.47
CA PRO E 165 -47.02 -21.67 43.67
C PRO E 165 -46.37 -20.91 42.51
N LYS E 166 -45.79 -19.75 42.79
CA LYS E 166 -45.13 -18.91 41.77
C LYS E 166 -46.06 -18.51 40.63
N TRP E 167 -45.87 -17.30 40.11
CA TRP E 167 -46.71 -16.81 39.04
C TRP E 167 -46.06 -16.96 37.68
N SER E 168 -46.87 -16.70 36.68
CA SER E 168 -46.40 -16.57 35.33
C SER E 168 -47.17 -15.36 34.79
N ILE E 169 -46.64 -14.16 35.02
CA ILE E 169 -47.34 -12.93 34.63
C ILE E 169 -46.85 -12.29 33.31
N ALA E 170 -47.72 -12.24 32.31
CA ALA E 170 -47.45 -11.56 31.03
C ALA E 170 -48.11 -10.16 30.94
N ARG E 171 -47.55 -9.28 30.11
CA ARG E 171 -48.07 -7.93 29.95
C ARG E 171 -48.39 -7.70 28.48
N TYR E 172 -49.34 -6.82 28.20
CA TYR E 172 -49.71 -6.54 26.81
C TYR E 172 -49.56 -5.08 26.46
N LYS E 173 -48.33 -4.73 26.09
CA LYS E 173 -47.88 -3.41 25.67
C LYS E 173 -48.87 -2.78 24.73
N GLY E 174 -49.35 -3.60 23.80
CA GLY E 174 -50.29 -3.18 22.78
C GLY E 174 -50.92 -4.42 22.21
N LEU E 175 -51.91 -4.24 21.34
CA LEU E 175 -52.70 -5.36 20.87
C LEU E 175 -51.83 -6.32 20.07
N GLY E 176 -50.78 -5.80 19.46
CA GLY E 176 -49.86 -6.67 18.74
C GLY E 176 -49.11 -7.71 19.58
N GLU E 177 -49.10 -7.52 20.90
CA GLU E 177 -48.34 -8.42 21.80
C GLU E 177 -49.21 -9.62 22.12
N MET E 178 -50.49 -9.50 21.77
CA MET E 178 -51.46 -10.55 22.01
C MET E 178 -51.54 -11.50 20.83
N ASN E 179 -51.44 -12.80 21.05
CA ASN E 179 -51.75 -13.76 20.00
C ASN E 179 -53.11 -13.41 19.42
N ALA E 180 -53.44 -13.94 18.24
CA ALA E 180 -54.65 -13.49 17.51
C ALA E 180 -55.95 -13.95 18.13
N ASP E 181 -56.03 -15.22 18.54
CA ASP E 181 -57.25 -15.71 19.15
C ASP E 181 -57.45 -15.22 20.58
N GLN E 182 -56.35 -15.14 21.35
CA GLN E 182 -56.41 -14.59 22.70
C GLN E 182 -57.12 -13.23 22.68
N LEU E 183 -56.95 -12.47 21.60
CA LEU E 183 -57.65 -11.19 21.48
C LEU E 183 -59.12 -11.42 21.22
N TRP E 184 -59.43 -12.38 20.36
CA TRP E 184 -60.82 -12.69 20.03
C TRP E 184 -61.59 -13.00 21.30
N GLU E 185 -61.13 -14.03 22.00
CA GLU E 185 -61.80 -14.56 23.20
C GLU E 185 -61.84 -13.63 24.40
N THR E 186 -61.11 -12.52 24.38
CA THR E 186 -61.08 -11.66 25.57
C THR E 186 -61.81 -10.34 25.39
N THR E 187 -61.94 -9.90 24.15
CA THR E 187 -62.50 -8.59 23.89
C THR E 187 -63.47 -8.60 22.72
N MET E 188 -63.44 -9.68 21.93
CA MET E 188 -64.06 -9.67 20.59
C MET E 188 -65.18 -10.67 20.26
N ASN E 189 -65.34 -11.73 21.04
CA ASN E 189 -66.36 -12.73 20.75
C ASN E 189 -67.66 -12.21 21.32
N PRO E 190 -68.75 -12.28 20.55
CA PRO E 190 -69.96 -11.69 21.09
C PRO E 190 -70.70 -12.62 22.03
N GLU E 191 -69.95 -13.39 22.80
CA GLU E 191 -70.55 -14.11 23.91
C GLU E 191 -70.08 -13.48 25.20
N HIS E 192 -68.80 -13.67 25.51
CA HIS E 192 -68.25 -13.11 26.73
C HIS E 192 -67.85 -11.65 26.59
N ARG E 193 -67.69 -11.15 25.38
CA ARG E 193 -67.09 -9.83 25.27
C ARG E 193 -67.85 -8.78 26.03
N ALA E 194 -67.14 -8.09 26.91
CA ALA E 194 -67.75 -7.10 27.78
C ALA E 194 -67.50 -5.67 27.31
N LEU E 195 -68.22 -5.29 26.26
CA LEU E 195 -68.19 -3.94 25.69
C LEU E 195 -69.08 -3.00 26.48
N LEU E 196 -68.54 -1.86 26.88
CA LEU E 196 -69.41 -0.88 27.54
C LEU E 196 -69.92 0.20 26.63
N GLN E 197 -71.23 0.25 26.47
CA GLN E 197 -71.88 1.33 25.77
C GLN E 197 -71.70 2.63 26.54
N VAL E 198 -71.19 3.66 25.88
CA VAL E 198 -71.10 4.99 26.49
C VAL E 198 -72.49 5.59 26.54
N LYS E 199 -72.72 6.52 27.47
CA LYS E 199 -74.03 7.12 27.63
C LYS E 199 -73.98 8.56 28.12
N LEU E 200 -74.88 9.39 27.62
CA LEU E 200 -75.00 10.79 28.03
C LEU E 200 -75.97 11.02 29.18
N GLU E 201 -75.45 11.48 30.32
CA GLU E 201 -76.31 11.96 31.40
C GLU E 201 -76.35 13.48 31.28
N ASP E 202 -75.93 14.17 32.34
CA ASP E 202 -75.90 15.63 32.33
C ASP E 202 -75.06 16.20 31.18
N ALA E 203 -75.76 16.80 30.23
CA ALA E 203 -75.16 17.44 29.08
C ALA E 203 -74.57 18.78 29.48
N ILE E 204 -75.19 19.42 30.46
CA ILE E 204 -74.73 20.75 30.88
C ILE E 204 -73.41 20.68 31.62
N GLU E 205 -73.11 19.51 32.20
CA GLU E 205 -71.87 19.33 32.95
C GLU E 205 -70.81 18.55 32.18
N ALA E 206 -71.19 17.95 31.06
CA ALA E 206 -70.20 17.40 30.15
C ALA E 206 -69.36 18.52 29.50
N ASP E 207 -69.93 19.70 29.39
CA ASP E 207 -69.20 20.86 28.85
C ASP E 207 -68.24 21.46 29.88
N GLN E 208 -68.68 21.58 31.12
CA GLN E 208 -67.82 22.13 32.16
C GLN E 208 -66.77 21.12 32.54
N THR E 209 -66.87 19.93 31.95
CA THR E 209 -65.87 18.88 32.17
C THR E 209 -64.89 18.75 30.99
N PHE E 210 -65.37 18.88 29.75
CA PHE E 210 -64.45 18.86 28.60
C PHE E 210 -63.58 20.10 28.54
N GLU E 211 -64.19 21.28 28.69
CA GLU E 211 -63.42 22.53 28.74
C GLU E 211 -62.32 22.45 29.80
N MET E 212 -62.67 21.94 30.99
CA MET E 212 -61.72 21.80 32.09
C MET E 212 -60.55 20.85 31.76
N LEU E 213 -60.82 19.81 30.99
CA LEU E 213 -59.83 18.77 30.71
C LEU E 213 -59.05 18.99 29.43
N MET E 214 -59.76 19.27 28.33
CA MET E 214 -59.12 19.41 27.02
C MET E 214 -58.93 20.87 26.61
N GLY E 215 -59.65 21.78 27.26
CA GLY E 215 -59.54 23.20 26.98
C GLY E 215 -58.17 23.74 27.33
N ASP E 216 -57.79 24.86 26.73
CA ASP E 216 -56.41 25.34 26.83
C ASP E 216 -56.00 25.95 28.17
N VAL E 217 -56.79 25.73 29.21
CA VAL E 217 -56.42 26.35 30.48
C VAL E 217 -55.84 25.40 31.54
N VAL E 218 -54.60 25.67 31.92
CA VAL E 218 -53.86 24.91 32.92
C VAL E 218 -54.50 24.96 34.31
N GLU E 219 -54.63 26.15 34.87
CA GLU E 219 -55.05 26.28 36.27
C GLU E 219 -56.42 25.67 36.52
N ASN E 220 -57.07 25.24 35.43
CA ASN E 220 -58.30 24.48 35.50
C ASN E 220 -57.98 23.01 35.64
N ARG E 221 -56.91 22.59 34.98
CA ARG E 221 -56.51 21.20 34.92
C ARG E 221 -55.43 20.92 35.96
N ARG E 222 -54.88 21.98 36.55
CA ARG E 222 -53.94 21.80 37.64
C ARG E 222 -54.76 21.82 38.92
N GLN E 223 -55.84 22.60 38.92
CA GLN E 223 -56.80 22.61 40.03
C GLN E 223 -57.43 21.24 40.19
N PHE E 224 -57.74 20.60 39.07
CA PHE E 224 -58.31 19.24 39.02
C PHE E 224 -57.39 18.20 39.66
N ILE E 225 -56.21 17.97 39.07
CA ILE E 225 -55.31 16.93 39.55
C ILE E 225 -55.07 17.03 41.07
N GLU E 226 -54.61 18.18 41.52
CA GLU E 226 -54.29 18.42 42.93
C GLU E 226 -55.40 17.95 43.87
N ASP E 227 -56.65 18.16 43.47
CA ASP E 227 -57.79 17.77 44.29
C ASP E 227 -58.03 16.26 44.29
N ASN E 228 -57.84 15.61 43.15
CA ASN E 228 -58.38 14.26 42.94
C ASN E 228 -57.40 13.09 42.91
N ALA E 229 -56.12 13.36 42.77
CA ALA E 229 -55.18 12.27 42.57
C ALA E 229 -54.85 11.51 43.87
N VAL E 230 -54.81 10.18 43.76
CA VAL E 230 -54.41 9.27 44.84
C VAL E 230 -52.98 8.79 44.59
N TYR E 231 -52.41 8.01 45.51
CA TYR E 231 -51.03 7.56 45.32
C TYR E 231 -50.76 6.11 45.75
N ALA E 232 -50.07 5.95 46.89
CA ALA E 232 -49.78 4.63 47.47
C ALA E 232 -51.05 3.81 47.65
N ASN E 233 -52.19 4.49 47.61
CA ASN E 233 -53.50 3.90 47.79
C ASN E 233 -53.76 2.61 47.03
N LEU E 234 -53.88 1.52 47.80
CA LEU E 234 -54.38 0.24 47.29
C LEU E 234 -55.84 0.08 47.72
N ASP E 235 -56.38 1.10 48.39
CA ASP E 235 -57.76 1.09 48.89
C ASP E 235 -58.85 1.08 47.82
N PHE E 236 -59.15 2.28 47.33
CA PHE E 236 -60.28 2.63 46.47
C PHE E 236 -61.15 1.48 45.91
N ALA E 237 -61.54 0.58 46.80
CA ALA E 237 -62.76 -0.18 46.66
C ALA E 237 -63.78 0.75 47.32
N GLU E 238 -64.95 1.02 46.71
CA GLU E 238 -65.60 0.30 45.58
C GLU E 238 -64.75 -0.66 44.70
N LEU E 239 -65.27 -1.87 44.41
CA LEU E 239 -66.68 -2.31 44.55
C LEU E 239 -67.48 -2.09 43.27
N PRO E 240 -67.71 -3.19 42.51
CA PRO E 240 -68.59 -3.21 41.34
C PRO E 240 -69.86 -2.39 41.58
N GLN E 241 -70.29 -1.52 40.66
CA GLN E 241 -69.87 -1.38 39.25
C GLN E 241 -71.05 -1.93 38.49
N SER E 242 -72.19 -1.93 39.18
CA SER E 242 -73.46 -2.40 38.67
C SER E 242 -73.31 -3.07 37.32
N ARG E 243 -73.23 -4.40 37.36
CA ARG E 243 -73.08 -5.27 36.20
C ARG E 243 -74.03 -4.98 35.02
N ILE E 244 -73.90 -3.78 34.45
CA ILE E 244 -74.86 -3.24 33.51
C ILE E 244 -74.16 -2.62 32.29
N ASN E 245 -72.86 -2.91 32.14
CA ASN E 245 -72.05 -2.46 30.99
C ASN E 245 -72.47 -1.15 30.28
N GLU E 246 -72.41 -0.03 31.00
CA GLU E 246 -72.70 1.27 30.38
C GLU E 246 -72.00 2.37 31.16
N ARG E 247 -71.17 3.16 30.48
CA ARG E 247 -70.33 4.12 31.18
C ARG E 247 -70.76 5.56 30.91
N ASN E 248 -71.18 6.27 31.96
CA ASN E 248 -71.53 7.68 31.84
C ASN E 248 -70.31 8.44 31.39
N ILE E 249 -70.40 9.13 30.26
CA ILE E 249 -69.22 9.74 29.67
C ILE E 249 -68.41 10.65 30.60
N THR E 250 -69.07 11.41 31.47
CA THR E 250 -68.30 12.31 32.32
C THR E 250 -67.47 11.55 33.36
N SER E 251 -67.94 10.34 33.71
CA SER E 251 -67.26 9.43 34.65
C SER E 251 -66.03 8.76 34.01
N GLU E 252 -66.10 8.51 32.71
CA GLU E 252 -64.99 7.91 31.97
C GLU E 252 -63.84 8.90 31.80
N MET E 253 -64.16 10.07 31.28
CA MET E 253 -63.17 11.14 31.04
C MET E 253 -62.59 11.72 32.33
N ARG E 254 -63.32 11.63 33.43
CA ARG E 254 -62.70 12.01 34.68
C ARG E 254 -61.64 10.97 35.03
N GLU E 255 -62.00 9.69 34.90
CA GLU E 255 -61.13 8.61 35.32
C GLU E 255 -60.01 8.26 34.35
N SER E 256 -60.26 8.42 33.05
CA SER E 256 -59.27 8.03 32.06
C SER E 256 -58.17 9.08 31.89
N PHE E 257 -58.55 10.35 31.98
CA PHE E 257 -57.59 11.44 31.83
C PHE E 257 -56.84 11.64 33.13
N LEU E 258 -57.33 11.00 34.19
CA LEU E 258 -56.61 11.02 35.46
C LEU E 258 -55.64 9.85 35.51
N ASP E 259 -56.06 8.70 34.98
CA ASP E 259 -55.16 7.56 34.84
C ASP E 259 -53.88 7.99 34.14
N TYR E 260 -54.02 8.76 33.05
CA TYR E 260 -52.90 9.18 32.22
C TYR E 260 -52.16 10.33 32.87
N ALA E 261 -52.89 11.35 33.33
CA ALA E 261 -52.26 12.49 34.01
C ALA E 261 -51.39 12.05 35.18
N MET E 262 -51.87 11.03 35.90
CA MET E 262 -51.12 10.43 37.00
C MET E 262 -49.81 9.90 36.44
N SER E 263 -49.92 8.80 35.70
CA SER E 263 -48.79 8.13 35.08
C SER E 263 -47.68 9.08 34.60
N VAL E 264 -48.04 10.22 34.02
CA VAL E 264 -47.04 11.16 33.54
C VAL E 264 -46.42 12.02 34.64
N ILE E 265 -47.21 12.45 35.61
CA ILE E 265 -46.66 13.29 36.67
C ILE E 265 -45.64 12.56 37.55
N VAL E 266 -45.68 11.23 37.55
CA VAL E 266 -44.83 10.46 38.47
C VAL E 266 -43.84 9.51 37.80
N ALA E 267 -44.32 8.79 36.79
CA ALA E 267 -43.57 7.70 36.21
C ALA E 267 -43.26 7.92 34.75
N ARG E 268 -42.81 9.14 34.42
CA ARG E 268 -42.33 9.45 33.07
C ARG E 268 -41.77 10.85 32.81
N ALA E 269 -42.51 11.90 33.11
CA ALA E 269 -42.08 13.20 32.65
C ALA E 269 -41.51 14.08 33.76
N LEU E 270 -41.54 13.60 34.99
CA LEU E 270 -40.97 14.38 36.09
C LEU E 270 -39.81 13.70 36.81
N PRO E 271 -38.85 14.51 37.31
CA PRO E 271 -37.59 14.05 37.89
C PRO E 271 -37.70 13.84 39.40
N ASP E 272 -37.30 12.67 39.88
CA ASP E 272 -37.20 12.43 41.32
C ASP E 272 -36.23 13.44 41.96
N VAL E 273 -36.51 13.90 43.18
CA VAL E 273 -35.76 15.01 43.76
C VAL E 273 -34.36 14.62 44.26
N ARG E 274 -34.23 13.35 44.63
CA ARG E 274 -33.05 12.87 45.34
C ARG E 274 -31.88 12.60 44.38
N ASP E 275 -32.22 12.07 43.21
CA ASP E 275 -31.22 11.77 42.21
C ASP E 275 -31.50 12.42 40.84
N GLY E 276 -32.41 13.39 40.83
CA GLY E 276 -32.74 14.11 39.61
C GLY E 276 -32.88 13.24 38.38
N LEU E 277 -33.67 12.18 38.49
CA LEU E 277 -33.83 11.20 37.41
C LEU E 277 -35.28 10.94 36.95
N LYS E 278 -35.56 11.19 35.68
CA LYS E 278 -36.77 10.66 35.08
C LYS E 278 -36.49 9.17 34.93
N PRO E 279 -37.55 8.35 34.91
CA PRO E 279 -37.56 6.89 34.86
C PRO E 279 -36.66 6.32 33.80
N VAL E 280 -36.79 6.84 32.58
CA VAL E 280 -35.99 6.36 31.45
C VAL E 280 -34.48 6.50 31.70
N HIS E 281 -34.04 7.69 32.07
CA HIS E 281 -32.68 7.89 32.51
C HIS E 281 -32.29 6.83 33.53
N ARG E 282 -33.05 6.72 34.62
CA ARG E 282 -32.71 5.77 35.68
C ARG E 282 -32.64 4.31 35.25
N ARG E 283 -33.45 3.92 34.26
CA ARG E 283 -33.46 2.53 33.80
C ARG E 283 -32.32 2.23 32.85
N ILE E 284 -32.00 3.19 32.00
CA ILE E 284 -30.80 3.13 31.15
C ILE E 284 -29.50 3.03 31.96
N LEU E 285 -29.22 4.04 32.79
CA LEU E 285 -28.10 4.01 33.73
C LEU E 285 -28.00 2.65 34.40
N TYR E 286 -29.12 2.13 34.89
CA TYR E 286 -29.11 0.85 35.56
C TYR E 286 -28.73 -0.32 34.64
N GLY E 287 -29.47 -0.53 33.55
CA GLY E 287 -29.22 -1.63 32.63
C GLY E 287 -27.87 -1.63 31.92
N LEU E 288 -27.16 -0.52 32.03
CA LEU E 288 -25.75 -0.51 31.65
C LEU E 288 -25.02 -1.22 32.77
N ASN E 289 -25.29 -0.82 34.01
CA ASN E 289 -24.61 -1.44 35.14
C ASN E 289 -24.78 -2.96 35.20
N GLU E 290 -26.02 -3.43 35.17
CA GLU E 290 -26.29 -4.87 35.19
C GLU E 290 -25.55 -5.67 34.10
N GLN E 291 -25.22 -5.02 33.00
CA GLN E 291 -24.60 -5.70 31.86
C GLN E 291 -23.08 -5.59 31.79
N GLY E 292 -22.50 -4.76 32.66
CA GLY E 292 -21.06 -4.58 32.75
C GLY E 292 -20.47 -3.49 31.86
N MET E 293 -21.33 -2.75 31.19
CA MET E 293 -20.91 -1.74 30.23
C MET E 293 -20.37 -0.50 30.97
N THR E 294 -19.26 -0.70 31.69
CA THR E 294 -18.66 0.29 32.59
C THR E 294 -17.42 1.00 32.00
N PRO E 295 -17.08 2.19 32.54
CA PRO E 295 -16.17 3.16 31.90
C PRO E 295 -14.86 2.62 31.35
N ASP E 296 -14.46 1.43 31.79
CA ASP E 296 -13.17 0.87 31.41
C ASP E 296 -13.26 -0.16 30.29
N LYS E 297 -14.22 -1.07 30.38
CA LYS E 297 -14.36 -2.09 29.36
C LYS E 297 -14.96 -1.51 28.08
N SER E 298 -14.83 -2.26 26.99
CA SER E 298 -15.19 -1.82 25.64
C SER E 298 -16.50 -1.05 25.55
N TYR E 299 -16.61 -0.23 24.50
CA TYR E 299 -17.88 0.37 24.13
C TYR E 299 -18.81 -0.79 23.70
N LYS E 300 -20.12 -0.62 23.84
CA LYS E 300 -21.09 -1.62 23.35
C LYS E 300 -22.14 -1.03 22.43
N LYS E 301 -22.56 -1.79 21.41
CA LYS E 301 -23.49 -1.34 20.36
C LYS E 301 -24.84 -0.83 20.89
N SER E 302 -25.13 0.44 20.64
CA SER E 302 -26.37 1.07 21.13
C SER E 302 -27.62 0.23 20.94
N ALA E 303 -27.66 -0.56 19.88
CA ALA E 303 -28.85 -1.35 19.56
C ALA E 303 -28.92 -2.61 20.38
N ARG E 304 -27.93 -2.86 21.21
CA ARG E 304 -28.01 -3.98 22.10
C ARG E 304 -28.53 -3.48 23.45
N ILE E 305 -27.91 -2.39 23.92
CA ILE E 305 -28.35 -1.66 25.11
C ILE E 305 -29.80 -1.27 25.02
N VAL E 306 -30.19 -0.64 23.91
CA VAL E 306 -31.58 -0.23 23.81
C VAL E 306 -32.50 -1.46 23.74
N GLY E 307 -32.18 -2.41 22.86
CA GLY E 307 -33.01 -3.60 22.69
C GLY E 307 -33.21 -4.41 23.96
N ASP E 308 -32.32 -4.20 24.92
CA ASP E 308 -32.36 -4.99 26.12
C ASP E 308 -32.81 -4.17 27.33
N VAL E 309 -32.65 -2.84 27.31
CA VAL E 309 -33.16 -2.01 28.41
C VAL E 309 -34.62 -1.76 28.16
N MET E 310 -35.10 -2.27 27.03
CA MET E 310 -36.52 -2.22 26.70
C MET E 310 -37.16 -3.61 26.89
N GLY E 311 -36.33 -4.63 27.03
CA GLY E 311 -36.81 -5.96 27.34
C GLY E 311 -36.93 -6.15 28.84
N LYS E 312 -35.89 -5.77 29.57
CA LYS E 312 -35.87 -5.96 31.01
C LYS E 312 -36.66 -4.89 31.81
N TYR E 313 -36.58 -3.60 31.47
CA TYR E 313 -37.11 -2.57 32.38
C TYR E 313 -38.16 -1.56 31.88
N HIS E 314 -38.03 -1.07 30.66
CA HIS E 314 -38.84 0.07 30.18
C HIS E 314 -39.62 -0.41 28.96
N PRO E 315 -40.95 -0.51 29.06
CA PRO E 315 -41.78 -1.09 28.01
C PRO E 315 -42.43 -0.02 27.15
N HIS E 316 -41.60 0.72 26.42
CA HIS E 316 -42.09 1.82 25.63
C HIS E 316 -41.42 1.81 24.24
N GLY E 317 -41.13 2.99 23.69
CA GLY E 317 -40.60 3.08 22.35
C GLY E 317 -39.10 3.20 22.30
N ASP E 318 -38.50 2.87 21.16
CA ASP E 318 -37.06 2.89 21.04
C ASP E 318 -36.52 4.31 20.84
N SER E 319 -37.21 5.12 20.04
CA SER E 319 -36.74 6.49 19.83
C SER E 319 -36.63 7.23 21.15
N SER E 320 -37.56 6.96 22.08
CA SER E 320 -37.56 7.63 23.37
C SER E 320 -36.39 7.19 24.23
N ILE E 321 -36.12 5.88 24.22
CA ILE E 321 -35.03 5.24 25.00
C ILE E 321 -33.68 5.78 24.56
N TYR E 322 -33.48 5.70 23.25
CA TYR E 322 -32.27 6.17 22.61
C TYR E 322 -32.09 7.66 22.82
N GLU E 323 -32.97 8.49 22.24
CA GLU E 323 -32.85 9.95 22.40
C GLU E 323 -32.66 10.34 23.86
N ALA E 324 -33.22 9.54 24.75
CA ALA E 324 -33.06 9.74 26.18
C ALA E 324 -31.60 9.57 26.51
N MET E 325 -31.02 8.49 26.01
CA MET E 325 -29.62 8.15 26.21
C MET E 325 -28.69 9.16 25.57
N VAL E 326 -28.99 9.48 24.31
CA VAL E 326 -28.14 10.34 23.51
C VAL E 326 -28.06 11.72 24.13
N ARG E 327 -29.14 12.18 24.73
CA ARG E 327 -29.09 13.44 25.46
C ARG E 327 -27.96 13.42 26.51
N MET E 328 -27.84 12.33 27.26
CA MET E 328 -26.84 12.30 28.31
C MET E 328 -25.45 11.90 27.82
N ALA E 329 -25.20 12.10 26.54
CA ALA E 329 -23.89 11.78 25.96
C ALA E 329 -23.26 13.06 25.47
N GLN E 330 -24.10 14.04 25.20
CA GLN E 330 -23.70 15.30 24.62
C GLN E 330 -23.16 16.22 25.70
N ASP E 331 -22.04 16.89 25.42
CA ASP E 331 -21.47 17.81 26.39
C ASP E 331 -22.14 19.18 26.32
N PHE E 332 -23.02 19.36 25.33
CA PHE E 332 -23.77 20.60 25.21
C PHE E 332 -25.17 20.53 25.84
N SER E 333 -25.58 19.31 26.20
CA SER E 333 -26.89 19.05 26.78
C SER E 333 -26.76 18.71 28.26
N TYR E 334 -26.06 17.62 28.52
CA TYR E 334 -25.76 17.19 29.88
C TYR E 334 -24.48 17.88 30.40
N ARG E 335 -24.63 18.75 31.38
CA ARG E 335 -23.50 19.47 31.97
C ARG E 335 -22.37 18.53 32.41
N TYR E 336 -22.68 17.52 33.23
CA TYR E 336 -21.72 16.45 33.55
C TYR E 336 -22.22 15.11 33.02
N PRO E 337 -21.91 14.81 31.75
CA PRO E 337 -22.58 13.77 30.99
C PRO E 337 -22.45 12.42 31.64
N LEU E 338 -23.50 11.63 31.54
CA LEU E 338 -23.50 10.34 32.18
C LEU E 338 -23.21 9.22 31.17
N VAL E 339 -23.14 9.54 29.90
CA VAL E 339 -22.84 8.51 28.92
C VAL E 339 -21.65 8.83 28.00
N ASP E 340 -20.71 7.89 27.89
CA ASP E 340 -19.48 8.11 27.12
C ASP E 340 -19.83 7.80 25.68
N GLY E 341 -19.58 8.75 24.79
CA GLY E 341 -20.05 8.64 23.43
C GLY E 341 -19.04 8.19 22.40
N GLN E 342 -19.39 7.15 21.66
CA GLN E 342 -18.56 6.64 20.56
C GLN E 342 -19.31 6.69 19.25
N GLY E 343 -19.15 7.79 18.52
CA GLY E 343 -19.77 7.96 17.21
C GLY E 343 -20.31 9.37 17.00
N ASN E 344 -21.27 9.50 16.08
CA ASN E 344 -21.95 10.78 15.88
C ASN E 344 -23.11 10.99 16.83
N PHE E 345 -22.89 11.76 17.90
CA PHE E 345 -23.90 11.91 18.94
C PHE E 345 -24.57 13.28 19.01
N GLY E 346 -25.12 13.72 17.89
CA GLY E 346 -25.83 14.99 17.84
C GLY E 346 -24.87 16.12 17.59
N SER E 347 -25.40 17.34 17.60
CA SER E 347 -24.62 18.51 17.24
C SER E 347 -25.38 19.79 17.54
N MET E 348 -24.68 20.77 18.11
CA MET E 348 -25.30 22.06 18.46
C MET E 348 -26.23 22.56 17.36
N ASP E 349 -25.82 22.37 16.11
CA ASP E 349 -26.60 22.82 14.95
C ASP E 349 -27.97 22.18 14.96
N GLY E 350 -28.23 21.34 15.95
CA GLY E 350 -29.52 20.69 16.10
C GLY E 350 -29.74 19.50 15.18
N ASP E 351 -28.68 19.04 14.54
CA ASP E 351 -28.76 17.86 13.69
C ASP E 351 -28.95 16.64 14.61
N GLY E 352 -29.43 15.53 14.06
CA GLY E 352 -29.67 14.35 14.87
C GLY E 352 -28.47 13.41 14.96
N ALA E 353 -28.48 12.53 15.97
CA ALA E 353 -27.42 11.52 16.10
C ALA E 353 -27.59 10.42 15.07
N ALA E 354 -26.63 9.52 15.01
CA ALA E 354 -26.64 8.51 13.97
C ALA E 354 -27.62 7.48 14.42
N ALA E 355 -27.94 6.51 13.55
CA ALA E 355 -28.83 5.42 13.93
C ALA E 355 -28.33 4.78 15.22
N MET E 356 -29.20 4.09 15.92
CA MET E 356 -28.74 3.42 17.11
C MET E 356 -28.05 2.16 16.64
N ARG E 357 -28.25 1.85 15.36
CA ARG E 357 -27.69 0.64 14.78
C ARG E 357 -26.31 0.94 14.18
N PHE E 358 -25.81 2.14 14.46
CA PHE E 358 -24.48 2.54 14.06
C PHE E 358 -23.64 2.67 15.32
N THR E 359 -23.93 3.70 16.10
CA THR E 359 -23.13 4.08 17.28
C THR E 359 -23.02 3.07 18.45
N GLU E 360 -22.31 3.48 19.50
CA GLU E 360 -22.10 2.63 20.67
C GLU E 360 -21.71 3.49 21.86
N ALA E 361 -21.94 2.97 23.07
CA ALA E 361 -21.57 3.66 24.29
C ALA E 361 -21.37 2.77 25.53
N ARG E 362 -21.24 3.45 26.66
CA ARG E 362 -21.03 2.85 27.97
C ARG E 362 -21.08 3.99 28.99
N MET E 363 -21.04 3.64 30.27
CA MET E 363 -21.10 4.62 31.37
C MET E 363 -19.93 5.57 31.34
N THR E 364 -20.00 6.65 32.12
CA THR E 364 -18.83 7.50 32.28
C THR E 364 -18.25 7.33 33.67
N LYS E 365 -17.20 8.10 33.98
CA LYS E 365 -16.52 8.01 35.27
C LYS E 365 -17.41 8.53 36.40
N ILE E 366 -18.04 9.67 36.14
CA ILE E 366 -18.86 10.32 37.12
C ILE E 366 -20.14 9.54 37.40
N THR E 367 -20.50 8.69 36.44
CA THR E 367 -21.72 7.89 36.53
C THR E 367 -21.64 6.81 37.59
N LEU E 368 -20.42 6.43 37.95
CA LEU E 368 -20.24 5.36 38.91
C LEU E 368 -20.43 5.84 40.33
N GLU E 369 -20.39 7.15 40.53
CA GLU E 369 -20.68 7.71 41.85
C GLU E 369 -22.19 7.78 42.08
N LEU E 370 -22.97 7.72 41.01
CA LEU E 370 -24.41 7.67 41.19
C LEU E 370 -24.85 6.23 41.44
N LEU E 371 -24.05 5.28 40.99
CA LEU E 371 -24.36 3.87 41.20
C LEU E 371 -23.61 3.25 42.38
N ARG E 372 -22.65 3.97 42.94
CA ARG E 372 -21.82 3.36 43.99
C ARG E 372 -22.64 3.06 45.22
N ASP E 373 -22.52 1.81 45.68
CA ASP E 373 -23.17 1.30 46.88
C ASP E 373 -24.59 0.85 46.54
N ILE E 374 -24.78 0.07 45.49
CA ILE E 374 -26.17 -0.20 45.13
C ILE E 374 -26.60 -1.62 45.38
N ASN E 375 -25.64 -2.51 45.61
CA ASN E 375 -25.98 -3.85 46.02
C ASN E 375 -25.71 -4.05 47.51
N LYS E 376 -25.73 -2.92 48.24
CA LYS E 376 -25.64 -2.88 49.70
C LYS E 376 -26.96 -2.43 50.30
N ASP E 377 -28.08 -2.88 49.73
CA ASP E 377 -29.40 -2.49 50.21
C ASP E 377 -29.40 -1.07 50.76
N THR E 378 -29.16 -0.10 49.88
CA THR E 378 -29.19 1.32 50.25
C THR E 378 -30.38 2.02 49.60
N ILE E 379 -31.16 1.21 48.88
CA ILE E 379 -32.35 1.66 48.18
C ILE E 379 -33.28 0.48 47.95
N ASP E 380 -34.58 0.72 47.91
CA ASP E 380 -35.52 -0.37 47.78
C ASP E 380 -35.67 -0.80 46.33
N PHE E 381 -35.63 -2.11 46.07
CA PHE E 381 -35.87 -2.66 44.74
C PHE E 381 -37.36 -3.00 44.54
N ILE E 382 -38.00 -2.40 43.53
CA ILE E 382 -39.36 -2.79 43.17
C ILE E 382 -39.35 -3.74 41.97
N ASP E 383 -40.43 -4.47 41.72
CA ASP E 383 -40.48 -5.33 40.54
C ASP E 383 -40.57 -4.48 39.27
N ASN E 384 -40.35 -5.12 38.13
CA ASN E 384 -40.40 -4.47 36.82
C ASN E 384 -41.76 -4.64 36.18
N TYR E 385 -41.85 -4.35 34.90
CA TYR E 385 -43.17 -4.37 34.27
C TYR E 385 -43.83 -5.76 34.14
N ASP E 386 -43.10 -6.85 34.38
CA ASP E 386 -43.72 -8.17 34.24
C ASP E 386 -43.37 -9.24 35.31
N GLY E 387 -42.72 -8.79 36.37
CA GLY E 387 -42.42 -9.65 37.51
C GLY E 387 -41.23 -10.60 37.34
N ASN E 388 -40.53 -10.48 36.21
CA ASN E 388 -39.44 -11.41 35.93
C ASN E 388 -38.08 -10.89 36.31
N GLU E 389 -37.97 -9.61 36.68
CA GLU E 389 -36.73 -9.02 37.25
C GLU E 389 -36.95 -7.70 38.03
N ARG E 390 -35.89 -7.07 38.55
CA ARG E 390 -36.02 -5.96 39.51
C ARG E 390 -35.25 -4.66 39.25
N GLU E 391 -35.95 -3.54 39.07
CA GLU E 391 -35.31 -2.22 38.90
C GLU E 391 -35.26 -1.44 40.22
N PRO E 392 -34.58 -0.29 40.24
CA PRO E 392 -34.60 0.53 41.46
C PRO E 392 -35.61 1.64 41.37
N SER E 393 -36.00 2.16 42.52
CA SER E 393 -36.92 3.26 42.60
C SER E 393 -36.13 4.56 42.71
N VAL E 394 -34.84 4.43 42.99
CA VAL E 394 -33.92 5.56 43.13
C VAL E 394 -32.50 5.02 43.24
N LEU E 395 -31.56 5.68 42.57
CA LEU E 395 -30.15 5.33 42.66
C LEU E 395 -29.52 6.07 43.84
N PRO E 396 -28.58 5.41 44.54
CA PRO E 396 -27.85 5.96 45.69
C PRO E 396 -27.45 7.43 45.51
N ALA E 397 -27.12 7.84 44.28
CA ALA E 397 -26.87 9.24 43.96
C ALA E 397 -25.88 9.91 44.88
N ARG E 398 -24.61 9.54 44.77
CA ARG E 398 -23.61 10.08 45.69
C ARG E 398 -23.30 11.57 45.45
N PHE E 399 -23.79 12.15 44.35
CA PHE E 399 -23.76 13.61 44.15
C PHE E 399 -25.11 14.20 43.72
N PRO E 400 -25.34 15.51 43.95
CA PRO E 400 -26.64 16.18 43.71
C PRO E 400 -27.01 16.30 42.24
N ASN E 401 -27.30 15.20 41.57
CA ASN E 401 -27.50 15.22 40.13
C ASN E 401 -28.53 16.24 39.67
N LEU E 402 -29.54 16.46 40.51
CA LEU E 402 -30.68 17.28 40.11
C LEU E 402 -30.30 18.71 39.75
N LEU E 403 -29.58 19.37 40.63
CA LEU E 403 -29.13 20.73 40.37
C LEU E 403 -27.90 20.78 39.45
N ALA E 404 -26.94 19.89 39.68
CA ALA E 404 -25.72 19.88 38.88
C ALA E 404 -26.05 19.76 37.40
N ASN E 405 -27.01 18.90 37.09
CA ASN E 405 -27.35 18.54 35.71
C ASN E 405 -28.65 19.14 35.19
N GLY E 406 -29.49 19.60 36.10
CA GLY E 406 -30.77 20.18 35.73
C GLY E 406 -31.74 19.16 35.18
N ALA E 407 -32.93 19.65 34.81
CA ALA E 407 -33.94 18.83 34.18
C ALA E 407 -35.01 19.70 33.55
N SER E 408 -35.51 19.26 32.41
CA SER E 408 -36.67 19.92 31.83
C SER E 408 -37.65 18.82 31.44
N GLY E 409 -38.95 19.11 31.57
CA GLY E 409 -40.00 18.15 31.30
C GLY E 409 -41.41 18.73 31.25
N ILE E 410 -42.18 18.26 30.28
CA ILE E 410 -43.58 18.63 30.17
C ILE E 410 -44.46 17.58 30.83
N ALA E 411 -45.09 17.91 31.96
CA ALA E 411 -46.06 16.99 32.51
C ALA E 411 -47.44 17.29 31.92
N VAL E 412 -48.50 16.85 32.60
CA VAL E 412 -49.88 17.23 32.27
C VAL E 412 -50.37 18.13 33.41
N GLY E 413 -50.68 19.39 33.09
CA GLY E 413 -51.16 20.34 34.08
C GLY E 413 -50.04 21.09 34.78
N MET E 414 -48.81 20.71 34.47
CA MET E 414 -47.61 21.35 34.99
C MET E 414 -46.37 20.92 34.21
N ALA E 415 -45.26 21.63 34.37
CA ALA E 415 -44.00 21.20 33.76
C ALA E 415 -42.81 21.78 34.54
N THR E 416 -41.60 21.63 34.01
CA THR E 416 -40.42 21.92 34.80
C THR E 416 -39.16 22.32 34.02
N ASN E 417 -38.47 23.33 34.53
CA ASN E 417 -37.25 23.86 33.90
C ASN E 417 -36.24 24.19 34.99
N ILE E 418 -35.43 23.20 35.38
CA ILE E 418 -34.29 23.40 36.28
C ILE E 418 -32.98 23.42 35.51
N PRO E 419 -32.15 24.43 35.77
CA PRO E 419 -30.82 24.59 35.15
C PRO E 419 -29.75 23.78 35.87
N PRO E 420 -28.59 23.59 35.25
CA PRO E 420 -27.49 22.98 35.99
C PRO E 420 -26.82 24.01 36.89
N HIS E 421 -25.93 23.58 37.76
CA HIS E 421 -25.08 24.51 38.48
C HIS E 421 -23.69 23.93 38.55
N ASN E 422 -22.70 24.78 38.79
CA ASN E 422 -21.37 24.25 38.94
C ASN E 422 -21.35 23.42 40.21
N LEU E 423 -20.87 22.19 40.07
CA LEU E 423 -20.93 21.21 41.14
C LEU E 423 -19.97 21.47 42.30
N THR E 424 -18.80 22.06 42.06
CA THR E 424 -17.92 22.45 43.17
C THR E 424 -18.71 23.40 44.06
N GLU E 425 -19.53 24.24 43.43
CA GLU E 425 -20.39 25.21 44.11
C GLU E 425 -21.59 24.57 44.82
N LEU E 426 -22.17 23.51 44.25
CA LEU E 426 -23.27 22.79 44.92
C LEU E 426 -22.76 22.16 46.20
N ILE E 427 -21.63 21.44 46.12
CA ILE E 427 -21.11 20.73 47.27
C ILE E 427 -20.70 21.72 48.35
N ASN E 428 -20.27 22.90 47.93
CA ASN E 428 -19.84 23.92 48.90
C ASN E 428 -21.00 24.51 49.69
N GLY E 429 -22.17 24.58 49.05
CA GLY E 429 -23.39 24.97 49.73
C GLY E 429 -23.86 23.86 50.64
N VAL E 430 -23.89 22.64 50.10
CA VAL E 430 -24.27 21.44 50.86
C VAL E 430 -23.52 21.33 52.17
N LEU E 431 -22.20 21.55 52.12
CA LEU E 431 -21.38 21.54 53.31
C LEU E 431 -21.84 22.56 54.36
N SER E 432 -22.03 23.81 53.94
CA SER E 432 -22.44 24.87 54.86
C SER E 432 -23.82 24.63 55.48
N LEU E 433 -24.55 23.67 54.91
CA LEU E 433 -25.91 23.34 55.35
C LEU E 433 -25.94 22.33 56.51
N SER E 434 -25.09 21.33 56.43
CA SER E 434 -24.97 20.33 57.50
C SER E 434 -24.21 20.92 58.69
N LYS E 435 -23.43 21.97 58.43
CA LYS E 435 -22.70 22.67 59.48
C LYS E 435 -23.55 23.77 60.06
N ASN E 436 -24.68 24.03 59.40
CA ASN E 436 -25.64 25.05 59.83
C ASN E 436 -27.02 24.80 59.23
N PRO E 437 -27.94 24.27 60.04
CA PRO E 437 -29.29 23.89 59.59
C PRO E 437 -30.18 25.07 59.19
N ASP E 438 -30.07 26.20 59.89
CA ASP E 438 -30.89 27.38 59.60
C ASP E 438 -30.12 28.47 58.86
N ILE E 439 -29.62 28.12 57.67
CA ILE E 439 -28.78 29.00 56.88
C ILE E 439 -29.57 29.71 55.79
N SER E 440 -29.58 31.04 55.84
CA SER E 440 -30.39 31.85 54.92
C SER E 440 -30.11 31.50 53.46
N ILE E 441 -31.09 31.76 52.59
CA ILE E 441 -30.92 31.48 51.17
C ILE E 441 -29.90 32.46 50.57
N ALA E 442 -29.81 33.65 51.17
CA ALA E 442 -28.85 34.68 50.77
C ALA E 442 -27.40 34.32 51.15
N GLU E 443 -27.28 33.38 52.08
CA GLU E 443 -25.99 32.98 52.63
C GLU E 443 -25.43 31.78 51.85
N LEU E 444 -26.24 31.28 50.93
CA LEU E 444 -25.87 30.12 50.13
C LEU E 444 -25.46 30.56 48.73
N MET E 445 -25.66 31.83 48.44
CA MET E 445 -25.20 32.42 47.19
C MET E 445 -23.80 32.99 47.38
N GLU E 446 -23.11 32.50 48.41
CA GLU E 446 -21.68 32.79 48.62
C GLU E 446 -20.83 31.61 48.16
N ASP E 447 -21.49 30.45 48.05
CA ASP E 447 -20.88 29.22 47.58
C ASP E 447 -21.43 28.91 46.20
N ILE E 448 -22.74 29.10 46.05
CA ILE E 448 -23.42 28.97 44.77
C ILE E 448 -23.83 30.35 44.24
N GLU E 449 -23.01 30.90 43.35
CA GLU E 449 -23.28 32.21 42.75
C GLU E 449 -24.40 32.10 41.73
N GLY E 450 -24.56 30.90 41.17
CA GLY E 450 -25.61 30.64 40.20
C GLY E 450 -25.38 29.37 39.38
N PRO E 451 -26.15 29.23 38.29
CA PRO E 451 -26.13 28.17 37.28
C PRO E 451 -24.89 28.21 36.41
N ASP E 452 -24.67 27.14 35.66
CA ASP E 452 -23.47 27.00 34.85
C ASP E 452 -23.76 26.11 33.64
N PHE E 453 -24.04 26.75 32.52
CA PHE E 453 -24.46 26.03 31.34
C PHE E 453 -23.29 25.29 30.71
N PRO E 454 -23.59 24.21 29.96
CA PRO E 454 -22.60 23.41 29.25
C PRO E 454 -22.04 24.10 27.99
N THR E 455 -22.64 25.24 27.62
CA THR E 455 -22.15 26.02 26.49
C THR E 455 -21.42 27.28 26.96
N ALA E 456 -21.73 27.69 28.19
CA ALA E 456 -21.15 28.88 28.82
C ALA E 456 -21.83 30.16 28.37
N GLY E 457 -21.05 31.23 28.30
CA GLY E 457 -21.57 32.50 27.83
C GLY E 457 -21.70 33.54 28.93
N LEU E 458 -22.73 34.37 28.81
CA LEU E 458 -23.00 35.42 29.77
C LEU E 458 -24.35 35.22 30.44
N ILE E 459 -24.48 35.75 31.65
CA ILE E 459 -25.78 35.86 32.29
C ILE E 459 -25.84 37.24 32.94
N LEU E 460 -26.94 37.96 32.70
CA LEU E 460 -27.08 39.32 33.19
C LEU E 460 -27.70 39.41 34.58
N GLY E 461 -26.95 39.94 35.55
CA GLY E 461 -27.45 40.20 36.89
C GLY E 461 -27.71 38.99 37.77
N LYS E 462 -28.00 39.26 39.04
CA LYS E 462 -28.38 38.21 40.00
C LYS E 462 -29.80 38.48 40.51
N SER E 463 -30.47 39.46 39.93
CA SER E 463 -31.82 39.82 40.39
C SER E 463 -32.87 38.82 39.96
N GLY E 464 -32.67 38.20 38.80
CA GLY E 464 -33.58 37.21 38.27
C GLY E 464 -33.20 35.82 38.74
N ILE E 465 -31.98 35.69 39.24
CA ILE E 465 -31.49 34.45 39.86
C ILE E 465 -31.87 34.43 41.34
N ARG E 466 -31.60 35.53 42.03
CA ARG E 466 -31.92 35.66 43.44
C ARG E 466 -33.39 35.35 43.62
N ARG E 467 -34.15 35.53 42.55
CA ARG E 467 -35.59 35.30 42.57
C ARG E 467 -35.95 33.82 42.67
N ALA E 468 -35.67 33.07 41.60
CA ALA E 468 -36.01 31.66 41.54
C ALA E 468 -35.41 30.83 42.67
N TYR E 469 -34.31 31.32 43.26
CA TYR E 469 -33.64 30.63 44.36
C TYR E 469 -34.42 30.71 45.66
N GLU E 470 -35.28 31.72 45.78
CA GLU E 470 -36.00 31.93 47.02
C GLU E 470 -37.43 31.41 46.92
N THR E 471 -37.89 31.12 45.70
CA THR E 471 -39.30 30.78 45.49
C THR E 471 -39.55 29.70 44.44
N GLY E 472 -38.51 29.27 43.75
CA GLY E 472 -38.65 28.24 42.74
C GLY E 472 -38.87 28.74 41.31
N ARG E 473 -39.73 29.74 41.15
CA ARG E 473 -40.03 30.28 39.82
C ARG E 473 -39.31 31.60 39.58
N GLY E 474 -38.52 31.66 38.50
CA GLY E 474 -37.81 32.88 38.12
C GLY E 474 -37.28 32.79 36.70
N SER E 475 -37.23 33.91 35.99
CA SER E 475 -36.69 33.92 34.62
C SER E 475 -35.30 34.53 34.55
N ILE E 476 -34.45 33.99 33.67
CA ILE E 476 -33.02 34.36 33.64
C ILE E 476 -32.40 34.60 32.24
N GLN E 477 -31.97 35.85 31.99
CA GLN E 477 -31.43 36.24 30.68
C GLN E 477 -30.05 35.64 30.42
N MET E 478 -29.93 34.89 29.33
CA MET E 478 -28.63 34.42 28.84
C MET E 478 -28.10 35.40 27.80
N ARG E 479 -26.86 35.21 27.37
CA ARG E 479 -26.27 36.06 26.32
C ARG E 479 -24.99 35.45 25.80
N SER E 480 -25.05 34.95 24.57
CA SER E 480 -23.90 34.36 23.90
C SER E 480 -22.68 35.31 23.92
N ARG E 481 -21.49 34.76 24.20
CA ARG E 481 -20.27 35.55 24.34
C ARG E 481 -19.70 36.01 23.00
N ALA E 482 -19.96 37.26 22.64
CA ALA E 482 -19.49 37.79 21.35
C ALA E 482 -18.44 38.88 21.54
N VAL E 483 -17.76 39.22 20.45
CA VAL E 483 -16.71 40.23 20.46
C VAL E 483 -16.69 41.00 19.13
N ILE E 484 -15.90 42.07 19.07
CA ILE E 484 -15.74 42.84 17.83
C ILE E 484 -14.28 43.12 17.45
N GLU E 485 -13.85 42.58 16.32
CA GLU E 485 -12.46 42.74 15.87
C GLU E 485 -12.44 43.03 14.37
N GLU E 486 -11.43 43.76 13.92
CA GLU E 486 -11.28 44.08 12.50
C GLU E 486 -10.57 42.96 11.72
N ARG E 487 -10.88 42.85 10.43
CA ARG E 487 -10.36 41.77 9.58
C ARG E 487 -9.42 42.31 8.51
N GLY E 488 -9.37 43.65 8.41
CA GLY E 488 -8.49 44.32 7.47
C GLY E 488 -9.19 45.47 6.78
N GLY E 489 -8.54 46.62 6.76
CA GLY E 489 -9.05 47.78 6.03
C GLY E 489 -9.86 48.77 6.84
N GLY E 490 -9.83 48.61 8.16
CA GLY E 490 -10.61 49.46 9.06
C GLY E 490 -12.03 48.93 9.21
N ARG E 491 -12.36 47.90 8.44
CA ARG E 491 -13.66 47.27 8.53
C ARG E 491 -13.70 46.29 9.69
N GLN E 492 -14.87 46.14 10.30
CA GLN E 492 -15.01 45.33 11.49
C GLN E 492 -15.79 44.06 11.21
N ARG E 493 -15.86 43.19 12.20
CA ARG E 493 -16.66 41.96 12.12
C ARG E 493 -16.98 41.42 13.51
N ILE E 494 -18.19 40.89 13.65
CA ILE E 494 -18.64 40.26 14.88
C ILE E 494 -18.36 38.76 14.82
N VAL E 495 -17.64 38.24 15.80
CA VAL E 495 -17.44 36.80 15.91
C VAL E 495 -17.80 36.28 17.30
N VAL E 496 -18.92 35.59 17.35
CA VAL E 496 -19.44 35.05 18.58
C VAL E 496 -18.77 33.71 18.87
N THR E 497 -18.22 33.57 20.07
CA THR E 497 -17.49 32.35 20.42
C THR E 497 -18.28 31.39 21.33
N GLU E 498 -19.37 31.88 21.93
CA GLU E 498 -20.24 31.03 22.75
C GLU E 498 -21.71 31.42 22.57
N ILE E 499 -22.64 30.47 22.67
CA ILE E 499 -24.06 30.76 22.54
C ILE E 499 -24.83 30.49 23.84
N PRO E 500 -26.17 30.61 23.82
CA PRO E 500 -26.89 30.19 25.02
C PRO E 500 -27.21 28.71 24.97
N PHE E 501 -27.49 28.13 26.13
CA PHE E 501 -27.83 26.72 26.27
C PHE E 501 -29.26 26.43 25.79
N GLN E 502 -29.40 25.33 25.06
CA GLN E 502 -30.68 24.88 24.50
C GLN E 502 -31.16 25.77 23.33
N VAL E 503 -30.22 26.54 22.76
CA VAL E 503 -30.49 27.30 21.54
C VAL E 503 -29.68 26.78 20.35
N ASN E 504 -30.43 26.21 19.41
CA ASN E 504 -29.90 25.58 18.23
C ASN E 504 -29.13 26.60 17.37
N LYS E 505 -27.83 26.40 17.26
CA LYS E 505 -26.97 27.34 16.54
C LYS E 505 -27.41 27.53 15.09
N ALA E 506 -27.46 26.42 14.35
CA ALA E 506 -27.76 26.41 12.91
C ALA E 506 -29.02 27.17 12.50
N ARG E 507 -30.08 26.99 13.29
CA ARG E 507 -31.33 27.67 13.04
C ARG E 507 -31.27 29.11 13.55
N MET E 508 -30.45 29.37 14.55
CA MET E 508 -30.28 30.73 15.04
C MET E 508 -29.56 31.62 14.02
N ILE E 509 -28.70 31.03 13.19
CA ILE E 509 -28.03 31.75 12.11
C ILE E 509 -29.02 32.13 11.02
N GLU E 510 -29.95 31.22 10.75
CA GLU E 510 -31.03 31.48 9.80
C GLU E 510 -31.99 32.54 10.30
N LYS E 511 -32.06 32.74 11.62
CA LYS E 511 -32.91 33.77 12.18
C LYS E 511 -32.25 35.13 12.00
N ILE E 512 -30.92 35.13 12.03
CA ILE E 512 -30.14 36.31 11.67
C ILE E 512 -30.27 36.53 10.17
N ALA E 513 -30.19 35.43 9.43
CA ALA E 513 -30.15 35.43 7.96
C ALA E 513 -31.46 35.90 7.32
N GLU E 514 -32.52 35.90 8.12
CA GLU E 514 -33.82 36.37 7.68
C GLU E 514 -33.92 37.87 7.95
N LEU E 515 -33.42 38.29 9.11
CA LEU E 515 -33.44 39.70 9.50
C LEU E 515 -32.76 40.63 8.49
N VAL E 516 -31.69 40.14 7.86
CA VAL E 516 -30.96 40.92 6.86
C VAL E 516 -31.64 40.88 5.49
N ARG E 517 -32.19 39.72 5.15
CA ARG E 517 -32.83 39.49 3.86
C ARG E 517 -34.17 40.22 3.76
N ASP E 518 -34.92 40.23 4.86
CA ASP E 518 -36.20 40.93 4.90
C ASP E 518 -36.02 42.43 5.14
N LYS E 519 -34.76 42.86 5.27
CA LYS E 519 -34.44 44.28 5.41
C LYS E 519 -34.85 44.91 6.75
N LYS E 520 -34.68 44.16 7.83
CA LYS E 520 -34.99 44.70 9.16
C LYS E 520 -33.71 45.15 9.86
N ILE E 521 -32.57 44.74 9.31
CA ILE E 521 -31.25 45.09 9.87
C ILE E 521 -30.14 45.25 8.82
N ASP E 522 -29.21 46.18 9.07
CA ASP E 522 -28.29 46.66 8.04
C ASP E 522 -26.79 46.55 8.32
N GLY E 523 -26.01 46.43 7.25
CA GLY E 523 -24.57 46.38 7.37
C GLY E 523 -24.04 44.96 7.41
N ILE E 524 -24.94 43.98 7.31
CA ILE E 524 -24.52 42.58 7.30
C ILE E 524 -24.05 42.16 5.88
N THR E 525 -22.75 42.30 5.63
CA THR E 525 -22.15 41.97 4.34
C THR E 525 -22.16 40.47 4.04
N ASP E 526 -21.97 39.65 5.08
CA ASP E 526 -21.90 38.21 4.92
C ASP E 526 -22.36 37.48 6.19
N LEU E 527 -22.48 36.16 6.09
CA LEU E 527 -22.87 35.35 7.24
C LEU E 527 -22.27 33.95 7.15
N ARG E 528 -21.10 33.76 7.77
CA ARG E 528 -20.42 32.47 7.76
C ARG E 528 -20.44 31.83 9.14
N ASP E 529 -20.62 30.51 9.18
CA ASP E 529 -20.40 29.76 10.41
C ASP E 529 -19.09 28.99 10.30
N GLU E 530 -18.10 29.39 11.09
CA GLU E 530 -16.76 28.84 10.98
C GLU E 530 -16.35 28.11 12.25
N THR E 531 -17.28 27.36 12.84
CA THR E 531 -16.94 26.49 13.95
C THR E 531 -16.28 25.24 13.43
N SER E 532 -15.39 24.67 14.22
CA SER E 532 -14.63 23.49 13.84
C SER E 532 -14.15 22.82 15.10
N LEU E 533 -13.53 21.65 14.97
CA LEU E 533 -12.99 20.96 16.14
C LEU E 533 -11.73 21.66 16.65
N ARG E 534 -10.84 22.02 15.72
CA ARG E 534 -9.59 22.71 16.04
C ARG E 534 -9.80 23.96 16.92
N THR E 535 -10.76 24.79 16.53
CA THR E 535 -11.04 26.06 17.21
C THR E 535 -12.11 25.90 18.27
N GLY E 536 -13.35 25.88 17.81
CA GLY E 536 -14.50 25.83 18.68
C GLY E 536 -15.54 26.77 18.11
N VAL E 537 -16.64 26.94 18.84
CA VAL E 537 -17.73 27.83 18.41
C VAL E 537 -17.23 29.17 17.90
N ARG E 538 -17.48 29.47 16.62
CA ARG E 538 -17.06 30.73 16.03
C ARG E 538 -17.96 31.13 14.86
N VAL E 539 -18.88 32.07 15.13
CA VAL E 539 -19.86 32.52 14.13
C VAL E 539 -19.56 33.92 13.60
N VAL E 540 -19.29 34.03 12.29
CA VAL E 540 -18.82 35.26 11.69
C VAL E 540 -19.88 36.05 10.94
N ILE E 541 -20.18 37.26 11.40
CA ILE E 541 -21.08 38.15 10.68
C ILE E 541 -20.43 39.51 10.43
N ASP E 542 -20.20 39.82 9.16
CA ASP E 542 -19.39 40.98 8.79
C ASP E 542 -20.16 42.30 8.76
N VAL E 543 -19.53 43.36 9.22
CA VAL E 543 -20.15 44.69 9.24
C VAL E 543 -19.68 45.55 8.05
N ARG E 544 -20.62 46.32 7.50
CA ARG E 544 -20.33 47.25 6.41
C ARG E 544 -19.22 48.21 6.86
N LYS E 545 -18.61 48.90 5.91
CA LYS E 545 -17.64 49.94 6.25
C LYS E 545 -18.29 51.07 7.08
N ASP E 546 -17.60 51.48 8.14
CA ASP E 546 -17.96 52.66 8.94
C ASP E 546 -19.22 52.51 9.79
N ALA E 547 -19.89 51.37 9.65
CA ALA E 547 -21.12 51.10 10.39
C ALA E 547 -20.79 50.81 11.85
N ASN E 548 -21.35 51.61 12.75
CA ASN E 548 -21.19 51.42 14.18
C ASN E 548 -21.70 50.04 14.53
N ALA E 549 -20.79 49.12 14.89
CA ALA E 549 -21.20 47.75 15.19
C ALA E 549 -21.52 47.55 16.68
N SER E 550 -21.50 48.64 17.45
CA SER E 550 -21.94 48.60 18.85
C SER E 550 -23.47 48.74 18.90
N VAL E 551 -24.02 49.43 17.90
CA VAL E 551 -25.46 49.51 17.70
C VAL E 551 -26.00 48.17 17.25
N ILE E 552 -25.41 47.62 16.20
CA ILE E 552 -25.79 46.30 15.70
C ILE E 552 -25.55 45.20 16.75
N LEU E 553 -24.82 45.50 17.83
CA LEU E 553 -24.66 44.52 18.91
C LEU E 553 -25.90 44.45 19.82
N ASN E 554 -26.10 45.49 20.64
CA ASN E 554 -27.24 45.51 21.55
C ASN E 554 -28.57 45.37 20.82
N ASN E 555 -28.50 45.45 19.49
CA ASN E 555 -29.62 45.26 18.56
C ASN E 555 -29.98 43.77 18.43
N LEU E 556 -28.96 42.93 18.22
CA LEU E 556 -29.16 41.49 18.00
C LEU E 556 -29.53 40.69 19.27
N TYR E 557 -29.29 41.27 20.44
CA TYR E 557 -29.64 40.59 21.68
C TYR E 557 -31.15 40.60 21.89
N LYS E 558 -31.82 41.51 21.19
CA LYS E 558 -33.26 41.61 21.29
C LYS E 558 -33.98 40.92 20.11
N GLN E 559 -33.37 40.94 18.92
CA GLN E 559 -34.06 40.49 17.70
C GLN E 559 -33.95 39.00 17.33
N THR E 560 -33.14 38.23 18.07
CA THR E 560 -33.01 36.78 17.82
C THR E 560 -32.96 35.99 19.15
N PRO E 561 -32.44 34.74 19.12
CA PRO E 561 -32.10 34.06 20.38
C PRO E 561 -31.01 34.86 21.07
N LEU E 562 -29.76 34.56 20.70
CA LEU E 562 -28.55 35.31 21.10
C LEU E 562 -28.53 35.86 22.53
N GLN E 563 -29.52 36.69 22.87
CA GLN E 563 -29.85 36.91 24.25
C GLN E 563 -31.21 36.26 24.48
N THR E 564 -31.18 34.96 24.76
CA THR E 564 -32.38 34.15 25.04
C THR E 564 -32.61 34.07 26.54
N SER E 565 -33.86 33.83 26.96
CA SER E 565 -34.17 33.70 28.38
C SER E 565 -34.42 32.25 28.81
N PHE E 566 -34.55 32.04 30.11
CA PHE E 566 -34.73 30.70 30.67
C PHE E 566 -35.69 30.71 31.85
N GLY E 567 -36.94 30.36 31.60
CA GLY E 567 -37.95 30.28 32.65
C GLY E 567 -37.71 29.14 33.62
N VAL E 568 -37.55 29.48 34.89
CA VAL E 568 -37.19 28.49 35.89
C VAL E 568 -38.37 28.06 36.75
N ASN E 569 -38.86 26.84 36.49
CA ASN E 569 -39.93 26.26 37.28
C ASN E 569 -39.36 25.05 37.99
N MET E 570 -39.27 25.11 39.31
CA MET E 570 -38.57 24.05 40.02
C MET E 570 -39.47 22.96 40.59
N ILE E 571 -40.15 22.26 39.68
CA ILE E 571 -41.09 21.21 40.06
C ILE E 571 -40.51 19.80 39.87
N ALA E 572 -40.25 19.12 40.98
CA ALA E 572 -39.77 17.74 40.96
C ALA E 572 -40.62 16.85 41.85
N LEU E 573 -40.32 15.55 41.85
CA LEU E 573 -41.05 14.59 42.67
C LEU E 573 -40.45 14.51 44.10
N VAL E 574 -41.30 14.65 45.12
CA VAL E 574 -40.91 14.44 46.53
C VAL E 574 -41.92 13.50 47.17
N ASN E 575 -41.48 12.32 47.60
CA ASN E 575 -42.41 11.30 48.11
C ASN E 575 -43.30 10.74 47.01
N GLY E 576 -42.98 11.04 45.76
CA GLY E 576 -43.85 10.68 44.65
C GLY E 576 -44.99 11.68 44.49
N ARG E 577 -44.76 12.92 44.93
CA ARG E 577 -45.74 14.01 44.86
C ARG E 577 -45.07 15.28 44.34
N PRO E 578 -45.62 15.86 43.26
CA PRO E 578 -45.01 17.04 42.64
C PRO E 578 -44.97 18.23 43.59
N LYS E 579 -43.87 18.96 43.54
CA LYS E 579 -43.72 20.14 44.37
C LYS E 579 -42.81 21.21 43.74
N LEU E 580 -43.30 22.45 43.73
CA LEU E 580 -42.50 23.61 43.35
C LEU E 580 -41.70 24.05 44.58
N ILE E 581 -40.38 24.00 44.47
CA ILE E 581 -39.52 24.08 45.64
C ILE E 581 -38.40 25.11 45.51
N ASN E 582 -38.18 25.91 46.56
CA ASN E 582 -37.08 26.87 46.54
C ASN E 582 -35.74 26.15 46.67
N LEU E 583 -34.65 26.89 46.73
CA LEU E 583 -33.33 26.28 46.63
C LEU E 583 -32.93 25.45 47.85
N LYS E 584 -32.99 26.05 49.04
CA LYS E 584 -32.69 25.31 50.25
C LYS E 584 -33.43 23.96 50.24
N GLU E 585 -34.74 24.04 50.04
CA GLU E 585 -35.59 22.86 49.89
C GLU E 585 -34.89 21.76 49.09
N ALA E 586 -34.26 22.15 47.99
CA ALA E 586 -33.68 21.20 47.04
C ALA E 586 -32.62 20.28 47.65
N LEU E 587 -31.73 20.85 48.45
CA LEU E 587 -30.60 20.11 48.98
C LEU E 587 -30.87 19.57 50.37
N VAL E 588 -31.83 20.18 51.07
CA VAL E 588 -32.26 19.63 52.34
C VAL E 588 -32.65 18.18 52.13
N HIS E 589 -33.35 17.93 51.02
CA HIS E 589 -33.83 16.59 50.71
C HIS E 589 -32.74 15.66 50.18
N TYR E 590 -31.85 16.18 49.34
CA TYR E 590 -30.76 15.36 48.83
C TYR E 590 -29.71 15.02 49.91
N LEU E 591 -29.39 16.02 50.74
CA LEU E 591 -28.55 15.81 51.91
C LEU E 591 -29.18 14.75 52.78
N GLU E 592 -30.51 14.70 52.71
CA GLU E 592 -31.33 13.76 53.46
C GLU E 592 -31.32 12.35 52.86
N HIS E 593 -31.35 12.27 51.53
CA HIS E 593 -31.14 10.99 50.83
C HIS E 593 -29.81 10.41 51.28
N GLN E 594 -28.74 11.16 51.02
CA GLN E 594 -27.39 10.77 51.42
C GLN E 594 -27.27 10.28 52.87
N LYS E 595 -27.79 11.06 53.83
CA LYS E 595 -27.82 10.63 55.23
C LYS E 595 -28.25 9.18 55.32
N THR E 596 -29.35 8.86 54.65
CA THR E 596 -29.95 7.53 54.71
C THR E 596 -29.16 6.46 53.98
N VAL E 597 -28.73 6.76 52.76
CA VAL E 597 -27.97 5.80 51.98
C VAL E 597 -26.70 5.43 52.69
N VAL E 598 -26.17 6.36 53.47
CA VAL E 598 -24.98 6.09 54.26
C VAL E 598 -25.35 5.32 55.54
N ARG E 599 -26.48 5.66 56.12
CA ARG E 599 -26.97 4.87 57.24
C ARG E 599 -27.15 3.42 56.83
N ARG E 600 -27.85 3.19 55.70
CA ARG E 600 -28.23 1.83 55.30
C ARG E 600 -27.07 0.99 54.82
N ARG E 601 -26.05 1.62 54.25
CA ARG E 601 -24.87 0.89 53.82
C ARG E 601 -24.20 0.29 55.05
N THR E 602 -24.22 1.05 56.15
CA THR E 602 -23.66 0.60 57.40
C THR E 602 -24.50 -0.51 58.04
N GLN E 603 -25.81 -0.44 57.87
CA GLN E 603 -26.66 -1.56 58.25
C GLN E 603 -26.19 -2.81 57.51
N TYR E 604 -26.18 -2.74 56.18
CA TYR E 604 -25.83 -3.89 55.35
C TYR E 604 -24.49 -4.45 55.77
N ASN E 605 -23.50 -3.56 55.86
CA ASN E 605 -22.14 -3.95 56.19
C ASN E 605 -22.01 -4.62 57.57
N LEU E 606 -23.02 -4.43 58.40
CA LEU E 606 -22.96 -4.97 59.75
C LEU E 606 -23.62 -6.35 59.82
N ARG E 607 -24.74 -6.53 59.13
CA ARG E 607 -25.33 -7.85 59.01
C ARG E 607 -24.30 -8.75 58.35
N LYS E 608 -23.66 -8.21 57.31
CA LYS E 608 -22.59 -8.90 56.59
C LYS E 608 -21.58 -9.46 57.58
N ALA E 609 -20.97 -8.56 58.35
CA ALA E 609 -19.91 -8.94 59.29
C ALA E 609 -20.33 -10.03 60.29
N LYS E 610 -21.30 -9.72 61.15
CA LYS E 610 -21.81 -10.67 62.15
C LYS E 610 -22.04 -12.11 61.62
N ASP E 611 -22.56 -12.20 60.40
CA ASP E 611 -22.94 -13.50 59.83
C ASP E 611 -21.72 -14.32 59.40
N ARG E 612 -20.67 -13.63 58.94
CA ARG E 612 -19.40 -14.29 58.58
C ARG E 612 -18.58 -14.61 59.82
N ALA E 613 -18.53 -13.64 60.73
CA ALA E 613 -17.87 -13.83 62.02
C ALA E 613 -18.41 -15.09 62.68
N HIS E 614 -19.72 -15.23 62.63
CA HIS E 614 -20.40 -16.40 63.19
C HIS E 614 -20.08 -17.71 62.44
N ILE E 615 -19.76 -17.64 61.14
CA ILE E 615 -19.34 -18.83 60.39
C ILE E 615 -17.84 -19.10 60.61
N LEU E 616 -17.13 -18.06 61.05
CA LEU E 616 -15.74 -18.22 61.43
C LEU E 616 -15.63 -18.86 62.78
N GLU E 617 -16.41 -18.37 63.73
CA GLU E 617 -16.47 -18.97 65.05
C GLU E 617 -16.75 -20.45 64.89
N GLY E 618 -17.53 -20.79 63.85
CA GLY E 618 -17.85 -22.15 63.54
C GLY E 618 -16.63 -22.95 63.13
N LEU E 619 -15.72 -22.28 62.42
CA LEU E 619 -14.49 -22.89 61.90
C LEU E 619 -13.37 -23.09 62.93
N ARG E 620 -12.97 -22.00 63.60
CA ARG E 620 -12.02 -22.10 64.70
C ARG E 620 -12.40 -23.24 65.65
N ILE E 621 -13.70 -23.39 65.92
CA ILE E 621 -14.20 -24.52 66.70
C ILE E 621 -13.90 -25.87 66.05
N ALA E 622 -14.09 -25.96 64.73
CA ALA E 622 -13.96 -27.24 64.04
C ALA E 622 -12.54 -27.58 63.61
N LEU E 623 -11.61 -26.65 63.80
CA LEU E 623 -10.20 -26.93 63.50
C LEU E 623 -9.43 -27.35 64.76
N ASP E 624 -9.78 -26.76 65.90
CA ASP E 624 -9.15 -27.09 67.16
C ASP E 624 -9.55 -28.50 67.64
N HIS E 625 -10.77 -28.91 67.31
CA HIS E 625 -11.20 -30.28 67.55
C HIS E 625 -11.24 -31.02 66.24
N ILE E 626 -10.43 -30.57 65.29
CA ILE E 626 -10.46 -31.08 63.91
C ILE E 626 -10.51 -32.61 63.80
N ASP E 627 -9.81 -33.29 64.70
CA ASP E 627 -9.67 -34.74 64.67
C ASP E 627 -11.00 -35.44 64.90
N GLU E 628 -11.77 -34.87 65.83
CA GLU E 628 -13.05 -35.45 66.23
C GLU E 628 -14.14 -35.18 65.19
N ILE E 629 -14.03 -34.07 64.46
CA ILE E 629 -15.00 -33.73 63.43
C ILE E 629 -15.01 -34.82 62.36
N ILE E 630 -13.83 -35.03 61.77
CA ILE E 630 -13.66 -35.97 60.66
C ILE E 630 -14.20 -37.34 61.01
N SER E 631 -13.92 -37.79 62.23
CA SER E 631 -14.41 -39.09 62.66
C SER E 631 -15.94 -39.08 62.76
N THR E 632 -16.53 -37.94 63.11
CA THR E 632 -17.99 -37.85 63.23
C THR E 632 -18.66 -38.07 61.88
N ILE E 633 -17.99 -37.64 60.82
CA ILE E 633 -18.51 -37.74 59.45
C ILE E 633 -18.51 -39.18 58.96
N ARG E 634 -17.33 -39.82 59.02
CA ARG E 634 -17.14 -41.18 58.53
C ARG E 634 -18.00 -42.15 59.33
N GLU E 635 -18.45 -41.70 60.50
CA GLU E 635 -19.35 -42.45 61.36
C GLU E 635 -20.79 -42.37 60.82
N SER E 636 -21.16 -41.18 60.33
CA SER E 636 -22.46 -40.97 59.71
C SER E 636 -22.53 -41.72 58.39
N ASP E 637 -23.58 -41.48 57.62
CA ASP E 637 -23.67 -42.02 56.27
C ASP E 637 -24.53 -41.19 55.31
N THR E 638 -25.45 -40.40 55.85
CA THR E 638 -26.14 -39.41 55.02
C THR E 638 -25.73 -38.01 55.48
N ASP E 639 -25.81 -37.04 54.57
CA ASP E 639 -25.36 -35.68 54.87
C ASP E 639 -26.19 -35.03 55.98
N LYS E 640 -27.47 -35.39 56.04
CA LYS E 640 -28.39 -34.86 57.06
C LYS E 640 -28.14 -35.52 58.43
N VAL E 641 -27.70 -36.79 58.40
CA VAL E 641 -27.26 -37.50 59.61
C VAL E 641 -26.10 -36.77 60.27
N ALA E 642 -25.16 -36.33 59.44
CA ALA E 642 -24.02 -35.56 59.90
C ALA E 642 -24.43 -34.22 60.49
N MET E 643 -25.31 -33.49 59.80
CA MET E 643 -25.75 -32.19 60.30
C MET E 643 -26.37 -32.28 61.69
N GLU E 644 -27.24 -33.27 61.87
CA GLU E 644 -27.89 -33.51 63.15
C GLU E 644 -26.85 -33.65 64.27
N SER E 645 -26.00 -34.66 64.16
CA SER E 645 -25.02 -34.97 65.20
C SER E 645 -23.94 -33.90 65.40
N LEU E 646 -23.53 -33.25 64.32
CA LEU E 646 -22.52 -32.19 64.40
C LEU E 646 -23.02 -31.00 65.19
N GLN E 647 -24.30 -30.70 65.03
CA GLN E 647 -24.94 -29.58 65.71
C GLN E 647 -25.15 -29.85 67.18
N GLN E 648 -25.09 -31.13 67.57
CA GLN E 648 -25.30 -31.51 68.96
C GLN E 648 -23.99 -31.73 69.69
N ARG E 649 -23.04 -32.43 69.05
CA ARG E 649 -21.79 -32.79 69.72
C ARG E 649 -20.79 -31.62 69.81
N PHE E 650 -21.05 -30.56 69.05
CA PHE E 650 -20.22 -29.36 69.15
C PHE E 650 -21.06 -28.10 69.33
N LYS E 651 -22.37 -28.30 69.53
CA LYS E 651 -23.34 -27.21 69.66
C LYS E 651 -23.15 -26.16 68.57
N LEU E 652 -23.78 -26.38 67.43
CA LEU E 652 -23.53 -25.57 66.25
C LEU E 652 -24.79 -25.13 65.52
N SER E 653 -24.77 -23.89 65.02
CA SER E 653 -25.83 -23.40 64.16
C SER E 653 -25.91 -24.32 62.96
N GLU E 654 -27.09 -24.46 62.39
CA GLU E 654 -27.24 -25.23 61.18
C GLU E 654 -26.30 -24.64 60.14
N LYS E 655 -26.08 -23.33 60.27
CA LYS E 655 -25.16 -22.57 59.42
C LYS E 655 -23.72 -23.05 59.56
N GLN E 656 -23.19 -22.98 60.78
CA GLN E 656 -21.82 -23.43 61.05
C GLN E 656 -21.68 -24.93 60.76
N ALA E 657 -22.79 -25.66 60.76
CA ALA E 657 -22.78 -27.10 60.50
C ALA E 657 -22.49 -27.36 59.02
N GLN E 658 -23.38 -26.89 58.17
CA GLN E 658 -23.15 -27.00 56.73
C GLN E 658 -21.82 -26.31 56.32
N ALA E 659 -21.53 -25.15 56.89
CA ALA E 659 -20.30 -24.40 56.60
C ALA E 659 -19.03 -25.27 56.76
N ILE E 660 -19.12 -26.28 57.64
CA ILE E 660 -18.03 -27.25 57.83
C ILE E 660 -18.05 -28.34 56.76
N LEU E 661 -19.18 -29.00 56.61
CA LEU E 661 -19.32 -30.06 55.61
C LEU E 661 -18.78 -29.65 54.25
N ASP E 662 -19.02 -28.39 53.88
CA ASP E 662 -18.70 -27.90 52.55
C ASP E 662 -17.38 -27.13 52.53
N MET E 663 -16.61 -27.26 53.61
CA MET E 663 -15.28 -26.68 53.68
C MET E 663 -14.21 -27.61 53.05
N ARG E 664 -13.18 -27.00 52.45
CA ARG E 664 -12.22 -27.72 51.61
C ARG E 664 -11.04 -28.27 52.39
N LEU E 665 -10.49 -29.39 51.93
CA LEU E 665 -9.37 -30.04 52.59
C LEU E 665 -8.13 -29.19 52.69
N ARG E 666 -7.95 -28.32 51.70
CA ARG E 666 -6.80 -27.43 51.63
C ARG E 666 -6.83 -26.34 52.70
N ARG E 667 -7.81 -26.40 53.61
CA ARG E 667 -7.94 -25.40 54.67
C ARG E 667 -7.27 -25.88 55.95
N LEU E 668 -6.61 -27.03 55.85
CA LEU E 668 -5.94 -27.64 57.00
C LEU E 668 -4.43 -27.46 56.97
N THR E 669 -3.96 -26.59 56.07
CA THR E 669 -2.56 -26.21 56.01
C THR E 669 -2.21 -25.56 57.34
N GLY E 670 -0.92 -25.40 57.58
CA GLY E 670 -0.48 -24.78 58.82
C GLY E 670 -1.01 -23.37 58.97
N LEU E 671 -0.63 -22.50 58.05
CA LEU E 671 -0.91 -21.07 58.21
C LEU E 671 -2.39 -20.69 58.10
N GLU E 672 -3.23 -21.59 57.59
CA GLU E 672 -4.65 -21.28 57.45
C GLU E 672 -5.32 -21.06 58.79
N ARG E 673 -5.06 -21.94 59.77
CA ARG E 673 -5.71 -21.84 61.07
C ARG E 673 -5.41 -20.53 61.83
N ASP E 674 -4.22 -19.98 61.61
CA ASP E 674 -3.86 -18.69 62.21
C ASP E 674 -4.44 -17.51 61.45
N LYS E 675 -4.35 -17.57 60.12
CA LYS E 675 -4.83 -16.47 59.30
C LYS E 675 -6.35 -16.35 59.43
N ILE E 676 -7.00 -17.37 59.97
CA ILE E 676 -8.43 -17.29 60.23
C ILE E 676 -8.74 -16.27 61.31
N GLU E 677 -8.13 -16.39 62.49
CA GLU E 677 -8.34 -15.36 63.50
C GLU E 677 -7.47 -14.15 63.24
N ALA E 678 -6.73 -14.19 62.16
CA ALA E 678 -6.08 -12.99 61.66
C ALA E 678 -7.16 -12.17 60.97
N GLU E 679 -8.14 -12.87 60.40
CA GLU E 679 -9.32 -12.21 59.85
C GLU E 679 -10.37 -12.00 60.95
N TYR E 680 -10.50 -12.96 61.86
CA TYR E 680 -11.46 -12.84 62.94
C TYR E 680 -11.21 -11.57 63.73
N ASN E 681 -10.01 -11.44 64.31
CA ASN E 681 -9.66 -10.26 65.11
C ASN E 681 -9.98 -8.96 64.37
N GLU E 682 -9.38 -8.81 63.20
CA GLU E 682 -9.62 -7.66 62.33
C GLU E 682 -11.12 -7.36 62.19
N LEU E 683 -11.92 -8.42 62.05
CA LEU E 683 -13.38 -8.31 61.86
C LEU E 683 -14.13 -7.51 62.92
N LEU E 684 -13.96 -7.86 64.19
CA LEU E 684 -14.73 -7.22 65.25
C LEU E 684 -14.20 -5.83 65.57
N ASN E 685 -12.94 -5.59 65.24
CA ASN E 685 -12.35 -4.26 65.41
C ASN E 685 -12.88 -3.34 64.34
N TYR E 686 -13.37 -3.94 63.25
CA TYR E 686 -14.10 -3.26 62.20
C TYR E 686 -15.59 -3.18 62.59
N ILE E 687 -16.10 -4.22 63.23
CA ILE E 687 -17.50 -4.23 63.63
C ILE E 687 -17.77 -3.24 64.75
N SER E 688 -16.75 -2.98 65.57
CA SER E 688 -16.90 -2.03 66.67
C SER E 688 -16.97 -0.60 66.16
N GLU E 689 -16.42 -0.38 64.96
CA GLU E 689 -16.49 0.91 64.30
C GLU E 689 -17.92 1.23 63.87
N LEU E 690 -18.49 0.31 63.09
CA LEU E 690 -19.82 0.50 62.51
C LEU E 690 -20.91 0.66 63.58
N GLU E 691 -20.74 -0.01 64.71
CA GLU E 691 -21.72 0.10 65.79
C GLU E 691 -21.70 1.48 66.45
N THR E 692 -20.54 2.14 66.38
CA THR E 692 -20.33 3.47 66.96
C THR E 692 -20.77 4.60 66.02
N ILE E 693 -20.79 4.29 64.73
CA ILE E 693 -21.25 5.25 63.71
C ILE E 693 -22.77 5.44 63.72
N LEU E 694 -23.51 4.41 64.12
CA LEU E 694 -24.94 4.55 64.33
C LEU E 694 -25.21 5.26 65.66
N ALA E 695 -24.88 4.60 66.77
CA ALA E 695 -25.12 5.17 68.10
C ALA E 695 -24.82 6.67 68.20
N ASP E 696 -23.75 7.11 67.54
CA ASP E 696 -23.36 8.52 67.56
C ASP E 696 -23.64 9.19 66.21
N GLU E 697 -24.80 9.82 66.08
CA GLU E 697 -25.22 10.43 64.81
C GLU E 697 -24.23 11.40 64.20
N GLU E 698 -23.50 12.14 65.03
CA GLU E 698 -22.57 13.14 64.50
C GLU E 698 -21.35 12.48 63.84
N VAL E 699 -21.13 11.20 64.12
CA VAL E 699 -20.09 10.44 63.44
C VAL E 699 -20.57 10.09 62.03
N LEU E 700 -21.88 9.95 61.87
CA LEU E 700 -22.47 9.60 60.58
C LEU E 700 -22.52 10.77 59.60
N LEU E 701 -23.07 11.91 60.04
CA LEU E 701 -23.18 13.12 59.21
C LEU E 701 -21.82 13.71 58.80
N GLN E 702 -20.79 13.40 59.59
CA GLN E 702 -19.45 13.76 59.19
C GLN E 702 -18.98 12.83 58.08
N LEU E 703 -19.31 11.54 58.19
CA LEU E 703 -18.95 10.55 57.17
C LEU E 703 -19.45 10.92 55.76
N VAL E 704 -20.67 11.43 55.68
CA VAL E 704 -21.20 11.89 54.40
C VAL E 704 -20.43 13.10 53.82
N ARG E 705 -20.05 14.07 54.66
CA ARG E 705 -19.26 15.23 54.19
C ARG E 705 -17.90 14.79 53.68
N ASP E 706 -17.29 13.82 54.36
CA ASP E 706 -15.97 13.33 53.98
C ASP E 706 -16.03 12.64 52.62
N GLU E 707 -17.12 11.92 52.39
CA GLU E 707 -17.29 11.16 51.15
C GLU E 707 -17.63 12.05 49.96
N LEU E 708 -18.29 13.19 50.23
CA LEU E 708 -18.59 14.18 49.18
C LEU E 708 -17.41 15.14 48.99
N THR E 709 -16.78 15.56 50.08
CA THR E 709 -15.62 16.44 49.98
C THR E 709 -14.66 15.82 48.98
N GLU E 710 -14.56 14.50 49.01
CA GLU E 710 -13.67 13.73 48.14
C GLU E 710 -14.16 13.67 46.68
N ILE E 711 -15.47 13.76 46.48
CA ILE E 711 -16.03 13.83 45.12
C ILE E 711 -15.76 15.21 44.54
N ARG E 712 -15.98 16.25 45.35
CA ARG E 712 -15.74 17.64 44.93
C ARG E 712 -14.31 17.82 44.42
N ASP E 713 -13.39 17.07 45.02
CA ASP E 713 -11.96 17.13 44.72
C ASP E 713 -11.62 16.30 43.51
N ARG E 714 -12.49 15.37 43.14
CA ARG E 714 -12.23 14.48 42.04
C ARG E 714 -13.11 14.72 40.78
N PHE E 715 -13.96 15.74 40.84
CA PHE E 715 -14.81 16.12 39.69
C PHE E 715 -14.99 17.62 39.56
N GLY E 716 -15.50 18.24 40.62
CA GLY E 716 -15.60 19.69 40.70
C GLY E 716 -14.61 20.49 39.87
N ASP E 717 -15.08 21.00 38.73
CA ASP E 717 -14.26 21.75 37.79
C ASP E 717 -14.41 23.27 37.93
N ASP E 718 -13.93 24.00 36.93
CA ASP E 718 -14.00 25.46 36.89
C ASP E 718 -15.43 25.91 36.54
N ARG E 719 -15.81 27.10 37.00
CA ARG E 719 -17.01 27.74 36.48
C ARG E 719 -16.89 27.89 34.96
N ARG E 720 -18.02 27.82 34.23
CA ARG E 720 -17.99 28.02 32.78
C ARG E 720 -18.63 29.35 32.32
N THR E 721 -19.84 29.63 32.79
CA THR E 721 -20.53 30.86 32.42
C THR E 721 -20.19 32.01 33.34
N GLU E 722 -19.81 33.15 32.74
CA GLU E 722 -19.57 34.33 33.55
C GLU E 722 -20.90 34.98 33.92
N ILE E 723 -20.96 35.53 35.13
CA ILE E 723 -22.18 36.20 35.61
C ILE E 723 -21.90 37.68 35.80
N GLN E 724 -22.27 38.49 34.82
CA GLN E 724 -21.99 39.92 34.87
C GLN E 724 -22.83 40.66 35.91
N LEU E 725 -22.25 40.85 37.09
CA LEU E 725 -22.95 41.51 38.19
C LEU E 725 -23.35 42.95 37.88
N LYS F 9 -30.89 19.35 -0.46
CA LYS F 9 -30.84 18.82 0.89
C LYS F 9 -29.39 18.73 1.40
N LEU F 10 -28.48 19.34 0.64
CA LEU F 10 -27.05 19.35 0.95
C LEU F 10 -26.65 20.60 1.71
N ALA F 11 -25.56 20.49 2.47
CA ALA F 11 -25.05 21.63 3.21
C ALA F 11 -23.65 21.94 2.72
N ASP F 12 -23.40 23.23 2.50
CA ASP F 12 -22.30 23.66 1.66
C ASP F 12 -21.22 24.36 2.46
N CYS F 13 -20.19 24.79 1.75
CA CYS F 13 -18.98 25.36 2.34
C CYS F 13 -18.96 26.89 2.28
N SER F 14 -17.76 27.45 2.45
CA SER F 14 -17.55 28.90 2.38
C SER F 14 -17.22 29.33 0.95
N SER F 15 -15.94 29.65 0.71
CA SER F 15 -15.48 30.12 -0.61
C SER F 15 -16.05 29.29 -1.77
N LYS F 16 -16.79 29.95 -2.65
CA LYS F 16 -17.35 29.27 -3.83
C LYS F 16 -16.39 29.32 -5.03
N SER F 17 -15.09 29.34 -4.77
CA SER F 17 -14.10 29.32 -5.83
C SER F 17 -13.82 27.88 -6.27
N PRO F 18 -14.40 27.48 -7.41
CA PRO F 18 -14.50 26.09 -7.88
C PRO F 18 -13.26 25.19 -7.73
N GLU F 19 -12.05 25.73 -7.71
CA GLU F 19 -10.86 24.86 -7.62
C GLU F 19 -10.64 24.30 -6.21
N GLU F 20 -10.28 25.19 -5.29
CA GLU F 20 -9.91 24.80 -3.93
C GLU F 20 -10.92 23.83 -3.32
N CYS F 21 -12.18 23.95 -3.76
CA CYS F 21 -13.29 23.19 -3.18
C CYS F 21 -13.37 21.72 -3.61
N GLU F 22 -14.02 20.94 -2.77
CA GLU F 22 -14.18 19.51 -2.99
C GLU F 22 -15.50 19.09 -2.37
N ILE F 23 -16.18 18.13 -2.99
CA ILE F 23 -17.48 17.68 -2.52
C ILE F 23 -17.46 16.22 -2.13
N PHE F 24 -18.09 15.90 -0.99
CA PHE F 24 -18.05 14.54 -0.49
C PHE F 24 -19.40 13.86 -0.60
N LEU F 25 -19.40 12.70 -1.23
CA LEU F 25 -20.58 11.86 -1.27
C LEU F 25 -20.53 10.86 -0.10
N VAL F 26 -21.51 10.95 0.81
CA VAL F 26 -21.66 9.95 1.87
C VAL F 26 -23.03 9.29 1.77
N GLU F 27 -23.19 8.11 2.38
CA GLU F 27 -24.36 7.28 2.15
C GLU F 27 -25.67 7.71 2.85
N GLY F 28 -25.55 8.51 3.91
CA GLY F 28 -26.71 8.86 4.72
C GLY F 28 -26.51 10.03 5.67
N ASP F 29 -27.42 10.20 6.63
CA ASP F 29 -27.33 11.28 7.60
C ASP F 29 -26.59 10.82 8.86
N SER F 30 -26.56 9.50 9.06
CA SER F 30 -25.76 8.89 10.12
C SER F 30 -24.31 8.96 9.69
N ALA F 31 -24.06 8.64 8.43
CA ALA F 31 -22.73 8.81 7.86
C ALA F 31 -22.37 10.30 7.77
N GLY F 32 -23.30 11.12 7.28
CA GLY F 32 -23.07 12.54 7.12
C GLY F 32 -22.84 13.31 8.41
N GLY F 33 -23.50 12.88 9.49
CA GLY F 33 -23.41 13.55 10.79
C GLY F 33 -21.99 13.83 11.26
N SER F 34 -21.11 12.84 11.11
CA SER F 34 -19.71 12.96 11.49
C SER F 34 -18.95 13.85 10.50
N THR F 35 -19.19 13.59 9.22
CA THR F 35 -18.61 14.36 8.14
C THR F 35 -18.93 15.85 8.33
N LYS F 36 -20.16 16.15 8.73
CA LYS F 36 -20.58 17.55 8.90
C LYS F 36 -19.78 18.20 10.02
N SER F 37 -19.03 17.41 10.79
CA SER F 37 -18.44 17.87 12.05
C SER F 37 -16.92 18.11 12.05
N GLY F 38 -16.17 17.36 11.27
CA GLY F 38 -14.73 17.56 11.21
C GLY F 38 -14.22 17.97 9.84
N ARG F 39 -15.12 18.46 8.99
CA ARG F 39 -14.73 18.98 7.69
C ARG F 39 -14.14 20.36 7.90
N ASP F 40 -13.25 20.80 7.01
CA ASP F 40 -12.88 22.21 7.03
C ASP F 40 -14.05 22.91 6.40
N SER F 41 -14.83 23.61 7.21
CA SER F 41 -16.04 24.23 6.71
C SER F 41 -15.73 25.25 5.63
N ARG F 42 -14.44 25.51 5.43
CA ARG F 42 -13.98 26.51 4.48
C ARG F 42 -13.98 26.03 3.02
N THR F 43 -13.70 24.73 2.81
CA THR F 43 -13.49 24.20 1.44
C THR F 43 -14.07 22.81 1.14
N GLN F 44 -14.72 22.19 2.11
CA GLN F 44 -15.23 20.84 1.89
C GLN F 44 -16.75 20.80 2.03
N ALA F 45 -17.42 20.48 0.94
CA ALA F 45 -18.87 20.38 0.97
C ALA F 45 -19.31 18.92 1.07
N ILE F 46 -20.54 18.74 1.54
CA ILE F 46 -21.03 17.41 1.82
C ILE F 46 -22.47 17.18 1.35
N LEU F 47 -22.65 16.05 0.69
CA LEU F 47 -23.92 15.66 0.12
C LEU F 47 -24.26 14.30 0.67
N PRO F 48 -25.23 14.24 1.58
CA PRO F 48 -25.56 12.91 2.05
C PRO F 48 -26.56 12.33 1.07
N LEU F 49 -26.24 11.22 0.42
CA LEU F 49 -27.23 10.53 -0.42
C LEU F 49 -28.17 9.70 0.46
N ARG F 50 -28.75 8.64 -0.11
CA ARG F 50 -29.61 7.77 0.66
C ARG F 50 -29.50 6.31 0.21
N GLY F 51 -28.38 5.69 0.56
CA GLY F 51 -28.19 4.27 0.34
C GLY F 51 -28.10 3.95 -1.12
N LYS F 52 -28.15 2.66 -1.44
CA LYS F 52 -28.01 2.17 -2.81
C LYS F 52 -28.78 3.01 -3.84
N ILE F 53 -28.14 3.28 -4.99
CA ILE F 53 -28.70 4.17 -6.00
C ILE F 53 -28.96 3.44 -7.32
N LEU F 54 -29.39 4.18 -8.33
CA LEU F 54 -29.70 3.59 -9.63
C LEU F 54 -28.54 2.93 -10.37
N ASN F 55 -28.74 1.66 -10.72
CA ASN F 55 -27.87 1.00 -11.68
C ASN F 55 -28.27 1.52 -13.05
N VAL F 56 -27.56 2.55 -13.51
CA VAL F 56 -27.97 3.30 -14.68
C VAL F 56 -27.68 2.65 -16.04
N GLU F 57 -27.12 1.45 -16.02
CA GLU F 57 -27.02 0.63 -17.23
C GLU F 57 -28.36 -0.06 -17.49
N LYS F 58 -28.91 -0.68 -16.43
CA LYS F 58 -30.15 -1.46 -16.47
C LYS F 58 -31.42 -0.62 -16.62
N ALA F 59 -31.38 0.63 -16.15
CA ALA F 59 -32.59 1.46 -16.09
C ALA F 59 -32.89 2.24 -17.37
N ARG F 60 -34.11 2.76 -17.43
CA ARG F 60 -34.55 3.54 -18.58
C ARG F 60 -34.44 5.03 -18.32
N LEU F 61 -34.09 5.77 -19.38
CA LEU F 61 -33.72 7.17 -19.29
C LEU F 61 -34.64 8.06 -18.46
N ASP F 62 -35.94 7.99 -18.72
CA ASP F 62 -36.87 8.84 -17.99
C ASP F 62 -36.98 8.41 -16.52
N ARG F 63 -36.59 7.17 -16.22
CA ARG F 63 -36.61 6.69 -14.85
C ARG F 63 -35.44 7.24 -14.07
N ILE F 64 -34.35 7.46 -14.81
CA ILE F 64 -33.10 7.98 -14.26
C ILE F 64 -33.21 9.45 -13.86
N LEU F 65 -33.50 10.34 -14.80
CA LEU F 65 -33.58 11.77 -14.46
C LEU F 65 -34.90 12.15 -13.78
N ASN F 66 -35.64 11.13 -13.34
CA ASN F 66 -36.77 11.30 -12.41
C ASN F 66 -36.36 10.92 -11.00
N ASN F 67 -35.17 10.35 -10.86
CA ASN F 67 -34.60 10.00 -9.56
C ASN F 67 -34.14 11.22 -8.75
N ASN F 68 -34.48 11.24 -7.46
CA ASN F 68 -34.24 12.41 -6.62
C ASN F 68 -32.83 12.58 -6.04
N GLU F 69 -32.02 11.52 -6.12
CA GLU F 69 -30.63 11.64 -5.70
C GLU F 69 -29.75 11.91 -6.91
N ILE F 70 -29.98 11.17 -8.00
CA ILE F 70 -29.28 11.43 -9.25
C ILE F 70 -29.35 12.93 -9.56
N ARG F 71 -30.51 13.52 -9.30
CA ARG F 71 -30.70 14.95 -9.52
C ARG F 71 -30.01 15.82 -8.47
N GLN F 72 -30.07 15.40 -7.21
CA GLN F 72 -29.50 16.17 -6.12
C GLN F 72 -27.98 16.31 -6.32
N MET F 73 -27.40 15.32 -6.97
CA MET F 73 -25.99 15.35 -7.33
C MET F 73 -25.78 16.37 -8.45
N ILE F 74 -26.53 16.18 -9.54
CA ILE F 74 -26.46 17.01 -10.74
C ILE F 74 -26.65 18.50 -10.48
N THR F 75 -27.40 18.84 -9.45
CA THR F 75 -27.67 20.24 -9.16
C THR F 75 -26.55 20.81 -8.31
N ALA F 76 -25.81 19.93 -7.65
CA ALA F 76 -24.73 20.38 -6.78
C ALA F 76 -23.47 20.73 -7.58
N PHE F 77 -23.21 20.01 -8.67
CA PHE F 77 -22.05 20.27 -9.52
C PHE F 77 -22.25 21.50 -10.41
N GLY F 78 -23.47 21.66 -10.96
CA GLY F 78 -23.81 22.77 -11.82
C GLY F 78 -23.37 22.52 -13.24
N THR F 79 -23.50 21.27 -13.69
CA THR F 79 -22.92 20.87 -14.97
C THR F 79 -23.90 20.18 -15.94
N GLY F 80 -24.98 19.62 -15.42
CA GLY F 80 -25.93 18.90 -16.26
C GLY F 80 -25.34 17.55 -16.64
N ILE F 81 -25.78 16.96 -17.74
CA ILE F 81 -25.30 15.62 -18.11
C ILE F 81 -25.24 15.37 -19.62
N GLY F 82 -24.27 14.55 -20.04
CA GLY F 82 -24.22 14.04 -21.40
C GLY F 82 -24.24 15.08 -22.50
N GLY F 83 -25.44 15.53 -22.89
CA GLY F 83 -25.60 16.56 -23.90
C GLY F 83 -25.16 17.95 -23.49
N ASP F 84 -25.92 18.58 -22.60
CA ASP F 84 -25.62 19.93 -22.09
C ASP F 84 -24.48 19.95 -21.07
N PHE F 85 -23.56 19.00 -21.19
CA PHE F 85 -22.49 18.85 -20.22
C PHE F 85 -21.39 19.90 -20.39
N ASP F 86 -21.18 20.68 -19.34
CA ASP F 86 -20.23 21.79 -19.36
C ASP F 86 -19.25 21.62 -18.20
N LEU F 87 -17.96 21.77 -18.47
CA LEU F 87 -16.98 21.60 -17.41
C LEU F 87 -16.78 22.89 -16.61
N ALA F 88 -16.63 24.02 -17.29
CA ALA F 88 -16.39 25.30 -16.63
C ALA F 88 -17.49 25.74 -15.65
N LYS F 89 -18.71 25.24 -15.87
CA LYS F 89 -19.85 25.56 -15.01
C LYS F 89 -19.81 24.78 -13.67
N ALA F 90 -18.78 23.97 -13.49
CA ALA F 90 -18.64 23.12 -12.30
C ALA F 90 -18.25 23.90 -11.05
N ARG F 91 -18.95 23.63 -9.96
CA ARG F 91 -18.74 24.33 -8.69
C ARG F 91 -17.76 23.61 -7.75
N TYR F 92 -17.45 22.34 -8.00
CA TYR F 92 -16.43 21.61 -7.23
C TYR F 92 -15.37 20.99 -8.17
N HIS F 93 -14.11 21.01 -7.75
CA HIS F 93 -13.00 20.45 -8.54
C HIS F 93 -12.51 19.09 -8.06
N LYS F 94 -13.08 18.62 -6.95
CA LYS F 94 -12.84 17.27 -6.46
C LYS F 94 -14.15 16.68 -5.95
N ILE F 95 -14.77 15.86 -6.78
CA ILE F 95 -15.93 15.09 -6.37
C ILE F 95 -15.44 13.80 -5.73
N VAL F 96 -15.93 13.48 -4.53
CA VAL F 96 -15.33 12.40 -3.75
C VAL F 96 -16.28 11.27 -3.33
N ILE F 97 -15.98 10.06 -3.79
CA ILE F 97 -16.73 8.85 -3.44
C ILE F 97 -16.32 8.21 -2.08
N MET F 98 -16.77 8.81 -0.98
CA MET F 98 -16.43 8.35 0.37
C MET F 98 -17.58 7.56 1.02
N THR F 99 -17.60 6.26 0.79
CA THR F 99 -18.71 5.46 1.28
C THR F 99 -18.29 4.47 2.37
N ASP F 100 -19.25 4.06 3.22
CA ASP F 100 -19.10 2.96 4.17
C ASP F 100 -18.04 1.99 3.64
N ALA F 101 -17.18 1.45 4.50
CA ALA F 101 -16.21 0.50 3.99
C ALA F 101 -16.59 -0.93 4.35
N ASP F 102 -17.65 -1.45 3.73
CA ASP F 102 -17.92 -2.88 3.78
C ASP F 102 -18.28 -3.33 2.36
N VAL F 103 -18.62 -4.60 2.15
CA VAL F 103 -18.96 -5.05 0.80
C VAL F 103 -20.12 -4.27 0.19
N ASP F 104 -20.86 -3.58 1.07
CA ASP F 104 -22.07 -2.85 0.70
C ASP F 104 -21.81 -1.36 0.47
N GLY F 105 -20.63 -0.92 0.88
CA GLY F 105 -20.18 0.42 0.60
C GLY F 105 -19.36 0.33 -0.66
N ALA F 106 -18.70 -0.82 -0.81
CA ALA F 106 -18.03 -1.18 -2.04
C ALA F 106 -19.06 -1.30 -3.18
N HIS F 107 -20.18 -1.93 -2.91
CA HIS F 107 -21.18 -2.04 -3.95
C HIS F 107 -21.60 -0.67 -4.45
N ILE F 108 -21.82 0.27 -3.54
CA ILE F 108 -22.29 1.61 -3.88
C ILE F 108 -21.25 2.40 -4.61
N ARG F 109 -19.97 2.15 -4.28
CA ARG F 109 -18.88 2.77 -5.02
C ARG F 109 -19.10 2.49 -6.52
N THR F 110 -19.30 1.21 -6.85
CA THR F 110 -19.46 0.75 -8.23
C THR F 110 -20.65 1.41 -8.95
N LEU F 111 -21.85 1.37 -8.37
CA LEU F 111 -22.99 2.01 -8.99
C LEU F 111 -22.71 3.50 -9.22
N LEU F 112 -22.17 4.18 -8.22
CA LEU F 112 -21.81 5.58 -8.38
C LEU F 112 -20.96 5.82 -9.62
N LEU F 113 -19.85 5.10 -9.77
CA LEU F 113 -19.01 5.22 -10.98
C LEU F 113 -19.79 4.93 -12.26
N THR F 114 -20.53 3.83 -12.26
CA THR F 114 -21.31 3.44 -13.41
C THR F 114 -22.10 4.64 -13.87
N PHE F 115 -22.61 5.41 -12.92
CA PHE F 115 -23.32 6.64 -13.25
C PHE F 115 -22.37 7.76 -13.70
N PHE F 116 -21.39 8.11 -12.88
CA PHE F 116 -20.46 9.17 -13.23
C PHE F 116 -19.86 8.99 -14.63
N TYR F 117 -19.71 7.74 -15.05
CA TYR F 117 -19.11 7.38 -16.33
C TYR F 117 -20.09 7.63 -17.47
N ARG F 118 -21.11 6.82 -17.55
CA ARG F 118 -22.09 6.88 -18.62
C ARG F 118 -22.76 8.25 -18.85
N PHE F 119 -22.75 9.11 -17.84
CA PHE F 119 -23.44 10.40 -17.96
C PHE F 119 -22.55 11.58 -17.66
N MET F 120 -21.31 11.31 -17.28
CA MET F 120 -20.36 12.39 -17.09
C MET F 120 -18.96 11.91 -17.45
N ARG F 121 -18.82 11.28 -18.62
CA ARG F 121 -17.54 10.74 -19.04
C ARG F 121 -16.47 11.80 -18.93
N PRO F 122 -16.80 13.08 -19.20
CA PRO F 122 -15.76 14.12 -19.18
C PRO F 122 -15.45 14.68 -17.79
N LEU F 123 -16.18 14.21 -16.79
CA LEU F 123 -15.92 14.59 -15.42
C LEU F 123 -14.73 13.77 -14.93
N ILE F 124 -14.60 12.56 -15.49
CA ILE F 124 -13.61 11.55 -15.11
C ILE F 124 -12.30 11.73 -15.86
N GLU F 125 -12.43 12.08 -17.13
CA GLU F 125 -11.27 12.48 -17.90
C GLU F 125 -10.69 13.72 -17.23
N ALA F 126 -11.48 14.78 -17.12
CA ALA F 126 -11.02 16.01 -16.46
C ALA F 126 -10.26 15.78 -15.14
N GLY F 127 -10.58 14.68 -14.44
CA GLY F 127 -9.86 14.25 -13.25
C GLY F 127 -10.41 14.73 -11.92
N TYR F 128 -11.73 14.92 -11.85
CA TYR F 128 -12.33 15.52 -10.66
C TYR F 128 -12.95 14.48 -9.71
N VAL F 129 -12.91 13.23 -10.13
CA VAL F 129 -13.44 12.11 -9.34
C VAL F 129 -12.36 11.38 -8.55
N TYR F 130 -12.43 11.51 -7.23
CA TYR F 130 -11.53 10.83 -6.30
C TYR F 130 -12.31 9.84 -5.45
N ILE F 131 -11.76 8.64 -5.25
CA ILE F 131 -12.27 7.73 -4.23
C ILE F 131 -11.59 8.08 -2.91
N ALA F 132 -12.36 8.29 -1.84
CA ALA F 132 -11.75 8.48 -0.52
C ALA F 132 -11.62 7.12 0.14
N GLN F 133 -10.60 6.95 0.95
CA GLN F 133 -10.35 5.63 1.52
C GLN F 133 -10.55 5.63 3.04
N PRO F 134 -11.66 5.03 3.48
CA PRO F 134 -11.99 5.07 4.90
C PRO F 134 -11.78 3.68 5.46
N PRO F 135 -11.35 3.57 6.75
CA PRO F 135 -11.02 2.32 7.47
C PRO F 135 -12.21 1.44 7.78
N LEU F 136 -12.02 0.13 7.67
CA LEU F 136 -13.00 -0.82 8.20
C LEU F 136 -12.68 -1.20 9.67
N TYR F 137 -11.43 -1.58 9.95
CA TYR F 137 -11.06 -2.00 11.30
C TYR F 137 -10.00 -1.08 11.90
N LYS F 138 -9.88 -1.07 13.23
CA LYS F 138 -8.77 -0.42 13.92
C LYS F 138 -8.20 -1.33 15.02
N LEU F 139 -7.24 -2.18 14.62
CA LEU F 139 -6.61 -3.18 15.48
C LEU F 139 -5.53 -2.57 16.36
N THR F 140 -5.79 -2.44 17.66
CA THR F 140 -4.84 -1.78 18.54
C THR F 140 -4.08 -2.76 19.42
N GLN F 141 -2.74 -2.72 19.34
CA GLN F 141 -1.88 -3.53 20.23
C GLN F 141 -1.10 -2.69 21.23
N GLY F 142 -1.75 -2.29 22.32
CA GLY F 142 -1.13 -1.48 23.36
C GLY F 142 -0.74 -0.09 22.89
N LYS F 143 0.53 0.07 22.53
CA LYS F 143 1.07 1.34 22.05
C LYS F 143 0.60 1.59 20.62
N GLN F 144 0.72 0.55 19.79
CA GLN F 144 0.41 0.57 18.36
C GLN F 144 -1.01 1.03 18.02
N LYS F 145 -1.29 1.03 16.72
CA LYS F 145 -2.65 1.07 16.18
C LYS F 145 -2.61 1.01 14.67
N TYR F 146 -3.21 -0.05 14.13
CA TYR F 146 -3.27 -0.29 12.68
C TYR F 146 -4.66 -0.03 12.18
N TYR F 147 -4.76 0.43 10.94
CA TYR F 147 -6.05 0.68 10.32
C TYR F 147 -6.20 -0.23 9.10
N VAL F 148 -7.04 -1.26 9.23
CA VAL F 148 -7.29 -2.23 8.14
C VAL F 148 -8.57 -1.92 7.35
N TYR F 149 -8.72 -2.53 6.17
CA TYR F 149 -9.77 -2.14 5.23
C TYR F 149 -10.63 -3.27 4.62
N ASN F 150 -10.54 -4.50 5.13
CA ASN F 150 -11.49 -5.56 4.76
C ASN F 150 -11.13 -6.93 5.37
N ASP F 151 -12.02 -7.91 5.19
CA ASP F 151 -11.90 -9.21 5.88
C ASP F 151 -10.61 -9.98 5.51
N ARG F 152 -10.19 -9.93 4.26
CA ARG F 152 -8.97 -10.63 3.91
C ARG F 152 -7.83 -9.99 4.69
N GLU F 153 -7.79 -8.67 4.72
CA GLU F 153 -6.69 -7.91 5.35
C GLU F 153 -6.76 -7.77 6.90
N LEU F 154 -7.84 -8.24 7.52
CA LEU F 154 -7.83 -8.34 8.96
C LEU F 154 -7.13 -9.64 9.27
N ASP F 155 -7.46 -10.68 8.51
CA ASP F 155 -6.85 -11.97 8.77
C ASP F 155 -5.34 -12.00 8.50
N LYS F 156 -4.85 -11.16 7.59
CA LYS F 156 -3.40 -10.98 7.44
C LYS F 156 -2.85 -10.50 8.78
N LEU F 157 -3.12 -9.23 9.10
CA LEU F 157 -2.71 -8.64 10.39
C LEU F 157 -2.89 -9.59 11.59
N LYS F 158 -4.09 -10.17 11.72
CA LYS F 158 -4.43 -11.01 12.88
C LYS F 158 -3.92 -12.45 12.74
N SER F 159 -2.75 -12.62 12.12
CA SER F 159 -2.09 -13.93 12.04
C SER F 159 -0.57 -13.79 12.03
N GLU F 160 -0.09 -12.55 11.99
CA GLU F 160 1.33 -12.27 11.97
C GLU F 160 1.70 -11.18 12.99
N LEU F 161 1.16 -11.30 14.20
CA LEU F 161 1.47 -10.35 15.28
C LEU F 161 1.85 -11.08 16.57
N ASN F 162 2.88 -11.90 16.42
CA ASN F 162 3.43 -12.78 17.46
C ASN F 162 3.15 -12.42 18.92
N PRO F 163 4.01 -11.56 19.53
CA PRO F 163 4.07 -11.38 20.99
C PRO F 163 2.73 -11.25 21.72
N THR F 164 1.67 -10.99 20.96
CA THR F 164 0.32 -11.02 21.50
C THR F 164 0.23 -10.55 22.96
N PRO F 165 0.28 -9.23 23.20
CA PRO F 165 -0.49 -8.62 24.29
C PRO F 165 -1.84 -8.20 23.67
N LYS F 166 -2.95 -8.70 24.19
CA LYS F 166 -4.29 -8.55 23.60
C LYS F 166 -4.60 -7.36 22.67
N TRP F 167 -5.50 -7.62 21.71
CA TRP F 167 -6.02 -6.66 20.75
C TRP F 167 -7.25 -5.86 21.17
N SER F 168 -7.24 -4.55 20.91
CA SER F 168 -8.46 -3.74 21.03
C SER F 168 -9.46 -4.02 19.89
N ILE F 169 -8.97 -3.92 18.65
CA ILE F 169 -9.76 -4.17 17.42
C ILE F 169 -11.20 -3.62 17.37
N ALA F 170 -11.34 -2.45 16.75
CA ALA F 170 -12.64 -1.84 16.51
C ALA F 170 -13.08 -2.14 15.08
N ARG F 171 -14.35 -1.90 14.80
CA ARG F 171 -14.88 -2.04 13.44
C ARG F 171 -15.94 -0.98 13.23
N TYR F 172 -16.14 -0.62 11.97
CA TYR F 172 -16.97 0.51 11.59
C TYR F 172 -17.97 0.12 10.49
N LYS F 173 -19.22 -0.14 10.88
CA LYS F 173 -20.28 -0.51 9.93
C LYS F 173 -20.58 0.66 9.01
N GLY F 174 -20.32 1.86 9.52
CA GLY F 174 -20.57 3.11 8.81
C GLY F 174 -19.86 4.28 9.47
N LEU F 175 -19.78 5.39 8.73
CA LEU F 175 -19.02 6.57 9.18
C LEU F 175 -19.63 7.25 10.41
N GLY F 176 -20.81 6.80 10.84
CA GLY F 176 -21.41 7.35 12.03
C GLY F 176 -20.87 6.66 13.28
N GLU F 177 -20.09 5.60 13.06
CA GLU F 177 -19.52 4.83 14.15
C GLU F 177 -18.18 5.42 14.53
N MET F 178 -17.62 6.18 13.59
CA MET F 178 -16.32 6.83 13.78
C MET F 178 -16.49 8.18 14.44
N ASN F 179 -15.81 8.40 15.56
CA ASN F 179 -15.84 9.72 16.20
C ASN F 179 -15.48 10.81 15.19
N ALA F 180 -15.89 12.04 15.47
CA ALA F 180 -15.70 13.15 14.53
C ALA F 180 -14.24 13.45 14.19
N ASP F 181 -13.39 13.54 15.20
CA ASP F 181 -11.99 13.90 14.98
C ASP F 181 -11.27 12.84 14.16
N GLN F 182 -11.55 11.57 14.45
CA GLN F 182 -10.85 10.45 13.82
C GLN F 182 -11.27 10.21 12.36
N LEU F 183 -12.45 10.65 11.97
CA LEU F 183 -12.78 10.58 10.57
C LEU F 183 -11.87 11.54 9.80
N TRP F 184 -11.76 12.76 10.30
CA TRP F 184 -11.03 13.82 9.59
C TRP F 184 -9.52 13.63 9.56
N GLU F 185 -8.99 12.72 10.37
CA GLU F 185 -7.55 12.52 10.42
C GLU F 185 -7.13 11.23 9.74
N THR F 186 -8.10 10.51 9.19
CA THR F 186 -7.85 9.22 8.53
C THR F 186 -8.49 9.09 7.14
N THR F 187 -9.16 10.15 6.69
CA THR F 187 -9.91 10.11 5.44
C THR F 187 -9.99 11.49 4.77
N MET F 188 -10.04 12.55 5.58
CA MET F 188 -10.37 13.89 5.05
C MET F 188 -9.21 14.90 4.96
N ASN F 189 -8.73 15.38 6.11
CA ASN F 189 -7.56 16.30 6.17
C ASN F 189 -6.57 16.16 5.04
N PRO F 190 -6.21 17.29 4.41
CA PRO F 190 -5.20 17.43 3.37
C PRO F 190 -3.74 17.01 3.74
N GLU F 191 -3.38 17.08 5.01
CA GLU F 191 -2.01 16.77 5.41
C GLU F 191 -1.67 15.28 5.32
N HIS F 192 -2.63 14.39 5.57
CA HIS F 192 -2.35 12.94 5.70
C HIS F 192 -3.11 12.10 4.69
N ARG F 193 -4.18 12.65 4.12
CA ARG F 193 -5.19 11.81 3.46
C ARG F 193 -4.70 11.04 2.25
N ALA F 194 -5.49 10.05 1.83
CA ALA F 194 -5.03 9.11 0.82
C ALA F 194 -5.97 8.96 -0.38
N LEU F 195 -6.43 10.08 -0.93
CA LEU F 195 -7.43 10.01 -1.99
C LEU F 195 -6.90 9.35 -3.26
N LEU F 196 -7.49 8.22 -3.64
CA LEU F 196 -7.23 7.59 -4.94
C LEU F 196 -7.92 8.41 -6.04
N GLN F 197 -7.17 8.86 -7.05
CA GLN F 197 -7.80 9.55 -8.18
C GLN F 197 -8.04 8.59 -9.33
N VAL F 198 -9.08 8.85 -10.12
CA VAL F 198 -9.53 7.90 -11.12
C VAL F 198 -9.10 8.31 -12.52
N LYS F 199 -8.34 7.44 -13.18
CA LYS F 199 -7.93 7.71 -14.56
C LYS F 199 -8.65 6.73 -15.48
N LEU F 200 -9.15 7.25 -16.59
CA LEU F 200 -9.74 6.41 -17.63
C LEU F 200 -8.65 5.94 -18.59
N GLU F 201 -8.69 4.66 -18.97
CA GLU F 201 -7.67 4.09 -19.84
C GLU F 201 -8.22 3.78 -21.24
N ASP F 202 -8.19 2.50 -21.60
CA ASP F 202 -8.74 2.03 -22.87
C ASP F 202 -10.28 1.96 -22.81
N ALA F 203 -10.95 2.97 -23.37
CA ALA F 203 -12.40 3.10 -23.24
C ALA F 203 -13.19 2.10 -24.09
N ILE F 204 -12.49 1.14 -24.70
CA ILE F 204 -13.17 0.11 -25.48
C ILE F 204 -13.35 -1.13 -24.61
N GLU F 205 -12.50 -1.23 -23.58
CA GLU F 205 -12.63 -2.27 -22.56
C GLU F 205 -13.15 -1.69 -21.25
N ALA F 206 -13.33 -0.38 -21.20
CA ALA F 206 -14.02 0.29 -20.08
C ALA F 206 -15.52 0.43 -20.38
N ASP F 207 -15.89 0.11 -21.62
CA ASP F 207 -17.29 -0.04 -21.99
C ASP F 207 -17.61 -1.52 -21.98
N GLN F 208 -16.75 -2.32 -22.61
CA GLN F 208 -16.90 -3.77 -22.60
C GLN F 208 -17.09 -4.26 -21.16
N THR F 209 -16.53 -3.51 -20.21
CA THR F 209 -16.51 -3.90 -18.79
C THR F 209 -17.78 -3.58 -18.00
N PHE F 210 -18.41 -2.44 -18.25
CA PHE F 210 -19.69 -2.16 -17.63
C PHE F 210 -20.80 -3.03 -18.25
N GLU F 211 -20.78 -3.21 -19.56
CA GLU F 211 -21.65 -4.16 -20.26
C GLU F 211 -21.54 -5.59 -19.67
N MET F 212 -20.46 -5.84 -18.92
CA MET F 212 -20.20 -7.15 -18.31
C MET F 212 -20.52 -7.20 -16.80
N LEU F 213 -20.45 -6.06 -16.12
CA LEU F 213 -20.64 -5.97 -14.66
C LEU F 213 -21.97 -5.38 -14.24
N MET F 214 -22.18 -4.11 -14.58
CA MET F 214 -23.39 -3.40 -14.22
C MET F 214 -24.47 -3.55 -15.31
N GLY F 215 -24.20 -4.37 -16.33
CA GLY F 215 -25.14 -4.59 -17.41
C GLY F 215 -26.33 -5.46 -17.03
N ASP F 216 -27.27 -5.62 -17.96
CA ASP F 216 -28.50 -6.34 -17.70
C ASP F 216 -28.43 -7.82 -18.07
N VAL F 217 -27.27 -8.30 -18.51
CA VAL F 217 -27.16 -9.71 -18.83
C VAL F 217 -26.73 -10.48 -17.60
N VAL F 218 -27.02 -11.78 -17.57
CA VAL F 218 -26.66 -12.56 -16.39
C VAL F 218 -25.45 -13.43 -16.64
N GLU F 219 -25.51 -14.29 -17.66
CA GLU F 219 -24.41 -15.21 -17.88
C GLU F 219 -23.09 -14.46 -17.89
N ASN F 220 -23.07 -13.30 -18.55
CA ASN F 220 -21.85 -12.50 -18.66
C ASN F 220 -21.23 -12.14 -17.32
N ARG F 221 -22.06 -12.14 -16.28
CA ARG F 221 -21.61 -11.75 -14.95
C ARG F 221 -21.48 -12.95 -14.02
N ARG F 222 -22.06 -14.09 -14.40
CA ARG F 222 -21.82 -15.30 -13.62
C ARG F 222 -20.55 -15.93 -14.10
N GLN F 223 -20.18 -15.59 -15.33
CA GLN F 223 -18.99 -16.12 -15.95
C GLN F 223 -17.74 -15.47 -15.34
N PHE F 224 -17.82 -14.16 -15.12
CA PHE F 224 -16.76 -13.40 -14.46
C PHE F 224 -16.48 -13.91 -13.05
N ILE F 225 -17.54 -14.12 -12.28
CA ILE F 225 -17.46 -14.71 -10.95
C ILE F 225 -16.64 -16.00 -10.95
N GLU F 226 -17.03 -16.95 -11.79
CA GLU F 226 -16.41 -18.26 -11.82
C GLU F 226 -14.95 -18.18 -12.23
N ASP F 227 -14.59 -17.10 -12.91
CA ASP F 227 -13.23 -16.95 -13.45
C ASP F 227 -12.23 -16.30 -12.48
N ASN F 228 -12.58 -15.16 -11.88
CA ASN F 228 -11.68 -14.49 -10.91
C ASN F 228 -11.91 -14.84 -9.42
N ALA F 229 -12.45 -16.03 -9.14
CA ALA F 229 -12.83 -16.44 -7.78
C ALA F 229 -11.66 -16.60 -6.81
N VAL F 230 -11.88 -16.17 -5.57
CA VAL F 230 -10.89 -16.30 -4.50
C VAL F 230 -11.54 -16.92 -3.26
N TYR F 231 -11.61 -18.25 -3.20
CA TYR F 231 -12.28 -18.94 -2.09
C TYR F 231 -11.31 -19.36 -0.99
N ALA F 232 -11.39 -18.70 0.17
CA ALA F 232 -10.44 -18.89 1.27
C ALA F 232 -9.04 -19.27 0.77
N ASN F 233 -8.35 -18.34 0.12
CA ASN F 233 -7.01 -18.59 -0.39
C ASN F 233 -5.93 -18.41 0.69
N LEU F 234 -4.72 -18.90 0.42
CA LEU F 234 -3.62 -18.82 1.38
C LEU F 234 -3.15 -17.38 1.56
N ASP F 235 -3.58 -16.53 0.63
CA ASP F 235 -3.35 -15.07 0.65
C ASP F 235 -2.08 -14.63 -0.08
N PHE F 236 -2.28 -13.97 -1.23
CA PHE F 236 -1.21 -13.33 -1.97
C PHE F 236 -1.44 -11.82 -2.10
N ALA F 237 -0.36 -11.07 -2.25
CA ALA F 237 -0.36 -9.60 -2.11
C ALA F 237 -1.30 -8.80 -3.04
N GLU F 238 -0.87 -8.35 -4.23
CA GLU F 238 0.42 -8.66 -4.85
C GLU F 238 1.33 -7.46 -5.17
N LEU F 239 1.27 -6.40 -4.35
CA LEU F 239 2.20 -5.24 -4.44
C LEU F 239 1.60 -3.84 -4.46
N PRO F 240 0.30 -3.72 -4.78
CA PRO F 240 -0.42 -2.44 -4.62
C PRO F 240 -1.29 -2.39 -3.34
N GLN F 241 -0.93 -1.63 -2.30
CA GLN F 241 0.29 -0.82 -2.21
C GLN F 241 0.60 0.05 -3.45
N SER F 242 1.78 -0.14 -4.04
CA SER F 242 2.22 0.59 -5.25
C SER F 242 2.07 2.11 -5.14
N ARG F 243 2.96 2.71 -4.34
CA ARG F 243 2.87 4.09 -3.85
C ARG F 243 2.42 5.14 -4.88
N ILE F 244 1.11 5.21 -5.12
CA ILE F 244 0.54 6.05 -6.17
C ILE F 244 -0.96 6.24 -5.96
N ASN F 245 -1.34 7.41 -5.46
CA ASN F 245 -2.73 7.68 -5.17
C ASN F 245 -3.52 7.96 -6.47
N GLU F 246 -3.56 6.95 -7.33
CA GLU F 246 -4.28 6.99 -8.58
C GLU F 246 -4.71 5.58 -8.92
N ARG F 247 -5.96 5.42 -9.32
CA ARG F 247 -6.51 4.10 -9.55
C ARG F 247 -7.28 4.04 -10.86
N ASN F 248 -6.86 3.10 -11.69
CA ASN F 248 -7.52 2.79 -12.94
C ASN F 248 -9.00 2.65 -12.70
N ILE F 249 -9.80 3.27 -13.55
CA ILE F 249 -11.26 3.20 -13.47
C ILE F 249 -11.84 1.78 -13.62
N THR F 250 -11.06 0.86 -14.16
CA THR F 250 -11.55 -0.51 -14.34
C THR F 250 -11.05 -1.44 -13.22
N SER F 251 -9.82 -1.19 -12.75
CA SER F 251 -9.26 -1.93 -11.61
C SER F 251 -10.14 -1.78 -10.38
N GLU F 252 -10.86 -0.67 -10.31
CA GLU F 252 -11.80 -0.43 -9.21
C GLU F 252 -13.04 -1.25 -9.45
N MET F 253 -13.60 -1.14 -10.65
CA MET F 253 -14.80 -1.89 -10.98
C MET F 253 -14.56 -3.39 -10.82
N ARG F 254 -13.65 -3.97 -11.60
CA ARG F 254 -13.37 -5.39 -11.49
C ARG F 254 -13.25 -5.84 -10.04
N GLU F 255 -12.49 -5.08 -9.23
CA GLU F 255 -12.26 -5.48 -7.84
C GLU F 255 -13.41 -5.08 -6.94
N SER F 256 -13.73 -3.79 -6.89
CA SER F 256 -14.78 -3.34 -5.97
C SER F 256 -16.07 -4.16 -6.10
N PHE F 257 -16.38 -4.62 -7.31
CA PHE F 257 -17.56 -5.47 -7.53
C PHE F 257 -17.32 -6.93 -7.11
N LEU F 258 -16.22 -7.54 -7.53
CA LEU F 258 -15.96 -8.95 -7.18
C LEU F 258 -15.74 -9.10 -5.66
N ASP F 259 -15.65 -7.97 -4.98
CA ASP F 259 -15.60 -7.92 -3.53
C ASP F 259 -17.02 -8.14 -3.00
N TYR F 260 -17.94 -7.26 -3.41
CA TYR F 260 -19.35 -7.38 -3.04
C TYR F 260 -19.97 -8.72 -3.49
N ALA F 261 -19.79 -9.08 -4.75
CA ALA F 261 -20.34 -10.33 -5.26
C ALA F 261 -19.94 -11.51 -4.40
N MET F 262 -18.63 -11.68 -4.20
CA MET F 262 -18.13 -12.79 -3.40
C MET F 262 -18.79 -12.89 -2.02
N SER F 263 -18.80 -11.78 -1.28
CA SER F 263 -19.44 -11.75 0.06
C SER F 263 -20.88 -12.29 0.05
N VAL F 264 -21.69 -11.77 -0.86
CA VAL F 264 -23.07 -12.22 -1.01
C VAL F 264 -23.20 -13.72 -1.36
N ILE F 265 -22.44 -14.18 -2.34
CA ILE F 265 -22.53 -15.59 -2.71
C ILE F 265 -22.22 -16.52 -1.51
N VAL F 266 -21.22 -16.18 -0.70
CA VAL F 266 -20.88 -16.99 0.48
C VAL F 266 -21.66 -16.64 1.75
N ALA F 267 -21.31 -15.54 2.42
CA ALA F 267 -21.97 -15.20 3.70
C ALA F 267 -22.99 -14.06 3.64
N ARG F 268 -24.07 -14.28 2.88
CA ARG F 268 -25.29 -13.49 3.03
C ARG F 268 -26.48 -14.24 2.49
N ALA F 269 -26.34 -14.77 1.28
CA ALA F 269 -27.52 -15.16 0.53
C ALA F 269 -27.68 -16.65 0.23
N LEU F 270 -26.64 -17.45 0.39
CA LEU F 270 -26.79 -18.86 0.05
C LEU F 270 -26.65 -19.78 1.25
N PRO F 271 -27.49 -20.83 1.32
CA PRO F 271 -27.58 -21.83 2.40
C PRO F 271 -26.48 -22.88 2.42
N ASP F 272 -25.90 -23.12 3.59
CA ASP F 272 -24.87 -24.15 3.80
C ASP F 272 -25.51 -25.53 3.62
N VAL F 273 -24.94 -26.35 2.73
CA VAL F 273 -25.53 -27.66 2.36
C VAL F 273 -25.70 -28.63 3.54
N ARG F 274 -25.03 -28.32 4.63
CA ARG F 274 -24.99 -29.19 5.79
C ARG F 274 -26.17 -28.94 6.75
N ASP F 275 -26.54 -27.67 6.93
CA ASP F 275 -27.71 -27.32 7.74
C ASP F 275 -28.84 -26.63 6.96
N GLY F 276 -28.53 -25.55 6.25
CA GLY F 276 -29.53 -24.92 5.41
C GLY F 276 -29.81 -23.47 5.77
N LEU F 277 -28.90 -22.87 6.52
CA LEU F 277 -29.12 -21.52 7.00
C LEU F 277 -28.24 -20.49 6.33
N LYS F 278 -28.87 -19.47 5.75
CA LYS F 278 -28.12 -18.29 5.32
C LYS F 278 -27.63 -17.68 6.63
N PRO F 279 -26.49 -16.98 6.59
CA PRO F 279 -25.84 -16.60 7.84
C PRO F 279 -26.76 -16.09 8.94
N VAL F 280 -27.65 -15.17 8.63
CA VAL F 280 -28.57 -14.63 9.64
C VAL F 280 -29.44 -15.70 10.35
N HIS F 281 -29.76 -16.80 9.68
CA HIS F 281 -30.51 -17.86 10.31
C HIS F 281 -29.67 -18.57 11.35
N ARG F 282 -28.39 -18.69 11.08
CA ARG F 282 -27.56 -19.42 12.01
C ARG F 282 -27.34 -18.53 13.23
N ARG F 283 -27.05 -17.25 12.98
CA ARG F 283 -26.77 -16.25 14.00
C ARG F 283 -27.95 -15.83 14.88
N ILE F 284 -29.17 -16.04 14.40
CA ILE F 284 -30.38 -15.82 15.21
C ILE F 284 -30.68 -17.04 16.09
N LEU F 285 -30.69 -18.22 15.47
CA LEU F 285 -30.84 -19.47 16.20
C LEU F 285 -29.73 -19.70 17.23
N TYR F 286 -28.53 -19.23 16.94
CA TYR F 286 -27.49 -19.31 17.93
C TYR F 286 -27.70 -18.23 19.00
N GLY F 287 -28.00 -17.00 18.59
CA GLY F 287 -28.12 -15.88 19.52
C GLY F 287 -29.15 -16.10 20.62
N LEU F 288 -30.21 -16.84 20.30
CA LEU F 288 -31.18 -17.25 21.31
C LEU F 288 -30.53 -18.27 22.20
N ASN F 289 -30.29 -19.46 21.66
CA ASN F 289 -29.56 -20.51 22.35
C ASN F 289 -28.55 -20.00 23.37
N GLU F 290 -27.90 -18.89 23.07
CA GLU F 290 -27.05 -18.20 24.05
C GLU F 290 -27.85 -17.69 25.25
N GLN F 291 -28.74 -16.73 25.05
CA GLN F 291 -29.56 -16.18 26.14
C GLN F 291 -30.49 -17.22 26.77
N GLY F 292 -30.24 -18.49 26.44
CA GLY F 292 -31.03 -19.60 26.95
C GLY F 292 -32.51 -19.35 26.72
N MET F 293 -32.83 -18.80 25.56
CA MET F 293 -34.20 -18.52 25.14
C MET F 293 -34.88 -19.82 24.72
N THR F 294 -34.62 -20.89 25.47
CA THR F 294 -35.12 -22.23 25.18
C THR F 294 -36.65 -22.35 25.30
N PRO F 295 -37.24 -23.41 24.71
CA PRO F 295 -38.68 -23.72 24.70
C PRO F 295 -39.27 -23.80 26.10
N ASP F 296 -38.61 -24.51 27.01
CA ASP F 296 -39.07 -24.63 28.39
C ASP F 296 -39.23 -23.28 29.11
N LYS F 297 -38.26 -22.39 28.95
CA LYS F 297 -38.34 -21.06 29.52
C LYS F 297 -39.40 -20.18 28.83
N SER F 298 -39.59 -18.98 29.36
CA SER F 298 -40.60 -18.05 28.86
C SER F 298 -40.14 -17.26 27.65
N TYR F 299 -41.09 -16.53 27.05
CA TYR F 299 -40.89 -15.67 25.89
C TYR F 299 -40.10 -14.38 26.18
N LYS F 300 -39.29 -13.92 25.22
CA LYS F 300 -38.52 -12.68 25.36
C LYS F 300 -38.80 -11.77 24.18
N LYS F 301 -38.84 -10.44 24.36
CA LYS F 301 -39.25 -9.50 23.28
C LYS F 301 -38.39 -9.67 22.04
N SER F 302 -39.00 -9.70 20.87
CA SER F 302 -38.17 -9.69 19.69
C SER F 302 -37.09 -8.63 19.87
N ALA F 303 -37.49 -7.46 20.38
CA ALA F 303 -36.63 -6.28 20.49
C ALA F 303 -35.27 -6.51 21.16
N ARG F 304 -35.19 -7.46 22.07
CA ARG F 304 -33.92 -7.73 22.74
C ARG F 304 -33.20 -8.84 22.00
N ILE F 305 -33.96 -9.85 21.60
CA ILE F 305 -33.43 -10.94 20.79
C ILE F 305 -32.75 -10.44 19.51
N VAL F 306 -33.16 -9.25 19.08
CA VAL F 306 -32.65 -8.60 17.87
C VAL F 306 -31.41 -7.77 18.12
N GLY F 307 -31.48 -6.87 19.09
CA GLY F 307 -30.32 -6.10 19.46
C GLY F 307 -29.19 -6.92 20.07
N ASP F 308 -29.47 -8.17 20.44
CA ASP F 308 -28.39 -9.05 20.83
C ASP F 308 -27.76 -9.68 19.58
N VAL F 309 -28.56 -10.42 18.82
CA VAL F 309 -28.14 -11.00 17.55
C VAL F 309 -27.50 -9.95 16.61
N MET F 310 -27.55 -8.68 16.99
CA MET F 310 -26.87 -7.64 16.25
C MET F 310 -25.49 -7.37 16.85
N GLY F 311 -25.44 -6.71 17.99
CA GLY F 311 -24.16 -6.37 18.61
C GLY F 311 -23.28 -7.50 19.13
N LYS F 312 -23.70 -8.76 18.97
CA LYS F 312 -22.83 -9.91 19.28
C LYS F 312 -22.33 -10.55 17.99
N TYR F 313 -23.23 -10.75 17.03
CA TYR F 313 -22.92 -11.62 15.89
C TYR F 313 -22.97 -11.02 14.47
N HIS F 314 -24.10 -10.41 14.15
CA HIS F 314 -24.46 -10.03 12.79
C HIS F 314 -24.47 -8.51 12.70
N PRO F 315 -23.51 -7.93 11.98
CA PRO F 315 -23.22 -6.49 12.01
C PRO F 315 -24.05 -5.67 11.02
N HIS F 316 -25.35 -5.94 10.93
CA HIS F 316 -26.16 -5.29 9.89
C HIS F 316 -27.33 -4.47 10.46
N GLY F 317 -28.47 -4.50 9.77
CA GLY F 317 -29.61 -3.69 10.15
C GLY F 317 -30.56 -4.45 11.04
N ASP F 318 -31.68 -3.84 11.42
CA ASP F 318 -32.62 -4.55 12.25
C ASP F 318 -33.73 -5.13 11.39
N SER F 319 -34.13 -4.37 10.38
CA SER F 319 -35.14 -4.87 9.48
C SER F 319 -34.70 -6.22 8.96
N SER F 320 -33.40 -6.35 8.73
CA SER F 320 -32.84 -7.58 8.17
C SER F 320 -32.96 -8.70 9.18
N ILE F 321 -32.49 -8.42 10.40
CA ILE F 321 -32.36 -9.45 11.42
C ILE F 321 -33.72 -9.94 11.83
N TYR F 322 -34.61 -8.98 12.03
CA TYR F 322 -35.96 -9.21 12.54
C TYR F 322 -36.80 -10.02 11.59
N GLU F 323 -37.14 -9.38 10.47
CA GLU F 323 -38.09 -9.98 9.52
C GLU F 323 -37.60 -11.32 8.99
N ALA F 324 -36.36 -11.65 9.34
CA ALA F 324 -35.76 -12.93 8.95
C ALA F 324 -36.21 -14.03 9.90
N MET F 325 -36.30 -13.70 11.18
CA MET F 325 -36.75 -14.68 12.16
C MET F 325 -38.25 -14.75 12.14
N VAL F 326 -38.87 -13.61 11.82
CA VAL F 326 -40.30 -13.61 11.61
C VAL F 326 -40.61 -14.70 10.58
N ARG F 327 -39.88 -14.72 9.46
CA ARG F 327 -40.07 -15.75 8.43
C ARG F 327 -40.00 -17.19 8.96
N MET F 328 -39.16 -17.43 9.95
CA MET F 328 -39.02 -18.75 10.56
C MET F 328 -40.18 -19.05 11.53
N ALA F 329 -41.04 -18.06 11.78
CA ALA F 329 -42.12 -18.18 12.77
C ALA F 329 -43.51 -18.38 12.20
N GLN F 330 -43.61 -18.37 10.87
CA GLN F 330 -44.86 -18.51 10.14
C GLN F 330 -44.97 -19.94 9.62
N ASP F 331 -46.10 -20.58 9.87
CA ASP F 331 -46.29 -21.96 9.45
C ASP F 331 -46.79 -22.06 8.01
N PHE F 332 -46.86 -20.91 7.34
CA PHE F 332 -47.19 -20.87 5.93
C PHE F 332 -45.95 -20.53 5.10
N SER F 333 -44.86 -20.18 5.79
CA SER F 333 -43.57 -19.83 5.19
C SER F 333 -42.53 -20.93 5.37
N TYR F 334 -42.42 -21.39 6.61
CA TYR F 334 -41.54 -22.48 6.96
C TYR F 334 -42.37 -23.74 7.18
N ARG F 335 -41.97 -24.85 6.59
CA ARG F 335 -42.69 -26.08 6.80
C ARG F 335 -42.54 -26.57 8.24
N TYR F 336 -41.39 -26.31 8.84
CA TYR F 336 -41.12 -26.71 10.22
C TYR F 336 -40.53 -25.54 10.98
N PRO F 337 -41.40 -24.65 11.46
CA PRO F 337 -41.01 -23.37 12.06
C PRO F 337 -39.87 -23.55 13.03
N LEU F 338 -38.87 -22.69 12.88
CA LEU F 338 -37.67 -22.73 13.69
C LEU F 338 -37.76 -21.75 14.87
N VAL F 339 -38.75 -20.87 14.88
CA VAL F 339 -38.90 -19.91 15.97
C VAL F 339 -40.32 -19.95 16.48
N ASP F 340 -40.52 -20.02 17.80
CA ASP F 340 -41.87 -20.02 18.39
C ASP F 340 -42.36 -18.60 18.64
N GLY F 341 -43.46 -18.24 17.99
CA GLY F 341 -43.91 -16.87 17.97
C GLY F 341 -45.03 -16.57 18.93
N GLN F 342 -44.98 -15.38 19.53
CA GLN F 342 -46.06 -14.89 20.37
C GLN F 342 -46.43 -13.47 19.92
N GLY F 343 -47.66 -13.34 19.42
CA GLY F 343 -48.13 -12.06 18.92
C GLY F 343 -48.54 -12.08 17.45
N ASN F 344 -48.52 -10.89 16.85
CA ASN F 344 -48.88 -10.69 15.45
C ASN F 344 -47.68 -10.91 14.52
N PHE F 345 -47.47 -12.15 14.08
CA PHE F 345 -46.30 -12.51 13.26
C PHE F 345 -46.66 -12.72 11.78
N GLY F 346 -47.41 -11.78 11.21
CA GLY F 346 -47.75 -11.85 9.81
C GLY F 346 -48.94 -12.73 9.52
N SER F 347 -49.26 -12.87 8.25
CA SER F 347 -50.45 -13.61 7.84
C SER F 347 -50.29 -13.92 6.36
N MET F 348 -51.31 -14.53 5.76
CA MET F 348 -51.22 -14.87 4.35
C MET F 348 -51.43 -13.66 3.44
N ASP F 349 -52.40 -12.78 3.78
CA ASP F 349 -52.73 -11.60 2.97
C ASP F 349 -51.54 -10.67 2.66
N GLY F 350 -50.31 -11.12 2.92
CA GLY F 350 -49.11 -10.34 2.67
C GLY F 350 -48.83 -9.28 3.73
N ASP F 351 -49.42 -9.48 4.90
CA ASP F 351 -49.37 -8.51 5.99
C ASP F 351 -48.10 -8.74 6.79
N GLY F 352 -47.33 -7.67 7.02
CA GLY F 352 -46.12 -7.76 7.83
C GLY F 352 -46.45 -7.74 9.30
N ALA F 353 -45.68 -8.48 10.10
CA ALA F 353 -45.97 -8.61 11.55
C ALA F 353 -45.89 -7.29 12.31
N ALA F 354 -45.92 -7.38 13.63
CA ALA F 354 -46.07 -6.17 14.44
C ALA F 354 -44.71 -5.58 14.72
N ALA F 355 -44.67 -4.34 15.25
CA ALA F 355 -43.41 -3.68 15.61
C ALA F 355 -42.56 -4.64 16.40
N MET F 356 -41.25 -4.47 16.39
CA MET F 356 -40.49 -5.45 17.12
C MET F 356 -40.66 -5.18 18.60
N ARG F 357 -41.17 -3.99 18.90
CA ARG F 357 -41.40 -3.58 20.28
C ARG F 357 -42.73 -4.12 20.79
N PHE F 358 -43.37 -4.91 19.93
CA PHE F 358 -44.62 -5.57 20.26
C PHE F 358 -44.33 -7.07 20.41
N THR F 359 -44.03 -7.78 19.33
CA THR F 359 -43.85 -9.25 19.40
C THR F 359 -42.86 -9.82 20.42
N GLU F 360 -42.74 -11.14 20.41
CA GLU F 360 -42.06 -11.87 21.49
C GLU F 360 -41.74 -13.26 20.96
N ALA F 361 -40.58 -13.82 21.32
CA ALA F 361 -40.19 -15.11 20.76
C ALA F 361 -39.30 -16.01 21.59
N ARG F 362 -39.07 -17.20 21.03
CA ARG F 362 -38.22 -18.22 21.62
C ARG F 362 -38.02 -19.40 20.65
N MET F 363 -37.29 -20.42 21.06
CA MET F 363 -36.95 -21.53 20.18
C MET F 363 -38.07 -22.51 20.06
N THR F 364 -38.06 -23.30 19.00
CA THR F 364 -39.02 -24.38 18.89
C THR F 364 -38.35 -25.67 19.31
N LYS F 365 -39.15 -26.63 19.74
CA LYS F 365 -38.67 -27.92 20.25
C LYS F 365 -37.70 -28.59 19.28
N ILE F 366 -38.03 -28.53 17.99
CA ILE F 366 -37.23 -29.15 16.93
C ILE F 366 -35.94 -28.40 16.65
N THR F 367 -35.97 -27.07 16.78
CA THR F 367 -34.77 -26.27 16.74
C THR F 367 -33.70 -26.82 17.69
N LEU F 368 -34.16 -27.38 18.81
CA LEU F 368 -33.29 -28.07 19.75
C LEU F 368 -32.49 -29.19 19.09
N GLU F 369 -32.94 -29.65 17.92
CA GLU F 369 -32.28 -30.75 17.20
C GLU F 369 -31.27 -30.24 16.18
N LEU F 370 -31.32 -28.95 15.90
CA LEU F 370 -30.34 -28.36 15.02
C LEU F 370 -29.22 -27.82 15.88
N LEU F 371 -29.49 -27.66 17.18
CA LEU F 371 -28.49 -27.18 18.15
C LEU F 371 -27.94 -28.30 19.04
N ARG F 372 -28.49 -29.50 18.91
CA ARG F 372 -28.05 -30.67 19.68
C ARG F 372 -26.54 -30.82 19.62
N ASP F 373 -25.94 -31.23 20.73
CA ASP F 373 -24.49 -31.36 20.87
C ASP F 373 -23.63 -30.28 20.17
N ILE F 374 -24.01 -29.01 20.29
CA ILE F 374 -23.22 -27.93 19.71
C ILE F 374 -22.01 -27.64 20.60
N ASN F 375 -22.14 -27.95 21.89
CA ASN F 375 -21.08 -27.65 22.86
C ASN F 375 -20.16 -28.83 23.13
N LYS F 376 -20.43 -29.93 22.45
CA LYS F 376 -19.57 -31.11 22.51
C LYS F 376 -18.69 -31.12 21.26
N ASP F 377 -18.00 -30.01 21.01
CA ASP F 377 -16.99 -29.87 19.96
C ASP F 377 -17.22 -30.67 18.68
N THR F 378 -18.30 -30.35 17.98
CA THR F 378 -18.62 -31.04 16.74
C THR F 378 -18.60 -30.07 15.54
N ILE F 379 -18.46 -28.78 15.84
CA ILE F 379 -18.44 -27.75 14.82
C ILE F 379 -17.23 -26.82 14.97
N ASP F 380 -16.65 -26.40 13.85
CA ASP F 380 -15.57 -25.40 13.90
C ASP F 380 -16.14 -24.03 14.31
N PHE F 381 -15.59 -23.41 15.36
CA PHE F 381 -16.02 -22.06 15.74
C PHE F 381 -15.12 -20.99 15.12
N ILE F 382 -15.70 -19.89 14.65
CA ILE F 382 -14.89 -18.71 14.27
C ILE F 382 -15.14 -17.50 15.17
N ASP F 383 -14.33 -16.45 15.01
CA ASP F 383 -14.54 -15.23 15.78
C ASP F 383 -15.62 -14.43 15.10
N ASN F 384 -16.16 -13.45 15.81
CA ASN F 384 -17.18 -12.60 15.24
C ASN F 384 -16.49 -11.40 14.68
N TYR F 385 -17.29 -10.49 14.15
CA TYR F 385 -16.76 -9.34 13.44
C TYR F 385 -15.78 -8.43 14.17
N ASP F 386 -16.02 -8.17 15.46
CA ASP F 386 -15.13 -7.32 16.25
C ASP F 386 -14.11 -8.12 17.07
N GLY F 387 -14.13 -9.44 16.91
CA GLY F 387 -13.11 -10.32 17.48
C GLY F 387 -13.36 -10.90 18.86
N ASN F 388 -14.34 -10.32 19.57
CA ASN F 388 -14.65 -10.69 20.95
C ASN F 388 -15.30 -12.07 21.10
N GLU F 389 -16.60 -12.13 20.83
CA GLU F 389 -17.35 -13.36 21.00
C GLU F 389 -16.99 -14.42 19.94
N ARG F 390 -17.64 -15.58 20.00
CA ARG F 390 -17.40 -16.66 19.04
C ARG F 390 -18.72 -17.24 18.51
N GLU F 391 -18.89 -17.24 17.20
CA GLU F 391 -20.09 -17.82 16.55
C GLU F 391 -19.70 -19.13 15.87
N PRO F 392 -20.69 -19.92 15.42
CA PRO F 392 -20.41 -21.17 14.70
C PRO F 392 -20.43 -21.03 13.18
N SER F 393 -19.73 -21.94 12.52
CA SER F 393 -19.68 -21.98 11.06
C SER F 393 -20.85 -22.78 10.49
N VAL F 394 -21.37 -23.68 11.32
CA VAL F 394 -22.50 -24.55 10.96
C VAL F 394 -23.02 -25.22 12.21
N LEU F 395 -24.33 -25.13 12.44
CA LEU F 395 -24.97 -25.83 13.55
C LEU F 395 -25.00 -27.34 13.25
N PRO F 396 -24.86 -28.19 14.29
CA PRO F 396 -24.80 -29.66 14.13
C PRO F 396 -25.94 -30.22 13.31
N ALA F 397 -27.08 -29.52 13.30
CA ALA F 397 -28.17 -29.86 12.39
C ALA F 397 -28.39 -31.35 12.31
N ARG F 398 -29.01 -31.91 13.35
CA ARG F 398 -29.33 -33.33 13.39
C ARG F 398 -30.53 -33.73 12.52
N PHE F 399 -30.85 -32.89 11.52
CA PHE F 399 -31.76 -33.25 10.43
C PHE F 399 -31.55 -32.35 9.19
N PRO F 400 -32.10 -32.75 8.02
CA PRO F 400 -31.81 -32.02 6.78
C PRO F 400 -32.66 -30.77 6.60
N ASN F 401 -32.41 -29.75 7.43
CA ASN F 401 -33.13 -28.49 7.34
C ASN F 401 -33.10 -27.80 5.95
N LEU F 402 -32.00 -27.97 5.19
CA LEU F 402 -31.94 -27.39 3.85
C LEU F 402 -33.13 -27.86 3.07
N LEU F 403 -33.19 -29.17 2.85
CA LEU F 403 -34.32 -29.74 2.12
C LEU F 403 -35.67 -29.57 2.84
N ALA F 404 -35.74 -29.98 4.11
CA ALA F 404 -37.01 -29.95 4.82
C ALA F 404 -37.69 -28.60 4.75
N ASN F 405 -36.95 -27.53 5.03
CA ASN F 405 -37.55 -26.21 5.09
C ASN F 405 -37.53 -25.42 3.80
N GLY F 406 -36.41 -25.52 3.07
CA GLY F 406 -36.30 -24.88 1.78
C GLY F 406 -35.38 -23.68 1.79
N ALA F 407 -35.15 -23.12 0.59
CA ALA F 407 -34.21 -22.02 0.38
C ALA F 407 -34.71 -21.02 -0.67
N SER F 408 -34.57 -19.72 -0.37
CA SER F 408 -34.81 -18.66 -1.36
C SER F 408 -33.73 -17.59 -1.20
N GLY F 409 -33.25 -17.06 -2.33
CA GLY F 409 -32.20 -16.06 -2.29
C GLY F 409 -31.76 -15.48 -3.62
N ILE F 410 -31.43 -14.18 -3.60
CA ILE F 410 -30.97 -13.45 -4.77
C ILE F 410 -29.54 -13.02 -4.57
N ALA F 411 -28.60 -13.80 -5.07
CA ALA F 411 -27.19 -13.46 -4.90
C ALA F 411 -26.77 -12.40 -5.91
N VAL F 412 -25.66 -12.68 -6.58
CA VAL F 412 -25.20 -11.88 -7.71
C VAL F 412 -24.69 -12.86 -8.75
N GLY F 413 -25.23 -12.81 -9.96
CA GLY F 413 -24.88 -13.77 -10.99
C GLY F 413 -25.63 -15.09 -10.79
N MET F 414 -26.20 -15.27 -9.61
CA MET F 414 -26.90 -16.52 -9.30
C MET F 414 -27.91 -16.30 -8.19
N ALA F 415 -28.96 -17.12 -8.18
CA ALA F 415 -29.91 -17.09 -7.07
C ALA F 415 -30.40 -18.50 -6.79
N THR F 416 -30.97 -18.72 -5.61
CA THR F 416 -31.32 -20.08 -5.20
C THR F 416 -32.80 -20.27 -4.90
N ASN F 417 -33.32 -21.46 -5.21
CA ASN F 417 -34.74 -21.75 -5.01
C ASN F 417 -35.04 -23.23 -4.72
N ILE F 418 -34.82 -23.67 -3.48
CA ILE F 418 -35.15 -25.04 -3.09
C ILE F 418 -36.45 -25.05 -2.30
N PRO F 419 -37.32 -26.03 -2.57
CA PRO F 419 -38.62 -26.15 -1.92
C PRO F 419 -38.54 -27.14 -0.78
N PRO F 420 -39.36 -26.94 0.24
CA PRO F 420 -39.42 -27.84 1.40
C PRO F 420 -39.88 -29.24 1.00
N HIS F 421 -39.64 -30.20 1.87
CA HIS F 421 -40.09 -31.57 1.67
C HIS F 421 -40.60 -32.08 3.01
N ASN F 422 -41.38 -33.15 2.99
CA ASN F 422 -41.85 -33.74 4.22
C ASN F 422 -40.71 -34.42 4.99
N LEU F 423 -40.71 -34.30 6.31
CA LEU F 423 -39.57 -34.75 7.11
C LEU F 423 -39.43 -36.26 7.23
N THR F 424 -40.52 -36.94 7.57
CA THR F 424 -40.50 -38.40 7.59
C THR F 424 -39.86 -38.92 6.31
N GLU F 425 -40.32 -38.41 5.17
CA GLU F 425 -39.82 -38.88 3.88
C GLU F 425 -38.32 -38.59 3.69
N LEU F 426 -37.90 -37.35 3.95
CA LEU F 426 -36.51 -36.94 3.75
C LEU F 426 -35.58 -37.94 4.43
N ILE F 427 -35.84 -38.19 5.71
CA ILE F 427 -35.02 -39.08 6.52
C ILE F 427 -35.05 -40.54 6.05
N ASN F 428 -36.20 -41.01 5.55
CA ASN F 428 -36.28 -42.39 5.06
C ASN F 428 -35.26 -42.71 3.95
N GLY F 429 -34.99 -41.74 3.09
CA GLY F 429 -34.04 -41.92 1.99
C GLY F 429 -32.59 -41.72 2.41
N VAL F 430 -32.37 -40.83 3.36
CA VAL F 430 -31.07 -40.64 3.99
C VAL F 430 -30.67 -41.97 4.61
N LEU F 431 -31.63 -42.66 5.19
CA LEU F 431 -31.38 -43.96 5.80
C LEU F 431 -31.09 -45.01 4.72
N SER F 432 -31.89 -44.98 3.65
CA SER F 432 -31.67 -45.90 2.52
C SER F 432 -30.23 -45.76 2.04
N LEU F 433 -29.88 -44.53 1.73
CA LEU F 433 -28.55 -44.14 1.24
C LEU F 433 -27.40 -44.68 2.06
N SER F 434 -27.59 -44.84 3.37
CA SER F 434 -26.51 -45.33 4.24
C SER F 434 -26.14 -46.79 3.93
N LYS F 435 -27.06 -47.54 3.34
CA LYS F 435 -26.80 -48.93 3.01
C LYS F 435 -26.33 -49.08 1.58
N ASN F 436 -26.89 -48.27 0.69
CA ASN F 436 -26.61 -48.38 -0.73
C ASN F 436 -26.07 -47.09 -1.33
N PRO F 437 -24.75 -46.85 -1.18
CA PRO F 437 -24.12 -45.69 -1.80
C PRO F 437 -24.49 -45.51 -3.28
N ASP F 438 -24.58 -46.59 -4.06
CA ASP F 438 -24.96 -46.49 -5.47
C ASP F 438 -26.45 -46.79 -5.72
N ILE F 439 -27.29 -45.99 -5.07
CA ILE F 439 -28.72 -46.02 -5.24
C ILE F 439 -29.05 -45.16 -6.45
N SER F 440 -30.18 -45.43 -7.11
CA SER F 440 -30.58 -44.61 -8.24
C SER F 440 -31.46 -43.47 -7.77
N ILE F 441 -31.50 -42.36 -8.50
CA ILE F 441 -32.34 -41.24 -8.12
C ILE F 441 -33.80 -41.68 -8.17
N ALA F 442 -34.11 -42.61 -9.07
CA ALA F 442 -35.45 -43.15 -9.21
C ALA F 442 -35.85 -43.80 -7.90
N GLU F 443 -34.88 -44.42 -7.25
CA GLU F 443 -35.10 -45.17 -6.02
C GLU F 443 -35.04 -44.26 -4.78
N LEU F 444 -34.73 -42.99 -5.00
CA LEU F 444 -34.82 -41.98 -3.96
C LEU F 444 -36.16 -41.26 -4.09
N MET F 445 -36.71 -41.28 -5.29
CA MET F 445 -38.04 -40.72 -5.49
C MET F 445 -39.08 -41.69 -4.94
N GLU F 446 -38.62 -42.88 -4.58
CA GLU F 446 -39.46 -43.87 -3.91
C GLU F 446 -39.89 -43.38 -2.54
N ASP F 447 -38.92 -42.85 -1.81
CA ASP F 447 -39.08 -42.48 -0.41
C ASP F 447 -39.44 -40.99 -0.29
N ILE F 448 -38.82 -40.16 -1.13
CA ILE F 448 -39.18 -38.74 -1.27
C ILE F 448 -40.01 -38.59 -2.54
N GLU F 449 -41.33 -38.66 -2.39
CA GLU F 449 -42.25 -38.73 -3.53
C GLU F 449 -42.27 -37.43 -4.28
N GLY F 450 -41.95 -36.36 -3.55
CA GLY F 450 -41.89 -35.03 -4.10
C GLY F 450 -41.72 -34.08 -2.94
N PRO F 451 -41.88 -32.78 -3.20
CA PRO F 451 -41.87 -31.70 -2.20
C PRO F 451 -43.19 -31.67 -1.43
N ASP F 452 -43.17 -31.25 -0.16
CA ASP F 452 -44.41 -31.13 0.62
C ASP F 452 -44.50 -29.74 1.28
N PHE F 453 -45.26 -28.85 0.67
CA PHE F 453 -45.28 -27.44 1.09
C PHE F 453 -45.96 -27.23 2.44
N PRO F 454 -45.66 -26.10 3.09
CA PRO F 454 -46.28 -25.70 4.37
C PRO F 454 -47.78 -25.41 4.22
N THR F 455 -48.14 -24.69 3.15
CA THR F 455 -49.54 -24.34 2.88
C THR F 455 -50.28 -25.44 2.09
N ALA F 456 -49.51 -26.38 1.55
CA ALA F 456 -50.03 -27.61 0.91
C ALA F 456 -50.63 -27.41 -0.49
N GLY F 457 -51.54 -28.31 -0.84
CA GLY F 457 -52.27 -28.20 -2.09
C GLY F 457 -52.08 -29.30 -3.14
N LEU F 458 -51.90 -28.86 -4.37
CA LEU F 458 -51.81 -29.75 -5.52
C LEU F 458 -50.64 -29.40 -6.42
N ILE F 459 -49.92 -30.43 -6.85
CA ILE F 459 -48.94 -30.24 -7.91
C ILE F 459 -49.07 -31.37 -8.92
N LEU F 460 -49.11 -30.98 -10.19
CA LEU F 460 -49.35 -31.89 -11.28
C LEU F 460 -48.03 -32.47 -11.79
N GLY F 461 -48.05 -33.77 -12.07
CA GLY F 461 -46.97 -34.43 -12.78
C GLY F 461 -45.73 -34.82 -11.99
N LYS F 462 -45.38 -36.09 -12.06
CA LYS F 462 -44.13 -36.57 -11.51
C LYS F 462 -42.94 -36.10 -12.38
N SER F 463 -43.22 -35.65 -13.59
CA SER F 463 -42.19 -35.30 -14.57
C SER F 463 -41.51 -33.95 -14.31
N GLY F 464 -42.27 -32.98 -13.80
CA GLY F 464 -41.73 -31.67 -13.49
C GLY F 464 -40.73 -31.74 -12.36
N ILE F 465 -40.75 -32.86 -11.65
CA ILE F 465 -39.91 -33.09 -10.48
C ILE F 465 -38.77 -34.06 -10.77
N ARG F 466 -39.10 -35.15 -11.46
CA ARG F 466 -38.14 -36.17 -11.85
C ARG F 466 -36.89 -35.57 -12.48
N ARG F 467 -37.04 -34.39 -13.10
CA ARG F 467 -35.90 -33.66 -13.63
C ARG F 467 -35.25 -32.83 -12.53
N ALA F 468 -36.08 -32.12 -11.76
CA ALA F 468 -35.54 -31.31 -10.66
C ALA F 468 -34.73 -32.11 -9.62
N TYR F 469 -34.87 -33.44 -9.65
CA TYR F 469 -34.15 -34.33 -8.72
C TYR F 469 -32.91 -34.94 -9.35
N GLU F 470 -32.85 -34.93 -10.68
CA GLU F 470 -31.66 -35.40 -11.37
C GLU F 470 -30.72 -34.23 -11.60
N THR F 471 -31.29 -33.07 -11.95
CA THR F 471 -30.51 -31.94 -12.42
C THR F 471 -30.60 -30.71 -11.53
N GLY F 472 -31.34 -30.82 -10.43
CA GLY F 472 -31.42 -29.73 -9.47
C GLY F 472 -32.02 -28.47 -10.06
N ARG F 473 -32.52 -28.59 -11.29
CA ARG F 473 -33.32 -27.54 -11.90
C ARG F 473 -34.59 -28.15 -12.49
N GLY F 474 -35.61 -27.33 -12.63
CA GLY F 474 -36.86 -27.77 -13.21
C GLY F 474 -37.98 -26.88 -12.70
N SER F 475 -38.95 -26.62 -13.56
CA SER F 475 -40.13 -25.82 -13.19
C SER F 475 -41.23 -26.74 -12.63
N ILE F 476 -41.86 -26.29 -11.56
CA ILE F 476 -42.80 -27.12 -10.81
C ILE F 476 -44.18 -26.46 -10.72
N GLN F 477 -45.22 -27.17 -11.16
CA GLN F 477 -46.55 -26.57 -11.37
C GLN F 477 -47.53 -26.80 -10.23
N MET F 478 -47.85 -25.70 -9.53
CA MET F 478 -48.73 -25.75 -8.37
C MET F 478 -50.17 -25.44 -8.76
N ARG F 479 -51.09 -25.61 -7.82
CA ARG F 479 -52.52 -25.36 -8.02
C ARG F 479 -53.20 -25.41 -6.65
N SER F 480 -54.49 -25.13 -6.62
CA SER F 480 -55.22 -25.05 -5.35
C SER F 480 -56.18 -26.21 -5.10
N ARG F 481 -56.58 -26.38 -3.85
CA ARG F 481 -57.57 -27.38 -3.51
C ARG F 481 -58.96 -26.78 -3.60
N ALA F 482 -59.43 -26.63 -4.84
CA ALA F 482 -60.76 -26.11 -5.10
C ALA F 482 -61.79 -27.23 -5.12
N VAL F 483 -62.81 -27.09 -4.27
CA VAL F 483 -63.95 -28.02 -4.22
C VAL F 483 -65.24 -27.28 -4.58
N ILE F 484 -66.14 -27.97 -5.28
CA ILE F 484 -67.33 -27.31 -5.84
C ILE F 484 -68.68 -27.80 -5.29
N GLU F 485 -69.38 -26.90 -4.60
CA GLU F 485 -70.64 -27.23 -3.93
C GLU F 485 -71.76 -26.32 -4.44
N GLU F 486 -72.98 -26.48 -3.91
CA GLU F 486 -74.07 -25.58 -4.26
C GLU F 486 -74.76 -24.92 -3.05
N ARG F 487 -75.38 -23.75 -3.28
CA ARG F 487 -75.97 -22.96 -2.19
C ARG F 487 -77.51 -22.96 -2.22
N GLY F 488 -78.09 -23.43 -3.31
CA GLY F 488 -79.53 -23.48 -3.43
C GLY F 488 -80.11 -22.22 -4.03
N GLY F 489 -81.13 -22.40 -4.87
CA GLY F 489 -81.60 -23.73 -5.22
C GLY F 489 -81.34 -24.04 -6.68
N GLY F 490 -80.48 -25.03 -6.92
CA GLY F 490 -79.98 -25.26 -8.25
C GLY F 490 -79.19 -24.03 -8.67
N ARG F 491 -78.00 -23.89 -8.12
CA ARG F 491 -77.09 -22.78 -8.38
C ARG F 491 -75.87 -23.00 -7.51
N GLN F 492 -74.67 -22.84 -8.07
CA GLN F 492 -73.47 -23.33 -7.41
C GLN F 492 -72.46 -22.25 -6.98
N ARG F 493 -71.37 -22.70 -6.36
CA ARG F 493 -70.24 -21.83 -6.00
C ARG F 493 -68.97 -22.66 -5.83
N ILE F 494 -67.82 -22.03 -6.03
CA ILE F 494 -66.55 -22.73 -5.86
C ILE F 494 -65.85 -22.31 -4.58
N VAL F 495 -65.40 -23.29 -3.83
CA VAL F 495 -64.73 -23.03 -2.57
C VAL F 495 -63.27 -23.41 -2.63
N VAL F 496 -62.41 -22.49 -2.23
CA VAL F 496 -61.00 -22.79 -2.22
C VAL F 496 -60.45 -22.81 -0.80
N THR F 497 -59.92 -23.96 -0.41
CA THR F 497 -59.53 -24.20 0.96
C THR F 497 -58.02 -24.31 1.12
N GLU F 498 -57.29 -24.28 0.00
CA GLU F 498 -55.83 -24.32 0.01
C GLU F 498 -55.23 -23.48 -1.12
N ILE F 499 -54.55 -22.39 -0.78
CA ILE F 499 -53.80 -21.63 -1.80
C ILE F 499 -52.40 -22.26 -1.98
N PRO F 500 -51.61 -21.81 -2.98
CA PRO F 500 -50.31 -22.46 -3.18
C PRO F 500 -49.15 -21.71 -2.53
N PHE F 501 -48.04 -22.41 -2.32
CA PHE F 501 -46.80 -21.89 -1.74
C PHE F 501 -46.44 -20.45 -2.10
N GLN F 502 -46.00 -19.68 -1.11
CA GLN F 502 -45.52 -18.30 -1.29
C GLN F 502 -46.40 -17.39 -2.17
N VAL F 503 -47.72 -17.65 -2.15
CA VAL F 503 -48.68 -16.89 -2.97
C VAL F 503 -49.58 -15.97 -2.16
N ASN F 504 -49.38 -14.66 -2.30
CA ASN F 504 -50.19 -13.66 -1.61
C ASN F 504 -51.68 -13.84 -1.91
N LYS F 505 -52.51 -13.84 -0.87
CA LYS F 505 -53.93 -14.15 -1.01
C LYS F 505 -54.79 -12.93 -1.35
N ALA F 506 -54.62 -11.83 -0.62
CA ALA F 506 -55.46 -10.65 -0.85
C ALA F 506 -55.04 -9.91 -2.11
N ARG F 507 -53.86 -10.23 -2.62
CA ARG F 507 -53.44 -9.74 -3.94
C ARG F 507 -53.77 -10.75 -5.04
N MET F 508 -54.16 -11.98 -4.67
CA MET F 508 -54.63 -12.95 -5.67
C MET F 508 -56.11 -12.71 -5.97
N ILE F 509 -56.93 -12.66 -4.92
CA ILE F 509 -58.33 -12.31 -5.07
C ILE F 509 -58.46 -11.09 -5.96
N GLU F 510 -57.62 -10.09 -5.69
CA GLU F 510 -57.66 -8.85 -6.45
C GLU F 510 -57.58 -9.04 -7.96
N LYS F 511 -56.88 -10.08 -8.41
CA LYS F 511 -56.76 -10.35 -9.85
C LYS F 511 -57.95 -11.14 -10.40
N ILE F 512 -58.70 -11.77 -9.52
CA ILE F 512 -59.93 -12.43 -9.96
C ILE F 512 -61.05 -11.41 -10.09
N ALA F 513 -61.06 -10.39 -9.23
CA ALA F 513 -62.07 -9.34 -9.32
C ALA F 513 -61.63 -8.18 -10.21
N GLU F 514 -60.41 -8.26 -10.73
CA GLU F 514 -59.92 -7.31 -11.72
C GLU F 514 -60.22 -7.85 -13.11
N LEU F 515 -60.65 -9.11 -13.17
CA LEU F 515 -60.97 -9.77 -14.43
C LEU F 515 -62.47 -9.95 -14.61
N VAL F 516 -63.17 -10.06 -13.49
CA VAL F 516 -64.61 -9.98 -13.52
C VAL F 516 -64.98 -8.57 -14.00
N ARG F 517 -64.29 -7.58 -13.41
CA ARG F 517 -64.54 -6.17 -13.72
C ARG F 517 -64.06 -5.78 -15.12
N ASP F 518 -63.00 -6.43 -15.58
CA ASP F 518 -62.48 -6.16 -16.90
C ASP F 518 -63.31 -6.88 -17.96
N LYS F 519 -64.20 -7.75 -17.49
CA LYS F 519 -65.01 -8.60 -18.36
C LYS F 519 -64.12 -9.49 -19.23
N LYS F 520 -63.42 -10.41 -18.57
CA LYS F 520 -62.45 -11.27 -19.23
C LYS F 520 -62.80 -12.74 -18.98
N ILE F 521 -63.80 -12.99 -18.13
CA ILE F 521 -64.19 -14.35 -17.77
C ILE F 521 -65.71 -14.46 -17.50
N ASP F 522 -66.31 -15.56 -17.96
CA ASP F 522 -67.76 -15.75 -17.94
C ASP F 522 -68.29 -16.37 -16.63
N GLY F 523 -69.34 -15.78 -16.08
CA GLY F 523 -70.12 -16.42 -15.03
C GLY F 523 -69.55 -16.32 -13.63
N ILE F 524 -69.21 -15.10 -13.22
CA ILE F 524 -68.81 -14.84 -11.83
C ILE F 524 -69.55 -13.64 -11.26
N THR F 525 -70.50 -13.93 -10.37
CA THR F 525 -71.44 -12.96 -9.85
C THR F 525 -71.02 -12.32 -8.52
N ASP F 526 -70.34 -13.11 -7.70
CA ASP F 526 -69.84 -12.59 -6.43
C ASP F 526 -68.50 -13.23 -6.08
N LEU F 527 -67.69 -12.51 -5.32
CA LEU F 527 -66.41 -13.05 -4.89
C LEU F 527 -66.07 -12.68 -3.46
N ARG F 528 -66.04 -13.70 -2.59
CA ARG F 528 -65.90 -13.52 -1.15
C ARG F 528 -64.66 -14.20 -0.57
N ASP F 529 -64.02 -13.53 0.38
CA ASP F 529 -62.95 -14.14 1.18
C ASP F 529 -63.43 -14.43 2.61
N GLU F 530 -63.51 -15.72 2.94
CA GLU F 530 -63.99 -16.17 4.25
C GLU F 530 -62.89 -16.94 4.98
N THR F 531 -61.66 -16.47 4.84
CA THR F 531 -60.56 -16.95 5.67
C THR F 531 -60.69 -16.30 7.04
N SER F 532 -61.18 -17.07 8.02
CA SER F 532 -61.16 -16.63 9.41
C SER F 532 -60.49 -17.69 10.29
N LEU F 533 -60.12 -17.27 11.50
CA LEU F 533 -59.23 -18.07 12.32
C LEU F 533 -59.79 -19.45 12.60
N ARG F 534 -61.06 -19.49 12.92
CA ARG F 534 -61.69 -20.69 13.45
C ARG F 534 -62.12 -21.68 12.36
N THR F 535 -61.94 -21.29 11.10
CA THR F 535 -62.41 -22.13 10.00
C THR F 535 -61.26 -22.63 9.13
N GLY F 536 -60.39 -21.71 8.71
CA GLY F 536 -59.30 -22.06 7.82
C GLY F 536 -59.31 -21.21 6.57
N VAL F 537 -58.50 -21.60 5.59
CA VAL F 537 -58.49 -20.87 4.33
C VAL F 537 -59.83 -21.13 3.69
N ARG F 538 -60.48 -20.06 3.28
CA ARG F 538 -61.74 -20.18 2.57
C ARG F 538 -61.94 -18.97 1.66
N VAL F 539 -61.84 -19.21 0.36
CA VAL F 539 -62.19 -18.24 -0.63
C VAL F 539 -63.42 -18.81 -1.33
N VAL F 540 -64.42 -17.97 -1.53
CA VAL F 540 -65.63 -18.44 -2.16
C VAL F 540 -65.97 -17.55 -3.35
N ILE F 541 -66.45 -18.15 -4.43
CA ILE F 541 -66.90 -17.40 -5.58
C ILE F 541 -68.17 -17.97 -6.19
N ASP F 542 -69.17 -17.09 -6.36
CA ASP F 542 -70.51 -17.49 -6.81
C ASP F 542 -70.68 -17.40 -8.33
N VAL F 543 -71.37 -18.40 -8.89
CA VAL F 543 -71.56 -18.48 -10.34
C VAL F 543 -72.97 -18.12 -10.79
N ARG F 544 -73.05 -17.61 -12.02
CA ARG F 544 -74.30 -17.33 -12.69
C ARG F 544 -75.04 -18.64 -12.88
N LYS F 545 -76.37 -18.54 -12.95
CA LYS F 545 -77.22 -19.71 -13.11
C LYS F 545 -76.87 -20.50 -14.39
N ASP F 546 -76.64 -21.81 -14.22
CA ASP F 546 -76.43 -22.73 -15.35
C ASP F 546 -74.98 -22.86 -15.82
N ALA F 547 -74.19 -21.81 -15.61
CA ALA F 547 -72.82 -21.78 -16.09
C ALA F 547 -71.99 -22.91 -15.50
N ASN F 548 -71.55 -23.84 -16.35
CA ASN F 548 -70.81 -25.03 -15.90
C ASN F 548 -69.55 -24.65 -15.12
N ALA F 549 -69.51 -25.01 -13.84
CA ALA F 549 -68.38 -24.62 -13.00
C ALA F 549 -67.10 -25.39 -13.31
N SER F 550 -67.21 -26.57 -13.94
CA SER F 550 -66.01 -27.28 -14.41
C SER F 550 -65.16 -26.33 -15.22
N VAL F 551 -65.83 -25.55 -16.06
CA VAL F 551 -65.16 -24.62 -16.96
C VAL F 551 -64.68 -23.35 -16.26
N ILE F 552 -65.48 -22.79 -15.37
CA ILE F 552 -65.02 -21.63 -14.61
C ILE F 552 -63.78 -22.01 -13.79
N LEU F 553 -63.71 -23.26 -13.36
CA LEU F 553 -62.55 -23.79 -12.65
C LEU F 553 -61.34 -23.77 -13.56
N ASN F 554 -61.41 -24.53 -14.65
CA ASN F 554 -60.28 -24.62 -15.59
C ASN F 554 -59.85 -23.31 -16.24
N ASN F 555 -60.66 -22.27 -16.09
CA ASN F 555 -60.26 -20.94 -16.52
C ASN F 555 -59.43 -20.25 -15.46
N LEU F 556 -59.94 -20.21 -14.23
CA LEU F 556 -59.25 -19.58 -13.11
C LEU F 556 -57.78 -20.00 -13.03
N TYR F 557 -57.50 -21.25 -13.36
CA TYR F 557 -56.14 -21.74 -13.41
C TYR F 557 -55.31 -20.98 -14.46
N LYS F 558 -55.76 -21.00 -15.71
CA LYS F 558 -55.03 -20.33 -16.79
C LYS F 558 -54.73 -18.84 -16.59
N GLN F 559 -55.68 -18.10 -16.02
CA GLN F 559 -55.59 -16.64 -16.00
C GLN F 559 -55.10 -16.00 -14.71
N THR F 560 -55.65 -16.46 -13.58
CA THR F 560 -55.23 -15.97 -12.28
C THR F 560 -54.02 -16.73 -11.77
N PRO F 561 -53.43 -16.27 -10.66
CA PRO F 561 -52.32 -16.93 -9.97
C PRO F 561 -52.67 -18.26 -9.29
N LEU F 562 -53.95 -18.57 -9.15
CA LEU F 562 -54.44 -19.80 -8.52
C LEU F 562 -53.63 -21.03 -8.92
N GLN F 563 -53.10 -20.99 -10.13
CA GLN F 563 -52.04 -21.87 -10.54
C GLN F 563 -50.83 -20.98 -10.82
N THR F 564 -49.81 -21.07 -9.97
CA THR F 564 -48.48 -20.48 -10.19
C THR F 564 -47.42 -21.59 -10.23
N SER F 565 -46.32 -21.35 -10.92
CA SER F 565 -45.26 -22.35 -10.98
C SER F 565 -44.07 -22.01 -10.09
N PHE F 566 -43.49 -23.04 -9.47
CA PHE F 566 -42.31 -22.88 -8.62
C PHE F 566 -41.09 -23.35 -9.41
N GLY F 567 -40.14 -22.44 -9.62
CA GLY F 567 -38.90 -22.76 -10.33
C GLY F 567 -37.78 -23.29 -9.45
N VAL F 568 -37.41 -24.55 -9.66
CA VAL F 568 -36.46 -25.23 -8.80
C VAL F 568 -35.00 -24.95 -9.21
N ASN F 569 -34.25 -24.32 -8.30
CA ASN F 569 -32.86 -23.96 -8.54
C ASN F 569 -31.96 -24.36 -7.37
N MET F 570 -31.55 -25.62 -7.36
CA MET F 570 -30.88 -26.18 -6.19
C MET F 570 -29.43 -25.76 -6.07
N ILE F 571 -29.23 -24.45 -5.88
CA ILE F 571 -27.88 -23.89 -5.81
C ILE F 571 -27.49 -23.47 -4.38
N ALA F 572 -26.57 -24.23 -3.79
CA ALA F 572 -26.16 -24.06 -2.39
C ALA F 572 -24.67 -23.81 -2.20
N LEU F 573 -24.26 -23.58 -0.96
CA LEU F 573 -22.84 -23.54 -0.62
C LEU F 573 -22.36 -24.95 -0.25
N VAL F 574 -21.39 -25.46 -0.99
CA VAL F 574 -20.82 -26.78 -0.71
C VAL F 574 -19.30 -26.72 -0.58
N ASN F 575 -18.76 -27.19 0.55
CA ASN F 575 -17.32 -27.16 0.74
C ASN F 575 -16.82 -25.73 0.97
N GLY F 576 -17.71 -24.75 0.82
CA GLY F 576 -17.33 -23.35 1.05
C GLY F 576 -17.65 -22.51 -0.17
N ARG F 577 -17.89 -23.20 -1.30
CA ARG F 577 -18.14 -22.63 -2.64
C ARG F 577 -19.53 -23.02 -3.17
N PRO F 578 -20.07 -22.27 -4.13
CA PRO F 578 -21.39 -22.59 -4.73
C PRO F 578 -21.40 -23.77 -5.70
N LYS F 579 -22.58 -24.33 -5.97
CA LYS F 579 -22.70 -25.53 -6.78
C LYS F 579 -24.16 -25.83 -7.15
N LEU F 580 -24.39 -26.27 -8.39
CA LEU F 580 -25.72 -26.71 -8.80
C LEU F 580 -25.81 -28.18 -8.50
N ILE F 581 -26.69 -28.56 -7.59
CA ILE F 581 -26.68 -29.92 -7.08
C ILE F 581 -28.02 -30.64 -7.09
N ASN F 582 -27.95 -31.96 -7.30
CA ASN F 582 -29.12 -32.81 -7.31
C ASN F 582 -29.48 -33.41 -5.93
N LEU F 583 -30.49 -34.27 -5.91
CA LEU F 583 -31.01 -34.85 -4.67
C LEU F 583 -29.99 -35.76 -3.99
N LYS F 584 -29.49 -36.75 -4.73
CA LYS F 584 -28.55 -37.69 -4.15
C LYS F 584 -27.30 -37.01 -3.62
N GLU F 585 -26.88 -35.92 -4.24
CA GLU F 585 -25.71 -35.18 -3.75
C GLU F 585 -26.00 -34.44 -2.44
N ALA F 586 -27.18 -33.85 -2.32
CA ALA F 586 -27.52 -33.11 -1.13
C ALA F 586 -27.65 -34.02 0.10
N LEU F 587 -28.02 -35.28 -0.12
CA LEU F 587 -28.14 -36.24 0.98
C LEU F 587 -26.85 -37.00 1.18
N VAL F 588 -25.96 -36.91 0.21
CA VAL F 588 -24.62 -37.43 0.41
C VAL F 588 -23.87 -36.51 1.35
N HIS F 589 -23.86 -35.22 1.04
CA HIS F 589 -23.22 -34.19 1.86
C HIS F 589 -23.85 -33.98 3.23
N TYR F 590 -25.17 -34.02 3.30
CA TYR F 590 -25.80 -33.95 4.60
C TYR F 590 -25.34 -35.17 5.38
N LEU F 591 -25.47 -36.35 4.79
CA LEU F 591 -25.08 -37.58 5.47
C LEU F 591 -23.64 -37.54 5.90
N GLU F 592 -22.82 -36.85 5.12
CA GLU F 592 -21.39 -36.73 5.40
C GLU F 592 -21.13 -35.81 6.60
N HIS F 593 -22.01 -34.84 6.79
CA HIS F 593 -21.88 -33.93 7.91
C HIS F 593 -22.39 -34.56 9.20
N GLN F 594 -23.36 -35.48 9.09
CA GLN F 594 -23.83 -36.25 10.24
C GLN F 594 -22.87 -37.37 10.58
N LYS F 595 -22.21 -37.91 9.56
CA LYS F 595 -21.16 -38.87 9.80
C LYS F 595 -20.17 -38.26 10.76
N THR F 596 -19.85 -36.98 10.53
CA THR F 596 -18.76 -36.29 11.24
C THR F 596 -19.12 -35.71 12.62
N VAL F 597 -20.36 -35.26 12.80
CA VAL F 597 -20.75 -34.68 14.07
C VAL F 597 -20.91 -35.76 15.12
N VAL F 598 -21.28 -36.96 14.69
CA VAL F 598 -21.24 -38.11 15.58
C VAL F 598 -19.78 -38.46 15.88
N ARG F 599 -18.95 -38.53 14.86
CA ARG F 599 -17.52 -38.78 15.06
C ARG F 599 -16.88 -37.89 16.14
N ARG F 600 -16.99 -36.57 15.99
CA ARG F 600 -16.35 -35.64 16.93
C ARG F 600 -16.94 -35.75 18.33
N ARG F 601 -18.25 -35.90 18.40
CA ARG F 601 -18.95 -35.99 19.68
C ARG F 601 -18.40 -37.17 20.48
N THR F 602 -18.30 -38.34 19.84
CA THR F 602 -17.74 -39.51 20.51
C THR F 602 -16.39 -39.15 21.14
N GLN F 603 -15.54 -38.48 20.39
CA GLN F 603 -14.21 -38.11 20.88
C GLN F 603 -14.25 -37.06 22.01
N TYR F 604 -15.28 -36.22 22.06
CA TYR F 604 -15.39 -35.26 23.15
C TYR F 604 -15.75 -35.98 24.43
N ASN F 605 -16.57 -37.02 24.31
CA ASN F 605 -16.88 -37.89 25.42
C ASN F 605 -15.65 -38.62 25.93
N LEU F 606 -15.11 -39.49 25.08
CA LEU F 606 -13.93 -40.29 25.40
C LEU F 606 -12.80 -39.46 26.01
N ARG F 607 -12.78 -38.15 25.71
CA ARG F 607 -11.72 -37.26 26.20
C ARG F 607 -12.00 -36.77 27.61
N LYS F 608 -13.23 -36.32 27.86
CA LYS F 608 -13.62 -35.91 29.20
C LYS F 608 -13.96 -37.15 30.01
N ALA F 609 -13.92 -38.32 29.36
CA ALA F 609 -14.25 -39.61 29.99
C ALA F 609 -13.04 -40.40 30.49
N LYS F 610 -11.86 -40.09 29.94
CA LYS F 610 -10.61 -40.58 30.52
C LYS F 610 -10.23 -39.61 31.63
N ASP F 611 -10.34 -38.31 31.34
CA ASP F 611 -10.04 -37.23 32.28
C ASP F 611 -10.71 -37.42 33.64
N ARG F 612 -12.02 -37.55 33.64
CA ARG F 612 -12.78 -37.76 34.86
C ARG F 612 -12.42 -39.10 35.50
N ALA F 613 -12.25 -40.13 34.68
CA ALA F 613 -11.84 -41.45 35.14
C ALA F 613 -10.48 -41.42 35.84
N HIS F 614 -9.66 -40.45 35.47
CA HIS F 614 -8.33 -40.27 36.05
C HIS F 614 -8.47 -39.65 37.42
N ILE F 615 -9.49 -38.81 37.58
CA ILE F 615 -9.71 -38.15 38.86
C ILE F 615 -10.38 -39.10 39.85
N LEU F 616 -11.15 -40.07 39.34
CA LEU F 616 -11.75 -41.10 40.20
C LEU F 616 -10.71 -42.07 40.76
N GLU F 617 -9.74 -42.47 39.95
CA GLU F 617 -8.64 -43.28 40.46
C GLU F 617 -7.98 -42.52 41.61
N GLY F 618 -7.95 -41.19 41.47
CA GLY F 618 -7.32 -40.31 42.45
C GLY F 618 -8.06 -40.25 43.78
N LEU F 619 -9.36 -40.56 43.74
CA LEU F 619 -10.20 -40.55 44.94
C LEU F 619 -10.28 -41.93 45.59
N ARG F 620 -10.65 -42.95 44.81
CA ARG F 620 -10.67 -44.32 45.29
C ARG F 620 -9.48 -44.56 46.22
N ILE F 621 -8.30 -44.17 45.73
CA ILE F 621 -7.06 -44.22 46.51
C ILE F 621 -7.18 -43.42 47.82
N ALA F 622 -7.53 -42.14 47.74
CA ALA F 622 -7.48 -41.28 48.91
C ALA F 622 -8.58 -41.49 49.96
N LEU F 623 -9.48 -42.45 49.74
CA LEU F 623 -10.51 -42.76 50.74
C LEU F 623 -10.15 -43.99 51.57
N ASP F 624 -9.29 -44.85 51.02
CA ASP F 624 -8.81 -46.02 51.73
C ASP F 624 -7.65 -45.60 52.64
N HIS F 625 -6.76 -44.78 52.11
CA HIS F 625 -5.68 -44.19 52.90
C HIS F 625 -6.24 -43.10 53.79
N ILE F 626 -7.28 -42.44 53.29
CA ILE F 626 -8.01 -41.36 53.97
C ILE F 626 -7.34 -40.69 55.17
N ASP F 627 -7.25 -41.39 56.31
CA ASP F 627 -6.79 -40.77 57.56
C ASP F 627 -5.33 -40.34 57.52
N GLU F 628 -4.53 -41.02 56.72
CA GLU F 628 -3.14 -40.62 56.54
C GLU F 628 -3.06 -39.45 55.58
N ILE F 629 -3.99 -39.40 54.63
CA ILE F 629 -4.08 -38.26 53.71
C ILE F 629 -4.18 -36.97 54.53
N ILE F 630 -5.00 -37.00 55.58
CA ILE F 630 -5.21 -35.82 56.42
C ILE F 630 -3.96 -35.45 57.21
N SER F 631 -3.35 -36.44 57.85
CA SER F 631 -2.09 -36.23 58.54
C SER F 631 -1.07 -35.55 57.64
N THR F 632 -1.11 -35.89 56.36
CA THR F 632 -0.15 -35.32 55.41
C THR F 632 -0.43 -33.83 55.18
N ILE F 633 -1.69 -33.43 55.19
CA ILE F 633 -2.02 -32.01 54.99
C ILE F 633 -1.88 -31.18 56.26
N ARG F 634 -2.02 -31.81 57.42
CA ARG F 634 -1.86 -31.06 58.66
C ARG F 634 -0.40 -30.73 58.90
N GLU F 635 0.51 -31.53 58.34
CA GLU F 635 1.95 -31.33 58.57
C GLU F 635 2.64 -30.50 57.49
N SER F 636 2.11 -30.55 56.27
CA SER F 636 2.52 -29.64 55.21
C SER F 636 2.03 -28.25 55.59
N ASP F 637 2.73 -27.21 55.17
CA ASP F 637 2.43 -25.87 55.65
C ASP F 637 1.98 -24.89 54.57
N THR F 638 2.45 -25.12 53.35
CA THR F 638 1.97 -24.38 52.19
C THR F 638 1.13 -25.35 51.35
N ASP F 639 0.09 -24.86 50.69
CA ASP F 639 -0.74 -25.74 49.86
C ASP F 639 0.16 -26.38 48.79
N LYS F 640 1.27 -25.70 48.49
CA LYS F 640 2.26 -26.10 47.47
C LYS F 640 3.08 -27.33 47.86
N VAL F 641 3.53 -27.36 49.12
CA VAL F 641 4.31 -28.48 49.64
C VAL F 641 3.37 -29.66 49.88
N ALA F 642 2.14 -29.35 50.27
CA ALA F 642 1.14 -30.37 50.54
C ALA F 642 0.91 -31.15 49.26
N MET F 643 0.81 -30.40 48.15
CA MET F 643 0.63 -30.97 46.83
C MET F 643 1.65 -32.08 46.52
N GLU F 644 2.91 -31.68 46.42
CA GLU F 644 3.98 -32.59 46.06
C GLU F 644 4.18 -33.68 47.11
N SER F 645 3.92 -33.36 48.37
CA SER F 645 4.01 -34.36 49.43
C SER F 645 3.05 -35.49 49.12
N LEU F 646 1.87 -35.15 48.60
CA LEU F 646 0.88 -36.16 48.26
C LEU F 646 1.27 -36.95 47.03
N GLN F 647 1.60 -36.25 45.96
CA GLN F 647 1.99 -36.89 44.72
C GLN F 647 3.06 -37.92 44.99
N GLN F 648 4.05 -37.56 45.81
CA GLN F 648 5.23 -38.38 46.00
C GLN F 648 4.94 -39.51 46.98
N ARG F 649 4.25 -39.17 48.06
CA ARG F 649 3.94 -40.14 49.10
C ARG F 649 2.96 -41.20 48.59
N PHE F 650 2.09 -40.83 47.65
CA PHE F 650 0.94 -41.68 47.28
C PHE F 650 0.79 -42.13 45.82
N LYS F 651 1.78 -41.82 44.98
CA LYS F 651 1.76 -42.23 43.58
C LYS F 651 0.57 -41.60 42.85
N LEU F 652 0.44 -40.29 43.01
CA LEU F 652 -0.62 -39.51 42.41
C LEU F 652 -0.04 -38.51 41.43
N SER F 653 -0.66 -38.42 40.25
CA SER F 653 -0.32 -37.42 39.24
C SER F 653 -0.78 -36.05 39.69
N GLU F 654 -0.19 -34.99 39.15
CA GLU F 654 -0.52 -33.66 39.65
C GLU F 654 -2.03 -33.39 39.62
N LYS F 655 -2.73 -34.01 38.67
CA LYS F 655 -4.17 -33.81 38.53
C LYS F 655 -4.97 -34.34 39.72
N GLN F 656 -4.80 -35.63 40.01
CA GLN F 656 -5.52 -36.28 41.10
C GLN F 656 -5.21 -35.59 42.43
N ALA F 657 -3.97 -35.11 42.55
CA ALA F 657 -3.51 -34.43 43.74
C ALA F 657 -4.29 -33.16 44.00
N GLN F 658 -4.58 -32.41 42.95
CA GLN F 658 -5.41 -31.24 43.11
C GLN F 658 -6.79 -31.61 43.63
N ALA F 659 -7.53 -32.41 42.85
CA ALA F 659 -8.92 -32.74 43.19
C ALA F 659 -9.07 -33.30 44.60
N ILE F 660 -8.00 -33.84 45.15
CA ILE F 660 -8.02 -34.37 46.52
C ILE F 660 -8.02 -33.23 47.54
N LEU F 661 -7.25 -32.17 47.30
CA LEU F 661 -7.25 -31.01 48.19
C LEU F 661 -8.56 -30.24 48.14
N ASP F 662 -9.06 -29.99 46.94
CA ASP F 662 -10.22 -29.13 46.71
C ASP F 662 -11.51 -29.81 47.16
N MET F 663 -11.38 -31.01 47.68
CA MET F 663 -12.53 -31.82 48.06
C MET F 663 -13.13 -31.40 49.40
N ARG F 664 -14.46 -31.44 49.50
CA ARG F 664 -15.14 -31.06 50.73
C ARG F 664 -15.35 -32.27 51.63
N LEU F 665 -15.33 -32.05 52.95
CA LEU F 665 -15.46 -33.14 53.92
C LEU F 665 -16.70 -33.97 53.67
N ARG F 666 -17.79 -33.33 53.27
CA ARG F 666 -19.09 -34.00 53.14
C ARG F 666 -19.05 -35.16 52.15
N ARG F 667 -17.89 -35.38 51.55
CA ARG F 667 -17.68 -36.51 50.65
C ARG F 667 -17.22 -37.73 51.42
N LEU F 668 -16.81 -37.51 52.66
CA LEU F 668 -16.33 -38.58 53.50
C LEU F 668 -17.45 -39.49 54.04
N THR F 669 -18.67 -38.96 54.16
CA THR F 669 -19.78 -39.75 54.72
C THR F 669 -19.83 -41.15 54.13
N GLY F 670 -20.17 -42.12 54.97
CA GLY F 670 -20.18 -43.52 54.58
C GLY F 670 -20.79 -43.81 53.23
N LEU F 671 -21.86 -43.09 52.87
CA LEU F 671 -22.59 -43.35 51.62
C LEU F 671 -21.91 -42.97 50.30
N GLU F 672 -21.24 -41.82 50.27
CA GLU F 672 -20.71 -41.30 49.01
C GLU F 672 -19.60 -42.20 48.46
N ARG F 673 -18.84 -42.85 49.35
CA ARG F 673 -17.73 -43.79 48.99
C ARG F 673 -18.20 -45.13 48.38
N ASP F 674 -19.48 -45.45 48.60
CA ASP F 674 -20.10 -46.68 48.07
C ASP F 674 -20.44 -46.45 46.63
N LYS F 675 -21.10 -45.30 46.41
CA LYS F 675 -21.64 -44.94 45.13
C LYS F 675 -20.54 -44.50 44.16
N ILE F 676 -19.43 -43.99 44.69
CA ILE F 676 -18.29 -43.59 43.83
C ILE F 676 -17.70 -44.81 43.14
N GLU F 677 -17.56 -45.90 43.88
CA GLU F 677 -17.11 -47.13 43.29
C GLU F 677 -18.07 -47.61 42.21
N ALA F 678 -19.34 -47.19 42.31
CA ALA F 678 -20.38 -47.67 41.39
C ALA F 678 -20.45 -46.86 40.10
N GLU F 679 -20.14 -45.57 40.19
CA GLU F 679 -20.13 -44.67 39.03
C GLU F 679 -18.86 -44.86 38.17
N TYR F 680 -17.80 -45.34 38.78
CA TYR F 680 -16.55 -45.63 38.09
C TYR F 680 -16.77 -46.80 37.15
N ASN F 681 -17.58 -47.77 37.58
CA ASN F 681 -17.82 -48.99 36.82
C ASN F 681 -18.71 -48.83 35.59
N GLU F 682 -19.55 -47.80 35.59
CA GLU F 682 -20.28 -47.45 34.38
C GLU F 682 -19.33 -46.73 33.43
N LEU F 683 -18.46 -45.89 33.97
CA LEU F 683 -17.51 -45.14 33.16
C LEU F 683 -16.55 -46.05 32.36
N LEU F 684 -16.27 -47.26 32.89
CA LEU F 684 -15.42 -48.24 32.21
C LEU F 684 -16.14 -48.85 31.01
N ASN F 685 -17.30 -49.42 31.30
CA ASN F 685 -18.20 -49.95 30.30
C ASN F 685 -18.52 -48.91 29.21
N TYR F 686 -18.55 -47.64 29.59
CA TYR F 686 -18.80 -46.54 28.66
C TYR F 686 -17.63 -46.36 27.68
N ILE F 687 -16.44 -46.13 28.20
CA ILE F 687 -15.28 -45.96 27.34
C ILE F 687 -15.17 -47.14 26.36
N SER F 688 -15.52 -48.33 26.82
CA SER F 688 -15.41 -49.55 26.01
C SER F 688 -16.47 -49.67 24.91
N GLU F 689 -17.61 -49.02 25.10
CA GLU F 689 -18.64 -48.94 24.07
C GLU F 689 -18.34 -47.77 23.13
N LEU F 690 -17.88 -46.66 23.69
CA LEU F 690 -17.41 -45.51 22.92
C LEU F 690 -16.32 -45.93 21.97
N GLU F 691 -15.41 -46.77 22.47
CA GLU F 691 -14.17 -47.11 21.78
C GLU F 691 -14.36 -48.14 20.68
N THR F 692 -15.08 -49.22 20.95
CA THR F 692 -15.37 -50.20 19.91
C THR F 692 -16.08 -49.52 18.76
N ILE F 693 -16.85 -48.49 19.10
CA ILE F 693 -17.66 -47.75 18.12
C ILE F 693 -16.84 -46.68 17.38
N LEU F 694 -15.93 -46.02 18.09
CA LEU F 694 -15.07 -45.01 17.49
C LEU F 694 -14.22 -45.61 16.37
N ALA F 695 -13.68 -46.80 16.63
CA ALA F 695 -12.85 -47.49 15.65
C ALA F 695 -13.69 -48.12 14.54
N ASP F 696 -14.62 -48.99 14.91
CA ASP F 696 -15.46 -49.69 13.94
C ASP F 696 -16.41 -48.74 13.21
N GLU F 697 -16.29 -48.69 11.88
CA GLU F 697 -17.12 -47.80 11.07
C GLU F 697 -18.59 -48.19 11.08
N GLU F 698 -18.85 -49.49 10.89
CA GLU F 698 -20.21 -50.00 10.75
C GLU F 698 -21.11 -49.80 11.98
N VAL F 699 -20.49 -49.73 13.16
CA VAL F 699 -21.24 -49.55 14.40
C VAL F 699 -21.49 -48.06 14.71
N LEU F 700 -20.73 -47.18 14.06
CA LEU F 700 -21.04 -45.74 14.11
C LEU F 700 -22.14 -45.45 13.08
N LEU F 701 -22.11 -46.16 11.96
CA LEU F 701 -23.14 -46.04 10.94
C LEU F 701 -24.47 -46.30 11.61
N GLN F 702 -24.56 -47.42 12.32
CA GLN F 702 -25.78 -47.73 13.05
C GLN F 702 -26.18 -46.50 13.87
N LEU F 703 -25.27 -45.98 14.68
CA LEU F 703 -25.56 -44.81 15.52
C LEU F 703 -26.20 -43.61 14.80
N VAL F 704 -25.61 -43.16 13.69
CA VAL F 704 -26.20 -42.02 12.97
C VAL F 704 -27.57 -42.40 12.41
N ARG F 705 -27.73 -43.68 12.04
CA ARG F 705 -29.02 -44.22 11.62
C ARG F 705 -30.03 -44.17 12.76
N ASP F 706 -29.69 -44.84 13.84
CA ASP F 706 -30.57 -44.96 15.00
C ASP F 706 -31.05 -43.60 15.50
N GLU F 707 -30.12 -42.66 15.69
CA GLU F 707 -30.47 -41.32 16.17
C GLU F 707 -31.44 -40.61 15.24
N LEU F 708 -31.38 -40.93 13.95
CA LEU F 708 -32.32 -40.38 12.98
C LEU F 708 -33.65 -41.13 13.01
N THR F 709 -33.59 -42.46 13.05
CA THR F 709 -34.80 -43.27 13.11
C THR F 709 -35.61 -42.86 14.33
N GLU F 710 -34.94 -42.24 15.29
CA GLU F 710 -35.58 -41.79 16.52
C GLU F 710 -36.25 -40.41 16.34
N ILE F 711 -35.56 -39.49 15.67
CA ILE F 711 -36.12 -38.17 15.37
C ILE F 711 -37.32 -38.29 14.44
N ARG F 712 -37.27 -39.25 13.52
CA ARG F 712 -38.36 -39.52 12.58
C ARG F 712 -39.69 -39.74 13.31
N ASP F 713 -39.63 -40.43 14.45
CA ASP F 713 -40.84 -40.76 15.19
C ASP F 713 -41.37 -39.54 15.98
N ARG F 714 -40.45 -38.81 16.62
CA ARG F 714 -40.80 -37.66 17.43
C ARG F 714 -41.16 -36.41 16.61
N PHE F 715 -40.65 -36.30 15.39
CA PHE F 715 -40.88 -35.08 14.61
C PHE F 715 -41.61 -35.23 13.29
N GLY F 716 -41.49 -36.40 12.68
CA GLY F 716 -42.16 -36.69 11.43
C GLY F 716 -43.68 -36.64 11.44
N ASP F 717 -44.24 -35.88 10.50
CA ASP F 717 -45.68 -35.78 10.36
C ASP F 717 -46.22 -36.37 9.05
N ASP F 718 -47.40 -35.93 8.65
CA ASP F 718 -48.11 -36.51 7.52
C ASP F 718 -47.87 -35.66 6.28
N ARG F 719 -48.03 -36.26 5.11
CA ARG F 719 -47.84 -35.51 3.86
C ARG F 719 -49.00 -34.55 3.58
N ARG F 720 -48.67 -33.27 3.47
CA ARG F 720 -49.66 -32.18 3.34
C ARG F 720 -50.06 -31.86 1.88
N THR F 721 -49.11 -31.94 0.97
CA THR F 721 -49.35 -31.54 -0.41
C THR F 721 -49.48 -32.75 -1.33
N GLU F 722 -50.46 -32.71 -2.23
CA GLU F 722 -50.80 -33.88 -3.02
C GLU F 722 -50.28 -33.80 -4.43
N ILE F 723 -49.92 -34.95 -4.96
CA ILE F 723 -49.23 -35.03 -6.24
C ILE F 723 -50.05 -35.90 -7.19
N GLN F 724 -50.33 -35.40 -8.39
CA GLN F 724 -51.33 -36.02 -9.26
C GLN F 724 -50.83 -36.26 -10.68
N LEU F 725 -51.20 -37.41 -11.26
CA LEU F 725 -50.88 -37.71 -12.64
C LEU F 725 -51.37 -36.59 -13.57
#